data_6TS2
#
_entry.id   6TS2
#
_cell.length_a   151.145
_cell.length_b   191.014
_cell.length_c   158.807
_cell.angle_alpha   90
_cell.angle_beta   117.7
_cell.angle_gamma   90
#
_symmetry.space_group_name_H-M   'P 1 21 1'
#
loop_
_entity.id
_entity.type
_entity.pdbx_description
1 polymer 'UDP-glucose-glycoprotein glucosyltransferase-like protein,UDP-glucose-glycoprotein glucosyltransferase-like protein'
2 branched alpha-D-mannopyranose-(1-3)-[alpha-D-mannopyranose-(1-6)]beta-D-mannopyranose-(1-4)-2-acetamido-2-deoxy-beta-D-glucopyranose-(1-4)-2-acetamido-2-deoxy-beta-D-glucopyranose
3 branched beta-D-mannopyranose-(1-4)-2-acetamido-2-deoxy-beta-D-glucopyranose-(1-4)-2-acetamido-2-deoxy-beta-D-glucopyranose
4 branched alpha-D-mannopyranose-(1-6)-beta-D-mannopyranose-(1-4)-2-acetamido-2-deoxy-beta-D-glucopyranose-(1-4)-2-acetamido-2-deoxy-beta-D-glucopyranose
5 non-polymer 2-acetamido-2-deoxy-beta-D-glucopyranose
6 non-polymer 'CALCIUM ION'
#
_entity_poly.entity_id   1
_entity_poly.type   'polypeptide(L)'
_entity_poly.pdbx_seq_one_letter_code
;ETGQVAASPSINVALKAAFPSPPYLVELLETAASDNTTIYYSLLDRIAKGHFAEATTDKALYEKFLEVLRDDGHMDPEAL
SAFKLALSLRTATPRVEAHYQYYTATVEPSLSGTQEGCDQWFLIDGEQYCSPTLDTSHGKVKGEDQLRTLPFDRKFGVGS
RDVILYADITSKSFAPFHEVAMDLAKKGKASYRVRYRRSPSHSRESLSVNGYGVELVLKRTDYIVIDDRDTGAAAKPAEE
NDQKPLVGHETVLDDGEEIADIKPLEKSELAALGMKAASFVMQSEKPFEALLKLTQDFPKYSNSLGSQNVSAEFEAEHRG
NREVFLPEGSNVLWLNGLHLIDRQIQPFGLVDLLTRERKLIKSVLDLGLTGQQAVDLLGHAEVAHAKSGDDEPRRFALSR
RNTLIFPEDKNELTVLNVNKIYIENHDLMSKVPVIEASKESTRDDWAALTVVADLDDIEGQELVYYALRFRKSNDGVRLD
IVHNPKDTSRSPSVLAQRLKSREDKLLDFTRFLDLETALETGEFEPDVAYDASLANFLASSNMKAGDNFVILNGRVLGPI
TSADDFKKEDFEVFLQAERRTRILPVYKALEDLGLDDKVSGPLSAAKLTSVTALSTISDLPQGIFDNAPTVRTTLFKQWN
STYTSFEVGDASTATIFFVAVINPASEIGQRWVAVLKVLSELEGVHLRVFLNPTVMIEELPVKRFYRYVLSSSPSFDESG
KVKALSARFTGVPRETLLVVGMDVPPAWLVTSKVAVDDLDNLRIKDIKAKRGTEHVEAIYELEHILIEGHSREIPGAHAP
RGVQLVLETENNPHFADTIIMANLGYFQFKANPGVYNIRLKEGRSSEIFTLESVGAKGWGPIPGDDNTEVVLMDFQGTTL
YPRLRRKPGMEEEDVLEPSTKSGEESGSGARNLVSRGIKFAEGLLGRGNKAAEATKSVSKTEHAEINIFSVASGHLYERM
LNIMMASVMHHTNHTVKFWFIEQFLSPSFKDFIPHMAAEYGFKYEMVTYKWPHWLRQQKEKQREIWGYKILFLDVLFPLS
LDKVIFVDADQIVRTDMYDLVEHPLDGAPYGFAPMCDSRVEMEGYRFWKTGYWANYLKGKPYHISALYVVDLQRFRELAA
GDRLRQQYHALSADPNSLANLDQDLPNHMQFTIPIATLPQEWLWCETWCSDETLKDARTIDLCNNPMTKEPKLDRARRQV
PEWTKYDEEIAELARRVREEKPKKKEEEKVQKNPKSRRLDGDEEEVKTVREGTKHHHHHH
;
_entity_poly.pdbx_strand_id   A,B,C,D
#
loop_
_chem_comp.id
_chem_comp.type
_chem_comp.name
_chem_comp.formula
BMA D-saccharide, beta linking beta-D-mannopyranose 'C6 H12 O6'
CA non-polymer 'CALCIUM ION' 'Ca 2'
MAN D-saccharide, alpha linking alpha-D-mannopyranose 'C6 H12 O6'
NAG D-saccharide, beta linking 2-acetamido-2-deoxy-beta-D-glucopyranose 'C8 H15 N O6'
#
# COMPACT_ATOMS: atom_id res chain seq x y z
N SER A 8 -18.82 -12.42 -67.15
CA SER A 8 -18.35 -11.73 -65.95
C SER A 8 -17.32 -12.60 -65.19
N PRO A 9 -16.10 -12.79 -65.71
CA PRO A 9 -15.14 -13.66 -65.01
C PRO A 9 -14.42 -12.94 -63.89
N SER A 10 -14.73 -13.29 -62.64
CA SER A 10 -14.09 -12.68 -61.48
C SER A 10 -13.62 -13.67 -60.41
N ILE A 11 -12.59 -13.27 -59.65
CA ILE A 11 -12.02 -14.05 -58.55
C ILE A 11 -11.99 -13.16 -57.30
N ASN A 12 -12.61 -13.60 -56.20
CA ASN A 12 -12.67 -12.82 -54.98
C ASN A 12 -12.00 -13.48 -53.77
N VAL A 13 -11.18 -12.71 -53.04
CA VAL A 13 -10.52 -13.19 -51.85
C VAL A 13 -10.81 -12.24 -50.68
N ALA A 14 -11.28 -12.78 -49.55
CA ALA A 14 -11.56 -11.98 -48.37
C ALA A 14 -10.82 -12.54 -47.13
N LEU A 15 -10.49 -11.69 -46.14
CA LEU A 15 -9.78 -12.17 -44.94
C LEU A 15 -10.55 -11.83 -43.67
N LYS A 16 -10.70 -12.84 -42.79
CA LYS A 16 -11.39 -12.75 -41.51
C LYS A 16 -10.47 -13.12 -40.32
N ALA A 17 -10.56 -12.36 -39.21
CA ALA A 17 -9.76 -12.49 -37.99
C ALA A 17 -10.16 -13.68 -37.12
N ALA A 18 -9.25 -14.10 -36.27
CA ALA A 18 -9.46 -15.20 -35.38
C ALA A 18 -10.13 -14.77 -34.06
N PHE A 19 -11.15 -13.91 -34.15
CA PHE A 19 -11.87 -13.48 -32.97
C PHE A 19 -13.17 -12.76 -33.33
N PRO A 20 -14.19 -12.83 -32.44
CA PRO A 20 -15.47 -12.15 -32.73
C PRO A 20 -15.36 -10.65 -32.86
N SER A 21 -16.25 -10.06 -33.66
CA SER A 21 -16.31 -8.64 -33.89
C SER A 21 -16.71 -7.89 -32.64
N PRO A 22 -15.81 -7.05 -32.11
CA PRO A 22 -16.21 -6.18 -31.00
C PRO A 22 -17.15 -5.12 -31.59
N PRO A 23 -18.18 -4.71 -30.85
CA PRO A 23 -19.13 -3.72 -31.39
C PRO A 23 -18.47 -2.47 -31.91
N TYR A 24 -19.14 -1.80 -32.83
CA TYR A 24 -18.60 -0.58 -33.44
C TYR A 24 -18.42 0.53 -32.42
N LEU A 25 -19.32 0.61 -31.45
CA LEU A 25 -19.34 1.56 -30.36
C LEU A 25 -17.96 1.71 -29.66
N VAL A 26 -17.44 0.61 -29.10
CA VAL A 26 -16.16 0.57 -28.40
C VAL A 26 -14.97 0.81 -29.35
N GLU A 27 -15.11 0.36 -30.62
CA GLU A 27 -14.06 0.54 -31.62
C GLU A 27 -13.85 2.01 -31.90
N LEU A 28 -14.93 2.77 -32.07
CA LEU A 28 -14.82 4.20 -32.35
C LEU A 28 -14.24 4.95 -31.20
N LEU A 29 -14.51 4.51 -29.98
CA LEU A 29 -13.98 5.12 -28.78
C LEU A 29 -12.46 4.92 -28.78
N GLU A 30 -12.00 3.69 -28.94
CA GLU A 30 -10.58 3.40 -28.93
C GLU A 30 -9.84 4.01 -30.13
N THR A 31 -10.43 4.01 -31.33
CA THR A 31 -9.77 4.60 -32.51
C THR A 31 -9.68 6.11 -32.41
N ALA A 32 -10.80 6.79 -32.10
CA ALA A 32 -10.79 8.25 -32.01
C ALA A 32 -9.80 8.75 -30.96
N ALA A 33 -9.84 8.17 -29.77
CA ALA A 33 -8.92 8.52 -28.72
C ALA A 33 -7.81 7.50 -28.83
N SER A 34 -7.15 7.52 -30.00
CA SER A 34 -6.06 6.62 -30.44
C SER A 34 -5.22 6.06 -29.28
N ASP A 35 -4.78 6.99 -28.42
CA ASP A 35 -4.05 6.80 -27.17
C ASP A 35 -4.42 7.92 -26.20
N ASN A 36 -4.69 9.15 -26.72
CA ASN A 36 -5.02 10.35 -25.97
C ASN A 36 -6.18 10.07 -25.04
N THR A 37 -5.81 9.90 -23.79
CA THR A 37 -6.68 9.57 -22.68
C THR A 37 -7.67 10.70 -22.42
N THR A 38 -7.23 11.94 -22.56
CA THR A 38 -8.10 13.09 -22.35
C THR A 38 -9.26 13.08 -23.37
N ILE A 39 -9.01 12.62 -24.61
CA ILE A 39 -10.07 12.48 -25.60
C ILE A 39 -11.01 11.34 -25.18
N TYR A 40 -10.41 10.22 -24.76
CA TYR A 40 -11.05 8.98 -24.33
C TYR A 40 -12.12 9.18 -23.28
N TYR A 41 -11.80 9.86 -22.17
CA TYR A 41 -12.78 10.08 -21.12
C TYR A 41 -13.81 11.14 -21.47
N SER A 42 -13.43 12.17 -22.26
CA SER A 42 -14.42 13.18 -22.67
C SER A 42 -15.46 12.59 -23.63
N LEU A 43 -15.11 11.49 -24.35
CA LEU A 43 -16.02 10.76 -25.22
C LEU A 43 -16.75 9.67 -24.46
N LEU A 44 -16.09 9.05 -23.48
CA LEU A 44 -16.70 8.04 -22.60
C LEU A 44 -17.83 8.67 -21.77
N ASP A 45 -17.72 9.97 -21.46
CA ASP A 45 -18.74 10.72 -20.72
C ASP A 45 -19.96 10.95 -21.60
N ARG A 46 -19.76 11.25 -22.88
CA ARG A 46 -20.84 11.50 -23.83
C ARG A 46 -21.61 10.24 -24.22
N ILE A 47 -20.94 9.08 -24.23
CA ILE A 47 -21.63 7.82 -24.52
C ILE A 47 -22.42 7.34 -23.27
N ALA A 48 -22.01 7.75 -22.06
CA ALA A 48 -22.71 7.47 -20.81
C ALA A 48 -23.81 8.52 -20.56
N LYS A 49 -23.73 9.71 -21.18
CA LYS A 49 -24.71 10.77 -21.10
C LYS A 49 -25.99 10.32 -21.85
N GLY A 50 -25.79 9.77 -23.05
CA GLY A 50 -26.87 9.28 -23.90
C GLY A 50 -26.89 9.85 -25.31
N HIS A 51 -25.88 10.64 -25.66
CA HIS A 51 -25.78 11.25 -26.98
C HIS A 51 -25.64 10.24 -28.09
N PHE A 52 -24.95 9.13 -27.82
CA PHE A 52 -24.73 8.10 -28.82
C PHE A 52 -25.72 6.97 -28.80
N ALA A 53 -26.79 7.07 -28.00
CA ALA A 53 -27.78 6.02 -27.90
C ALA A 53 -28.60 5.90 -29.18
N GLU A 54 -28.88 7.02 -29.85
CA GLU A 54 -29.65 7.02 -31.09
C GLU A 54 -28.96 6.36 -32.27
N ALA A 55 -27.67 6.08 -32.15
CA ALA A 55 -26.92 5.43 -33.19
C ALA A 55 -27.24 3.95 -33.20
N THR A 56 -28.22 3.56 -33.98
CA THR A 56 -28.64 2.16 -34.11
C THR A 56 -27.85 1.54 -35.25
N THR A 57 -27.85 2.23 -36.38
CA THR A 57 -27.12 1.81 -37.53
C THR A 57 -25.71 2.30 -37.27
N ASP A 58 -24.76 1.39 -37.30
CA ASP A 58 -23.36 1.68 -37.00
C ASP A 58 -22.78 2.83 -37.81
N LYS A 59 -23.31 3.04 -39.02
CA LYS A 59 -22.90 4.16 -39.86
C LYS A 59 -23.30 5.47 -39.17
N ALA A 60 -24.54 5.53 -38.66
CA ALA A 60 -25.02 6.71 -37.93
C ALA A 60 -24.16 6.97 -36.70
N LEU A 61 -23.72 5.91 -36.03
CA LEU A 61 -22.85 6.00 -34.88
C LEU A 61 -21.54 6.64 -35.26
N TYR A 62 -20.97 6.21 -36.38
CA TYR A 62 -19.74 6.78 -36.88
C TYR A 62 -19.94 8.23 -37.23
N GLU A 63 -21.07 8.54 -37.88
CA GLU A 63 -21.48 9.87 -38.29
C GLU A 63 -21.53 10.80 -37.10
N LYS A 64 -22.10 10.32 -36.01
CA LYS A 64 -22.22 11.12 -34.83
C LYS A 64 -20.89 11.36 -34.16
N PHE A 65 -19.96 10.40 -34.25
CA PHE A 65 -18.63 10.58 -33.67
C PHE A 65 -17.89 11.71 -34.35
N LEU A 66 -18.09 11.89 -35.66
CA LEU A 66 -17.48 13.00 -36.42
C LEU A 66 -17.91 14.34 -35.83
N GLU A 67 -19.21 14.45 -35.51
CA GLU A 67 -19.78 15.66 -34.94
C GLU A 67 -19.09 16.02 -33.64
N VAL A 68 -19.06 15.09 -32.67
CA VAL A 68 -18.48 15.37 -31.37
C VAL A 68 -16.97 15.53 -31.40
N LEU A 69 -16.24 14.79 -32.24
CA LEU A 69 -14.78 14.98 -32.29
C LEU A 69 -14.45 16.41 -32.76
N ARG A 70 -15.10 16.86 -33.84
CA ARG A 70 -14.84 18.19 -34.37
C ARG A 70 -15.40 19.28 -33.45
N ASP A 71 -16.60 19.05 -32.88
CA ASP A 71 -17.31 20.00 -32.00
C ASP A 71 -16.69 20.16 -30.61
N ASP A 72 -16.10 19.10 -30.06
CA ASP A 72 -15.44 19.19 -28.76
C ASP A 72 -13.94 19.57 -28.86
N GLY A 73 -13.48 19.95 -30.06
CA GLY A 73 -12.11 20.40 -30.33
C GLY A 73 -11.05 19.31 -30.43
N HIS A 74 -11.46 18.05 -30.26
CA HIS A 74 -10.59 16.87 -30.28
C HIS A 74 -9.85 16.70 -31.59
N MET A 75 -10.53 16.89 -32.74
CA MET A 75 -9.90 16.71 -34.04
C MET A 75 -10.10 17.88 -35.01
N ASP A 76 -9.10 18.08 -35.84
CA ASP A 76 -9.01 19.04 -36.91
C ASP A 76 -9.17 18.26 -38.23
N PRO A 77 -9.63 18.90 -39.30
CA PRO A 77 -9.83 18.18 -40.57
C PRO A 77 -8.65 17.38 -41.11
N GLU A 78 -7.42 17.93 -41.02
CA GLU A 78 -6.23 17.23 -41.51
C GLU A 78 -6.04 15.88 -40.81
N ALA A 79 -6.11 15.86 -39.47
CA ALA A 79 -5.98 14.61 -38.70
C ALA A 79 -7.28 13.77 -38.66
N LEU A 80 -8.42 14.37 -39.03
CA LEU A 80 -9.70 13.70 -39.11
C LEU A 80 -9.68 12.67 -40.24
N SER A 81 -9.04 13.00 -41.38
CA SER A 81 -8.93 12.05 -42.48
C SER A 81 -8.15 10.81 -42.11
N ALA A 82 -7.15 10.97 -41.23
CA ALA A 82 -6.35 9.86 -40.72
C ALA A 82 -7.20 8.99 -39.84
N PHE A 83 -8.15 9.59 -39.09
CA PHE A 83 -9.10 8.88 -38.25
C PHE A 83 -9.95 7.97 -39.13
N LYS A 84 -10.45 8.48 -40.28
CA LYS A 84 -11.25 7.72 -41.24
C LYS A 84 -10.51 6.44 -41.70
N LEU A 85 -9.26 6.59 -42.19
CA LEU A 85 -8.47 5.48 -42.72
C LEU A 85 -8.10 4.45 -41.65
N ALA A 86 -7.71 4.92 -40.47
CA ALA A 86 -7.37 4.04 -39.35
C ALA A 86 -8.60 3.25 -38.87
N LEU A 87 -9.79 3.85 -38.99
CA LEU A 87 -11.05 3.23 -38.62
C LEU A 87 -11.41 2.12 -39.63
N SER A 88 -11.12 2.35 -40.94
CA SER A 88 -11.34 1.33 -41.99
C SER A 88 -10.47 0.14 -41.69
N LEU A 89 -9.20 0.39 -41.36
CA LEU A 89 -8.25 -0.61 -40.98
C LEU A 89 -8.63 -1.40 -39.71
N ARG A 90 -9.58 -0.89 -38.91
CA ARG A 90 -10.07 -1.49 -37.68
C ARG A 90 -8.92 -1.71 -36.71
N THR A 91 -8.03 -0.71 -36.60
CA THR A 91 -6.81 -0.74 -35.77
C THR A 91 -7.05 -1.02 -34.32
N ALA A 92 -8.18 -0.60 -33.81
CA ALA A 92 -8.49 -0.78 -32.39
C ALA A 92 -9.08 -2.16 -32.02
N THR A 93 -9.59 -2.96 -32.98
CA THR A 93 -10.21 -4.25 -32.67
C THR A 93 -9.28 -5.21 -31.90
N PRO A 94 -7.98 -5.38 -32.22
CA PRO A 94 -7.14 -6.28 -31.40
C PRO A 94 -6.90 -5.73 -30.01
N ARG A 95 -6.87 -4.40 -29.86
CA ARG A 95 -6.71 -3.75 -28.54
C ARG A 95 -7.90 -4.12 -27.65
N VAL A 96 -9.11 -4.23 -28.24
CA VAL A 96 -10.37 -4.57 -27.56
C VAL A 96 -10.39 -6.03 -27.18
N GLU A 97 -9.94 -6.90 -28.09
CA GLU A 97 -9.85 -8.33 -27.83
C GLU A 97 -8.85 -8.65 -26.70
N ALA A 98 -7.87 -7.77 -26.45
CA ALA A 98 -6.91 -7.96 -25.38
C ALA A 98 -7.62 -7.90 -24.02
N HIS A 99 -8.56 -6.97 -23.87
CA HIS A 99 -9.35 -6.76 -22.67
C HIS A 99 -10.18 -8.00 -22.41
N TYR A 100 -10.84 -8.52 -23.47
CA TYR A 100 -11.71 -9.69 -23.41
C TYR A 100 -10.89 -10.91 -22.99
N GLN A 101 -9.74 -11.15 -23.64
CA GLN A 101 -8.89 -12.30 -23.28
C GLN A 101 -8.40 -12.18 -21.86
N TYR A 102 -8.05 -10.96 -21.43
CA TYR A 102 -7.63 -10.74 -20.06
C TYR A 102 -8.79 -11.02 -19.10
N TYR A 103 -9.99 -10.55 -19.44
CA TYR A 103 -11.21 -10.77 -18.65
C TYR A 103 -11.52 -12.26 -18.54
N THR A 104 -11.37 -12.99 -19.64
CA THR A 104 -11.63 -14.43 -19.73
C THR A 104 -10.63 -15.29 -18.93
N ALA A 105 -9.34 -14.94 -18.98
CA ALA A 105 -8.29 -15.73 -18.35
C ALA A 105 -7.84 -15.30 -16.95
N THR A 106 -8.03 -14.05 -16.56
CA THR A 106 -7.58 -13.60 -15.24
C THR A 106 -8.70 -13.10 -14.38
N VAL A 107 -9.69 -12.45 -15.00
CA VAL A 107 -10.76 -11.83 -14.24
C VAL A 107 -11.81 -12.82 -13.76
N GLU A 108 -12.38 -13.61 -14.69
CA GLU A 108 -13.41 -14.60 -14.36
C GLU A 108 -13.00 -15.62 -13.29
N PRO A 109 -11.81 -16.25 -13.35
CA PRO A 109 -11.45 -17.22 -12.30
C PRO A 109 -11.29 -16.60 -10.91
N SER A 110 -10.74 -15.38 -10.84
CA SER A 110 -10.54 -14.70 -9.57
C SER A 110 -11.85 -14.20 -8.95
N LEU A 111 -12.85 -13.95 -9.79
CA LEU A 111 -14.19 -13.48 -9.43
C LEU A 111 -14.94 -14.61 -8.75
N SER A 112 -14.80 -14.74 -7.43
CA SER A 112 -15.47 -15.80 -6.69
C SER A 112 -16.95 -15.46 -6.40
N GLY A 113 -17.84 -16.34 -6.81
CA GLY A 113 -19.28 -16.18 -6.63
C GLY A 113 -20.04 -16.17 -7.95
N THR A 114 -21.39 -16.25 -7.90
CA THR A 114 -22.21 -16.23 -9.11
C THR A 114 -22.65 -14.83 -9.44
N GLN A 115 -22.39 -14.38 -10.66
CA GLN A 115 -22.71 -13.03 -11.08
C GLN A 115 -24.14 -12.88 -11.59
N GLU A 116 -24.82 -11.82 -11.14
CA GLU A 116 -26.16 -11.45 -11.56
C GLU A 116 -26.33 -9.95 -11.26
N GLY A 117 -26.63 -9.15 -12.27
CA GLY A 117 -26.68 -7.70 -12.12
C GLY A 117 -25.30 -7.06 -12.11
N CYS A 118 -24.26 -7.91 -12.02
CA CYS A 118 -22.84 -7.58 -12.01
C CYS A 118 -22.30 -7.51 -13.42
N ASP A 119 -23.09 -7.00 -14.38
CA ASP A 119 -22.58 -6.81 -15.74
C ASP A 119 -21.42 -5.80 -15.72
N GLN A 120 -21.51 -4.81 -14.80
CA GLN A 120 -20.49 -3.82 -14.52
C GLN A 120 -20.20 -3.91 -13.02
N TRP A 121 -18.92 -3.91 -12.63
CA TRP A 121 -18.51 -3.97 -11.23
C TRP A 121 -17.12 -3.37 -11.00
N PHE A 122 -16.94 -2.72 -9.87
CA PHE A 122 -15.67 -2.11 -9.53
C PHE A 122 -14.81 -3.00 -8.69
N LEU A 123 -13.50 -2.78 -8.74
CA LEU A 123 -12.55 -3.53 -7.95
C LEU A 123 -11.81 -2.55 -7.05
N ILE A 124 -12.03 -2.66 -5.73
CA ILE A 124 -11.38 -1.79 -4.75
C ILE A 124 -10.85 -2.62 -3.57
N ASP A 125 -9.52 -2.68 -3.40
CA ASP A 125 -8.82 -3.35 -2.31
C ASP A 125 -9.12 -4.86 -2.17
N GLY A 126 -9.06 -5.59 -3.27
CA GLY A 126 -9.34 -7.02 -3.28
C GLY A 126 -10.81 -7.36 -3.07
N GLU A 127 -11.69 -6.36 -3.22
CA GLU A 127 -13.12 -6.53 -3.04
C GLU A 127 -13.89 -6.06 -4.27
N GLN A 128 -14.90 -6.82 -4.67
CA GLN A 128 -15.71 -6.49 -5.84
C GLN A 128 -17.07 -5.95 -5.41
N TYR A 129 -17.52 -4.88 -6.04
CA TYR A 129 -18.80 -4.28 -5.70
C TYR A 129 -19.68 -4.13 -6.95
N CYS A 130 -20.85 -4.80 -6.96
CA CYS A 130 -21.78 -4.76 -8.09
C CYS A 130 -22.77 -3.61 -8.06
N SER A 131 -22.63 -2.68 -7.12
CA SER A 131 -23.56 -1.57 -6.99
C SER A 131 -22.84 -0.25 -6.90
N PRO A 132 -23.45 0.83 -7.43
CA PRO A 132 -22.82 2.15 -7.32
C PRO A 132 -22.68 2.62 -5.88
N THR A 133 -23.62 2.18 -5.02
CA THR A 133 -23.69 2.50 -3.61
C THR A 133 -22.45 2.09 -2.83
N LEU A 134 -21.70 1.10 -3.33
CA LEU A 134 -20.49 0.59 -2.68
C LEU A 134 -20.75 -0.28 -1.43
N ASP A 135 -22.01 -0.44 -1.03
CA ASP A 135 -22.36 -1.25 0.14
C ASP A 135 -22.51 -2.73 -0.17
N THR A 136 -22.72 -3.09 -1.45
CA THR A 136 -22.88 -4.49 -1.84
C THR A 136 -21.60 -5.10 -2.40
N SER A 137 -20.92 -5.90 -1.59
CA SER A 137 -19.70 -6.58 -1.99
C SER A 137 -20.02 -8.01 -2.30
N HIS A 138 -19.85 -8.43 -3.55
CA HIS A 138 -20.18 -9.80 -3.94
C HIS A 138 -19.13 -10.85 -3.53
N GLY A 139 -17.84 -10.54 -3.68
CA GLY A 139 -16.81 -11.50 -3.33
C GLY A 139 -15.38 -11.02 -3.40
N LYS A 140 -14.47 -11.80 -2.80
CA LYS A 140 -13.05 -11.52 -2.77
C LYS A 140 -12.46 -11.88 -4.13
N VAL A 141 -11.62 -10.99 -4.66
CA VAL A 141 -10.95 -11.24 -5.92
C VAL A 141 -9.64 -11.97 -5.66
N LYS A 142 -9.71 -13.29 -5.60
CA LYS A 142 -8.58 -14.18 -5.35
C LYS A 142 -7.56 -14.16 -6.53
N GLY A 143 -6.64 -15.12 -6.57
CA GLY A 143 -5.64 -15.28 -7.62
C GLY A 143 -4.80 -14.05 -7.92
N GLU A 144 -4.40 -13.88 -9.20
CA GLU A 144 -3.60 -12.74 -9.63
C GLU A 144 -4.33 -11.42 -9.36
N ASP A 145 -3.62 -10.44 -8.79
CA ASP A 145 -4.22 -9.15 -8.52
C ASP A 145 -4.43 -8.43 -9.83
N GLN A 146 -5.64 -7.89 -10.04
CA GLN A 146 -5.95 -7.20 -11.29
C GLN A 146 -5.65 -5.70 -11.28
N LEU A 147 -5.13 -5.17 -10.18
CA LEU A 147 -4.76 -3.76 -10.10
C LEU A 147 -3.40 -3.46 -10.77
N ARG A 148 -2.78 -4.47 -11.44
CA ARG A 148 -1.51 -4.33 -12.14
C ARG A 148 -1.68 -3.39 -13.30
N THR A 149 -0.61 -2.68 -13.64
CA THR A 149 -0.64 -1.79 -14.78
C THR A 149 -0.43 -2.62 -16.07
N LEU A 150 -1.40 -2.56 -16.96
CA LEU A 150 -1.35 -3.27 -18.22
C LEU A 150 -1.44 -2.27 -19.37
N PRO A 151 -0.78 -2.56 -20.51
CA PRO A 151 -0.75 -1.59 -21.62
C PRO A 151 -2.06 -0.93 -22.12
N PHE A 152 -3.18 -1.67 -22.13
CA PHE A 152 -4.44 -1.14 -22.64
C PHE A 152 -5.24 -0.24 -21.66
N ASP A 153 -4.73 -0.11 -20.43
CA ASP A 153 -5.34 0.69 -19.37
C ASP A 153 -5.39 2.17 -19.74
N ARG A 154 -6.13 2.94 -18.95
CA ARG A 154 -6.24 4.37 -19.12
C ARG A 154 -6.43 5.05 -17.76
N LYS A 155 -5.35 5.57 -17.15
CA LYS A 155 -5.42 6.19 -15.82
C LYS A 155 -5.91 7.62 -15.84
N PHE A 156 -6.90 7.91 -15.02
CA PHE A 156 -7.44 9.25 -14.87
C PHE A 156 -7.48 9.59 -13.39
N GLY A 157 -6.77 10.63 -13.01
CA GLY A 157 -6.75 11.07 -11.62
C GLY A 157 -5.82 10.27 -10.75
N VAL A 158 -5.52 10.83 -9.58
CA VAL A 158 -4.65 10.21 -8.61
C VAL A 158 -5.44 9.95 -7.36
N GLY A 159 -5.26 8.77 -6.78
CA GLY A 159 -5.97 8.41 -5.57
C GLY A 159 -5.46 7.20 -4.82
N SER A 160 -5.77 7.17 -3.51
CA SER A 160 -5.44 6.09 -2.58
C SER A 160 -6.15 4.81 -3.05
N ARG A 161 -7.47 4.90 -3.27
CA ARG A 161 -8.25 3.78 -3.77
C ARG A 161 -7.93 3.60 -5.24
N ASP A 162 -7.86 2.35 -5.69
CA ASP A 162 -7.63 2.09 -7.10
C ASP A 162 -8.91 1.48 -7.63
N VAL A 163 -9.60 2.23 -8.50
CA VAL A 163 -10.85 1.76 -9.03
C VAL A 163 -10.73 1.31 -10.46
N ILE A 164 -11.29 0.14 -10.74
CA ILE A 164 -11.26 -0.43 -12.06
C ILE A 164 -12.68 -0.82 -12.43
N LEU A 165 -13.19 -0.26 -13.52
CA LEU A 165 -14.54 -0.54 -13.98
C LEU A 165 -14.53 -1.49 -15.16
N TYR A 166 -15.02 -2.73 -14.96
CA TYR A 166 -15.13 -3.72 -16.03
C TYR A 166 -16.53 -3.55 -16.60
N ALA A 167 -16.63 -3.00 -17.83
CA ALA A 167 -17.96 -2.70 -18.37
C ALA A 167 -18.25 -3.14 -19.80
N ASP A 168 -19.50 -3.50 -20.00
CA ASP A 168 -20.13 -3.78 -21.26
C ASP A 168 -20.84 -2.44 -21.44
N ILE A 169 -20.30 -1.60 -22.30
CA ILE A 169 -20.83 -0.25 -22.48
C ILE A 169 -22.12 -0.23 -23.33
N THR A 170 -22.40 -1.30 -24.13
CA THR A 170 -23.61 -1.39 -24.97
C THR A 170 -24.91 -1.15 -24.21
N SER A 171 -24.94 -1.59 -22.93
CA SER A 171 -26.08 -1.40 -22.05
C SER A 171 -25.88 -0.12 -21.23
N LYS A 172 -26.94 0.72 -21.13
CA LYS A 172 -26.89 1.96 -20.37
C LYS A 172 -26.65 1.75 -18.85
N SER A 173 -26.71 0.49 -18.37
CA SER A 173 -26.41 0.11 -16.99
C SER A 173 -24.98 0.51 -16.59
N PHE A 174 -24.09 0.77 -17.55
CA PHE A 174 -22.72 1.17 -17.28
C PHE A 174 -22.69 2.64 -16.83
N ALA A 175 -23.45 3.51 -17.50
CA ALA A 175 -23.52 4.95 -17.29
C ALA A 175 -23.50 5.44 -15.84
N PRO A 176 -24.31 4.91 -14.88
CA PRO A 176 -24.24 5.42 -13.51
C PRO A 176 -22.92 5.07 -12.80
N PHE A 177 -22.40 3.86 -13.01
CA PHE A 177 -21.14 3.39 -12.42
C PHE A 177 -19.99 4.30 -12.79
N HIS A 178 -19.94 4.70 -14.06
CA HIS A 178 -18.93 5.60 -14.61
C HIS A 178 -18.96 6.93 -13.89
N GLU A 179 -20.11 7.64 -13.91
CA GLU A 179 -20.31 8.95 -13.29
C GLU A 179 -19.82 9.00 -11.85
N VAL A 180 -20.04 7.93 -11.11
CA VAL A 180 -19.61 7.83 -9.72
C VAL A 180 -18.09 7.80 -9.63
N ALA A 181 -17.46 6.90 -10.39
CA ALA A 181 -16.01 6.80 -10.40
C ALA A 181 -15.37 8.07 -10.93
N MET A 182 -16.00 8.69 -11.91
CA MET A 182 -15.54 9.93 -12.51
C MET A 182 -15.55 11.03 -11.48
N ASP A 183 -16.61 11.08 -10.66
CA ASP A 183 -16.79 12.05 -9.57
C ASP A 183 -15.68 11.85 -8.54
N LEU A 184 -15.45 10.60 -8.16
CA LEU A 184 -14.45 10.20 -7.21
C LEU A 184 -13.04 10.60 -7.66
N ALA A 185 -12.74 10.41 -8.94
CA ALA A 185 -11.44 10.72 -9.49
C ALA A 185 -11.26 12.22 -9.63
N LYS A 186 -12.29 12.95 -10.13
CA LYS A 186 -12.22 14.41 -10.28
C LYS A 186 -12.15 15.14 -8.93
N LYS A 187 -12.65 14.51 -7.84
CA LYS A 187 -12.54 15.05 -6.50
C LYS A 187 -11.07 14.94 -6.03
N GLY A 188 -10.44 13.81 -6.36
CA GLY A 188 -9.07 13.52 -6.03
C GLY A 188 -8.96 12.45 -4.97
N LYS A 189 -9.88 11.48 -5.03
CA LYS A 189 -9.91 10.44 -4.04
C LYS A 189 -9.48 9.08 -4.59
N ALA A 190 -9.53 8.86 -5.92
CA ALA A 190 -9.07 7.58 -6.50
C ALA A 190 -8.60 7.69 -7.95
N SER A 191 -7.74 6.75 -8.39
CA SER A 191 -7.24 6.70 -9.76
C SER A 191 -8.13 5.76 -10.56
N TYR A 192 -8.74 6.29 -11.62
CA TYR A 192 -9.73 5.64 -12.46
C TYR A 192 -9.17 5.01 -13.74
N ARG A 193 -9.50 3.75 -13.99
CA ARG A 193 -9.10 3.08 -15.22
C ARG A 193 -10.19 2.18 -15.78
N VAL A 194 -10.42 2.22 -17.10
CA VAL A 194 -11.48 1.45 -17.72
C VAL A 194 -10.98 0.26 -18.53
N ARG A 195 -11.50 -0.94 -18.19
CA ARG A 195 -11.28 -2.21 -18.87
C ARG A 195 -12.63 -2.72 -19.43
N TYR A 196 -12.60 -3.62 -20.43
CA TYR A 196 -13.85 -4.07 -21.07
C TYR A 196 -14.30 -5.47 -20.75
N ARG A 197 -15.60 -5.66 -20.83
CA ARG A 197 -16.24 -6.94 -20.66
C ARG A 197 -16.86 -7.27 -22.00
N ARG A 198 -16.75 -8.56 -22.39
CA ARG A 198 -17.31 -9.09 -23.64
C ARG A 198 -18.81 -8.81 -23.68
N SER A 199 -19.16 -7.80 -24.46
CA SER A 199 -20.50 -7.28 -24.66
C SER A 199 -21.49 -8.35 -25.14
N PRO A 200 -22.49 -8.73 -24.32
CA PRO A 200 -23.44 -9.79 -24.72
C PRO A 200 -24.46 -9.40 -25.82
N SER A 201 -24.55 -8.10 -26.16
CA SER A 201 -25.46 -7.65 -27.21
C SER A 201 -24.94 -8.07 -28.60
N HIS A 202 -23.60 -8.09 -28.77
CA HIS A 202 -22.96 -8.49 -30.04
C HIS A 202 -22.89 -10.00 -30.16
N SER A 203 -22.98 -10.48 -31.39
CA SER A 203 -22.93 -11.90 -31.67
C SER A 203 -21.47 -12.36 -31.95
N ARG A 204 -21.25 -13.68 -32.04
CA ARG A 204 -19.94 -14.25 -32.38
C ARG A 204 -19.82 -14.31 -33.94
N GLU A 205 -19.80 -13.13 -34.54
CA GLU A 205 -19.64 -12.99 -35.99
C GLU A 205 -18.16 -12.61 -36.14
N SER A 206 -17.33 -13.44 -36.82
CA SER A 206 -15.90 -13.15 -36.97
C SER A 206 -15.67 -11.72 -37.58
N LEU A 207 -14.55 -11.08 -37.26
CA LEU A 207 -14.30 -9.73 -37.77
C LEU A 207 -13.62 -9.75 -39.12
N SER A 208 -14.02 -8.90 -40.06
CA SER A 208 -13.37 -8.84 -41.36
C SER A 208 -12.25 -7.82 -41.35
N VAL A 209 -11.06 -8.24 -41.75
CA VAL A 209 -9.89 -7.37 -41.74
C VAL A 209 -9.50 -6.90 -43.14
N ASN A 210 -8.65 -5.87 -43.19
CA ASN A 210 -8.10 -5.28 -44.41
C ASN A 210 -6.67 -4.73 -44.13
N GLY A 211 -5.95 -4.39 -45.19
CA GLY A 211 -4.57 -3.91 -45.09
C GLY A 211 -3.55 -4.89 -45.62
N TYR A 212 -4.01 -5.85 -46.38
CA TYR A 212 -3.20 -6.89 -46.98
C TYR A 212 -3.38 -6.80 -48.51
N GLY A 213 -2.63 -7.60 -49.23
CA GLY A 213 -2.72 -7.66 -50.68
C GLY A 213 -2.91 -9.08 -51.16
N VAL A 214 -3.47 -9.24 -52.38
CA VAL A 214 -3.66 -10.55 -52.98
C VAL A 214 -2.95 -10.59 -54.33
N GLU A 215 -2.32 -11.74 -54.64
CA GLU A 215 -1.61 -11.97 -55.89
C GLU A 215 -2.19 -13.20 -56.65
N LEU A 216 -2.35 -13.10 -57.97
CA LEU A 216 -2.78 -14.22 -58.79
C LEU A 216 -1.61 -14.44 -59.74
N VAL A 217 -0.71 -15.35 -59.35
CA VAL A 217 0.53 -15.68 -60.06
C VAL A 217 0.30 -16.65 -61.20
N LEU A 218 0.69 -16.22 -62.43
CA LEU A 218 0.59 -17.12 -63.56
C LEU A 218 1.81 -17.98 -63.45
N LYS A 219 1.58 -19.24 -63.04
CA LYS A 219 2.69 -20.15 -62.89
C LYS A 219 3.28 -20.52 -64.24
N ARG A 220 2.47 -20.53 -65.34
CA ARG A 220 3.04 -20.76 -66.66
C ARG A 220 3.71 -19.45 -67.08
N THR A 221 4.95 -19.28 -66.71
CA THR A 221 5.73 -18.11 -67.05
C THR A 221 6.78 -18.40 -68.13
N ASP A 222 6.78 -19.60 -68.75
CA ASP A 222 7.71 -20.04 -69.78
C ASP A 222 7.47 -19.37 -71.17
N TYR A 223 6.31 -18.68 -71.34
CA TYR A 223 5.90 -17.98 -72.56
C TYR A 223 6.69 -16.69 -72.77
N ILE A 224 7.42 -16.49 -73.93
CA ILE A 224 8.18 -15.29 -74.42
C ILE A 224 8.99 -15.70 -75.67
N VAL A 225 9.02 -14.89 -76.78
CA VAL A 225 9.86 -15.26 -77.95
C VAL A 225 11.05 -14.29 -78.11
N ILE A 259 -12.64 -10.89 -71.62
CA ILE A 259 -12.13 -9.81 -72.48
C ILE A 259 -10.94 -10.31 -73.37
N ALA A 260 -10.03 -11.11 -72.79
CA ALA A 260 -8.91 -11.77 -73.48
C ALA A 260 -8.77 -13.16 -72.85
N ASP A 261 -8.89 -14.20 -73.67
CA ASP A 261 -8.96 -15.59 -73.22
C ASP A 261 -7.65 -16.19 -72.67
N ILE A 262 -6.51 -15.69 -73.11
CA ILE A 262 -5.18 -16.19 -72.70
C ILE A 262 -4.16 -15.06 -72.73
N LYS A 263 -3.06 -15.22 -71.99
CA LYS A 263 -2.01 -14.23 -71.93
C LYS A 263 -1.30 -14.18 -73.26
N PRO A 264 -1.30 -13.01 -73.92
CA PRO A 264 -0.65 -12.91 -75.22
C PRO A 264 0.87 -12.74 -75.09
N LEU A 265 1.65 -13.62 -75.73
CA LEU A 265 3.10 -13.52 -75.64
C LEU A 265 3.76 -13.15 -76.96
N GLU A 266 4.54 -12.09 -76.90
CA GLU A 266 5.27 -11.42 -77.97
C GLU A 266 6.70 -11.96 -78.20
N LYS A 267 7.42 -11.42 -79.21
CA LYS A 267 8.80 -11.80 -79.53
C LYS A 267 9.82 -11.08 -78.57
N SER A 268 10.84 -10.38 -79.10
CA SER A 268 11.83 -9.68 -78.28
C SER A 268 11.51 -8.18 -78.20
N GLU A 269 10.23 -7.83 -78.19
CA GLU A 269 9.83 -6.43 -78.08
C GLU A 269 9.62 -5.97 -76.65
N LEU A 270 9.77 -6.88 -75.66
CA LEU A 270 9.63 -6.66 -74.22
C LEU A 270 10.28 -5.36 -73.74
N ALA A 271 11.54 -5.13 -74.18
CA ALA A 271 12.41 -4.01 -73.81
C ALA A 271 11.69 -2.68 -73.66
N ALA A 272 10.83 -2.35 -74.60
CA ALA A 272 10.13 -1.08 -74.56
C ALA A 272 8.83 -1.07 -73.77
N LEU A 273 8.26 -2.22 -73.42
CA LEU A 273 6.96 -2.27 -72.75
C LEU A 273 6.86 -1.42 -71.52
N GLY A 274 7.91 -1.37 -70.71
CA GLY A 274 7.92 -0.53 -69.53
C GLY A 274 7.83 0.94 -69.92
N MET A 275 8.60 1.33 -70.92
CA MET A 275 8.65 2.70 -71.45
C MET A 275 7.35 3.18 -72.08
N LYS A 276 6.71 2.35 -72.92
CA LYS A 276 5.44 2.74 -73.54
C LYS A 276 4.29 2.64 -72.53
N ALA A 277 4.41 1.73 -71.53
CA ALA A 277 3.41 1.64 -70.47
C ALA A 277 3.37 2.96 -69.69
N ALA A 278 4.56 3.56 -69.42
CA ALA A 278 4.67 4.83 -68.71
C ALA A 278 4.04 5.98 -69.50
N SER A 279 4.28 6.02 -70.82
CA SER A 279 3.70 7.04 -71.67
C SER A 279 2.19 6.90 -71.72
N PHE A 280 1.68 5.65 -71.74
CA PHE A 280 0.25 5.37 -71.72
C PHE A 280 -0.45 6.02 -70.53
N VAL A 281 0.26 6.18 -69.42
CA VAL A 281 -0.29 6.83 -68.25
C VAL A 281 -0.38 8.32 -68.50
N MET A 282 0.68 8.93 -69.04
CA MET A 282 0.71 10.35 -69.31
C MET A 282 -0.38 10.73 -70.33
N GLN A 283 -0.58 9.89 -71.38
CA GLN A 283 -1.58 10.09 -72.45
C GLN A 283 -3.01 10.04 -71.91
N SER A 284 -3.25 9.23 -70.89
CA SER A 284 -4.58 8.94 -70.35
C SER A 284 -5.39 10.15 -69.87
N GLU A 285 -4.73 11.03 -69.08
CA GLU A 285 -5.26 12.25 -68.44
C GLU A 285 -6.18 11.96 -67.22
N LYS A 286 -6.07 10.75 -66.66
CA LYS A 286 -6.60 10.20 -65.40
C LYS A 286 -5.36 9.36 -65.00
N PRO A 287 -4.26 10.00 -64.54
CA PRO A 287 -2.99 9.29 -64.51
C PRO A 287 -2.80 8.24 -63.46
N PHE A 288 -2.95 8.57 -62.16
CA PHE A 288 -2.74 7.52 -61.18
C PHE A 288 -3.85 6.47 -61.29
N GLU A 289 -5.07 6.83 -61.80
CA GLU A 289 -6.11 5.85 -62.05
C GLU A 289 -5.64 4.88 -63.14
N ALA A 290 -5.01 5.40 -64.19
CA ALA A 290 -4.46 4.56 -65.25
C ALA A 290 -3.34 3.68 -64.69
N LEU A 291 -2.46 4.25 -63.87
CA LEU A 291 -1.34 3.56 -63.25
C LEU A 291 -1.81 2.35 -62.48
N LEU A 292 -2.90 2.50 -61.74
CA LEU A 292 -3.50 1.42 -60.98
C LEU A 292 -4.11 0.39 -61.90
N LYS A 293 -4.99 0.81 -62.82
CA LYS A 293 -5.66 -0.12 -63.71
C LYS A 293 -4.71 -0.92 -64.57
N LEU A 294 -3.63 -0.28 -64.99
CA LEU A 294 -2.62 -0.94 -65.78
C LEU A 294 -1.78 -1.82 -64.89
N THR A 295 -1.32 -1.31 -63.75
CA THR A 295 -0.43 -2.07 -62.88
C THR A 295 -1.13 -3.25 -62.19
N GLN A 296 -2.44 -3.19 -61.94
CA GLN A 296 -3.16 -4.27 -61.27
C GLN A 296 -3.65 -5.34 -62.23
N ASP A 297 -4.01 -4.94 -63.45
CA ASP A 297 -4.45 -5.88 -64.47
C ASP A 297 -3.45 -5.90 -65.67
N PHE A 298 -2.13 -5.83 -65.34
CA PHE A 298 -1.00 -5.85 -66.28
C PHE A 298 -1.11 -6.93 -67.36
N PRO A 299 -1.35 -8.19 -66.99
CA PRO A 299 -1.37 -9.26 -68.00
C PRO A 299 -2.40 -9.00 -69.08
N LYS A 300 -3.57 -8.53 -68.65
CA LYS A 300 -4.71 -8.22 -69.49
C LYS A 300 -4.35 -7.41 -70.74
N TYR A 301 -3.80 -6.23 -70.55
CA TYR A 301 -3.47 -5.34 -71.67
C TYR A 301 -1.96 -5.47 -72.09
N SER A 302 -1.25 -6.53 -71.64
CA SER A 302 0.17 -6.72 -71.89
C SER A 302 0.58 -6.53 -73.33
N ASN A 303 -0.02 -7.28 -74.24
CA ASN A 303 0.33 -7.15 -75.66
C ASN A 303 -0.25 -5.90 -76.30
N SER A 304 -1.35 -5.38 -75.76
CA SER A 304 -1.96 -4.17 -76.29
C SER A 304 -1.04 -2.94 -76.25
N LEU A 305 0.07 -3.03 -75.52
CA LEU A 305 1.03 -1.94 -75.44
C LEU A 305 1.78 -1.72 -76.76
N GLY A 306 2.48 -0.59 -76.87
CA GLY A 306 3.24 -0.27 -78.08
C GLY A 306 2.39 0.01 -79.28
N SER A 307 1.14 0.37 -79.03
CA SER A 307 0.17 0.61 -80.05
C SER A 307 -0.50 1.97 -79.92
N GLN A 308 -1.00 2.48 -81.06
CA GLN A 308 -1.61 3.79 -81.35
C GLN A 308 -0.63 4.92 -80.94
N ASN A 309 0.52 4.90 -81.63
CA ASN A 309 1.65 5.80 -81.50
C ASN A 309 2.00 6.10 -80.03
N VAL A 310 1.70 5.15 -79.14
CA VAL A 310 2.05 5.29 -77.75
C VAL A 310 3.58 5.18 -77.54
N SER A 311 4.37 4.99 -78.64
CA SER A 311 5.84 4.95 -78.64
C SER A 311 6.40 6.15 -77.88
N ALA A 312 5.69 7.30 -77.93
CA ALA A 312 5.90 8.57 -77.25
C ALA A 312 7.21 8.69 -76.46
N GLU A 313 8.33 8.78 -77.20
CA GLU A 313 9.66 8.90 -76.62
C GLU A 313 9.94 10.34 -76.22
N PHE A 314 9.00 10.89 -75.51
CA PHE A 314 9.09 12.20 -74.97
C PHE A 314 9.87 12.03 -73.70
N GLU A 315 9.46 11.14 -72.78
CA GLU A 315 10.22 10.94 -71.54
C GLU A 315 11.61 10.38 -71.75
N ALA A 316 12.06 10.16 -73.01
CA ALA A 316 13.42 9.70 -73.32
C ALA A 316 14.42 10.80 -72.95
N GLU A 317 14.07 12.05 -73.25
CA GLU A 317 14.84 13.23 -72.89
C GLU A 317 14.75 13.46 -71.37
N HIS A 318 13.63 13.07 -70.76
CA HIS A 318 13.45 13.16 -69.34
C HIS A 318 14.43 12.37 -68.52
N ARG A 319 15.22 11.47 -69.14
CA ARG A 319 16.30 10.77 -68.42
C ARG A 319 17.44 11.73 -68.04
N GLY A 320 17.21 13.04 -68.13
CA GLY A 320 18.07 14.09 -67.61
C GLY A 320 18.06 13.97 -66.10
N ASN A 321 16.91 13.51 -65.55
CA ASN A 321 16.67 13.12 -64.17
C ASN A 321 17.56 11.92 -63.88
N ARG A 322 17.53 10.92 -64.75
CA ARG A 322 18.32 9.73 -64.57
C ARG A 322 19.80 10.07 -64.63
N GLU A 323 20.22 10.84 -65.62
CA GLU A 323 21.61 11.23 -65.88
C GLU A 323 22.35 11.90 -64.74
N VAL A 324 21.62 12.34 -63.73
CA VAL A 324 22.22 12.97 -62.56
C VAL A 324 21.91 12.27 -61.19
N PHE A 325 20.94 11.32 -61.09
CA PHE A 325 20.55 10.81 -59.77
C PHE A 325 20.44 9.30 -59.62
N LEU A 326 19.28 8.68 -59.96
CA LEU A 326 19.10 7.29 -59.67
C LEU A 326 18.75 6.47 -60.88
N PRO A 327 19.15 5.17 -60.83
CA PRO A 327 18.96 4.27 -61.98
C PRO A 327 17.56 4.02 -62.49
N GLU A 328 17.48 3.65 -63.78
CA GLU A 328 16.25 3.31 -64.46
C GLU A 328 15.65 2.08 -63.86
N GLY A 329 14.35 2.13 -63.64
CA GLY A 329 13.61 1.01 -63.09
C GLY A 329 13.77 0.77 -61.61
N SER A 330 14.18 1.81 -60.85
CA SER A 330 14.37 1.65 -59.40
C SER A 330 13.18 2.20 -58.59
N ASN A 331 12.75 1.46 -57.59
CA ASN A 331 11.61 1.82 -56.74
C ASN A 331 12.04 2.55 -55.48
N VAL A 332 11.73 3.85 -55.36
CA VAL A 332 12.13 4.60 -54.17
C VAL A 332 11.02 5.48 -53.66
N LEU A 333 10.64 5.33 -52.38
CA LEU A 333 9.59 6.17 -51.79
C LEU A 333 10.18 7.04 -50.68
N TRP A 334 9.67 8.28 -50.57
CA TRP A 334 10.07 9.27 -49.58
C TRP A 334 8.85 9.89 -48.91
N LEU A 335 9.01 10.29 -47.65
CA LEU A 335 7.95 10.94 -46.91
C LEU A 335 8.61 12.09 -46.21
N ASN A 336 8.33 13.29 -46.69
CA ASN A 336 8.89 14.52 -46.17
C ASN A 336 10.43 14.48 -46.21
N GLY A 337 10.99 13.87 -47.24
CA GLY A 337 12.42 13.75 -47.39
C GLY A 337 13.01 12.45 -46.86
N LEU A 338 12.31 11.78 -45.97
CA LEU A 338 12.80 10.54 -45.35
C LEU A 338 12.77 9.29 -46.26
N HIS A 339 13.68 8.32 -46.02
CA HIS A 339 13.84 7.07 -46.76
C HIS A 339 12.83 6.01 -46.38
N LEU A 340 11.90 5.80 -47.30
CA LEU A 340 10.82 4.83 -47.21
C LEU A 340 11.14 3.60 -47.99
N ILE A 341 10.79 2.47 -47.39
CA ILE A 341 11.08 1.15 -47.91
C ILE A 341 9.81 0.36 -48.23
N ASP A 342 9.98 -0.70 -49.01
CA ASP A 342 8.97 -1.61 -49.48
C ASP A 342 8.05 -2.12 -48.38
N ARG A 343 8.63 -2.67 -47.28
CA ARG A 343 7.75 -3.19 -46.22
C ARG A 343 7.55 -2.23 -45.06
N GLN A 344 7.90 -0.94 -45.24
CA GLN A 344 7.39 0.09 -44.33
C GLN A 344 5.98 0.55 -44.90
N ILE A 345 5.52 -0.10 -46.03
CA ILE A 345 4.28 0.07 -46.76
C ILE A 345 3.31 -1.07 -46.50
N GLN A 346 2.95 -1.19 -45.24
CA GLN A 346 1.87 -2.00 -44.70
C GLN A 346 1.01 -0.91 -44.09
N PRO A 347 -0.29 -0.95 -44.35
CA PRO A 347 -1.16 0.16 -43.92
C PRO A 347 -1.03 0.56 -42.47
N PHE A 348 -0.69 -0.39 -41.64
CA PHE A 348 -0.53 -0.18 -40.20
C PHE A 348 0.70 0.69 -39.92
N GLY A 349 1.78 0.39 -40.63
CA GLY A 349 3.03 1.12 -40.51
C GLY A 349 2.89 2.54 -40.98
N LEU A 350 2.11 2.77 -42.04
CA LEU A 350 1.94 4.11 -42.57
C LEU A 350 1.07 5.00 -41.71
N VAL A 351 0.07 4.44 -41.05
CA VAL A 351 -0.83 5.22 -40.20
C VAL A 351 -0.07 5.82 -39.03
N ASP A 352 0.81 5.04 -38.37
CA ASP A 352 1.59 5.61 -37.28
C ASP A 352 2.63 6.62 -37.78
N LEU A 353 3.10 6.49 -39.03
CA LEU A 353 4.08 7.42 -39.62
C LEU A 353 3.46 8.75 -40.00
N LEU A 354 2.20 8.76 -40.47
CA LEU A 354 1.49 10.00 -40.78
C LEU A 354 1.29 10.78 -39.47
N THR A 355 0.77 10.07 -38.46
CA THR A 355 0.39 10.59 -37.16
C THR A 355 1.57 11.29 -36.53
N ARG A 356 2.74 10.65 -36.56
CA ARG A 356 3.98 11.18 -36.01
C ARG A 356 4.56 12.31 -36.86
N GLU A 357 4.40 12.27 -38.21
CA GLU A 357 4.98 13.31 -39.05
C GLU A 357 4.06 14.54 -39.22
N ARG A 358 2.74 14.41 -39.02
CA ARG A 358 1.83 15.56 -39.04
C ARG A 358 2.14 16.40 -37.81
N LYS A 359 2.31 15.73 -36.63
CA LYS A 359 2.69 16.34 -35.34
C LYS A 359 4.02 17.09 -35.43
N LEU A 360 4.96 16.56 -36.24
CA LEU A 360 6.27 17.16 -36.47
C LEU A 360 6.13 18.39 -37.36
N ILE A 361 5.34 18.30 -38.43
CA ILE A 361 5.13 19.42 -39.33
C ILE A 361 4.31 20.50 -38.66
N LYS A 362 3.26 20.14 -37.91
CA LYS A 362 2.43 21.07 -37.16
C LYS A 362 3.27 21.81 -36.09
N SER A 363 4.30 21.14 -35.51
CA SER A 363 5.21 21.79 -34.57
C SER A 363 5.97 22.91 -35.30
N VAL A 364 6.29 22.71 -36.58
CA VAL A 364 6.96 23.69 -37.41
C VAL A 364 5.99 24.74 -37.93
N LEU A 365 4.70 24.41 -38.23
CA LEU A 365 3.76 25.40 -38.79
C LEU A 365 3.18 26.40 -37.74
N ASP A 366 3.56 26.25 -36.46
CA ASP A 366 3.21 27.23 -35.41
C ASP A 366 4.20 28.47 -35.54
N LEU A 367 5.37 28.25 -36.26
CA LEU A 367 6.50 29.14 -36.61
C LEU A 367 6.27 29.90 -37.96
N GLY A 368 5.06 29.81 -38.52
CA GLY A 368 4.70 30.49 -39.75
C GLY A 368 5.29 29.97 -41.03
N LEU A 369 5.41 28.65 -41.16
CA LEU A 369 5.94 28.05 -42.38
C LEU A 369 4.89 27.23 -43.06
N THR A 370 5.00 27.09 -44.39
CA THR A 370 4.06 26.28 -45.16
C THR A 370 4.49 24.81 -45.15
N GLY A 371 3.60 23.89 -45.54
CA GLY A 371 3.92 22.45 -45.59
C GLY A 371 5.11 22.19 -46.47
N GLN A 372 5.15 22.86 -47.62
CA GLN A 372 6.25 22.72 -48.55
C GLN A 372 7.53 23.34 -48.01
N GLN A 373 7.45 24.50 -47.34
CA GLN A 373 8.63 25.13 -46.76
C GLN A 373 9.16 24.37 -45.58
N ALA A 374 8.27 23.81 -44.77
CA ALA A 374 8.65 23.08 -43.59
C ALA A 374 9.44 21.84 -43.97
N VAL A 375 8.94 21.07 -44.95
CA VAL A 375 9.58 19.87 -45.44
C VAL A 375 10.91 20.20 -46.04
N ASP A 376 10.96 21.18 -46.96
CA ASP A 376 12.20 21.63 -47.59
C ASP A 376 13.21 22.17 -46.55
N LEU A 377 12.71 22.76 -45.43
CA LEU A 377 13.59 23.22 -44.36
C LEU A 377 14.19 22.00 -43.68
N LEU A 378 13.35 21.02 -43.35
CA LEU A 378 13.78 19.79 -42.74
C LEU A 378 14.66 18.97 -43.68
N GLY A 379 14.19 18.69 -44.89
CA GLY A 379 14.88 17.91 -45.89
C GLY A 379 15.90 18.65 -46.71
N HIS A 380 16.63 19.55 -46.07
CA HIS A 380 17.66 20.29 -46.76
C HIS A 380 19.02 19.66 -46.61
N ALA A 381 19.88 19.81 -47.61
CA ALA A 381 21.21 19.24 -47.59
C ALA A 381 22.11 19.72 -46.43
N GLU A 382 21.93 20.97 -45.97
CA GLU A 382 22.72 21.48 -44.83
C GLU A 382 22.46 20.73 -43.57
N VAL A 383 21.22 20.28 -43.41
CA VAL A 383 20.74 19.49 -42.29
C VAL A 383 21.31 18.07 -42.37
N ALA A 384 21.23 17.43 -43.55
CA ALA A 384 21.73 16.07 -43.77
C ALA A 384 23.24 15.99 -43.52
N HIS A 385 23.98 17.08 -43.85
CA HIS A 385 25.43 17.02 -43.60
C HIS A 385 25.77 17.07 -42.13
N ALA A 386 24.92 17.66 -41.29
CA ALA A 386 25.19 17.64 -39.85
C ALA A 386 25.25 16.18 -39.32
N LYS A 387 24.58 15.21 -39.98
CA LYS A 387 24.59 13.80 -39.58
C LYS A 387 25.65 12.91 -40.29
N SER A 388 25.48 12.53 -41.59
CA SER A 388 26.44 11.64 -42.27
C SER A 388 26.79 12.12 -43.70
N GLU A 408 30.94 0.34 -39.37
CA GLU A 408 30.97 1.01 -38.08
C GLU A 408 29.61 0.98 -37.37
N ASP A 409 29.52 1.57 -36.13
CA ASP A 409 28.34 1.79 -35.25
C ASP A 409 28.66 2.80 -34.01
N LYS A 410 27.86 3.93 -33.78
CA LYS A 410 28.06 4.94 -32.67
C LYS A 410 26.90 6.01 -32.51
N ASN A 411 26.52 6.51 -31.23
CA ASN A 411 25.46 7.54 -30.89
C ASN A 411 25.20 7.85 -29.33
N GLU A 412 24.84 9.15 -28.98
CA GLU A 412 24.52 9.70 -27.63
C GLU A 412 23.85 11.15 -27.66
N LEU A 413 22.64 11.43 -27.05
CA LEU A 413 22.01 12.80 -27.05
C LEU A 413 20.59 12.91 -26.40
N THR A 414 20.11 14.16 -26.06
CA THR A 414 18.79 14.55 -25.51
C THR A 414 18.42 16.03 -25.82
N VAL A 415 17.25 16.28 -26.46
CA VAL A 415 16.77 17.63 -26.84
C VAL A 415 15.24 17.78 -26.63
N LEU A 416 14.70 19.02 -26.44
CA LEU A 416 13.25 19.30 -26.29
C LEU A 416 12.77 20.55 -27.09
N ASN A 417 11.44 20.65 -27.44
CA ASN A 417 10.89 21.77 -28.25
C ASN A 417 10.76 23.09 -27.50
N VAL A 418 11.32 24.15 -28.09
CA VAL A 418 11.29 25.49 -27.54
C VAL A 418 9.92 26.14 -27.68
N ASN A 419 9.27 26.02 -28.84
CA ASN A 419 7.93 26.55 -29.05
C ASN A 419 6.95 26.05 -27.96
N LYS A 420 6.87 24.72 -27.84
CA LYS A 420 6.04 23.99 -26.89
C LYS A 420 6.23 24.46 -25.43
N ILE A 421 7.46 24.37 -24.90
CA ILE A 421 7.77 24.67 -23.52
C ILE A 421 7.42 26.11 -23.10
N TYR A 422 7.55 27.09 -24.01
CA TYR A 422 7.22 28.48 -23.65
C TYR A 422 5.73 28.80 -23.80
N ILE A 423 4.89 27.84 -24.24
CA ILE A 423 3.45 28.04 -24.40
C ILE A 423 2.68 27.58 -23.16
N GLU A 424 2.93 26.32 -22.72
CA GLU A 424 2.26 25.69 -21.60
C GLU A 424 2.66 26.36 -20.27
N ASN A 425 3.95 26.66 -20.14
CA ASN A 425 4.52 27.22 -18.90
C ASN A 425 4.63 28.74 -19.02
N HIS A 426 3.55 29.38 -19.46
CA HIS A 426 3.50 30.82 -19.63
C HIS A 426 3.76 31.55 -18.31
N ASP A 427 3.00 31.24 -17.23
CA ASP A 427 3.23 31.94 -15.96
C ASP A 427 4.59 31.66 -15.32
N LEU A 428 5.38 30.77 -15.92
CA LEU A 428 6.71 30.47 -15.47
C LEU A 428 7.69 31.25 -16.33
N MET A 429 7.66 31.06 -17.67
CA MET A 429 8.60 31.67 -18.63
C MET A 429 8.48 33.21 -18.82
N SER A 430 7.31 33.81 -18.56
CA SER A 430 7.16 35.26 -18.64
C SER A 430 7.37 35.96 -17.26
N LYS A 431 7.52 35.16 -16.18
CA LYS A 431 7.76 35.63 -14.83
C LYS A 431 9.16 35.22 -14.31
N VAL A 432 9.99 34.50 -15.11
CA VAL A 432 11.35 34.13 -14.67
C VAL A 432 12.30 35.29 -14.97
N PRO A 433 13.44 35.37 -14.26
CA PRO A 433 14.40 36.43 -14.56
C PRO A 433 14.95 36.25 -15.97
N VAL A 434 14.57 37.15 -16.87
CA VAL A 434 14.98 37.05 -18.26
C VAL A 434 15.93 38.18 -18.65
N ILE A 435 17.18 37.85 -18.99
CA ILE A 435 18.12 38.84 -19.48
C ILE A 435 18.15 38.66 -20.97
N GLU A 436 17.43 39.51 -21.68
CA GLU A 436 17.35 39.41 -23.13
C GLU A 436 18.66 39.77 -23.80
N ALA A 437 18.92 39.17 -24.97
CA ALA A 437 20.10 39.43 -25.79
C ALA A 437 19.92 40.83 -26.36
N SER A 438 20.95 41.68 -26.28
CA SER A 438 20.83 43.04 -26.83
C SER A 438 20.54 43.01 -28.33
N LYS A 439 19.51 43.75 -28.76
CA LYS A 439 19.09 43.78 -30.15
C LYS A 439 20.18 44.16 -31.13
N GLU A 440 21.31 44.70 -30.66
CA GLU A 440 22.46 45.05 -31.51
C GLU A 440 23.27 43.81 -31.99
N SER A 441 23.04 42.62 -31.38
CA SER A 441 23.74 41.41 -31.77
C SER A 441 23.20 40.86 -33.09
N THR A 442 24.04 40.19 -33.87
CA THR A 442 23.64 39.66 -35.19
C THR A 442 22.81 38.38 -35.13
N ARG A 443 22.08 38.09 -36.23
CA ARG A 443 21.24 36.91 -36.37
C ARG A 443 22.01 35.64 -36.15
N ASP A 444 23.24 35.60 -36.68
CA ASP A 444 24.16 34.47 -36.59
C ASP A 444 24.68 34.20 -35.17
N ASP A 445 24.46 35.12 -34.23
CA ASP A 445 24.90 34.98 -32.84
C ASP A 445 23.80 34.47 -31.92
N TRP A 446 22.54 34.73 -32.26
CA TRP A 446 21.36 34.41 -31.45
C TRP A 446 21.27 32.97 -30.93
N ALA A 447 20.90 32.86 -29.64
CA ALA A 447 20.75 31.61 -28.90
C ALA A 447 19.86 31.84 -27.67
N ALA A 448 18.94 30.89 -27.38
CA ALA A 448 18.01 30.98 -26.25
C ALA A 448 18.36 30.06 -25.09
N LEU A 449 19.35 30.49 -24.32
CA LEU A 449 19.79 29.72 -23.17
C LEU A 449 18.76 29.80 -22.08
N THR A 450 18.42 28.66 -21.52
CA THR A 450 17.45 28.53 -20.45
C THR A 450 18.14 27.69 -19.35
N VAL A 451 18.30 28.23 -18.15
CA VAL A 451 19.01 27.54 -17.06
C VAL A 451 18.07 27.13 -15.95
N VAL A 452 18.07 25.84 -15.58
CA VAL A 452 17.24 25.33 -14.49
C VAL A 452 18.17 25.10 -13.31
N ALA A 453 17.88 25.67 -12.12
CA ALA A 453 18.77 25.49 -10.97
C ALA A 453 18.12 25.61 -9.59
N ASP A 454 18.60 24.83 -8.61
CA ASP A 454 18.12 24.89 -7.22
C ASP A 454 18.87 26.01 -6.55
N LEU A 455 18.26 27.18 -6.38
CA LEU A 455 18.91 28.32 -5.74
C LEU A 455 19.04 28.22 -4.21
N ASP A 456 18.69 27.06 -3.62
CA ASP A 456 18.82 26.82 -2.18
C ASP A 456 20.22 26.23 -1.86
N ASP A 457 20.75 25.39 -2.77
CA ASP A 457 22.07 24.75 -2.62
C ASP A 457 23.17 25.58 -3.33
N ILE A 458 24.41 25.49 -2.81
CA ILE A 458 25.57 26.20 -3.36
C ILE A 458 25.84 25.81 -4.82
N GLU A 459 25.78 24.51 -5.16
CA GLU A 459 26.01 24.04 -6.52
C GLU A 459 25.00 24.62 -7.51
N GLY A 460 23.76 24.78 -7.07
CA GLY A 460 22.70 25.35 -7.88
C GLY A 460 22.88 26.84 -8.14
N GLN A 461 23.18 27.62 -7.08
CA GLN A 461 23.42 29.06 -7.26
C GLN A 461 24.76 29.36 -7.92
N GLU A 462 25.73 28.43 -7.84
CA GLU A 462 27.05 28.56 -8.46
C GLU A 462 26.90 28.51 -9.98
N LEU A 463 26.06 27.60 -10.49
CA LEU A 463 25.85 27.49 -11.93
C LEU A 463 25.16 28.72 -12.52
N VAL A 464 24.25 29.32 -11.75
CA VAL A 464 23.56 30.54 -12.16
C VAL A 464 24.57 31.69 -12.28
N TYR A 465 25.51 31.78 -11.33
CA TYR A 465 26.56 32.82 -11.34
C TYR A 465 27.43 32.64 -12.57
N TYR A 466 27.81 31.39 -12.88
CA TYR A 466 28.63 31.12 -14.04
C TYR A 466 27.87 31.45 -15.34
N ALA A 467 26.54 31.25 -15.35
CA ALA A 467 25.71 31.58 -16.51
C ALA A 467 25.64 33.11 -16.69
N LEU A 468 25.55 33.84 -15.57
CA LEU A 468 25.50 35.29 -15.56
C LEU A 468 26.78 35.88 -16.15
N ARG A 469 27.95 35.38 -15.71
CA ARG A 469 29.23 35.85 -16.24
C ARG A 469 29.39 35.52 -17.71
N PHE A 470 28.83 34.40 -18.15
CA PHE A 470 28.87 34.00 -19.55
C PHE A 470 28.01 34.92 -20.39
N ARG A 471 26.87 35.36 -19.85
CA ARG A 471 25.99 36.28 -20.57
C ARG A 471 26.67 37.63 -20.79
N LYS A 472 27.47 38.10 -19.81
CA LYS A 472 28.21 39.37 -19.92
C LYS A 472 29.06 39.41 -21.20
N SER A 473 29.72 38.29 -21.52
CA SER A 473 30.62 38.11 -22.66
C SER A 473 29.92 37.85 -24.01
N ASN A 474 28.85 37.05 -24.00
CA ASN A 474 28.14 36.73 -25.23
C ASN A 474 26.84 37.54 -25.38
N ASP A 475 26.91 38.58 -26.23
CA ASP A 475 25.86 39.54 -26.53
C ASP A 475 24.58 38.93 -27.09
N GLY A 476 24.72 37.98 -28.01
CA GLY A 476 23.57 37.37 -28.67
C GLY A 476 22.90 36.24 -27.93
N VAL A 477 22.92 36.26 -26.59
CA VAL A 477 22.29 35.19 -25.81
C VAL A 477 21.15 35.70 -24.95
N ARG A 478 20.00 35.05 -25.04
CA ARG A 478 18.84 35.39 -24.22
C ARG A 478 18.87 34.41 -23.05
N LEU A 479 19.21 34.91 -21.86
CA LEU A 479 19.33 34.05 -20.69
C LEU A 479 18.10 34.05 -19.79
N ASP A 480 17.53 32.86 -19.56
CA ASP A 480 16.39 32.64 -18.68
C ASP A 480 16.84 31.82 -17.47
N ILE A 481 16.28 32.10 -16.28
CA ILE A 481 16.65 31.33 -15.09
C ILE A 481 15.43 30.83 -14.36
N VAL A 482 15.28 29.53 -14.31
CA VAL A 482 14.15 28.89 -13.66
C VAL A 482 14.62 28.26 -12.37
N HIS A 483 14.04 28.66 -11.24
CA HIS A 483 14.38 28.11 -9.93
C HIS A 483 13.66 26.75 -9.72
N ASN A 484 14.42 25.68 -9.47
CA ASN A 484 13.88 24.35 -9.25
C ASN A 484 14.37 23.84 -7.90
N PRO A 485 13.65 24.15 -6.81
CA PRO A 485 14.11 23.72 -5.48
C PRO A 485 13.68 22.32 -5.10
N LYS A 486 14.35 21.73 -4.10
CA LYS A 486 13.98 20.39 -3.63
C LYS A 486 13.23 20.40 -2.27
N ASP A 487 12.97 21.59 -1.67
CA ASP A 487 12.24 21.64 -0.42
C ASP A 487 10.91 22.36 -0.62
N THR A 488 9.81 21.70 -0.25
CA THR A 488 8.44 22.24 -0.43
C THR A 488 8.12 23.40 0.54
N SER A 489 8.95 23.63 1.56
CA SER A 489 8.74 24.71 2.50
C SER A 489 9.09 26.04 1.82
N ARG A 490 10.22 26.09 1.09
CA ARG A 490 10.58 27.30 0.37
C ARG A 490 9.86 27.29 -0.95
N SER A 491 8.82 28.13 -1.11
CA SER A 491 8.10 28.20 -2.38
C SER A 491 9.02 28.74 -3.46
N PRO A 492 9.03 28.12 -4.64
CA PRO A 492 9.96 28.57 -5.69
C PRO A 492 9.66 29.96 -6.22
N SER A 493 8.40 30.38 -6.16
CA SER A 493 8.00 31.68 -6.66
C SER A 493 8.62 32.83 -5.89
N VAL A 494 8.86 32.65 -4.58
CA VAL A 494 9.45 33.73 -3.79
C VAL A 494 10.93 33.96 -4.15
N LEU A 495 11.76 32.90 -4.20
CA LEU A 495 13.18 33.06 -4.54
C LEU A 495 13.38 33.62 -5.95
N ALA A 496 12.48 33.26 -6.88
CA ALA A 496 12.51 33.74 -8.26
C ALA A 496 12.13 35.20 -8.30
N GLN A 497 11.10 35.61 -7.52
CA GLN A 497 10.70 37.01 -7.47
C GLN A 497 11.70 37.88 -6.68
N ARG A 498 12.55 37.26 -5.84
CA ARG A 498 13.62 37.96 -5.11
C ARG A 498 14.62 38.49 -6.13
N LEU A 499 14.97 37.66 -7.12
CA LEU A 499 15.92 38.05 -8.14
C LEU A 499 15.25 38.66 -9.38
N LYS A 500 13.93 38.48 -9.57
CA LYS A 500 13.20 39.15 -10.67
C LYS A 500 13.10 40.67 -10.43
N SER A 501 13.19 41.09 -9.16
CA SER A 501 13.25 42.49 -8.78
C SER A 501 14.63 43.04 -9.21
N ARG A 502 15.69 42.23 -9.03
CA ARG A 502 17.06 42.53 -9.39
C ARG A 502 17.38 42.06 -10.84
N GLU A 503 16.35 41.83 -11.68
CA GLU A 503 16.49 41.37 -13.08
C GLU A 503 17.21 42.43 -13.90
N ASP A 504 16.83 43.69 -13.70
CA ASP A 504 17.43 44.83 -14.38
C ASP A 504 18.92 44.93 -14.00
N LYS A 505 19.19 44.80 -12.71
CA LYS A 505 20.53 44.86 -12.13
C LYS A 505 21.28 43.51 -12.16
N LEU A 506 20.76 42.52 -12.90
CA LEU A 506 21.44 41.23 -13.03
C LEU A 506 22.75 41.43 -13.78
N LEU A 507 23.64 40.44 -13.68
CA LEU A 507 24.98 40.37 -14.25
C LEU A 507 25.94 41.45 -13.68
N ASP A 508 25.45 42.42 -12.90
CA ASP A 508 26.31 43.44 -12.27
C ASP A 508 26.95 42.89 -10.99
N PHE A 509 27.17 41.57 -10.94
CA PHE A 509 27.73 40.90 -9.79
C PHE A 509 29.21 40.65 -10.00
N THR A 510 30.03 41.28 -9.17
CA THR A 510 31.48 41.12 -9.23
C THR A 510 31.87 39.86 -8.43
N ARG A 511 31.46 39.78 -7.16
CA ARG A 511 31.74 38.60 -6.34
C ARG A 511 30.53 37.70 -6.21
N PHE A 512 30.76 36.41 -5.90
CA PHE A 512 29.67 35.45 -5.79
C PHE A 512 28.65 35.85 -4.73
N LEU A 513 29.14 36.32 -3.58
CA LEU A 513 28.31 36.73 -2.46
C LEU A 513 27.18 37.70 -2.84
N ASP A 514 27.40 38.51 -3.90
CA ASP A 514 26.40 39.45 -4.37
C ASP A 514 25.10 38.76 -4.79
N LEU A 515 25.19 37.54 -5.37
CA LEU A 515 23.98 36.81 -5.76
C LEU A 515 23.32 36.15 -4.53
N GLU A 516 24.14 35.60 -3.63
CA GLU A 516 23.60 34.95 -2.42
C GLU A 516 22.92 35.94 -1.50
N THR A 517 23.47 37.15 -1.37
CA THR A 517 22.85 38.17 -0.53
C THR A 517 21.57 38.71 -1.18
N ALA A 518 21.54 38.84 -2.51
CA ALA A 518 20.36 39.31 -3.25
C ALA A 518 19.17 38.34 -3.18
N LEU A 519 19.44 37.04 -2.90
CA LEU A 519 18.40 36.03 -2.76
C LEU A 519 17.63 36.20 -1.43
N GLU A 520 18.29 36.75 -0.37
CA GLU A 520 17.68 36.97 0.94
C GLU A 520 17.02 38.34 1.12
N THR A 521 17.25 39.28 0.20
CA THR A 521 16.68 40.62 0.28
C THR A 521 15.30 40.74 -0.32
N GLY A 522 14.37 41.25 0.49
CA GLY A 522 12.97 41.43 0.13
C GLY A 522 12.09 40.32 0.67
N GLU A 523 10.78 40.54 0.69
CA GLU A 523 9.85 39.52 1.15
C GLU A 523 8.71 39.43 0.16
N PHE A 524 8.45 38.23 -0.32
CA PHE A 524 7.39 38.03 -1.30
C PHE A 524 6.40 36.97 -0.87
N GLU A 525 5.25 37.00 -1.53
CA GLU A 525 4.16 36.07 -1.33
C GLU A 525 4.32 34.92 -2.33
N PRO A 526 4.02 33.68 -1.91
CA PRO A 526 4.15 32.55 -2.85
C PRO A 526 3.10 32.60 -3.97
N ASP A 527 3.48 33.07 -5.18
CA ASP A 527 2.58 33.15 -6.33
C ASP A 527 2.24 31.72 -6.74
N VAL A 528 1.03 31.29 -6.38
CA VAL A 528 0.53 29.93 -6.63
C VAL A 528 0.49 29.63 -8.12
N ALA A 529 0.15 30.62 -8.94
CA ALA A 529 0.09 30.47 -10.39
C ALA A 529 1.45 30.08 -10.95
N TYR A 530 2.52 30.68 -10.40
CA TYR A 530 3.91 30.42 -10.80
C TYR A 530 4.31 28.97 -10.48
N ASP A 531 4.04 28.52 -9.24
CA ASP A 531 4.37 27.18 -8.80
C ASP A 531 3.72 26.12 -9.66
N ALA A 532 2.46 26.34 -10.07
CA ALA A 532 1.73 25.41 -10.91
C ALA A 532 2.37 25.24 -12.29
N SER A 533 2.70 26.35 -12.97
CA SER A 533 3.35 26.28 -14.28
C SER A 533 4.76 25.70 -14.18
N LEU A 534 5.43 25.85 -13.02
CA LEU A 534 6.76 25.31 -12.81
C LEU A 534 6.69 23.79 -12.78
N ALA A 535 5.75 23.23 -12.00
CA ALA A 535 5.57 21.78 -11.89
C ALA A 535 5.28 21.15 -13.25
N ASN A 536 4.52 21.84 -14.09
CA ASN A 536 4.17 21.38 -15.42
C ASN A 536 5.43 21.33 -16.30
N PHE A 537 6.29 22.34 -16.20
CA PHE A 537 7.52 22.40 -16.98
C PHE A 537 8.44 21.26 -16.67
N LEU A 538 8.70 21.03 -15.40
CA LEU A 538 9.60 19.96 -14.98
C LEU A 538 9.10 18.60 -15.40
N ALA A 539 7.77 18.42 -15.41
CA ALA A 539 7.17 17.17 -15.83
C ALA A 539 7.28 17.03 -17.36
N SER A 540 7.01 18.12 -18.10
CA SER A 540 7.10 18.11 -19.57
C SER A 540 8.52 17.85 -20.04
N SER A 541 9.48 18.45 -19.34
CA SER A 541 10.89 18.35 -19.67
C SER A 541 11.66 17.22 -18.97
N ASN A 542 10.96 16.44 -18.10
CA ASN A 542 11.54 15.33 -17.32
C ASN A 542 12.75 15.78 -16.50
N MET A 543 12.53 16.77 -15.65
CA MET A 543 13.57 17.31 -14.80
C MET A 543 13.20 17.11 -13.37
N LYS A 544 14.11 16.54 -12.63
CA LYS A 544 13.92 16.26 -11.23
C LYS A 544 14.04 17.54 -10.42
N ALA A 545 13.40 17.59 -9.27
CA ALA A 545 13.48 18.76 -8.40
C ALA A 545 14.87 18.86 -7.78
N GLY A 546 15.34 20.09 -7.60
CA GLY A 546 16.66 20.34 -7.02
C GLY A 546 17.83 20.01 -7.92
N ASP A 547 17.56 19.76 -9.21
CA ASP A 547 18.61 19.39 -10.14
C ASP A 547 18.98 20.51 -11.09
N ASN A 548 20.29 20.64 -11.35
CA ASN A 548 20.89 21.69 -12.17
C ASN A 548 20.87 21.30 -13.65
N PHE A 549 20.32 22.15 -14.52
CA PHE A 549 20.24 21.88 -15.94
C PHE A 549 20.61 23.10 -16.77
N VAL A 550 21.19 22.87 -17.95
CA VAL A 550 21.60 23.89 -18.91
C VAL A 550 21.02 23.54 -20.29
N ILE A 551 20.09 24.37 -20.81
CA ILE A 551 19.41 24.11 -22.09
C ILE A 551 19.54 25.25 -23.08
N LEU A 552 20.42 25.11 -24.08
CA LEU A 552 20.55 26.13 -25.10
C LEU A 552 19.88 25.68 -26.37
N ASN A 553 18.97 26.50 -26.91
CA ASN A 553 18.24 26.20 -28.14
C ASN A 553 17.48 24.88 -28.08
N GLY A 554 17.00 24.51 -26.89
CA GLY A 554 16.26 23.28 -26.71
C GLY A 554 17.09 22.07 -26.29
N ARG A 555 18.41 22.10 -26.59
CA ARG A 555 19.26 20.97 -26.22
C ARG A 555 19.42 20.85 -24.73
N VAL A 556 18.70 19.91 -24.18
CA VAL A 556 18.68 19.62 -22.77
C VAL A 556 20.03 19.05 -22.37
N LEU A 557 20.69 19.68 -21.40
CA LEU A 557 21.95 19.16 -20.91
C LEU A 557 21.96 19.14 -19.40
N GLY A 558 22.14 17.95 -18.86
CA GLY A 558 22.16 17.78 -17.42
C GLY A 558 21.58 16.45 -16.96
N PRO A 559 21.44 16.24 -15.64
CA PRO A 559 21.74 17.16 -14.52
C PRO A 559 23.23 17.42 -14.20
N ILE A 560 23.54 18.52 -13.48
CA ILE A 560 24.89 18.94 -13.07
C ILE A 560 25.20 18.40 -11.65
N THR A 561 26.19 17.45 -11.55
CA THR A 561 26.61 16.78 -10.30
C THR A 561 27.14 17.77 -9.25
N SER A 562 28.06 18.61 -9.67
CA SER A 562 28.70 19.67 -8.90
C SER A 562 29.01 20.79 -9.90
N ALA A 563 28.87 22.06 -9.48
CA ALA A 563 29.08 23.22 -10.35
C ALA A 563 30.53 23.42 -10.87
N ASP A 564 31.48 22.52 -10.50
CA ASP A 564 32.88 22.51 -10.97
C ASP A 564 32.94 21.96 -12.42
N ASP A 565 31.99 21.08 -12.79
CA ASP A 565 31.84 20.49 -14.11
C ASP A 565 31.44 21.58 -15.10
N PHE A 566 30.54 22.50 -14.70
CA PHE A 566 30.08 23.55 -15.60
C PHE A 566 30.41 24.97 -15.12
N LYS A 567 31.46 25.56 -15.68
CA LYS A 567 31.89 26.91 -15.39
C LYS A 567 31.63 27.84 -16.60
N LYS A 568 31.95 29.14 -16.47
CA LYS A 568 31.77 30.18 -17.50
C LYS A 568 32.33 29.76 -18.86
N GLU A 569 33.54 29.20 -18.85
CA GLU A 569 34.26 28.76 -20.04
C GLU A 569 33.59 27.53 -20.70
N ASP A 570 32.95 26.69 -19.90
CA ASP A 570 32.25 25.51 -20.41
C ASP A 570 30.96 25.88 -21.13
N PHE A 571 30.34 27.02 -20.76
CA PHE A 571 29.13 27.52 -21.39
C PHE A 571 29.46 28.01 -22.80
N GLU A 572 30.59 28.72 -22.95
CA GLU A 572 31.07 29.25 -24.24
C GLU A 572 31.20 28.13 -25.26
N VAL A 573 31.75 27.00 -24.84
CA VAL A 573 31.95 25.85 -25.69
C VAL A 573 30.61 25.20 -26.05
N PHE A 574 29.68 25.08 -25.08
CA PHE A 574 28.36 24.51 -25.34
C PHE A 574 27.62 25.33 -26.41
N LEU A 575 27.79 26.65 -26.41
CA LEU A 575 27.19 27.49 -27.44
C LEU A 575 27.87 27.20 -28.77
N GLN A 576 29.20 27.14 -28.78
CA GLN A 576 29.98 26.89 -29.97
C GLN A 576 29.63 25.60 -30.69
N ALA A 577 29.55 24.48 -29.96
CA ALA A 577 29.23 23.18 -30.55
C ALA A 577 27.79 23.10 -31.04
N GLU A 578 26.83 23.61 -30.24
CA GLU A 578 25.42 23.63 -30.61
C GLU A 578 25.22 24.50 -31.85
N ARG A 579 25.95 25.63 -31.94
CA ARG A 579 25.92 26.57 -33.05
C ARG A 579 26.32 25.88 -34.36
N ARG A 580 27.44 25.13 -34.33
CA ARG A 580 27.99 24.41 -35.48
C ARG A 580 27.04 23.36 -36.05
N THR A 581 26.26 22.73 -35.19
CA THR A 581 25.39 21.64 -35.59
C THR A 581 23.94 22.04 -35.91
N ARG A 582 23.25 22.74 -35.01
CA ARG A 582 21.84 23.02 -35.19
C ARG A 582 21.47 24.43 -35.46
N ILE A 583 22.37 25.37 -35.29
CA ILE A 583 22.05 26.77 -35.49
C ILE A 583 22.43 27.19 -36.90
N LEU A 584 23.70 27.02 -37.27
CA LEU A 584 24.18 27.48 -38.57
C LEU A 584 23.56 26.76 -39.76
N PRO A 585 23.50 25.42 -39.82
CA PRO A 585 22.86 24.77 -40.97
C PRO A 585 21.41 25.23 -41.17
N VAL A 586 20.72 25.62 -40.07
CA VAL A 586 19.36 26.12 -40.15
C VAL A 586 19.40 27.45 -40.83
N TYR A 587 20.25 28.38 -40.36
CA TYR A 587 20.34 29.72 -40.91
C TYR A 587 20.63 29.72 -42.37
N LYS A 588 21.53 28.84 -42.80
CA LYS A 588 21.87 28.79 -44.21
C LYS A 588 20.81 28.06 -45.03
N ALA A 589 20.29 26.89 -44.59
CA ALA A 589 19.21 26.21 -45.34
C ALA A 589 18.00 27.13 -45.48
N LEU A 590 17.70 27.87 -44.40
CA LEU A 590 16.65 28.88 -44.26
C LEU A 590 16.87 30.01 -45.28
N GLU A 591 18.07 30.69 -45.30
CA GLU A 591 18.45 31.75 -46.22
C GLU A 591 18.44 31.29 -47.70
N ASP A 592 18.71 30.00 -47.95
CA ASP A 592 18.66 29.46 -49.32
C ASP A 592 17.21 29.39 -49.83
N LEU A 593 16.27 29.07 -48.95
CA LEU A 593 14.85 29.02 -49.29
C LEU A 593 14.12 30.35 -49.17
N GLY A 594 14.84 31.42 -48.86
CA GLY A 594 14.31 32.77 -48.73
C GLY A 594 13.40 32.94 -47.54
N LEU A 595 13.63 32.18 -46.48
CA LEU A 595 12.79 32.24 -45.28
C LEU A 595 13.52 32.82 -44.07
N ASP A 596 14.67 33.49 -44.28
CA ASP A 596 15.44 34.11 -43.20
C ASP A 596 14.70 35.30 -42.52
N ASP A 597 13.46 35.58 -42.92
CA ASP A 597 12.58 36.62 -42.38
C ASP A 597 11.80 36.10 -41.17
N LYS A 598 11.56 34.78 -41.11
CA LYS A 598 10.84 34.15 -40.03
C LYS A 598 11.67 34.10 -38.73
N VAL A 599 13.03 34.18 -38.83
CA VAL A 599 13.91 34.18 -37.66
C VAL A 599 14.28 35.60 -37.23
N SER A 600 13.49 36.19 -36.31
CA SER A 600 13.70 37.56 -35.83
C SER A 600 13.62 37.65 -34.28
N GLY A 601 14.65 37.16 -33.62
CA GLY A 601 14.78 37.14 -32.16
C GLY A 601 15.50 35.90 -31.71
N PRO A 602 16.20 35.98 -30.55
CA PRO A 602 16.94 34.79 -30.08
C PRO A 602 16.03 33.60 -29.86
N LEU A 603 14.84 33.86 -29.29
CA LEU A 603 13.86 32.84 -29.00
C LEU A 603 13.17 32.34 -30.25
N SER A 604 12.81 33.25 -31.18
CA SER A 604 12.16 32.85 -32.42
C SER A 604 13.06 31.95 -33.29
N ALA A 605 14.37 32.13 -33.18
CA ALA A 605 15.31 31.31 -33.91
C ALA A 605 15.41 29.90 -33.31
N ALA A 606 15.49 29.81 -31.97
CA ALA A 606 15.62 28.56 -31.23
C ALA A 606 14.51 27.56 -31.49
N LYS A 607 13.29 28.04 -31.76
CA LYS A 607 12.14 27.20 -32.05
C LYS A 607 12.36 26.37 -33.30
N LEU A 608 12.91 26.98 -34.35
CA LEU A 608 13.22 26.26 -35.57
C LEU A 608 14.34 25.22 -35.33
N THR A 609 15.55 25.66 -34.87
CA THR A 609 16.71 24.78 -34.60
C THR A 609 16.39 23.58 -33.71
N SER A 610 15.49 23.80 -32.77
CA SER A 610 15.06 22.77 -31.85
C SER A 610 14.17 21.74 -32.55
N VAL A 611 13.18 22.17 -33.37
CA VAL A 611 12.27 21.24 -34.05
C VAL A 611 12.99 20.34 -35.07
N THR A 612 13.92 20.94 -35.80
CA THR A 612 14.66 20.25 -36.85
C THR A 612 15.53 19.14 -36.29
N ALA A 613 16.13 19.38 -35.12
CA ALA A 613 16.98 18.39 -34.46
C ALA A 613 16.12 17.18 -34.03
N LEU A 614 14.88 17.45 -33.56
CA LEU A 614 13.90 16.43 -33.15
C LEU A 614 13.34 15.63 -34.32
N SER A 615 13.44 16.15 -35.54
CA SER A 615 13.04 15.43 -36.73
C SER A 615 14.08 14.30 -37.06
N THR A 616 15.30 14.28 -36.40
CA THR A 616 16.36 13.27 -36.55
C THR A 616 16.09 12.00 -35.68
N ILE A 617 15.04 12.01 -34.81
CA ILE A 617 14.61 10.86 -33.99
C ILE A 617 13.50 10.13 -34.76
N SER A 618 13.70 8.87 -35.13
CA SER A 618 12.68 8.12 -35.88
C SER A 618 11.73 7.32 -34.91
N ASP A 619 11.39 6.03 -35.19
CA ASP A 619 10.51 5.18 -34.37
C ASP A 619 11.02 5.03 -32.87
N LEU A 620 10.94 3.81 -32.25
CA LEU A 620 11.44 3.49 -30.89
C LEU A 620 11.93 2.00 -30.73
N PRO A 621 11.58 1.00 -31.62
CA PRO A 621 10.82 1.04 -32.88
C PRO A 621 9.41 0.39 -32.91
N GLN A 622 9.05 -0.40 -31.87
CA GLN A 622 7.77 -1.13 -31.69
C GLN A 622 7.12 -1.58 -33.00
N GLY A 623 7.17 -2.87 -33.28
CA GLY A 623 6.61 -3.42 -34.51
C GLY A 623 7.60 -3.42 -35.66
N ILE A 624 8.47 -2.40 -35.69
CA ILE A 624 9.50 -2.20 -36.71
C ILE A 624 10.90 -2.60 -36.12
N PHE A 625 11.89 -2.84 -36.99
CA PHE A 625 13.25 -3.12 -36.53
C PHE A 625 14.19 -1.93 -36.81
N ASP A 626 13.77 -0.99 -37.71
CA ASP A 626 14.43 0.27 -38.08
C ASP A 626 14.46 1.09 -36.77
N ASN A 627 15.56 0.98 -35.97
CA ASN A 627 15.73 1.63 -34.65
C ASN A 627 15.69 3.20 -34.70
N ALA A 628 16.71 3.94 -35.26
CA ALA A 628 16.68 5.43 -35.28
C ALA A 628 17.50 6.20 -36.43
N PRO A 629 17.50 5.81 -37.74
CA PRO A 629 18.28 6.57 -38.72
C PRO A 629 17.44 7.62 -39.48
N THR A 630 17.11 7.36 -40.77
CA THR A 630 16.32 8.18 -41.67
C THR A 630 16.88 9.63 -41.69
N VAL A 631 17.72 9.92 -42.70
CA VAL A 631 18.37 11.21 -42.99
C VAL A 631 17.55 11.88 -44.06
N ARG A 632 17.11 13.11 -43.83
CA ARG A 632 16.27 13.82 -44.77
C ARG A 632 17.01 14.16 -46.08
N THR A 633 16.62 13.52 -47.21
CA THR A 633 17.23 13.81 -48.53
C THR A 633 16.47 14.94 -49.27
N THR A 634 17.09 15.53 -50.30
CA THR A 634 16.44 16.61 -51.06
C THR A 634 16.67 16.51 -52.56
N LEU A 635 17.40 15.49 -53.04
CA LEU A 635 17.76 15.41 -54.45
C LEU A 635 16.64 15.03 -55.40
N PHE A 636 15.47 14.68 -54.89
CA PHE A 636 14.33 14.40 -55.75
C PHE A 636 13.91 15.65 -56.58
N LYS A 637 14.28 16.87 -56.10
CA LYS A 637 13.98 18.19 -56.68
C LYS A 637 14.76 18.55 -57.97
N GLN A 638 15.87 17.87 -58.25
CA GLN A 638 16.66 18.16 -59.46
C GLN A 638 15.96 17.65 -60.72
N TRP A 639 15.22 16.53 -60.57
CA TRP A 639 14.47 15.85 -61.60
C TRP A 639 13.43 16.76 -62.22
N ASN A 640 13.36 16.84 -63.58
CA ASN A 640 12.34 17.63 -64.26
C ASN A 640 11.03 16.86 -64.26
N SER A 641 9.88 17.51 -63.95
CA SER A 641 8.59 16.80 -63.85
C SER A 641 7.67 16.98 -65.06
N THR A 642 8.25 17.15 -66.24
CA THR A 642 7.52 17.33 -67.49
C THR A 642 6.75 16.06 -67.93
N TYR A 643 7.46 14.96 -68.18
CA TYR A 643 6.83 13.73 -68.66
C TYR A 643 6.68 12.64 -67.62
N THR A 644 7.80 12.13 -67.06
CA THR A 644 7.79 11.03 -66.11
C THR A 644 7.06 11.33 -64.80
N SER A 645 6.78 12.60 -64.50
CA SER A 645 6.09 12.94 -63.24
C SER A 645 4.73 13.56 -63.40
N PHE A 646 3.90 13.35 -62.39
CA PHE A 646 2.58 13.92 -62.29
C PHE A 646 2.29 14.11 -60.82
N GLU A 647 1.52 15.15 -60.48
CA GLU A 647 1.19 15.41 -59.09
C GLU A 647 -0.30 15.39 -58.81
N VAL A 648 -0.65 14.99 -57.58
CA VAL A 648 -2.01 14.92 -57.11
C VAL A 648 -2.02 15.38 -55.64
N GLY A 649 -2.84 16.40 -55.37
CA GLY A 649 -2.96 17.04 -54.07
C GLY A 649 -2.45 18.47 -54.11
N ASP A 650 -2.95 19.35 -53.25
CA ASP A 650 -2.49 20.75 -53.22
C ASP A 650 -1.16 20.90 -52.46
N ALA A 651 -0.12 21.42 -53.12
CA ALA A 651 1.22 21.60 -52.54
C ALA A 651 1.31 22.65 -51.42
N SER A 652 0.26 23.45 -51.23
CA SER A 652 0.24 24.45 -50.19
C SER A 652 -0.42 23.95 -48.91
N THR A 653 -1.62 23.33 -49.01
CA THR A 653 -2.29 22.79 -47.82
C THR A 653 -1.77 21.44 -47.37
N ALA A 654 -0.99 20.78 -48.21
CA ALA A 654 -0.49 19.48 -47.86
C ALA A 654 0.50 19.57 -46.75
N THR A 655 0.25 18.76 -45.76
CA THR A 655 1.10 18.55 -44.61
C THR A 655 2.04 17.34 -44.95
N ILE A 656 1.52 16.36 -45.71
CA ILE A 656 2.25 15.16 -46.08
C ILE A 656 2.68 15.22 -47.55
N PHE A 657 3.98 14.98 -47.83
CA PHE A 657 4.58 14.96 -49.18
C PHE A 657 5.14 13.57 -49.55
N PHE A 658 4.40 12.81 -50.35
CA PHE A 658 4.84 11.49 -50.77
C PHE A 658 5.42 11.61 -52.14
N VAL A 659 6.69 11.29 -52.22
CA VAL A 659 7.40 11.35 -53.47
C VAL A 659 7.74 9.91 -53.82
N ALA A 660 7.00 9.37 -54.80
CA ALA A 660 7.16 7.99 -55.21
C ALA A 660 7.92 7.91 -56.52
N VAL A 661 8.87 6.97 -56.61
CA VAL A 661 9.61 6.74 -57.82
C VAL A 661 9.41 5.27 -58.13
N ILE A 662 8.40 4.95 -58.95
CA ILE A 662 8.01 3.58 -59.27
C ILE A 662 8.27 3.26 -60.72
N ASN A 663 8.67 2.03 -60.97
CA ASN A 663 8.87 1.54 -62.33
C ASN A 663 7.60 0.72 -62.68
N PRO A 664 6.87 1.08 -63.77
CA PRO A 664 5.63 0.35 -64.11
C PRO A 664 5.79 -1.14 -64.43
N ALA A 665 6.96 -1.54 -64.92
CA ALA A 665 7.24 -2.95 -65.24
C ALA A 665 7.63 -3.80 -64.01
N SER A 666 7.70 -3.20 -62.83
CA SER A 666 8.08 -3.91 -61.61
C SER A 666 6.87 -4.50 -60.91
N GLU A 667 7.09 -5.60 -60.21
CA GLU A 667 6.05 -6.24 -59.40
C GLU A 667 5.83 -5.45 -58.06
N ILE A 668 6.91 -4.79 -57.57
CA ILE A 668 6.91 -3.96 -56.36
C ILE A 668 6.04 -2.73 -56.59
N GLY A 669 6.11 -2.15 -57.78
CA GLY A 669 5.31 -1.00 -58.16
C GLY A 669 3.84 -1.25 -57.99
N GLN A 670 3.40 -2.51 -58.24
CA GLN A 670 2.00 -2.90 -58.08
C GLN A 670 1.46 -2.63 -56.70
N ARG A 671 2.21 -3.01 -55.65
CA ARG A 671 1.77 -2.79 -54.28
C ARG A 671 1.76 -1.31 -53.92
N TRP A 672 2.88 -0.64 -54.20
CA TRP A 672 3.08 0.78 -53.88
C TRP A 672 1.97 1.63 -54.43
N VAL A 673 1.64 1.43 -55.70
CA VAL A 673 0.57 2.16 -56.38
C VAL A 673 -0.78 1.92 -55.70
N ALA A 674 -1.10 0.66 -55.44
CA ALA A 674 -2.37 0.32 -54.81
C ALA A 674 -2.57 1.01 -53.46
N VAL A 675 -1.51 1.05 -52.64
CA VAL A 675 -1.57 1.70 -51.34
C VAL A 675 -1.66 3.22 -51.51
N LEU A 676 -0.84 3.78 -52.41
CA LEU A 676 -0.74 5.22 -52.68
C LEU A 676 -2.03 5.90 -53.04
N LYS A 677 -2.91 5.22 -53.78
CA LYS A 677 -4.20 5.82 -54.15
C LYS A 677 -5.02 6.11 -52.91
N VAL A 678 -5.05 5.15 -52.02
CA VAL A 678 -5.76 5.25 -50.77
C VAL A 678 -5.16 6.30 -49.87
N LEU A 679 -3.85 6.41 -49.89
CA LEU A 679 -3.15 7.37 -49.06
C LEU A 679 -3.40 8.80 -49.52
N SER A 680 -3.56 9.01 -50.85
CA SER A 680 -3.84 10.34 -51.40
C SER A 680 -5.21 10.90 -51.00
N GLU A 681 -6.15 10.00 -50.69
CA GLU A 681 -7.51 10.36 -50.30
C GLU A 681 -7.61 10.97 -48.89
N LEU A 682 -6.49 11.41 -48.32
CA LEU A 682 -6.47 12.07 -47.03
C LEU A 682 -6.20 13.51 -47.30
N GLU A 683 -7.13 14.32 -46.86
CA GLU A 683 -7.20 15.76 -47.04
C GLU A 683 -5.98 16.40 -46.40
N GLY A 684 -4.99 16.69 -47.23
CA GLY A 684 -3.73 17.23 -46.77
C GLY A 684 -2.56 16.35 -47.12
N VAL A 685 -2.70 15.53 -48.17
CA VAL A 685 -1.64 14.66 -48.62
C VAL A 685 -1.38 14.88 -50.09
N HIS A 686 -0.18 15.32 -50.40
CA HIS A 686 0.34 15.58 -51.74
C HIS A 686 1.11 14.36 -52.19
N LEU A 687 1.08 14.12 -53.46
CA LEU A 687 1.73 12.97 -54.05
C LEU A 687 2.24 13.26 -55.44
N ARG A 688 3.56 13.19 -55.63
CA ARG A 688 4.17 13.37 -56.94
C ARG A 688 4.71 11.99 -57.34
N VAL A 689 4.13 11.39 -58.37
CA VAL A 689 4.55 10.06 -58.79
C VAL A 689 5.45 10.11 -60.01
N PHE A 690 6.68 9.64 -59.84
CA PHE A 690 7.66 9.57 -60.90
C PHE A 690 7.66 8.14 -61.44
N LEU A 691 7.59 8.00 -62.78
CA LEU A 691 7.64 6.71 -63.48
C LEU A 691 8.93 6.61 -64.25
N ASN A 692 9.81 5.70 -63.81
CA ASN A 692 11.10 5.55 -64.44
C ASN A 692 11.37 4.10 -64.80
N PRO A 693 11.04 3.75 -66.04
CA PRO A 693 11.23 2.37 -66.48
C PRO A 693 12.64 2.05 -66.93
N THR A 694 12.91 0.77 -67.13
CA THR A 694 14.19 0.33 -67.63
C THR A 694 14.03 -0.23 -69.03
N VAL A 695 15.10 -0.15 -69.77
CA VAL A 695 15.15 -0.71 -71.11
C VAL A 695 15.49 -2.22 -71.08
N MET A 696 16.15 -2.70 -70.00
CA MET A 696 16.60 -4.09 -69.85
C MET A 696 15.53 -5.02 -69.26
N ILE A 697 14.80 -5.74 -70.10
CA ILE A 697 13.79 -6.70 -69.62
C ILE A 697 13.95 -7.99 -70.40
N GLU A 698 14.84 -8.87 -69.94
CA GLU A 698 15.09 -10.14 -70.64
C GLU A 698 13.95 -11.13 -70.52
N GLU A 699 13.30 -11.18 -69.36
CA GLU A 699 12.16 -12.07 -69.16
C GLU A 699 10.86 -11.21 -69.11
N LEU A 700 9.69 -11.82 -68.91
CA LEU A 700 8.42 -11.09 -68.80
C LEU A 700 8.51 -10.28 -67.51
N PRO A 701 8.28 -8.96 -67.59
CA PRO A 701 8.49 -8.11 -66.40
C PRO A 701 7.67 -8.44 -65.15
N VAL A 702 6.34 -8.60 -65.27
CA VAL A 702 5.49 -8.89 -64.13
C VAL A 702 4.90 -10.28 -64.34
N LYS A 703 4.96 -11.15 -63.34
CA LYS A 703 4.47 -12.52 -63.48
C LYS A 703 3.20 -12.77 -62.68
N ARG A 704 2.42 -11.71 -62.39
CA ARG A 704 1.23 -11.88 -61.57
C ARG A 704 0.13 -10.81 -61.82
N PHE A 705 -1.01 -10.97 -61.13
CA PHE A 705 -2.17 -10.09 -61.01
C PHE A 705 -2.10 -9.58 -59.54
N TYR A 706 -2.48 -8.32 -59.26
CA TYR A 706 -2.39 -7.82 -57.88
C TYR A 706 -3.52 -6.88 -57.48
N ARG A 707 -4.04 -7.01 -56.24
CA ARG A 707 -5.11 -6.12 -55.74
C ARG A 707 -4.85 -5.83 -54.26
N TYR A 708 -5.06 -4.57 -53.84
CA TYR A 708 -4.88 -4.22 -52.43
C TYR A 708 -6.21 -3.94 -51.78
N VAL A 709 -6.41 -4.59 -50.63
CA VAL A 709 -7.61 -4.49 -49.83
C VAL A 709 -7.39 -3.42 -48.79
N LEU A 710 -7.93 -2.27 -49.07
CA LEU A 710 -7.81 -1.12 -48.21
C LEU A 710 -8.80 -0.05 -48.71
N SER A 711 -9.40 0.71 -47.78
CA SER A 711 -10.33 1.80 -48.11
C SER A 711 -10.00 3.02 -47.21
N SER A 712 -10.03 4.24 -47.78
CA SER A 712 -9.71 5.47 -47.01
C SER A 712 -10.84 5.96 -46.12
N SER A 713 -12.08 5.60 -46.47
CA SER A 713 -13.32 5.94 -45.80
C SER A 713 -13.99 4.64 -45.34
N PRO A 714 -14.52 4.60 -44.11
CA PRO A 714 -15.11 3.34 -43.62
C PRO A 714 -16.27 2.86 -44.43
N SER A 715 -16.29 1.57 -44.62
CA SER A 715 -17.29 0.90 -45.41
C SER A 715 -18.50 0.60 -44.57
N PHE A 716 -19.69 0.83 -45.09
CA PHE A 716 -20.92 0.56 -44.37
C PHE A 716 -21.96 -0.19 -45.15
N ASP A 717 -22.53 -1.17 -44.47
CA ASP A 717 -23.59 -2.07 -44.89
C ASP A 717 -24.83 -1.29 -45.24
N GLU A 718 -25.84 -1.95 -45.87
CA GLU A 718 -27.12 -1.26 -46.02
C GLU A 718 -27.74 -1.05 -44.63
N SER A 719 -27.58 -2.02 -43.71
CA SER A 719 -28.07 -1.89 -42.35
C SER A 719 -27.17 -1.02 -41.44
N GLY A 720 -26.13 -0.42 -42.00
CA GLY A 720 -25.25 0.46 -41.26
C GLY A 720 -24.01 -0.21 -40.73
N LYS A 721 -24.01 -1.54 -40.54
CA LYS A 721 -22.83 -2.23 -40.00
C LYS A 721 -21.61 -2.04 -40.88
N VAL A 722 -20.43 -2.40 -40.40
CA VAL A 722 -19.22 -2.25 -41.18
C VAL A 722 -19.25 -3.24 -42.34
N LYS A 723 -18.94 -2.76 -43.54
CA LYS A 723 -18.88 -3.60 -44.72
C LYS A 723 -17.46 -4.14 -44.84
N ALA A 724 -17.35 -5.43 -45.17
CA ALA A 724 -16.08 -6.11 -45.33
C ALA A 724 -15.39 -5.67 -46.61
N LEU A 725 -14.06 -5.67 -46.59
CA LEU A 725 -13.28 -5.28 -47.75
C LEU A 725 -12.75 -6.52 -48.45
N SER A 726 -13.00 -6.61 -49.75
CA SER A 726 -12.68 -7.77 -50.57
C SER A 726 -11.82 -7.46 -51.81
N ALA A 727 -11.07 -8.45 -52.29
CA ALA A 727 -10.25 -8.26 -53.49
C ALA A 727 -10.90 -9.01 -54.63
N ARG A 728 -11.54 -8.29 -55.56
CA ARG A 728 -12.16 -8.90 -56.73
C ARG A 728 -11.42 -8.49 -58.02
N PHE A 729 -10.94 -9.49 -58.80
CA PHE A 729 -10.23 -9.28 -60.07
C PHE A 729 -11.21 -9.51 -61.19
N THR A 730 -11.46 -8.49 -62.01
CA THR A 730 -12.45 -8.60 -63.08
C THR A 730 -11.80 -8.79 -64.46
N GLY A 731 -12.59 -9.36 -65.39
CA GLY A 731 -12.19 -9.60 -66.77
C GLY A 731 -10.98 -10.50 -66.83
N VAL A 732 -11.08 -11.64 -66.13
CA VAL A 732 -10.00 -12.59 -65.98
C VAL A 732 -10.02 -13.65 -67.08
N PRO A 733 -8.86 -13.93 -67.68
CA PRO A 733 -8.79 -14.95 -68.72
C PRO A 733 -9.16 -16.35 -68.23
N ARG A 734 -9.88 -17.08 -69.06
CA ARG A 734 -10.37 -18.41 -68.71
C ARG A 734 -9.35 -19.53 -68.98
N GLU A 735 -8.34 -19.27 -69.86
CA GLU A 735 -7.37 -20.30 -70.23
C GLU A 735 -6.08 -20.30 -69.43
N THR A 736 -5.73 -19.19 -68.78
CA THR A 736 -4.51 -19.08 -68.00
C THR A 736 -4.48 -19.76 -66.61
N LEU A 737 -3.33 -20.43 -66.28
CA LEU A 737 -3.12 -21.11 -65.00
C LEU A 737 -2.71 -20.16 -63.90
N LEU A 738 -3.47 -20.10 -62.82
CA LEU A 738 -3.20 -19.19 -61.73
C LEU A 738 -2.94 -19.88 -60.40
N VAL A 739 -2.26 -19.15 -59.47
CA VAL A 739 -1.90 -19.52 -58.09
C VAL A 739 -2.27 -18.34 -57.16
N VAL A 740 -2.90 -18.60 -56.00
CA VAL A 740 -3.25 -17.53 -55.07
C VAL A 740 -2.19 -17.38 -53.98
N GLY A 741 -1.74 -16.16 -53.80
CA GLY A 741 -0.76 -15.78 -52.80
C GLY A 741 -1.23 -14.57 -52.00
N MET A 742 -0.72 -14.44 -50.78
CA MET A 742 -1.09 -13.35 -49.88
C MET A 742 0.07 -12.40 -49.57
N ASP A 743 -0.19 -11.10 -49.65
CA ASP A 743 0.79 -10.05 -49.39
C ASP A 743 0.39 -9.37 -48.11
N VAL A 744 0.63 -10.08 -47.06
CA VAL A 744 0.21 -9.76 -45.72
C VAL A 744 1.32 -9.15 -44.85
N PRO A 745 0.94 -8.20 -43.96
CA PRO A 745 1.93 -7.57 -43.06
C PRO A 745 2.82 -8.55 -42.25
N PRO A 746 4.05 -8.13 -41.88
CA PRO A 746 5.01 -9.04 -41.22
C PRO A 746 4.56 -9.86 -40.02
N ALA A 747 3.72 -9.30 -39.15
CA ALA A 747 3.31 -10.03 -37.95
C ALA A 747 2.18 -11.03 -38.15
N TRP A 748 1.65 -11.19 -39.36
CA TRP A 748 0.50 -12.06 -39.57
C TRP A 748 0.81 -13.51 -39.98
N LEU A 749 -0.03 -14.44 -39.54
CA LEU A 749 0.04 -15.85 -39.94
C LEU A 749 -1.31 -16.12 -40.57
N VAL A 750 -1.32 -16.43 -41.87
CA VAL A 750 -2.57 -16.61 -42.60
C VAL A 750 -2.63 -17.94 -43.36
N THR A 751 -3.78 -18.67 -43.22
CA THR A 751 -4.08 -19.92 -43.93
C THR A 751 -5.49 -19.87 -44.53
N SER A 752 -5.73 -20.69 -45.55
CA SER A 752 -7.01 -20.74 -46.23
C SER A 752 -8.07 -21.44 -45.38
N LYS A 753 -9.23 -20.82 -45.28
CA LYS A 753 -10.36 -21.27 -44.51
C LYS A 753 -11.36 -22.07 -45.38
N VAL A 754 -12.12 -21.42 -46.28
CA VAL A 754 -13.08 -22.12 -47.14
C VAL A 754 -12.89 -21.73 -48.58
N ALA A 755 -12.58 -22.73 -49.38
CA ALA A 755 -12.39 -22.57 -50.80
C ALA A 755 -12.80 -23.87 -51.47
N VAL A 756 -13.38 -23.72 -52.65
CA VAL A 756 -13.83 -24.80 -53.52
C VAL A 756 -12.71 -25.14 -54.52
N ASP A 757 -12.18 -24.10 -55.13
CA ASP A 757 -11.17 -24.20 -56.14
C ASP A 757 -9.82 -24.26 -55.48
N ASP A 758 -9.02 -25.21 -55.94
CA ASP A 758 -7.66 -25.47 -55.47
C ASP A 758 -6.86 -24.19 -55.61
N LEU A 759 -6.53 -23.56 -54.50
CA LEU A 759 -5.76 -22.31 -54.45
C LEU A 759 -4.44 -22.35 -55.24
N ASP A 760 -3.88 -23.55 -55.51
CA ASP A 760 -2.61 -23.73 -56.22
C ASP A 760 -2.72 -24.04 -57.71
N ASN A 761 -3.83 -24.61 -58.15
CA ASN A 761 -4.00 -24.99 -59.55
C ASN A 761 -5.33 -24.41 -60.10
N LEU A 762 -5.29 -23.22 -60.75
CA LEU A 762 -6.54 -22.58 -61.18
C LEU A 762 -6.68 -22.16 -62.64
N ARG A 763 -7.91 -22.17 -63.15
CA ARG A 763 -8.28 -21.77 -64.51
C ARG A 763 -9.78 -21.58 -64.50
N ILE A 764 -10.27 -20.43 -64.94
CA ILE A 764 -11.70 -20.14 -64.89
C ILE A 764 -12.53 -21.09 -65.75
N LYS A 765 -12.09 -21.37 -66.99
CA LYS A 765 -12.86 -22.23 -67.87
C LYS A 765 -13.11 -23.62 -67.29
N ASP A 766 -12.24 -24.11 -66.40
CA ASP A 766 -12.40 -25.42 -65.76
C ASP A 766 -13.47 -25.42 -64.70
N ILE A 767 -13.55 -24.33 -63.93
CA ILE A 767 -14.61 -24.27 -62.92
C ILE A 767 -15.93 -23.79 -63.57
N LYS A 768 -15.88 -23.17 -64.76
CA LYS A 768 -17.09 -22.94 -65.55
C LYS A 768 -17.65 -24.34 -65.95
N ALA A 769 -16.77 -25.30 -66.29
CA ALA A 769 -17.14 -26.67 -66.66
C ALA A 769 -17.38 -27.63 -65.46
N LYS A 770 -17.33 -27.10 -64.23
CA LYS A 770 -17.54 -27.89 -63.02
C LYS A 770 -18.72 -27.32 -62.22
N ARG A 771 -18.73 -26.02 -62.00
CA ARG A 771 -19.78 -25.35 -61.25
C ARG A 771 -20.83 -24.69 -62.15
N GLY A 772 -20.43 -24.30 -63.33
CA GLY A 772 -21.32 -23.59 -64.26
C GLY A 772 -21.17 -22.08 -64.20
N THR A 773 -20.39 -21.57 -63.23
CA THR A 773 -20.20 -20.13 -63.08
C THR A 773 -18.74 -19.75 -63.19
N GLU A 774 -18.47 -18.54 -63.64
CA GLU A 774 -17.11 -18.05 -63.74
C GLU A 774 -16.79 -17.16 -62.54
N HIS A 775 -17.30 -17.52 -61.37
CA HIS A 775 -17.11 -16.76 -60.13
C HIS A 775 -16.34 -17.51 -59.09
N VAL A 776 -15.07 -17.17 -58.93
CA VAL A 776 -14.22 -17.79 -57.93
C VAL A 776 -14.39 -17.06 -56.61
N GLU A 777 -14.65 -17.78 -55.51
CA GLU A 777 -14.78 -17.15 -54.20
C GLU A 777 -14.09 -17.99 -53.12
N ALA A 778 -13.12 -17.37 -52.42
CA ALA A 778 -12.34 -18.02 -51.37
C ALA A 778 -12.17 -17.16 -50.13
N ILE A 779 -11.96 -17.82 -48.97
CA ILE A 779 -11.81 -17.14 -47.69
C ILE A 779 -10.56 -17.57 -46.97
N TYR A 780 -9.88 -16.62 -46.34
CA TYR A 780 -8.71 -16.93 -45.53
C TYR A 780 -8.99 -16.55 -44.07
N GLU A 781 -8.09 -16.96 -43.18
CA GLU A 781 -8.18 -16.59 -41.79
C GLU A 781 -6.85 -16.09 -41.26
N LEU A 782 -6.88 -14.96 -40.54
CA LEU A 782 -5.72 -14.41 -39.89
C LEU A 782 -5.72 -15.19 -38.61
N GLU A 783 -5.13 -16.39 -38.66
CA GLU A 783 -5.21 -17.30 -37.53
C GLU A 783 -4.35 -16.86 -36.37
N HIS A 784 -3.12 -16.42 -36.63
CA HIS A 784 -2.24 -16.00 -35.55
C HIS A 784 -1.58 -14.66 -35.85
N ILE A 785 -1.17 -13.98 -34.78
CA ILE A 785 -0.42 -12.74 -34.78
C ILE A 785 0.86 -13.03 -33.98
N LEU A 786 1.99 -12.68 -34.55
CA LEU A 786 3.27 -13.01 -33.97
C LEU A 786 3.71 -12.18 -32.83
N ILE A 787 4.36 -12.87 -31.94
CA ILE A 787 5.10 -12.25 -30.88
C ILE A 787 6.49 -12.73 -31.28
N GLU A 788 7.30 -11.80 -31.77
CA GLU A 788 8.64 -12.12 -32.23
C GLU A 788 9.65 -11.17 -31.58
N GLY A 789 10.87 -11.66 -31.38
CA GLY A 789 11.89 -10.86 -30.73
C GLY A 789 13.32 -11.21 -31.05
N HIS A 790 14.24 -10.35 -30.62
CA HIS A 790 15.66 -10.57 -30.82
C HIS A 790 16.31 -10.62 -29.49
N SER A 791 16.84 -11.77 -29.20
CA SER A 791 17.49 -12.07 -27.96
C SER A 791 18.93 -11.65 -27.94
N ARG A 792 19.40 -11.44 -26.74
CA ARG A 792 20.74 -10.99 -26.41
C ARG A 792 21.11 -11.54 -25.02
N GLU A 793 22.41 -11.51 -24.74
CA GLU A 793 22.93 -11.97 -23.47
C GLU A 793 23.39 -10.75 -22.65
N ILE A 794 23.14 -10.78 -21.34
CA ILE A 794 23.57 -9.70 -20.47
C ILE A 794 24.75 -10.19 -19.62
N PRO A 795 25.82 -9.40 -19.56
CA PRO A 795 25.99 -8.05 -20.15
C PRO A 795 26.63 -8.02 -21.53
N GLY A 796 27.53 -8.96 -21.78
CA GLY A 796 28.22 -9.11 -23.05
C GLY A 796 27.25 -9.61 -24.09
N ALA A 797 26.61 -8.67 -24.79
CA ALA A 797 25.59 -8.93 -25.80
C ALA A 797 26.04 -9.94 -26.88
N HIS A 798 25.50 -11.15 -26.78
CA HIS A 798 25.83 -12.25 -27.69
C HIS A 798 24.51 -12.92 -28.20
N ALA A 799 24.63 -14.12 -28.80
CA ALA A 799 23.47 -14.85 -29.27
C ALA A 799 23.27 -16.04 -28.32
N PRO A 800 22.17 -16.01 -27.55
CA PRO A 800 21.93 -17.11 -26.62
C PRO A 800 21.24 -18.24 -27.37
N ARG A 801 21.94 -18.81 -28.34
CA ARG A 801 21.38 -19.88 -29.12
C ARG A 801 21.27 -21.13 -28.32
N GLY A 802 20.25 -21.90 -28.63
CA GLY A 802 19.97 -23.12 -27.89
C GLY A 802 19.10 -22.89 -26.67
N VAL A 803 18.83 -21.61 -26.31
CA VAL A 803 17.95 -21.30 -25.19
C VAL A 803 16.54 -21.68 -25.61
N GLN A 804 15.85 -22.42 -24.75
CA GLN A 804 14.49 -22.86 -25.04
C GLN A 804 13.50 -21.97 -24.26
N LEU A 805 12.37 -21.61 -24.89
CA LEU A 805 11.37 -20.75 -24.26
C LEU A 805 9.97 -21.31 -24.24
N VAL A 806 9.21 -21.00 -23.17
CA VAL A 806 7.80 -21.34 -23.01
C VAL A 806 6.92 -20.07 -22.89
N LEU A 807 5.80 -20.05 -23.61
CA LEU A 807 4.82 -18.99 -23.52
C LEU A 807 3.66 -19.54 -22.71
N GLU A 808 3.14 -18.75 -21.77
CA GLU A 808 2.04 -19.20 -20.93
C GLU A 808 1.00 -18.10 -20.67
N THR A 809 -0.15 -18.50 -20.13
CA THR A 809 -1.26 -17.63 -19.75
C THR A 809 -1.81 -18.15 -18.41
N GLU A 810 -2.59 -17.34 -17.70
CA GLU A 810 -3.21 -17.81 -16.46
C GLU A 810 -4.32 -18.84 -16.73
N ASN A 811 -4.47 -19.31 -18.00
CA ASN A 811 -5.42 -20.33 -18.48
C ASN A 811 -4.68 -21.67 -18.55
N ASN A 812 -3.48 -21.71 -19.17
CA ASN A 812 -2.62 -22.89 -19.22
C ASN A 812 -1.15 -22.51 -19.37
N PRO A 813 -0.26 -23.05 -18.52
CA PRO A 813 1.15 -22.63 -18.54
C PRO A 813 2.05 -23.30 -19.57
N HIS A 814 1.48 -24.12 -20.46
CA HIS A 814 2.26 -24.73 -21.53
C HIS A 814 1.55 -24.39 -22.80
N PHE A 815 1.47 -23.09 -23.07
CA PHE A 815 0.79 -22.62 -24.25
C PHE A 815 1.65 -22.96 -25.45
N ALA A 816 2.88 -22.46 -25.49
CA ALA A 816 3.73 -22.68 -26.65
C ALA A 816 5.21 -22.79 -26.29
N ASP A 817 6.04 -23.27 -27.25
CA ASP A 817 7.47 -23.41 -27.09
C ASP A 817 8.23 -23.34 -28.40
N THR A 818 9.37 -22.67 -28.33
CA THR A 818 10.29 -22.48 -29.44
C THR A 818 11.71 -22.37 -28.89
N ILE A 819 12.73 -22.45 -29.75
CA ILE A 819 14.13 -22.30 -29.32
C ILE A 819 14.78 -21.08 -29.98
N ILE A 820 15.77 -20.48 -29.30
CA ILE A 820 16.48 -19.30 -29.79
C ILE A 820 17.42 -19.65 -30.94
N MET A 821 17.31 -18.90 -32.07
CA MET A 821 18.14 -19.04 -33.27
C MET A 821 19.45 -18.29 -33.15
N ALA A 822 20.47 -18.70 -33.95
CA ALA A 822 21.82 -18.14 -33.99
C ALA A 822 21.93 -16.82 -34.74
N ASN A 823 21.00 -16.56 -35.67
CA ASN A 823 21.05 -15.33 -36.43
C ASN A 823 20.32 -14.22 -35.68
N LEU A 824 21.10 -13.54 -34.81
CA LEU A 824 20.79 -12.35 -34.01
C LEU A 824 19.65 -12.57 -32.98
N GLY A 825 19.62 -13.80 -32.48
CA GLY A 825 18.71 -14.26 -31.44
C GLY A 825 17.25 -14.30 -31.80
N TYR A 826 16.91 -14.77 -33.00
CA TYR A 826 15.51 -14.82 -33.43
C TYR A 826 14.69 -15.94 -32.81
N PHE A 827 13.41 -15.64 -32.51
CA PHE A 827 12.39 -16.57 -32.00
C PHE A 827 10.99 -16.00 -32.30
N GLN A 828 9.97 -16.88 -32.39
CA GLN A 828 8.61 -16.42 -32.60
C GLN A 828 7.56 -17.36 -32.04
N PHE A 829 6.41 -16.78 -31.71
CA PHE A 829 5.25 -17.47 -31.20
C PHE A 829 4.02 -17.01 -31.94
N LYS A 830 3.14 -17.96 -32.19
CA LYS A 830 1.89 -17.80 -32.91
C LYS A 830 0.79 -17.56 -31.86
N ALA A 831 0.34 -16.30 -31.71
CA ALA A 831 -0.66 -15.98 -30.67
C ALA A 831 -1.70 -14.89 -31.09
N ASN A 832 -2.82 -14.73 -30.35
CA ASN A 832 -3.81 -13.71 -30.64
C ASN A 832 -3.82 -12.61 -29.56
N PRO A 833 -4.62 -11.52 -29.65
CA PRO A 833 -4.56 -10.49 -28.60
C PRO A 833 -4.79 -11.03 -27.20
N GLY A 834 -3.98 -10.57 -26.24
CA GLY A 834 -4.12 -11.03 -24.87
C GLY A 834 -2.88 -10.90 -24.01
N VAL A 835 -3.01 -11.28 -22.73
CA VAL A 835 -1.93 -11.21 -21.77
C VAL A 835 -1.25 -12.55 -21.55
N TYR A 836 0.03 -12.58 -21.89
CA TYR A 836 0.89 -13.74 -21.81
C TYR A 836 2.10 -13.47 -20.93
N ASN A 837 2.83 -14.53 -20.64
CA ASN A 837 4.05 -14.53 -19.85
C ASN A 837 5.06 -15.47 -20.52
N ILE A 838 6.35 -15.14 -20.41
CA ILE A 838 7.38 -15.96 -21.02
C ILE A 838 8.35 -16.48 -19.99
N ARG A 839 8.38 -17.81 -19.82
CA ARG A 839 9.29 -18.46 -18.87
C ARG A 839 10.30 -19.35 -19.61
N LEU A 840 11.45 -19.61 -19.00
CA LEU A 840 12.46 -20.49 -19.60
C LEU A 840 11.92 -21.92 -19.56
N LYS A 841 12.13 -22.68 -20.63
CA LYS A 841 11.65 -24.06 -20.68
C LYS A 841 12.33 -24.89 -19.64
N GLU A 842 11.53 -25.74 -19.03
CA GLU A 842 11.87 -26.71 -18.00
C GLU A 842 13.15 -27.49 -18.41
N GLY A 843 14.28 -27.24 -17.75
CA GLY A 843 15.51 -27.95 -18.07
C GLY A 843 16.79 -27.16 -18.13
N ARG A 844 17.64 -27.48 -19.13
CA ARG A 844 18.97 -26.90 -19.34
C ARG A 844 18.95 -25.37 -19.60
N SER A 845 17.90 -24.82 -20.21
CA SER A 845 17.81 -23.39 -20.45
C SER A 845 17.70 -22.67 -19.14
N SER A 846 16.84 -23.17 -18.23
CA SER A 846 16.68 -22.56 -16.91
C SER A 846 17.91 -22.77 -16.03
N GLU A 847 18.66 -23.86 -16.24
CA GLU A 847 19.85 -24.19 -15.47
C GLU A 847 20.95 -23.15 -15.59
N ILE A 848 21.42 -22.86 -16.81
CA ILE A 848 22.52 -21.91 -16.98
C ILE A 848 22.04 -20.48 -17.12
N PHE A 849 20.86 -20.27 -17.72
CA PHE A 849 20.37 -18.90 -17.90
C PHE A 849 19.15 -18.54 -17.09
N THR A 850 19.04 -17.25 -16.73
CA THR A 850 17.88 -16.71 -16.07
C THR A 850 17.43 -15.52 -16.90
N LEU A 851 16.20 -15.57 -17.43
CA LEU A 851 15.68 -14.51 -18.27
C LEU A 851 15.35 -13.30 -17.41
N GLU A 852 16.16 -12.25 -17.52
CA GLU A 852 15.99 -11.06 -16.70
C GLU A 852 14.73 -10.30 -17.14
N SER A 853 14.55 -10.11 -18.46
CA SER A 853 13.42 -9.38 -19.01
C SER A 853 13.14 -9.69 -20.49
N VAL A 854 11.93 -9.39 -20.91
CA VAL A 854 11.48 -9.49 -22.28
C VAL A 854 11.33 -8.03 -22.64
N GLY A 855 12.13 -7.51 -23.55
CA GLY A 855 12.14 -6.10 -23.93
C GLY A 855 10.93 -5.62 -24.72
N ALA A 856 9.76 -5.62 -24.07
CA ALA A 856 8.47 -5.22 -24.65
C ALA A 856 8.35 -3.73 -24.91
N LYS A 857 9.19 -2.92 -24.27
CA LYS A 857 9.14 -1.48 -24.41
C LYS A 857 10.19 -0.90 -25.37
N GLY A 858 11.20 -1.67 -25.70
CA GLY A 858 12.29 -1.26 -26.58
C GLY A 858 13.55 -2.02 -26.26
N TRP A 859 14.67 -1.66 -26.93
CA TRP A 859 15.95 -2.35 -26.70
C TRP A 859 16.38 -2.20 -25.23
N GLY A 860 16.33 -0.96 -24.75
CA GLY A 860 16.65 -0.61 -23.37
C GLY A 860 17.97 -1.10 -22.80
N PRO A 861 18.04 -1.53 -21.51
CA PRO A 861 16.96 -1.65 -20.52
C PRO A 861 16.21 -0.35 -20.22
N ILE A 862 14.91 -0.48 -20.09
CA ILE A 862 14.00 0.60 -19.82
C ILE A 862 13.43 0.37 -18.44
N PRO A 863 13.45 1.39 -17.57
CA PRO A 863 12.88 1.21 -16.22
C PRO A 863 11.41 0.83 -16.26
N GLY A 864 11.15 -0.43 -15.97
CA GLY A 864 9.79 -0.97 -16.01
C GLY A 864 9.59 -2.03 -17.07
N ASP A 865 10.65 -2.39 -17.82
CA ASP A 865 10.53 -3.43 -18.85
C ASP A 865 11.08 -4.78 -18.39
N ASP A 866 11.60 -4.89 -17.14
CA ASP A 866 12.11 -6.18 -16.59
C ASP A 866 10.99 -7.22 -16.31
N ASN A 867 9.80 -6.95 -16.84
CA ASN A 867 8.60 -7.74 -16.76
C ASN A 867 8.71 -8.85 -17.79
N THR A 868 8.66 -10.09 -17.34
CA THR A 868 8.68 -11.22 -18.26
C THR A 868 7.26 -11.40 -18.92
N GLU A 869 6.46 -10.32 -18.99
CA GLU A 869 5.09 -10.24 -19.48
C GLU A 869 4.99 -9.65 -20.89
N VAL A 870 4.22 -10.32 -21.76
CA VAL A 870 3.97 -9.84 -23.11
C VAL A 870 2.49 -9.74 -23.33
N VAL A 871 2.07 -8.65 -23.99
CA VAL A 871 0.67 -8.40 -24.30
C VAL A 871 0.61 -7.89 -25.74
N LEU A 872 -0.20 -8.51 -26.64
CA LEU A 872 -0.29 -7.98 -27.99
C LEU A 872 -1.66 -7.39 -28.24
N MET A 873 -1.65 -6.15 -28.70
CA MET A 873 -2.87 -5.41 -28.92
C MET A 873 -2.79 -4.56 -30.17
N ASP A 874 -2.09 -5.04 -31.20
CA ASP A 874 -1.95 -4.31 -32.47
C ASP A 874 -1.85 -5.33 -33.61
N PHE A 875 -2.15 -4.88 -34.84
CA PHE A 875 -2.01 -5.74 -36.01
C PHE A 875 -0.54 -5.91 -36.44
N GLN A 876 0.38 -5.17 -35.78
CA GLN A 876 1.82 -5.23 -35.94
C GLN A 876 2.50 -6.15 -34.87
N GLY A 877 1.70 -6.86 -34.06
CA GLY A 877 2.15 -7.77 -33.03
C GLY A 877 2.85 -7.05 -31.90
N THR A 878 3.84 -7.70 -31.29
CA THR A 878 4.63 -7.05 -30.27
C THR A 878 6.06 -7.47 -30.46
N THR A 879 6.91 -6.53 -30.88
CA THR A 879 8.32 -6.78 -31.12
C THR A 879 9.06 -6.76 -29.78
N LEU A 880 9.83 -7.82 -29.49
CA LEU A 880 10.53 -7.94 -28.21
C LEU A 880 12.04 -7.96 -28.34
N TYR A 881 12.72 -7.43 -27.33
CA TYR A 881 14.16 -7.41 -27.26
C TYR A 881 14.57 -7.95 -25.91
N PRO A 882 14.34 -9.25 -25.68
CA PRO A 882 14.63 -9.82 -24.37
C PRO A 882 16.11 -9.79 -24.08
N ARG A 883 16.43 -9.80 -22.81
CA ARG A 883 17.80 -9.79 -22.32
C ARG A 883 17.92 -10.89 -21.25
N LEU A 884 18.89 -11.81 -21.41
CA LEU A 884 19.08 -12.91 -20.45
C LEU A 884 20.47 -12.92 -19.90
N ARG A 885 20.62 -12.88 -18.56
CA ARG A 885 21.94 -12.94 -17.96
C ARG A 885 22.26 -14.33 -17.47
N ARG A 886 23.54 -14.71 -17.54
CA ARG A 886 23.95 -16.02 -17.08
C ARG A 886 24.04 -16.04 -15.56
N LYS A 887 23.82 -17.21 -14.96
CA LYS A 887 23.95 -17.37 -13.53
C LYS A 887 25.43 -17.40 -13.17
N PRO A 888 25.82 -16.60 -12.16
CA PRO A 888 27.25 -16.46 -11.82
C PRO A 888 28.13 -17.71 -11.82
N GLY A 889 29.39 -17.51 -12.24
CA GLY A 889 30.44 -18.52 -12.26
C GLY A 889 30.31 -19.64 -13.27
N MET A 890 29.29 -19.60 -14.10
CA MET A 890 29.07 -20.65 -15.08
C MET A 890 29.49 -20.23 -16.46
N GLU A 891 29.77 -21.23 -17.30
CA GLU A 891 30.05 -21.02 -18.71
C GLU A 891 29.78 -22.32 -19.49
N GLU A 892 28.62 -22.92 -19.20
CA GLU A 892 28.18 -24.14 -19.85
C GLU A 892 27.07 -23.84 -20.87
N GLU A 893 27.14 -24.47 -22.05
CA GLU A 893 26.15 -24.34 -23.11
C GLU A 893 25.21 -25.57 -23.12
N ASP A 894 23.94 -25.40 -23.53
CA ASP A 894 22.95 -26.47 -23.56
C ASP A 894 23.44 -27.68 -24.37
N VAL A 895 24.19 -27.42 -25.46
CA VAL A 895 24.78 -28.37 -26.39
C VAL A 895 25.42 -29.56 -25.63
N LEU A 896 26.05 -29.30 -24.46
CA LEU A 896 26.58 -30.37 -23.61
C LEU A 896 25.85 -30.41 -22.25
N GLU A 897 25.64 -31.62 -21.68
CA GLU A 897 24.95 -31.83 -20.40
C GLU A 897 25.89 -31.56 -19.17
N PRO A 898 25.37 -31.09 -18.00
CA PRO A 898 26.29 -30.79 -16.87
C PRO A 898 26.91 -32.00 -16.18
N HIS A 943 5.42 -39.56 -26.67
CA HIS A 943 4.33 -38.97 -27.43
C HIS A 943 3.48 -40.08 -28.10
N ALA A 944 3.96 -40.65 -29.22
CA ALA A 944 3.29 -41.71 -29.97
C ALA A 944 4.35 -42.60 -30.60
N GLU A 945 3.99 -43.84 -30.95
CA GLU A 945 4.91 -44.80 -31.51
C GLU A 945 5.66 -44.28 -32.74
N ILE A 946 4.92 -43.85 -33.77
CA ILE A 946 5.50 -43.33 -35.01
C ILE A 946 5.10 -41.87 -35.19
N ASN A 947 6.05 -41.02 -35.60
CA ASN A 947 5.75 -39.61 -35.86
C ASN A 947 6.17 -39.24 -37.28
N ILE A 948 5.20 -39.13 -38.20
CA ILE A 948 5.44 -38.82 -39.60
C ILE A 948 4.93 -37.43 -39.97
N PHE A 949 5.71 -36.69 -40.75
CA PHE A 949 5.30 -35.39 -41.22
C PHE A 949 5.39 -35.30 -42.75
N SER A 950 4.47 -34.53 -43.37
CA SER A 950 4.41 -34.36 -44.84
C SER A 950 3.69 -33.07 -45.27
N VAL A 951 3.84 -32.67 -46.55
CA VAL A 951 3.19 -31.48 -47.06
C VAL A 951 2.86 -31.66 -48.54
N ALA A 952 1.85 -30.93 -49.00
CA ALA A 952 1.42 -31.01 -50.37
C ALA A 952 0.94 -29.67 -50.89
N SER A 953 1.06 -29.49 -52.19
CA SER A 953 0.71 -28.24 -52.84
C SER A 953 0.02 -28.42 -54.22
N GLY A 954 -0.97 -29.28 -54.28
CA GLY A 954 -1.74 -29.55 -55.49
C GLY A 954 -2.76 -30.64 -55.21
N HIS A 955 -3.90 -30.67 -55.93
CA HIS A 955 -4.90 -31.71 -55.65
C HIS A 955 -4.43 -33.10 -56.03
N LEU A 956 -3.42 -33.22 -56.92
CA LEU A 956 -2.86 -34.54 -57.22
C LEU A 956 -2.02 -34.96 -56.00
N TYR A 957 -1.13 -34.07 -55.54
CA TYR A 957 -0.27 -34.27 -54.39
C TYR A 957 -1.14 -34.58 -53.15
N GLU A 958 -2.34 -33.95 -53.04
CA GLU A 958 -3.30 -34.12 -51.96
C GLU A 958 -4.03 -35.46 -52.06
N ARG A 959 -4.32 -35.92 -53.27
CA ARG A 959 -4.95 -37.21 -53.48
C ARG A 959 -3.95 -38.32 -53.13
N MET A 960 -2.69 -38.16 -53.53
CA MET A 960 -1.63 -39.12 -53.23
C MET A 960 -1.19 -39.07 -51.76
N LEU A 961 -1.44 -37.94 -51.06
CA LEU A 961 -1.18 -37.74 -49.63
C LEU A 961 -2.20 -38.55 -48.81
N ASN A 962 -3.46 -38.61 -49.29
CA ASN A 962 -4.50 -39.43 -48.67
C ASN A 962 -4.09 -40.91 -48.74
N ILE A 963 -3.45 -41.30 -49.85
CA ILE A 963 -2.92 -42.63 -50.10
C ILE A 963 -1.75 -42.93 -49.16
N MET A 964 -0.83 -41.97 -49.00
CA MET A 964 0.34 -42.09 -48.12
C MET A 964 -0.06 -42.45 -46.70
N MET A 965 -1.05 -41.72 -46.15
CA MET A 965 -1.52 -41.95 -44.78
C MET A 965 -2.10 -43.36 -44.65
N ALA A 966 -2.91 -43.78 -45.64
CA ALA A 966 -3.57 -45.08 -45.64
C ALA A 966 -2.60 -46.24 -45.76
N SER A 967 -1.52 -46.08 -46.53
CA SER A 967 -0.53 -47.14 -46.70
C SER A 967 0.24 -47.43 -45.43
N VAL A 968 0.54 -46.39 -44.64
CA VAL A 968 1.26 -46.54 -43.37
C VAL A 968 0.41 -47.35 -42.39
N MET A 969 -0.85 -46.93 -42.20
CA MET A 969 -1.80 -47.56 -41.27
C MET A 969 -2.12 -49.02 -41.59
N HIS A 970 -2.25 -49.38 -42.88
CA HIS A 970 -2.51 -50.78 -43.29
C HIS A 970 -1.34 -51.68 -42.88
N HIS A 971 -0.11 -51.14 -42.91
CA HIS A 971 1.09 -51.91 -42.62
C HIS A 971 1.70 -51.61 -41.25
N THR A 972 0.90 -51.07 -40.32
CA THR A 972 1.38 -50.77 -38.97
C THR A 972 0.33 -51.07 -37.90
N ASN A 973 0.75 -51.77 -36.85
CA ASN A 973 -0.11 -52.06 -35.70
C ASN A 973 0.36 -51.15 -34.54
N HIS A 974 0.64 -49.87 -34.84
CA HIS A 974 1.18 -48.93 -33.85
C HIS A 974 0.46 -47.58 -33.85
N THR A 975 0.73 -46.73 -32.83
CA THR A 975 0.11 -45.40 -32.78
C THR A 975 0.91 -44.41 -33.63
N VAL A 976 0.38 -44.11 -34.83
CA VAL A 976 1.01 -43.18 -35.77
C VAL A 976 0.40 -41.80 -35.63
N LYS A 977 1.22 -40.75 -35.64
CA LYS A 977 0.75 -39.37 -35.54
C LYS A 977 1.21 -38.57 -36.75
N PHE A 978 0.28 -37.87 -37.42
CA PHE A 978 0.63 -37.09 -38.60
C PHE A 978 0.78 -35.60 -38.29
N TRP A 979 1.85 -34.99 -38.79
CA TRP A 979 2.12 -33.57 -38.56
C TRP A 979 2.24 -32.88 -39.94
N PHE A 980 1.55 -31.75 -40.15
CA PHE A 980 1.60 -31.07 -41.46
C PHE A 980 1.76 -29.54 -41.37
N ILE A 981 2.06 -28.88 -42.52
CA ILE A 981 2.17 -27.44 -42.57
C ILE A 981 0.83 -26.94 -43.07
N GLU A 982 0.07 -26.41 -42.14
CA GLU A 982 -1.28 -25.88 -42.27
C GLU A 982 -1.60 -25.12 -43.58
N GLN A 983 -0.88 -24.02 -43.88
CA GLN A 983 -1.12 -23.07 -44.97
C GLN A 983 -0.97 -23.59 -46.43
N PHE A 984 -0.23 -24.68 -46.68
CA PHE A 984 -0.06 -25.17 -48.07
C PHE A 984 -1.13 -26.09 -48.57
N LEU A 985 -1.94 -26.58 -47.66
CA LEU A 985 -2.99 -27.50 -47.97
C LEU A 985 -4.24 -26.71 -48.32
N SER A 986 -5.09 -27.33 -49.12
CA SER A 986 -6.35 -26.72 -49.51
C SER A 986 -7.38 -26.93 -48.37
N PRO A 987 -8.39 -26.04 -48.25
CA PRO A 987 -9.42 -26.23 -47.23
C PRO A 987 -10.24 -27.49 -47.49
N SER A 988 -10.38 -27.92 -48.76
CA SER A 988 -11.08 -29.15 -49.14
C SER A 988 -10.37 -30.37 -48.48
N PHE A 989 -9.02 -30.35 -48.43
CA PHE A 989 -8.22 -31.40 -47.79
C PHE A 989 -8.32 -31.26 -46.26
N LYS A 990 -8.23 -30.04 -45.76
CA LYS A 990 -8.33 -29.74 -44.35
C LYS A 990 -9.69 -30.15 -43.74
N ASP A 991 -10.80 -30.03 -44.51
CA ASP A 991 -12.15 -30.43 -44.07
C ASP A 991 -12.29 -31.97 -43.98
N PHE A 992 -11.42 -32.70 -44.67
CA PHE A 992 -11.49 -34.12 -44.83
C PHE A 992 -10.58 -34.94 -43.91
N ILE A 993 -9.42 -34.41 -43.49
CA ILE A 993 -8.48 -35.12 -42.60
C ILE A 993 -9.10 -35.66 -41.27
N PRO A 994 -10.02 -34.97 -40.54
CA PRO A 994 -10.58 -35.57 -39.31
C PRO A 994 -11.31 -36.89 -39.57
N HIS A 995 -11.89 -37.04 -40.78
CA HIS A 995 -12.59 -38.25 -41.21
C HIS A 995 -11.57 -39.37 -41.52
N MET A 996 -10.36 -39.02 -41.98
CA MET A 996 -9.27 -39.95 -42.22
C MET A 996 -8.78 -40.47 -40.85
N ALA A 997 -8.64 -39.56 -39.86
CA ALA A 997 -8.18 -39.84 -38.51
C ALA A 997 -9.05 -40.85 -37.77
N ALA A 998 -10.36 -40.77 -37.97
CA ALA A 998 -11.29 -41.67 -37.33
C ALA A 998 -11.30 -43.05 -38.00
N GLU A 999 -11.20 -43.07 -39.34
CA GLU A 999 -11.26 -44.31 -40.11
C GLU A 999 -9.98 -45.09 -40.12
N TYR A 1000 -8.85 -44.41 -40.02
CA TYR A 1000 -7.55 -45.09 -40.03
C TYR A 1000 -6.92 -45.21 -38.61
N GLY A 1001 -7.53 -44.60 -37.60
CA GLY A 1001 -7.10 -44.70 -36.21
C GLY A 1001 -5.83 -43.98 -35.85
N PHE A 1002 -5.65 -42.77 -36.37
CA PHE A 1002 -4.46 -41.98 -36.06
C PHE A 1002 -4.83 -40.62 -35.49
N LYS A 1003 -3.87 -39.99 -34.82
CA LYS A 1003 -4.04 -38.64 -34.28
C LYS A 1003 -3.18 -37.69 -35.11
N TYR A 1004 -3.50 -36.39 -35.09
CA TYR A 1004 -2.73 -35.45 -35.85
C TYR A 1004 -2.81 -34.04 -35.28
N GLU A 1005 -1.64 -33.40 -35.25
CA GLU A 1005 -1.43 -32.04 -34.75
C GLU A 1005 -0.86 -31.19 -35.91
N MET A 1006 -1.39 -29.97 -36.16
CA MET A 1006 -0.95 -29.14 -37.30
C MET A 1006 -0.05 -27.97 -36.96
N VAL A 1007 1.17 -28.06 -37.48
CA VAL A 1007 2.19 -27.09 -37.23
C VAL A 1007 2.35 -26.07 -38.32
N THR A 1008 2.87 -24.93 -37.94
CA THR A 1008 3.20 -23.82 -38.82
C THR A 1008 4.23 -22.94 -38.12
N TYR A 1009 4.94 -22.14 -38.94
CA TYR A 1009 5.95 -21.15 -38.52
C TYR A 1009 6.05 -20.14 -39.65
N LYS A 1010 6.14 -18.85 -39.30
CA LYS A 1010 6.28 -17.83 -40.31
C LYS A 1010 7.74 -17.61 -40.61
N TRP A 1011 8.09 -17.64 -41.89
CA TRP A 1011 9.43 -17.41 -42.42
C TRP A 1011 9.99 -16.10 -41.81
N PRO A 1012 11.12 -16.18 -41.12
CA PRO A 1012 11.69 -14.98 -40.50
C PRO A 1012 11.97 -13.89 -41.54
N HIS A 1013 11.76 -12.63 -41.19
CA HIS A 1013 11.96 -11.53 -42.12
C HIS A 1013 13.42 -11.38 -42.56
N TRP A 1014 14.39 -11.75 -41.71
CA TRP A 1014 15.81 -11.67 -42.05
C TRP A 1014 16.23 -12.72 -43.07
N LEU A 1015 15.63 -13.90 -42.98
CA LEU A 1015 15.93 -15.01 -43.85
C LEU A 1015 15.45 -14.70 -45.26
N ARG A 1016 16.25 -15.01 -46.28
CA ARG A 1016 15.94 -14.74 -47.67
C ARG A 1016 14.80 -15.62 -48.15
N GLN A 1017 13.68 -15.01 -48.54
CA GLN A 1017 12.51 -15.76 -48.99
C GLN A 1017 12.66 -16.24 -50.45
N GLN A 1018 11.76 -17.10 -50.89
CA GLN A 1018 11.77 -17.62 -52.25
C GLN A 1018 10.48 -17.21 -52.92
N LYS A 1019 10.56 -16.63 -54.14
CA LYS A 1019 9.35 -16.13 -54.84
C LYS A 1019 8.41 -17.23 -55.31
N GLU A 1020 8.95 -18.34 -55.85
CA GLU A 1020 8.12 -19.44 -56.35
C GLU A 1020 7.57 -20.32 -55.22
N LYS A 1021 6.25 -20.66 -55.29
CA LYS A 1021 5.55 -21.51 -54.31
C LYS A 1021 6.33 -22.82 -54.05
N GLN A 1022 6.93 -23.36 -55.10
CA GLN A 1022 7.73 -24.57 -55.06
C GLN A 1022 8.94 -24.44 -54.14
N ARG A 1023 9.74 -23.38 -54.35
CA ARG A 1023 10.95 -23.13 -53.58
C ARG A 1023 10.63 -22.90 -52.09
N GLU A 1024 9.44 -22.31 -51.80
CA GLU A 1024 8.98 -22.09 -50.43
C GLU A 1024 8.73 -23.47 -49.79
N ILE A 1025 8.03 -24.39 -50.52
CA ILE A 1025 7.71 -25.76 -50.09
C ILE A 1025 8.97 -26.46 -49.63
N TRP A 1026 10.00 -26.40 -50.47
CA TRP A 1026 11.30 -27.01 -50.22
C TRP A 1026 11.95 -26.52 -48.90
N GLY A 1027 11.84 -25.23 -48.64
CA GLY A 1027 12.41 -24.61 -47.46
C GLY A 1027 11.80 -25.08 -46.17
N TYR A 1028 10.50 -25.33 -46.17
CA TYR A 1028 9.79 -25.80 -44.98
C TYR A 1028 10.14 -27.24 -44.58
N LYS A 1029 10.64 -28.03 -45.52
CA LYS A 1029 11.03 -29.40 -45.25
C LYS A 1029 12.37 -29.49 -44.55
N ILE A 1030 13.29 -28.54 -44.81
CA ILE A 1030 14.64 -28.64 -44.29
C ILE A 1030 15.02 -27.51 -43.29
N LEU A 1031 14.61 -26.26 -43.52
CA LEU A 1031 15.02 -25.13 -42.68
C LEU A 1031 14.43 -25.03 -41.24
N PHE A 1032 13.12 -25.34 -40.99
CA PHE A 1032 12.54 -25.09 -39.65
C PHE A 1032 12.19 -26.33 -38.81
N LEU A 1033 12.85 -27.45 -39.06
CA LEU A 1033 12.65 -28.69 -38.34
C LEU A 1033 12.81 -28.58 -36.82
N ASP A 1034 13.75 -27.78 -36.34
CA ASP A 1034 14.01 -27.61 -34.91
C ASP A 1034 12.96 -26.82 -34.16
N VAL A 1035 12.36 -25.85 -34.83
CA VAL A 1035 11.42 -24.95 -34.20
C VAL A 1035 9.94 -25.30 -34.47
N LEU A 1036 9.67 -25.93 -35.61
CA LEU A 1036 8.33 -26.29 -36.07
C LEU A 1036 7.57 -27.19 -35.08
N PHE A 1037 8.27 -28.14 -34.47
CA PHE A 1037 7.66 -29.11 -33.56
C PHE A 1037 7.93 -28.77 -32.10
N PRO A 1038 6.98 -29.02 -31.18
CA PRO A 1038 7.22 -28.70 -29.78
C PRO A 1038 8.40 -29.49 -29.19
N LEU A 1039 9.02 -28.98 -28.12
CA LEU A 1039 10.18 -29.58 -27.44
C LEU A 1039 9.96 -30.97 -26.84
N SER A 1040 8.70 -31.43 -26.85
CA SER A 1040 8.22 -32.72 -26.35
C SER A 1040 8.48 -33.84 -27.38
N LEU A 1041 8.34 -33.50 -28.68
CA LEU A 1041 8.51 -34.45 -29.77
C LEU A 1041 9.95 -34.85 -29.95
N ASP A 1042 10.21 -36.13 -29.76
CA ASP A 1042 11.56 -36.65 -29.89
C ASP A 1042 12.03 -36.77 -31.32
N LYS A 1043 11.20 -37.34 -32.20
CA LYS A 1043 11.65 -37.60 -33.57
C LYS A 1043 10.55 -37.56 -34.59
N VAL A 1044 10.90 -37.14 -35.81
CA VAL A 1044 9.94 -37.07 -36.92
C VAL A 1044 10.50 -37.83 -38.13
N ILE A 1045 9.61 -38.26 -39.04
CA ILE A 1045 9.98 -38.95 -40.27
C ILE A 1045 9.22 -38.32 -41.42
N PHE A 1046 9.93 -37.89 -42.46
CA PHE A 1046 9.27 -37.29 -43.61
C PHE A 1046 9.03 -38.31 -44.69
N VAL A 1047 7.81 -38.31 -45.21
CA VAL A 1047 7.44 -39.18 -46.32
C VAL A 1047 6.88 -38.24 -47.37
N ASP A 1048 7.53 -38.13 -48.52
CA ASP A 1048 7.11 -37.21 -49.59
C ASP A 1048 5.79 -37.63 -50.21
N ALA A 1049 4.68 -37.11 -49.63
CA ALA A 1049 3.24 -37.25 -49.92
C ALA A 1049 2.83 -38.34 -50.99
N ASP A 1050 3.22 -38.20 -52.27
CA ASP A 1050 2.93 -39.18 -53.30
C ASP A 1050 3.88 -40.36 -53.08
N GLN A 1051 3.50 -41.29 -52.19
CA GLN A 1051 4.34 -42.43 -51.85
C GLN A 1051 3.47 -43.61 -51.47
N ILE A 1052 4.03 -44.80 -51.58
CA ILE A 1052 3.36 -46.03 -51.19
C ILE A 1052 4.29 -46.78 -50.24
N VAL A 1053 3.95 -46.87 -48.95
CA VAL A 1053 4.79 -47.56 -47.97
C VAL A 1053 4.25 -48.93 -47.72
N ARG A 1054 5.08 -49.96 -47.93
CA ARG A 1054 4.70 -51.35 -47.76
C ARG A 1054 5.30 -51.99 -46.49
N THR A 1055 6.16 -51.28 -45.75
CA THR A 1055 6.76 -51.85 -44.54
C THR A 1055 6.26 -51.12 -43.29
N ASP A 1056 6.29 -51.79 -42.13
CA ASP A 1056 5.93 -51.20 -40.86
C ASP A 1056 6.97 -50.14 -40.55
N MET A 1057 6.53 -48.89 -40.40
CA MET A 1057 7.46 -47.78 -40.22
C MET A 1057 8.07 -47.64 -38.84
N TYR A 1058 7.70 -48.51 -37.88
CA TYR A 1058 8.27 -48.45 -36.53
C TYR A 1058 9.75 -48.77 -36.52
N ASP A 1059 10.19 -49.63 -37.45
CA ASP A 1059 11.59 -50.06 -37.59
C ASP A 1059 12.51 -48.85 -37.78
N LEU A 1060 12.06 -47.87 -38.57
CA LEU A 1060 12.84 -46.67 -38.83
C LEU A 1060 12.95 -45.79 -37.59
N VAL A 1061 11.95 -45.82 -36.70
CA VAL A 1061 11.92 -45.05 -35.46
C VAL A 1061 13.07 -45.49 -34.57
N GLU A 1062 13.21 -46.79 -34.37
CA GLU A 1062 14.26 -47.31 -33.51
C GLU A 1062 15.56 -47.65 -34.26
N HIS A 1063 15.71 -47.15 -35.49
CA HIS A 1063 16.95 -47.36 -36.23
C HIS A 1063 17.99 -46.43 -35.64
N PRO A 1064 19.15 -46.98 -35.26
CA PRO A 1064 20.18 -46.13 -34.66
C PRO A 1064 20.81 -45.24 -35.69
N LEU A 1065 20.90 -43.96 -35.38
CA LEU A 1065 21.48 -43.02 -36.32
C LEU A 1065 22.99 -42.86 -36.15
N ASP A 1066 23.49 -43.20 -34.97
CA ASP A 1066 24.90 -43.16 -34.62
C ASP A 1066 25.52 -41.80 -34.79
N GLY A 1067 25.24 -40.94 -33.81
CA GLY A 1067 25.79 -39.60 -33.75
C GLY A 1067 25.29 -38.63 -34.80
N ALA A 1068 24.27 -39.05 -35.56
CA ALA A 1068 23.73 -38.21 -36.60
C ALA A 1068 22.34 -37.69 -36.23
N PRO A 1069 22.12 -36.39 -36.42
CA PRO A 1069 20.79 -35.84 -36.13
C PRO A 1069 19.73 -36.23 -37.16
N TYR A 1070 20.13 -36.63 -38.38
CA TYR A 1070 19.19 -37.05 -39.39
C TYR A 1070 19.73 -38.15 -40.30
N GLY A 1071 18.86 -39.06 -40.68
CA GLY A 1071 19.20 -40.20 -41.52
C GLY A 1071 18.47 -40.21 -42.84
N PHE A 1072 19.18 -40.51 -43.92
CA PHE A 1072 18.60 -40.48 -45.25
C PHE A 1072 18.78 -41.76 -46.04
N ALA A 1073 17.99 -41.91 -47.13
CA ALA A 1073 18.11 -43.04 -48.05
C ALA A 1073 18.93 -42.58 -49.27
N PRO A 1074 19.92 -43.37 -49.72
CA PRO A 1074 20.78 -42.91 -50.81
C PRO A 1074 20.24 -43.18 -52.20
N MET A 1075 20.94 -42.62 -53.20
CA MET A 1075 20.62 -42.83 -54.58
C MET A 1075 21.00 -44.23 -55.00
N CYS A 1076 20.15 -44.88 -55.78
CA CYS A 1076 20.41 -46.21 -56.28
C CYS A 1076 21.45 -46.16 -57.40
N ASP A 1077 22.56 -46.90 -57.29
CA ASP A 1077 23.47 -47.00 -58.45
C ASP A 1077 23.28 -48.36 -59.16
N SER A 1078 22.12 -49.02 -58.93
CA SER A 1078 21.72 -50.33 -59.42
C SER A 1078 21.50 -50.37 -60.92
N ARG A 1079 20.57 -49.56 -61.44
CA ARG A 1079 20.28 -49.52 -62.87
C ARG A 1079 21.51 -49.02 -63.59
N VAL A 1080 22.02 -49.79 -64.51
CA VAL A 1080 23.23 -49.45 -65.23
C VAL A 1080 22.98 -48.51 -66.42
N GLU A 1081 21.94 -48.78 -67.21
CA GLU A 1081 21.57 -48.01 -68.41
C GLU A 1081 21.43 -46.50 -68.19
N MET A 1082 21.21 -46.06 -66.95
CA MET A 1082 21.08 -44.63 -66.66
C MET A 1082 22.29 -44.06 -65.94
N GLU A 1083 23.48 -44.64 -66.14
CA GLU A 1083 24.71 -44.15 -65.49
C GLU A 1083 25.13 -42.75 -65.99
N GLY A 1084 24.78 -42.40 -67.22
CA GLY A 1084 25.04 -41.08 -67.77
C GLY A 1084 24.33 -40.00 -66.97
N TYR A 1085 23.17 -40.33 -66.37
CA TYR A 1085 22.38 -39.46 -65.53
C TYR A 1085 22.93 -39.30 -64.11
N ARG A 1086 23.90 -40.13 -63.70
CA ARG A 1086 24.45 -40.05 -62.36
C ARG A 1086 25.47 -38.95 -62.25
N PHE A 1087 24.99 -37.74 -62.10
CA PHE A 1087 25.82 -36.55 -62.01
C PHE A 1087 26.56 -36.41 -60.69
N TRP A 1088 26.05 -37.00 -59.63
CA TRP A 1088 26.63 -36.89 -58.30
C TRP A 1088 27.98 -37.53 -58.12
N LYS A 1089 28.37 -38.38 -59.05
CA LYS A 1089 29.69 -39.02 -59.03
C LYS A 1089 30.56 -38.37 -60.13
N THR A 1090 30.38 -37.03 -60.36
CA THR A 1090 31.10 -36.33 -61.41
C THR A 1090 31.58 -34.94 -60.97
N GLY A 1091 32.74 -34.55 -61.50
CA GLY A 1091 33.41 -33.27 -61.31
C GLY A 1091 33.20 -32.55 -59.99
N TYR A 1092 32.22 -31.63 -59.96
CA TYR A 1092 31.94 -30.88 -58.75
C TYR A 1092 31.47 -31.79 -57.61
N TRP A 1093 30.35 -32.52 -57.79
CA TRP A 1093 29.81 -33.36 -56.73
C TRP A 1093 30.73 -34.51 -56.32
N ALA A 1094 31.72 -34.86 -57.15
CA ALA A 1094 32.65 -35.92 -56.83
C ALA A 1094 33.84 -35.37 -56.02
N ASN A 1095 34.35 -34.18 -56.37
CA ASN A 1095 35.47 -33.60 -55.63
C ASN A 1095 35.04 -33.12 -54.26
N TYR A 1096 33.84 -32.54 -54.17
CA TYR A 1096 33.33 -32.08 -52.90
C TYR A 1096 32.98 -33.28 -52.02
N LEU A 1097 32.10 -34.20 -52.50
CA LEU A 1097 31.76 -35.40 -51.73
C LEU A 1097 32.89 -36.37 -51.98
N LYS A 1098 33.93 -36.27 -51.16
CA LYS A 1098 35.13 -37.11 -51.26
C LYS A 1098 34.79 -38.62 -51.35
N GLY A 1099 33.91 -39.08 -50.47
CA GLY A 1099 33.45 -40.46 -50.45
C GLY A 1099 32.00 -40.61 -50.03
N LYS A 1100 31.36 -39.48 -49.63
CA LYS A 1100 29.98 -39.43 -49.15
C LYS A 1100 28.96 -39.69 -50.25
N PRO A 1101 27.85 -40.39 -49.93
CA PRO A 1101 26.85 -40.71 -50.97
C PRO A 1101 25.78 -39.66 -51.16
N TYR A 1102 25.25 -39.58 -52.39
CA TYR A 1102 24.21 -38.61 -52.69
C TYR A 1102 22.91 -39.11 -52.13
N HIS A 1103 22.47 -38.49 -51.05
CA HIS A 1103 21.24 -38.86 -50.37
C HIS A 1103 19.99 -38.23 -51.02
N ILE A 1104 18.80 -38.77 -50.73
CA ILE A 1104 17.57 -38.29 -51.37
C ILE A 1104 16.54 -37.68 -50.42
N SER A 1105 16.17 -36.42 -50.71
CA SER A 1105 15.17 -35.64 -50.01
C SER A 1105 13.80 -36.02 -50.51
N ALA A 1106 13.31 -37.11 -49.94
CA ALA A 1106 12.02 -37.74 -50.20
C ALA A 1106 11.59 -38.56 -48.97
N LEU A 1107 12.56 -39.23 -48.36
CA LEU A 1107 12.33 -40.01 -47.17
C LEU A 1107 13.52 -39.80 -46.26
N TYR A 1108 13.24 -39.46 -45.00
CA TYR A 1108 14.28 -39.24 -44.01
C TYR A 1108 13.78 -39.23 -42.55
N VAL A 1109 14.70 -39.46 -41.60
CA VAL A 1109 14.43 -39.49 -40.16
C VAL A 1109 15.17 -38.34 -39.49
N VAL A 1110 14.50 -37.58 -38.62
CA VAL A 1110 15.14 -36.50 -37.89
C VAL A 1110 15.04 -36.77 -36.42
N ASP A 1111 16.17 -37.08 -35.77
CA ASP A 1111 16.21 -37.28 -34.33
C ASP A 1111 16.25 -35.88 -33.81
N LEU A 1112 15.06 -35.34 -33.56
CA LEU A 1112 14.90 -33.97 -33.11
C LEU A 1112 15.72 -33.59 -31.90
N GLN A 1113 15.76 -34.42 -30.84
CA GLN A 1113 16.56 -34.07 -29.66
C GLN A 1113 18.06 -33.94 -30.01
N ARG A 1114 18.59 -34.76 -30.95
CA ARG A 1114 19.99 -34.63 -31.40
C ARG A 1114 20.11 -33.43 -32.33
N PHE A 1115 19.13 -33.20 -33.18
CA PHE A 1115 19.08 -32.07 -34.09
C PHE A 1115 19.27 -30.75 -33.32
N ARG A 1116 18.49 -30.53 -32.25
CA ARG A 1116 18.56 -29.34 -31.39
C ARG A 1116 19.89 -29.32 -30.65
N GLU A 1117 20.32 -30.47 -30.10
CA GLU A 1117 21.57 -30.61 -29.36
C GLU A 1117 22.76 -30.22 -30.22
N LEU A 1118 22.74 -30.63 -31.48
CA LEU A 1118 23.79 -30.33 -32.40
C LEU A 1118 23.68 -28.95 -33.03
N ALA A 1119 22.49 -28.34 -32.97
CA ALA A 1119 22.14 -27.02 -33.53
C ALA A 1119 22.34 -27.05 -35.04
N ALA A 1120 21.77 -28.07 -35.67
CA ALA A 1120 21.90 -28.29 -37.10
C ALA A 1120 21.14 -27.29 -37.94
N GLY A 1121 19.93 -26.94 -37.51
CA GLY A 1121 19.03 -26.03 -38.21
C GLY A 1121 19.64 -24.68 -38.48
N ASP A 1122 20.36 -24.14 -37.48
CA ASP A 1122 21.02 -22.86 -37.57
C ASP A 1122 22.08 -22.88 -38.65
N ARG A 1123 22.82 -23.98 -38.78
CA ARG A 1123 23.87 -24.16 -39.78
C ARG A 1123 23.26 -24.28 -41.16
N LEU A 1124 22.13 -25.02 -41.27
CA LEU A 1124 21.38 -25.16 -42.51
C LEU A 1124 20.93 -23.75 -42.99
N ARG A 1125 20.26 -23.00 -42.10
CA ARG A 1125 19.76 -21.64 -42.35
C ARG A 1125 20.85 -20.64 -42.79
N GLN A 1126 21.97 -20.53 -42.03
CA GLN A 1126 23.04 -19.58 -42.37
C GLN A 1126 23.82 -19.99 -43.62
N GLN A 1127 23.89 -21.30 -43.92
CA GLN A 1127 24.53 -21.76 -45.14
C GLN A 1127 23.63 -21.44 -46.31
N TYR A 1128 22.32 -21.67 -46.17
CA TYR A 1128 21.32 -21.32 -47.17
C TYR A 1128 21.39 -19.81 -47.50
N HIS A 1129 21.58 -18.99 -46.47
CA HIS A 1129 21.68 -17.53 -46.57
C HIS A 1129 22.58 -17.03 -47.72
N ALA A 1130 23.91 -17.19 -47.62
CA ALA A 1130 24.82 -16.71 -48.65
C ALA A 1130 24.72 -17.49 -49.95
N LEU A 1131 24.34 -18.78 -49.88
CA LEU A 1131 24.17 -19.59 -51.07
C LEU A 1131 22.97 -19.12 -51.89
N SER A 1132 21.91 -18.66 -51.21
CA SER A 1132 20.68 -18.15 -51.81
C SER A 1132 20.87 -16.92 -52.68
N ALA A 1133 22.08 -16.30 -52.67
CA ALA A 1133 22.41 -15.15 -53.51
C ALA A 1133 22.26 -15.56 -54.99
N ASP A 1134 22.71 -16.77 -55.33
CA ASP A 1134 22.52 -17.33 -56.65
C ASP A 1134 21.56 -18.48 -56.49
N PRO A 1135 20.32 -18.35 -56.98
CA PRO A 1135 19.35 -19.45 -56.83
C PRO A 1135 19.71 -20.70 -57.64
N ASN A 1136 20.63 -20.56 -58.60
CA ASN A 1136 21.13 -21.61 -59.50
C ASN A 1136 21.97 -22.63 -58.74
N SER A 1137 22.66 -22.20 -57.66
CA SER A 1137 23.45 -23.08 -56.83
C SER A 1137 22.50 -24.02 -56.08
N LEU A 1138 21.41 -23.47 -55.51
CA LEU A 1138 20.40 -24.28 -54.85
C LEU A 1138 19.50 -24.84 -55.94
N ALA A 1139 19.91 -25.95 -56.55
CA ALA A 1139 19.11 -26.57 -57.62
C ALA A 1139 17.83 -27.10 -56.99
N ASN A 1140 17.98 -27.84 -55.87
CA ASN A 1140 16.91 -28.37 -55.06
C ASN A 1140 17.45 -28.09 -53.66
N LEU A 1141 16.96 -27.06 -52.98
CA LEU A 1141 17.47 -26.72 -51.65
C LEU A 1141 17.09 -27.73 -50.55
N ASP A 1142 16.09 -28.58 -50.81
CA ASP A 1142 15.71 -29.63 -49.86
C ASP A 1142 16.70 -30.81 -49.92
N GLN A 1143 17.25 -31.08 -51.11
CA GLN A 1143 18.15 -32.19 -51.44
C GLN A 1143 19.63 -31.79 -51.36
N ASP A 1144 20.05 -30.72 -52.06
CA ASP A 1144 21.43 -30.24 -52.10
C ASP A 1144 21.96 -29.71 -50.78
N LEU A 1145 21.10 -29.11 -49.92
CA LEU A 1145 21.57 -28.60 -48.64
C LEU A 1145 22.06 -29.72 -47.71
N PRO A 1146 21.28 -30.78 -47.37
CA PRO A 1146 21.86 -31.86 -46.53
C PRO A 1146 23.07 -32.56 -47.16
N ASN A 1147 23.13 -32.65 -48.51
CA ASN A 1147 24.26 -33.26 -49.21
C ASN A 1147 25.55 -32.44 -49.10
N HIS A 1148 25.46 -31.13 -49.26
CA HIS A 1148 26.61 -30.25 -49.11
C HIS A 1148 27.00 -30.12 -47.62
N MET A 1149 26.03 -30.28 -46.70
CA MET A 1149 26.27 -30.17 -45.27
C MET A 1149 26.58 -31.50 -44.58
N GLN A 1150 26.77 -32.61 -45.34
CA GLN A 1150 27.12 -33.88 -44.68
C GLN A 1150 28.60 -33.94 -44.25
N PHE A 1151 29.40 -32.95 -44.66
CA PHE A 1151 30.80 -32.79 -44.29
C PHE A 1151 30.90 -32.27 -42.84
N THR A 1152 29.95 -31.42 -42.41
CA THR A 1152 29.93 -30.83 -41.06
C THR A 1152 28.85 -31.46 -40.17
N ILE A 1153 27.65 -31.66 -40.75
CA ILE A 1153 26.52 -32.26 -40.06
C ILE A 1153 26.41 -33.69 -40.53
N PRO A 1154 26.59 -34.66 -39.64
CA PRO A 1154 26.58 -36.07 -40.07
C PRO A 1154 25.32 -36.58 -40.74
N ILE A 1155 25.47 -37.47 -41.74
CA ILE A 1155 24.37 -38.13 -42.42
C ILE A 1155 24.43 -39.63 -42.21
N ALA A 1156 23.42 -40.16 -41.52
CA ALA A 1156 23.32 -41.60 -41.33
C ALA A 1156 22.71 -42.13 -42.61
N THR A 1157 23.25 -43.25 -43.11
CA THR A 1157 22.74 -43.84 -44.33
C THR A 1157 21.80 -44.99 -44.00
N LEU A 1158 20.61 -45.00 -44.63
CA LEU A 1158 19.57 -46.02 -44.45
C LEU A 1158 19.63 -47.06 -45.57
N PRO A 1159 19.22 -48.31 -45.29
CA PRO A 1159 19.29 -49.36 -46.31
C PRO A 1159 18.56 -49.04 -47.61
N GLN A 1160 19.10 -49.57 -48.74
CA GLN A 1160 18.55 -49.40 -50.08
C GLN A 1160 17.13 -49.97 -50.22
N GLU A 1161 16.78 -50.94 -49.37
CA GLU A 1161 15.45 -51.54 -49.32
C GLU A 1161 14.40 -50.46 -49.02
N TRP A 1162 14.75 -49.47 -48.17
CA TRP A 1162 13.85 -48.39 -47.78
C TRP A 1162 13.41 -47.51 -48.91
N LEU A 1163 14.30 -47.22 -49.88
CA LEU A 1163 13.90 -46.34 -50.96
C LEU A 1163 14.05 -46.95 -52.34
N TRP A 1164 12.98 -46.84 -53.12
CA TRP A 1164 12.95 -47.37 -54.46
C TRP A 1164 12.42 -46.35 -55.45
N CYS A 1165 13.00 -46.36 -56.65
CA CYS A 1165 12.63 -45.49 -57.75
C CYS A 1165 12.62 -46.29 -59.03
N GLU A 1166 11.70 -45.96 -59.93
CA GLU A 1166 11.59 -46.65 -61.21
C GLU A 1166 12.52 -46.11 -62.28
N THR A 1167 13.72 -45.68 -61.91
CA THR A 1167 14.70 -45.19 -62.87
C THR A 1167 16.12 -45.58 -62.48
N TRP A 1168 16.41 -45.59 -61.17
CA TRP A 1168 17.77 -45.92 -60.72
C TRP A 1168 17.89 -47.27 -59.96
N CYS A 1169 16.78 -47.86 -59.51
CA CYS A 1169 16.82 -49.17 -58.84
C CYS A 1169 16.19 -50.22 -59.77
N SER A 1170 16.78 -51.44 -59.88
CA SER A 1170 16.22 -52.47 -60.75
C SER A 1170 14.87 -52.97 -60.24
N ASP A 1171 14.04 -53.49 -61.13
CA ASP A 1171 12.71 -53.99 -60.76
C ASP A 1171 12.73 -55.08 -59.70
N GLU A 1172 13.86 -55.76 -59.55
CA GLU A 1172 14.03 -56.78 -58.53
C GLU A 1172 14.06 -56.20 -57.12
N THR A 1173 14.53 -54.95 -56.99
CA THR A 1173 14.58 -54.29 -55.69
C THR A 1173 13.17 -54.11 -55.10
N LEU A 1174 12.17 -53.88 -55.97
CA LEU A 1174 10.77 -53.70 -55.61
C LEU A 1174 10.19 -54.88 -54.83
N LYS A 1175 10.77 -56.08 -54.98
CA LYS A 1175 10.32 -57.25 -54.23
C LYS A 1175 10.57 -57.03 -52.73
N ASP A 1176 11.77 -56.54 -52.42
CA ASP A 1176 12.19 -56.24 -51.07
C ASP A 1176 12.03 -54.73 -50.83
N ALA A 1177 10.90 -54.15 -51.29
CA ALA A 1177 10.70 -52.71 -51.15
C ALA A 1177 10.10 -52.35 -49.82
N ARG A 1178 10.49 -51.17 -49.32
CA ARG A 1178 9.97 -50.60 -48.08
C ARG A 1178 9.15 -49.36 -48.44
N THR A 1179 9.70 -48.44 -49.25
CA THR A 1179 9.01 -47.24 -49.74
C THR A 1179 9.42 -46.92 -51.20
N ILE A 1180 8.47 -46.41 -52.01
CA ILE A 1180 8.73 -46.03 -53.40
C ILE A 1180 8.33 -44.58 -53.55
N ASP A 1181 9.25 -43.71 -54.01
CA ASP A 1181 8.89 -42.30 -54.16
C ASP A 1181 8.07 -41.98 -55.41
N LEU A 1182 7.97 -42.94 -56.38
CA LEU A 1182 7.31 -42.73 -57.67
C LEU A 1182 7.98 -41.56 -58.39
N CYS A 1183 9.33 -41.55 -58.36
CA CYS A 1183 10.27 -40.55 -58.86
C CYS A 1183 9.75 -39.73 -60.03
N ASN A 1184 10.14 -38.47 -60.06
CA ASN A 1184 9.76 -37.52 -61.12
C ASN A 1184 10.83 -37.58 -62.22
N ASN A 1185 10.43 -37.67 -63.51
CA ASN A 1185 11.36 -37.73 -64.66
C ASN A 1185 12.21 -39.01 -64.72
N PRO A 1191 2.79 -38.32 -66.37
CA PRO A 1191 2.46 -37.85 -65.02
C PRO A 1191 2.27 -38.97 -63.99
N LYS A 1192 2.20 -38.59 -62.70
CA LYS A 1192 2.09 -39.49 -61.57
C LYS A 1192 0.83 -40.34 -61.51
N LEU A 1193 -0.30 -39.89 -62.08
CA LEU A 1193 -1.53 -40.70 -62.07
C LEU A 1193 -1.32 -42.01 -62.82
N ASP A 1194 -0.58 -41.96 -63.93
CA ASP A 1194 -0.28 -43.14 -64.75
C ASP A 1194 0.76 -44.00 -64.06
N ARG A 1195 1.82 -43.37 -63.54
CA ARG A 1195 2.91 -44.06 -62.88
C ARG A 1195 2.45 -44.79 -61.62
N ALA A 1196 1.45 -44.26 -60.93
CA ALA A 1196 0.94 -44.89 -59.71
C ALA A 1196 0.24 -46.23 -59.97
N ARG A 1197 -0.65 -46.28 -60.97
CA ARG A 1197 -1.36 -47.51 -61.30
C ARG A 1197 -0.42 -48.56 -61.93
N ARG A 1198 0.64 -48.10 -62.59
CA ARG A 1198 1.66 -48.92 -63.26
C ARG A 1198 2.68 -49.53 -62.25
N GLN A 1199 3.40 -48.68 -61.47
CA GLN A 1199 4.42 -49.14 -60.52
C GLN A 1199 3.80 -49.87 -59.34
N VAL A 1200 2.82 -49.26 -58.68
CA VAL A 1200 2.20 -49.87 -57.50
C VAL A 1200 0.78 -50.33 -57.80
N PRO A 1201 0.52 -51.64 -57.68
CA PRO A 1201 -0.83 -52.13 -57.96
C PRO A 1201 -1.85 -51.79 -56.85
N GLU A 1202 -1.39 -51.67 -55.60
CA GLU A 1202 -2.26 -51.35 -54.49
C GLU A 1202 -2.62 -49.85 -54.38
N TRP A 1203 -2.08 -49.00 -55.27
CA TRP A 1203 -2.37 -47.58 -55.30
C TRP A 1203 -3.85 -47.33 -55.57
N THR A 1204 -4.43 -48.10 -56.49
CA THR A 1204 -5.84 -48.00 -56.84
C THR A 1204 -6.70 -48.34 -55.63
N LYS A 1205 -6.32 -49.42 -54.92
CA LYS A 1205 -6.97 -49.92 -53.70
C LYS A 1205 -7.12 -48.81 -52.66
N TYR A 1206 -6.04 -48.04 -52.44
CA TYR A 1206 -6.08 -46.97 -51.46
C TYR A 1206 -6.96 -45.82 -51.94
N ASP A 1207 -6.87 -45.46 -53.23
CA ASP A 1207 -7.66 -44.38 -53.83
C ASP A 1207 -9.16 -44.64 -53.70
N GLU A 1208 -9.58 -45.87 -53.97
CA GLU A 1208 -10.97 -46.24 -53.91
C GLU A 1208 -11.51 -46.22 -52.48
N GLU A 1209 -10.66 -46.59 -51.50
CA GLU A 1209 -11.03 -46.54 -50.08
C GLU A 1209 -11.39 -45.12 -49.68
N ILE A 1210 -10.62 -44.15 -50.15
CA ILE A 1210 -10.85 -42.74 -49.87
C ILE A 1210 -12.14 -42.29 -50.56
N ALA A 1211 -12.28 -42.63 -51.85
CA ALA A 1211 -13.44 -42.26 -52.66
C ALA A 1211 -14.78 -42.62 -52.04
N GLU A 1212 -14.92 -43.84 -51.50
CA GLU A 1212 -16.14 -44.27 -50.85
C GLU A 1212 -16.31 -43.56 -49.53
N LEU A 1213 -15.23 -43.40 -48.77
CA LEU A 1213 -15.24 -42.76 -47.47
C LEU A 1213 -15.87 -41.37 -47.47
N ALA A 1214 -15.53 -40.56 -48.46
CA ALA A 1214 -16.08 -39.22 -48.56
C ALA A 1214 -17.60 -39.27 -48.79
N ARG A 1215 -18.04 -40.17 -49.65
CA ARG A 1215 -19.47 -40.34 -49.92
C ARG A 1215 -20.21 -40.98 -48.73
N ARG A 1216 -19.52 -41.76 -47.90
CA ARG A 1216 -20.06 -42.36 -46.68
C ARG A 1216 -20.42 -41.22 -45.70
N VAL A 1217 -19.52 -40.25 -45.58
CA VAL A 1217 -19.70 -39.10 -44.71
C VAL A 1217 -20.82 -38.19 -45.26
N ARG A 1218 -20.84 -38.00 -46.59
CA ARG A 1218 -21.78 -37.19 -47.37
C ARG A 1218 -23.23 -37.17 -46.82
N GLU A 1219 -23.74 -38.31 -46.33
CA GLU A 1219 -25.09 -38.39 -45.79
C GLU A 1219 -25.08 -38.67 -44.29
N SER B 8 -3.65 -65.03 30.46
CA SER B 8 -3.58 -63.56 30.41
C SER B 8 -4.68 -63.06 29.46
N PRO B 9 -5.93 -62.88 29.93
CA PRO B 9 -6.99 -62.42 29.02
C PRO B 9 -7.00 -60.91 28.84
N SER B 10 -6.52 -60.40 27.67
CA SER B 10 -6.48 -58.96 27.45
C SER B 10 -7.01 -58.49 26.07
N ILE B 11 -7.51 -57.24 26.02
CA ILE B 11 -8.03 -56.59 24.82
C ILE B 11 -7.32 -55.24 24.68
N ASN B 12 -6.66 -54.98 23.54
CA ASN B 12 -5.93 -53.73 23.32
C ASN B 12 -6.45 -52.90 22.14
N VAL B 13 -6.60 -51.59 22.36
CA VAL B 13 -7.05 -50.66 21.32
C VAL B 13 -6.08 -49.50 21.22
N ALA B 14 -5.58 -49.20 20.01
CA ALA B 14 -4.68 -48.07 19.80
C ALA B 14 -5.23 -47.10 18.74
N LEU B 15 -4.88 -45.79 18.80
CA LEU B 15 -5.41 -44.80 17.86
C LEU B 15 -4.41 -44.27 16.84
N LYS B 16 -4.84 -44.19 15.57
CA LYS B 16 -4.05 -43.69 14.46
C LYS B 16 -4.52 -42.30 14.00
N ALA B 17 -3.65 -41.61 13.24
CA ALA B 17 -3.93 -40.29 12.70
C ALA B 17 -4.07 -40.31 11.18
N ALA B 18 -4.89 -39.39 10.65
CA ALA B 18 -5.03 -39.29 9.21
C ALA B 18 -3.97 -38.39 8.60
N PHE B 19 -2.75 -38.40 9.15
CA PHE B 19 -1.64 -37.61 8.65
C PHE B 19 -0.30 -38.04 9.25
N PRO B 20 0.80 -37.84 8.51
CA PRO B 20 2.10 -38.26 9.02
C PRO B 20 2.53 -37.54 10.28
N SER B 21 3.32 -38.22 11.08
CA SER B 21 3.84 -37.69 12.33
C SER B 21 4.77 -36.54 12.05
N PRO B 22 4.41 -35.34 12.52
CA PRO B 22 5.34 -34.23 12.41
C PRO B 22 6.48 -34.50 13.41
N PRO B 23 7.73 -34.17 13.08
CA PRO B 23 8.84 -34.44 14.01
C PRO B 23 8.61 -33.91 15.44
N TYR B 24 9.26 -34.48 16.46
CA TYR B 24 9.04 -34.06 17.85
C TYR B 24 9.50 -32.62 18.14
N LEU B 25 10.58 -32.14 17.48
CA LEU B 25 11.07 -30.78 17.69
C LEU B 25 10.01 -29.74 17.28
N VAL B 26 9.18 -30.06 16.24
CA VAL B 26 8.10 -29.20 15.76
C VAL B 26 6.97 -29.08 16.80
N GLU B 27 6.77 -30.12 17.62
CA GLU B 27 5.79 -30.11 18.69
C GLU B 27 6.37 -29.13 19.74
N LEU B 28 7.61 -29.37 20.18
CA LEU B 28 8.34 -28.56 21.16
C LEU B 28 8.42 -27.07 20.88
N LEU B 29 8.28 -26.66 19.62
CA LEU B 29 8.32 -25.25 19.28
C LEU B 29 6.96 -24.57 19.47
N GLU B 30 5.86 -25.25 19.12
CA GLU B 30 4.52 -24.66 19.28
C GLU B 30 3.69 -25.31 20.44
N THR B 31 4.37 -26.10 21.30
CA THR B 31 3.87 -26.75 22.51
C THR B 31 4.59 -26.05 23.66
N ALA B 32 5.94 -25.92 23.58
CA ALA B 32 6.66 -25.14 24.61
C ALA B 32 6.20 -23.66 24.55
N ALA B 33 5.71 -23.21 23.38
CA ALA B 33 5.11 -21.90 23.13
C ALA B 33 3.71 -22.20 22.56
N SER B 34 2.73 -22.41 23.44
CA SER B 34 1.33 -22.73 23.12
C SER B 34 0.74 -21.76 22.10
N ASP B 35 0.93 -20.45 22.36
CA ASP B 35 0.54 -19.29 21.54
C ASP B 35 1.57 -18.16 21.70
N ASN B 36 2.17 -18.06 22.91
CA ASN B 36 3.16 -17.05 23.30
C ASN B 36 4.29 -17.03 22.31
N THR B 37 4.20 -16.05 21.42
CA THR B 37 5.13 -15.77 20.33
C THR B 37 6.50 -15.43 20.87
N THR B 38 6.56 -14.68 21.98
CA THR B 38 7.81 -14.30 22.59
C THR B 38 8.60 -15.57 23.04
N ILE B 39 7.90 -16.61 23.51
CA ILE B 39 8.54 -17.87 23.87
C ILE B 39 9.04 -18.56 22.60
N TYR B 40 8.18 -18.58 21.58
CA TYR B 40 8.38 -19.18 20.27
C TYR B 40 9.67 -18.77 19.59
N TYR B 41 9.94 -17.46 19.47
CA TYR B 41 11.15 -17.00 18.81
C TYR B 41 12.40 -17.15 19.68
N SER B 42 12.26 -17.03 21.00
CA SER B 42 13.43 -17.24 21.88
C SER B 42 13.88 -18.72 21.88
N LEU B 43 12.97 -19.65 21.56
CA LEU B 43 13.27 -21.08 21.45
C LEU B 43 13.68 -21.43 20.01
N LEU B 44 13.09 -20.75 19.01
CA LEU B 44 13.43 -20.91 17.60
C LEU B 44 14.89 -20.45 17.36
N ASP B 45 15.38 -19.50 18.17
CA ASP B 45 16.75 -19.01 18.11
C ASP B 45 17.71 -20.06 18.65
N ARG B 46 17.34 -20.75 19.73
CA ARG B 46 18.16 -21.78 20.35
C ARG B 46 18.26 -23.05 19.53
N ILE B 47 17.21 -23.38 18.76
CA ILE B 47 17.27 -24.55 17.87
C ILE B 47 18.08 -24.25 16.60
N ALA B 48 18.16 -22.97 16.21
CA ALA B 48 18.98 -22.52 15.08
C ALA B 48 20.44 -22.26 15.53
N LYS B 49 20.66 -22.02 16.84
CA LYS B 49 21.97 -21.80 17.44
C LYS B 49 22.76 -23.13 17.38
N GLY B 50 22.09 -24.21 17.77
CA GLY B 50 22.70 -25.54 17.78
C GLY B 50 22.60 -26.29 19.09
N HIS B 51 21.90 -25.70 20.09
CA HIS B 51 21.75 -26.31 21.41
C HIS B 51 20.94 -27.60 21.35
N PHE B 52 19.98 -27.68 20.45
CA PHE B 52 19.14 -28.86 20.31
C PHE B 52 19.55 -29.80 19.21
N ALA B 53 20.74 -29.62 18.62
CA ALA B 53 21.24 -30.49 17.57
C ALA B 53 21.56 -31.88 18.10
N GLU B 54 22.06 -31.96 19.34
CA GLU B 54 22.40 -33.25 19.95
C GLU B 54 21.21 -34.15 20.23
N ALA B 55 20.01 -33.60 20.20
CA ALA B 55 18.81 -34.35 20.43
C ALA B 55 18.46 -35.16 19.18
N THR B 56 18.95 -36.40 19.12
CA THR B 56 18.67 -37.28 18.00
C THR B 56 17.42 -38.09 18.35
N THR B 57 17.40 -38.70 19.54
CA THR B 57 16.27 -39.47 20.01
C THR B 57 15.23 -38.55 20.60
N ASP B 58 13.98 -38.93 20.45
CA ASP B 58 12.89 -38.16 20.99
C ASP B 58 12.93 -38.07 22.51
N LYS B 59 13.72 -38.93 23.17
CA LYS B 59 13.85 -38.93 24.62
C LYS B 59 14.54 -37.67 25.05
N ALA B 60 15.85 -37.52 24.77
CA ALA B 60 16.58 -36.31 25.14
C ALA B 60 15.94 -35.03 24.60
N LEU B 61 15.07 -35.15 23.58
CA LEU B 61 14.34 -34.03 22.99
C LEU B 61 13.57 -33.24 24.08
N TYR B 62 12.50 -33.83 24.63
CA TYR B 62 11.69 -33.27 25.70
C TYR B 62 12.58 -32.86 26.89
N GLU B 63 13.63 -33.66 27.17
CA GLU B 63 14.61 -33.46 28.23
C GLU B 63 15.31 -32.13 28.15
N LYS B 64 15.94 -31.86 27.03
CA LYS B 64 16.66 -30.62 26.86
C LYS B 64 15.72 -29.44 26.82
N PHE B 65 14.50 -29.63 26.28
CA PHE B 65 13.52 -28.54 26.26
C PHE B 65 13.13 -28.13 27.66
N LEU B 66 13.05 -29.09 28.58
CA LEU B 66 12.73 -28.79 29.97
C LEU B 66 13.76 -27.84 30.57
N GLU B 67 15.04 -28.09 30.26
CA GLU B 67 16.13 -27.26 30.73
C GLU B 67 15.97 -25.82 30.29
N VAL B 68 15.86 -25.58 28.99
CA VAL B 68 15.75 -24.23 28.47
C VAL B 68 14.44 -23.56 28.84
N LEU B 69 13.37 -24.33 28.97
CA LEU B 69 12.07 -23.76 29.33
C LEU B 69 12.06 -23.15 30.71
N ARG B 70 12.70 -23.83 31.65
CA ARG B 70 12.77 -23.36 33.02
C ARG B 70 13.93 -22.36 33.20
N ASP B 71 15.06 -22.60 32.49
CA ASP B 71 16.28 -21.77 32.55
C ASP B 71 16.14 -20.40 31.89
N ASP B 72 15.35 -20.30 30.81
CA ASP B 72 15.13 -19.01 30.15
C ASP B 72 13.93 -18.23 30.73
N GLY B 73 13.37 -18.69 31.85
CA GLY B 73 12.27 -18.04 32.57
C GLY B 73 10.90 -18.22 31.95
N HIS B 74 10.82 -18.94 30.82
CA HIS B 74 9.58 -19.17 30.07
C HIS B 74 8.55 -19.92 30.89
N MET B 75 8.99 -20.94 31.65
CA MET B 75 8.07 -21.76 32.42
C MET B 75 8.51 -22.03 33.88
N ASP B 76 7.51 -22.07 34.75
CA ASP B 76 7.57 -22.35 36.18
C ASP B 76 7.04 -23.77 36.39
N PRO B 77 7.47 -24.47 37.46
CA PRO B 77 7.02 -25.85 37.69
C PRO B 77 5.52 -26.12 37.65
N GLU B 78 4.70 -25.22 38.21
CA GLU B 78 3.25 -25.41 38.21
C GLU B 78 2.69 -25.50 36.79
N ALA B 79 3.03 -24.53 35.92
CA ALA B 79 2.58 -24.54 34.53
C ALA B 79 3.35 -25.50 33.65
N LEU B 80 4.52 -25.96 34.10
CA LEU B 80 5.35 -26.92 33.39
C LEU B 80 4.67 -28.28 33.39
N SER B 81 3.99 -28.64 34.50
CA SER B 81 3.27 -29.91 34.56
C SER B 81 2.16 -29.97 33.50
N ALA B 82 1.56 -28.82 33.17
CA ALA B 82 0.57 -28.71 32.12
C ALA B 82 1.20 -28.97 30.73
N PHE B 83 2.44 -28.49 30.53
CA PHE B 83 3.20 -28.66 29.30
C PHE B 83 3.56 -30.13 29.07
N LYS B 84 3.88 -30.83 30.15
CA LYS B 84 4.24 -32.24 30.11
C LYS B 84 3.07 -33.08 29.53
N LEU B 85 1.84 -32.87 30.03
CA LEU B 85 0.65 -33.63 29.60
C LEU B 85 0.14 -33.25 28.21
N ALA B 86 0.22 -31.96 27.86
CA ALA B 86 -0.22 -31.52 26.54
C ALA B 86 0.70 -32.09 25.44
N LEU B 87 1.98 -32.34 25.77
CA LEU B 87 3.01 -32.90 24.90
C LEU B 87 2.73 -34.38 24.51
N SER B 88 2.07 -35.13 25.40
CA SER B 88 1.68 -36.53 25.17
C SER B 88 0.41 -36.55 24.32
N LEU B 89 -0.55 -35.65 24.63
CA LEU B 89 -1.78 -35.45 23.87
C LEU B 89 -1.48 -34.91 22.46
N ARG B 90 -0.32 -34.24 22.29
CA ARG B 90 0.23 -33.68 21.08
C ARG B 90 -0.66 -32.59 20.51
N THR B 91 -0.69 -31.46 21.23
CA THR B 91 -1.49 -30.30 20.87
C THR B 91 -0.94 -29.55 19.65
N ALA B 92 0.39 -29.55 19.47
CA ALA B 92 1.00 -28.88 18.33
C ALA B 92 1.45 -29.87 17.27
N THR B 93 0.48 -30.59 16.78
CA THR B 93 0.54 -31.52 15.68
C THR B 93 -0.60 -31.13 14.70
N PRO B 94 -1.89 -30.89 15.11
CA PRO B 94 -2.88 -30.36 14.13
C PRO B 94 -2.54 -28.95 13.64
N ARG B 95 -1.80 -28.18 14.45
CA ARG B 95 -1.32 -26.84 14.12
C ARG B 95 -0.21 -26.95 13.06
N VAL B 96 0.64 -27.99 13.18
CA VAL B 96 1.75 -28.29 12.26
C VAL B 96 1.22 -28.82 10.93
N GLU B 97 0.17 -29.66 10.96
CA GLU B 97 -0.41 -30.22 9.74
C GLU B 97 -1.12 -29.16 8.86
N ALA B 98 -1.48 -28.00 9.44
CA ALA B 98 -2.12 -26.90 8.70
C ALA B 98 -1.10 -26.10 7.84
N HIS B 99 0.16 -26.01 8.32
CA HIS B 99 1.24 -25.34 7.62
C HIS B 99 1.59 -26.18 6.39
N TYR B 100 1.68 -27.52 6.56
CA TYR B 100 1.92 -28.49 5.49
C TYR B 100 0.77 -28.45 4.49
N GLN B 101 -0.46 -28.27 4.97
CA GLN B 101 -1.63 -28.23 4.12
C GLN B 101 -1.75 -26.92 3.37
N TYR B 102 -1.31 -25.79 3.95
CA TYR B 102 -1.29 -24.54 3.18
C TYR B 102 -0.10 -24.58 2.20
N TYR B 103 1.01 -25.30 2.56
CA TYR B 103 2.19 -25.41 1.70
C TYR B 103 1.90 -26.24 0.45
N THR B 104 1.18 -27.36 0.62
CA THR B 104 0.83 -28.30 -0.44
C THR B 104 -0.21 -27.77 -1.46
N ALA B 105 -1.31 -27.23 -0.98
CA ALA B 105 -2.38 -26.77 -1.85
C ALA B 105 -2.39 -25.28 -2.18
N THR B 106 -1.29 -24.55 -1.92
CA THR B 106 -1.26 -23.11 -2.22
C THR B 106 0.14 -22.65 -2.51
N VAL B 107 1.08 -23.00 -1.65
CA VAL B 107 2.44 -22.55 -1.82
C VAL B 107 3.10 -23.17 -3.02
N GLU B 108 3.07 -24.50 -3.13
CA GLU B 108 3.67 -25.21 -4.26
C GLU B 108 3.17 -24.78 -5.63
N PRO B 109 1.85 -24.64 -5.89
CA PRO B 109 1.41 -24.22 -7.23
C PRO B 109 1.86 -22.80 -7.61
N SER B 110 1.86 -21.87 -6.66
CA SER B 110 2.28 -20.49 -6.92
C SER B 110 3.79 -20.35 -7.14
N LEU B 111 4.55 -21.28 -6.56
CA LEU B 111 6.00 -21.34 -6.64
C LEU B 111 6.40 -21.76 -8.05
N SER B 112 6.56 -20.81 -8.96
CA SER B 112 6.92 -21.12 -10.35
C SER B 112 8.41 -21.42 -10.50
N GLY B 113 8.73 -22.59 -11.02
CA GLY B 113 10.11 -23.05 -11.23
C GLY B 113 10.43 -24.33 -10.48
N THR B 114 11.58 -24.96 -10.77
CA THR B 114 11.98 -26.18 -10.08
C THR B 114 12.86 -25.86 -8.90
N GLN B 115 12.50 -26.37 -7.73
CA GLN B 115 13.24 -26.09 -6.51
C GLN B 115 14.42 -27.03 -6.29
N GLU B 116 15.56 -26.45 -5.93
CA GLU B 116 16.79 -27.16 -5.58
C GLU B 116 17.61 -26.21 -4.72
N GLY B 117 17.97 -26.63 -3.51
CA GLY B 117 18.64 -25.76 -2.55
C GLY B 117 17.67 -24.82 -1.85
N CYS B 118 16.43 -24.74 -2.37
CA CYS B 118 15.33 -23.95 -1.90
C CYS B 118 14.53 -24.71 -0.86
N ASP B 119 15.20 -25.50 0.00
CA ASP B 119 14.50 -26.18 1.09
C ASP B 119 13.90 -25.13 2.04
N GLN B 120 14.60 -23.99 2.19
CA GLN B 120 14.17 -22.82 2.92
C GLN B 120 14.25 -21.62 1.94
N TRP B 121 13.21 -20.77 1.90
CA TRP B 121 13.18 -19.60 1.02
C TRP B 121 12.25 -18.52 1.54
N PHE B 122 12.62 -17.26 1.32
CA PHE B 122 11.84 -16.13 1.77
C PHE B 122 10.93 -15.60 0.69
N LEU B 123 9.84 -14.96 1.11
CA LEU B 123 8.90 -14.37 0.19
C LEU B 123 8.85 -12.87 0.45
N ILE B 124 9.32 -12.04 -0.49
CA ILE B 124 9.33 -10.58 -0.38
C ILE B 124 8.84 -9.92 -1.68
N ASP B 125 7.67 -9.24 -1.62
CA ASP B 125 7.07 -8.47 -2.73
C ASP B 125 6.80 -9.28 -4.02
N GLY B 126 6.17 -10.44 -3.87
CA GLY B 126 5.87 -11.32 -5.00
C GLY B 126 7.08 -12.00 -5.60
N GLU B 127 8.22 -11.97 -4.89
CA GLU B 127 9.47 -12.58 -5.34
C GLU B 127 10.01 -13.57 -4.31
N GLN B 128 10.52 -14.71 -4.79
CA GLN B 128 11.05 -15.74 -3.89
C GLN B 128 12.57 -15.75 -3.97
N TYR B 129 13.24 -15.85 -2.82
CA TYR B 129 14.69 -15.86 -2.78
C TYR B 129 15.20 -17.07 -2.01
N CYS B 130 15.97 -17.95 -2.67
CA CYS B 130 16.52 -19.17 -2.06
C CYS B 130 17.87 -18.97 -1.36
N SER B 131 18.33 -17.72 -1.21
CA SER B 131 19.63 -17.46 -0.61
C SER B 131 19.56 -16.37 0.46
N PRO B 132 20.39 -16.47 1.50
CA PRO B 132 20.40 -15.41 2.52
C PRO B 132 20.87 -14.06 1.96
N THR B 133 21.71 -14.10 0.93
CA THR B 133 22.26 -12.94 0.26
C THR B 133 21.20 -12.04 -0.38
N LEU B 134 20.01 -12.58 -0.71
CA LEU B 134 18.90 -11.85 -1.33
C LEU B 134 19.10 -11.53 -2.83
N ASP B 135 20.25 -11.90 -3.39
CA ASP B 135 20.52 -11.65 -4.81
C ASP B 135 19.98 -12.71 -5.74
N THR B 136 19.69 -13.91 -5.22
CA THR B 136 19.19 -15.00 -6.04
C THR B 136 17.67 -15.14 -5.93
N SER B 137 16.96 -14.67 -6.96
CA SER B 137 15.51 -14.77 -7.02
C SER B 137 15.14 -15.90 -7.95
N HIS B 138 14.50 -16.96 -7.45
CA HIS B 138 14.18 -18.10 -8.30
C HIS B 138 12.93 -17.89 -9.18
N GLY B 139 11.89 -17.26 -8.66
CA GLY B 139 10.68 -17.04 -9.45
C GLY B 139 9.58 -16.21 -8.82
N LYS B 140 8.63 -15.79 -9.65
CA LYS B 140 7.49 -14.99 -9.25
C LYS B 140 6.48 -15.89 -8.55
N VAL B 141 5.94 -15.44 -7.41
CA VAL B 141 4.93 -16.19 -6.69
C VAL B 141 3.56 -15.81 -7.18
N LYS B 142 3.11 -16.50 -8.23
CA LYS B 142 1.82 -16.28 -8.88
C LYS B 142 0.63 -16.67 -7.94
N GLY B 143 -0.57 -16.81 -8.52
CA GLY B 143 -1.79 -17.22 -7.82
C GLY B 143 -2.11 -16.43 -6.57
N GLU B 144 -2.74 -17.10 -5.58
CA GLU B 144 -3.10 -16.49 -4.29
C GLU B 144 -1.86 -15.94 -3.60
N ASP B 145 -1.94 -14.71 -3.09
CA ASP B 145 -0.81 -14.11 -2.40
C ASP B 145 -0.68 -14.80 -1.06
N GLN B 146 0.54 -15.21 -0.69
CA GLN B 146 0.76 -15.90 0.58
C GLN B 146 1.08 -14.98 1.76
N LEU B 147 1.12 -13.67 1.53
CA LEU B 147 1.36 -12.71 2.61
C LEU B 147 0.09 -12.45 3.48
N ARG B 148 -1.01 -13.19 3.23
CA ARG B 148 -2.26 -13.08 3.97
C ARG B 148 -2.05 -13.50 5.40
N THR B 149 -2.82 -12.89 6.31
CA THR B 149 -2.74 -13.27 7.71
C THR B 149 -3.56 -14.53 7.95
N LEU B 150 -2.89 -15.54 8.47
CA LEU B 150 -3.52 -16.82 8.74
C LEU B 150 -3.34 -17.15 10.23
N PRO B 151 -4.34 -17.81 10.85
CA PRO B 151 -4.30 -18.06 12.30
C PRO B 151 -2.99 -18.62 12.90
N PHE B 152 -2.30 -19.50 12.16
CA PHE B 152 -1.06 -20.15 12.58
C PHE B 152 0.21 -19.30 12.47
N ASP B 153 0.08 -18.06 11.98
CA ASP B 153 1.21 -17.15 11.80
C ASP B 153 1.73 -16.60 13.13
N ARG B 154 2.98 -16.16 13.11
CA ARG B 154 3.62 -15.59 14.27
C ARG B 154 4.41 -14.35 13.87
N LYS B 155 3.80 -13.16 14.04
CA LYS B 155 4.45 -11.91 13.63
C LYS B 155 5.44 -11.38 14.65
N PHE B 156 6.66 -11.07 14.18
CA PHE B 156 7.71 -10.49 15.01
C PHE B 156 8.25 -9.26 14.30
N GLY B 157 8.14 -8.11 14.96
CA GLY B 157 8.62 -6.85 14.41
C GLY B 157 7.69 -6.23 13.40
N VAL B 158 7.91 -4.96 13.12
CA VAL B 158 7.11 -4.21 12.16
C VAL B 158 8.02 -3.77 11.02
N GLY B 159 7.55 -3.90 9.79
CA GLY B 159 8.35 -3.52 8.64
C GLY B 159 7.62 -3.38 7.32
N SER B 160 8.22 -2.59 6.41
CA SER B 160 7.71 -2.34 5.05
C SER B 160 7.74 -3.66 4.27
N ARG B 161 8.89 -4.36 4.29
CA ARG B 161 8.99 -5.66 3.64
C ARG B 161 8.26 -6.68 4.51
N ASP B 162 7.59 -7.63 3.88
CA ASP B 162 6.94 -8.70 4.64
C ASP B 162 7.70 -9.95 4.32
N VAL B 163 8.38 -10.49 5.32
CA VAL B 163 9.18 -11.67 5.12
C VAL B 163 8.54 -12.89 5.70
N ILE B 164 8.50 -13.95 4.92
CA ILE B 164 7.92 -15.21 5.34
C ILE B 164 8.94 -16.31 5.07
N LEU B 165 9.36 -17.03 6.13
CA LEU B 165 10.33 -18.12 6.00
C LEU B 165 9.64 -19.48 6.04
N TYR B 166 9.62 -20.19 4.90
CA TYR B 166 9.07 -21.53 4.78
C TYR B 166 10.24 -22.48 5.06
N ALA B 167 10.24 -23.15 6.22
CA ALA B 167 11.39 -23.97 6.58
C ALA B 167 11.13 -25.38 7.11
N ASP B 168 12.05 -26.26 6.75
CA ASP B 168 12.17 -27.60 7.23
C ASP B 168 13.27 -27.36 8.26
N ILE B 169 12.93 -27.33 9.54
CA ILE B 169 13.90 -26.99 10.59
C ILE B 169 14.85 -28.18 10.93
N THR B 170 14.48 -29.44 10.58
CA THR B 170 15.31 -30.65 10.82
C THR B 170 16.73 -30.53 10.27
N SER B 171 16.88 -29.79 9.17
CA SER B 171 18.17 -29.55 8.57
C SER B 171 18.71 -28.20 9.05
N LYS B 172 19.99 -28.18 9.40
CA LYS B 172 20.77 -27.03 9.83
C LYS B 172 20.69 -25.84 8.86
N SER B 173 20.41 -26.14 7.58
CA SER B 173 20.31 -25.19 6.49
C SER B 173 19.31 -24.06 6.78
N PHE B 174 18.40 -24.26 7.73
CA PHE B 174 17.42 -23.26 8.09
C PHE B 174 18.07 -22.15 8.92
N ALA B 175 18.92 -22.54 9.88
CA ALA B 175 19.60 -21.66 10.84
C ALA B 175 20.13 -20.30 10.30
N PRO B 176 20.87 -20.23 9.18
CA PRO B 176 21.35 -18.91 8.71
C PRO B 176 20.23 -18.01 8.20
N PHE B 177 19.24 -18.57 7.49
CA PHE B 177 18.11 -17.82 6.94
C PHE B 177 17.34 -17.12 8.06
N HIS B 178 17.14 -17.83 9.17
CA HIS B 178 16.46 -17.29 10.34
C HIS B 178 17.20 -16.07 10.89
N GLU B 179 18.49 -16.23 11.27
CA GLU B 179 19.32 -15.18 11.84
C GLU B 179 19.27 -13.90 11.05
N VAL B 180 19.24 -14.01 9.74
CA VAL B 180 19.18 -12.88 8.86
C VAL B 180 17.83 -12.17 8.97
N ALA B 181 16.73 -12.92 8.87
CA ALA B 181 15.40 -12.33 9.00
C ALA B 181 15.19 -11.76 10.40
N MET B 182 15.75 -12.42 11.42
CA MET B 182 15.69 -12.00 12.79
C MET B 182 16.40 -10.66 12.95
N ASP B 183 17.56 -10.49 12.29
CA ASP B 183 18.37 -9.27 12.28
C ASP B 183 17.55 -8.14 11.64
N LEU B 184 16.94 -8.44 10.51
CA LEU B 184 16.12 -7.53 9.74
C LEU B 184 14.92 -7.02 10.56
N ALA B 185 14.26 -7.93 11.29
CA ALA B 185 13.10 -7.58 12.09
C ALA B 185 13.50 -6.80 13.33
N LYS B 186 14.57 -7.22 14.03
CA LYS B 186 15.05 -6.53 15.22
C LYS B 186 15.62 -5.14 14.90
N LYS B 187 16.10 -4.92 13.66
CA LYS B 187 16.55 -3.60 13.23
C LYS B 187 15.32 -2.68 13.07
N GLY B 188 14.23 -3.23 12.55
CA GLY B 188 12.98 -2.50 12.32
C GLY B 188 12.74 -2.25 10.84
N LYS B 189 13.14 -3.23 10.02
CA LYS B 189 13.01 -3.08 8.58
C LYS B 189 11.96 -4.01 7.98
N ALA B 190 11.58 -5.12 8.67
CA ALA B 190 10.53 -6.01 8.15
C ALA B 190 9.81 -6.80 9.23
N SER B 191 8.57 -7.23 8.94
CA SER B 191 7.78 -8.04 9.86
C SER B 191 7.99 -9.51 9.53
N TYR B 192 8.48 -10.26 10.51
CA TYR B 192 8.88 -11.66 10.40
C TYR B 192 7.81 -12.67 10.84
N ARG B 193 7.53 -13.67 10.00
CA ARG B 193 6.59 -14.73 10.35
C ARG B 193 7.08 -16.10 9.86
N VAL B 194 6.97 -17.13 10.70
CA VAL B 194 7.45 -18.46 10.34
C VAL B 194 6.35 -19.45 10.04
N ARG B 195 6.42 -20.05 8.84
CA ARG B 195 5.54 -21.12 8.34
C ARG B 195 6.38 -22.39 8.11
N TYR B 196 5.77 -23.60 8.06
CA TYR B 196 6.54 -24.84 7.93
C TYR B 196 6.46 -25.54 6.59
N ARG B 197 7.54 -26.25 6.26
CA ARG B 197 7.65 -27.07 5.08
C ARG B 197 7.73 -28.50 5.56
N ARG B 198 7.02 -29.40 4.86
CA ARG B 198 6.98 -30.84 5.13
C ARG B 198 8.40 -31.39 5.19
N SER B 199 8.90 -31.60 6.42
CA SER B 199 10.24 -32.08 6.73
C SER B 199 10.56 -33.42 6.07
N PRO B 200 11.50 -33.46 5.10
CA PRO B 200 11.82 -34.73 4.41
C PRO B 200 12.59 -35.76 5.23
N SER B 201 13.14 -35.37 6.39
CA SER B 201 13.86 -36.29 7.26
C SER B 201 12.91 -37.27 7.97
N HIS B 202 11.67 -36.81 8.28
CA HIS B 202 10.66 -37.66 8.93
C HIS B 202 9.98 -38.56 7.91
N SER B 203 9.63 -39.76 8.35
CA SER B 203 8.97 -40.73 7.51
C SER B 203 7.44 -40.56 7.56
N ARG B 204 6.72 -41.20 6.62
CA ARG B 204 5.26 -41.16 6.59
C ARG B 204 4.70 -42.26 7.53
N GLU B 205 4.96 -42.08 8.82
CA GLU B 205 4.45 -42.99 9.84
C GLU B 205 3.30 -42.24 10.47
N SER B 206 2.13 -42.87 10.57
CA SER B 206 0.95 -42.25 11.18
C SER B 206 1.17 -41.87 12.68
N LEU B 207 0.23 -41.14 13.30
CA LEU B 207 0.41 -40.69 14.68
C LEU B 207 -0.46 -41.42 15.72
N SER B 208 0.07 -41.63 16.92
CA SER B 208 -0.65 -42.33 17.98
C SER B 208 -1.18 -41.36 19.04
N VAL B 209 -2.27 -40.67 18.71
CA VAL B 209 -2.86 -39.69 19.61
C VAL B 209 -3.65 -40.32 20.73
N ASN B 210 -3.87 -39.54 21.81
CA ASN B 210 -4.69 -39.92 22.95
C ASN B 210 -5.80 -38.86 23.19
N GLY B 211 -6.81 -39.23 23.96
CA GLY B 211 -7.92 -38.34 24.23
C GLY B 211 -9.28 -38.98 24.05
N TYR B 212 -9.39 -40.23 24.51
CA TYR B 212 -10.60 -41.05 24.38
C TYR B 212 -10.55 -42.24 25.37
N GLY B 213 -11.68 -42.87 25.60
CA GLY B 213 -11.77 -44.04 26.46
C GLY B 213 -12.37 -45.23 25.74
N VAL B 214 -12.15 -46.45 26.25
CA VAL B 214 -12.69 -47.63 25.58
C VAL B 214 -13.84 -48.25 26.37
N GLU B 215 -15.04 -47.92 25.92
CA GLU B 215 -16.30 -48.42 26.46
C GLU B 215 -16.36 -49.88 26.03
N LEU B 216 -16.47 -50.78 27.01
CA LEU B 216 -16.56 -52.19 26.68
C LEU B 216 -17.76 -52.83 27.28
N VAL B 217 -18.90 -52.48 26.73
CA VAL B 217 -20.19 -52.97 27.19
C VAL B 217 -20.31 -54.48 27.02
N LEU B 218 -21.15 -55.06 27.86
CA LEU B 218 -21.56 -56.43 27.82
C LEU B 218 -22.95 -56.39 27.19
N LYS B 219 -23.08 -56.61 25.86
CA LYS B 219 -24.38 -56.56 25.19
C LYS B 219 -25.41 -57.51 25.80
N ARG B 220 -24.93 -58.62 26.41
CA ARG B 220 -25.80 -59.54 27.14
C ARG B 220 -26.06 -58.84 28.47
N THR B 221 -27.08 -57.99 28.52
CA THR B 221 -27.44 -57.23 29.71
C THR B 221 -28.80 -57.63 30.31
N ASP B 222 -29.42 -58.72 29.79
CA ASP B 222 -30.74 -59.21 30.17
C ASP B 222 -30.84 -59.95 31.55
N TYR B 223 -29.76 -60.57 32.05
CA TYR B 223 -29.85 -61.27 33.34
C TYR B 223 -29.55 -60.34 34.50
N ILE B 224 -30.39 -60.47 35.52
CA ILE B 224 -30.54 -59.80 36.82
C ILE B 224 -31.77 -60.52 37.45
N VAL B 225 -31.68 -61.09 38.66
CA VAL B 225 -32.82 -61.78 39.30
C VAL B 225 -33.64 -60.83 40.19
N ILE B 259 -9.78 -64.33 35.38
CA ILE B 259 -10.15 -64.13 36.80
C ILE B 259 -11.65 -64.48 37.04
N ALA B 260 -12.53 -64.08 36.12
CA ALA B 260 -13.96 -64.40 36.15
C ALA B 260 -14.37 -64.48 34.68
N ASP B 261 -14.74 -65.67 34.19
CA ASP B 261 -15.08 -65.83 32.77
C ASP B 261 -16.46 -65.33 32.40
N ILE B 262 -17.38 -65.26 33.38
CA ILE B 262 -18.71 -64.75 33.10
C ILE B 262 -19.13 -63.77 34.18
N LYS B 263 -19.90 -62.76 33.78
CA LYS B 263 -20.39 -61.77 34.74
C LYS B 263 -21.41 -62.44 35.66
N PRO B 264 -21.15 -62.40 36.96
CA PRO B 264 -22.06 -63.08 37.90
C PRO B 264 -23.32 -62.27 38.17
N LEU B 265 -24.52 -62.87 37.99
CA LEU B 265 -25.75 -62.13 38.23
C LEU B 265 -26.56 -62.60 39.43
N GLU B 266 -26.80 -61.65 40.33
CA GLU B 266 -27.46 -61.75 41.62
C GLU B 266 -28.99 -61.53 41.57
N LYS B 267 -29.68 -61.62 42.74
CA LYS B 267 -31.12 -61.41 42.90
C LYS B 267 -31.47 -59.88 42.98
N SER B 268 -32.15 -59.42 44.04
CA SER B 268 -32.56 -58.02 44.21
C SER B 268 -31.59 -57.20 45.05
N GLU B 269 -30.28 -57.54 44.99
CA GLU B 269 -29.32 -56.78 45.75
C GLU B 269 -28.45 -55.93 44.92
N LEU B 270 -29.10 -54.94 44.32
CA LEU B 270 -28.54 -53.88 43.50
C LEU B 270 -28.67 -52.55 44.24
N ALA B 271 -29.77 -52.36 45.00
CA ALA B 271 -30.04 -51.13 45.75
C ALA B 271 -28.89 -50.77 46.68
N ALA B 272 -28.39 -51.76 47.44
CA ALA B 272 -27.27 -51.53 48.34
C ALA B 272 -25.91 -51.74 47.65
N LEU B 273 -25.88 -52.43 46.50
CA LEU B 273 -24.69 -52.74 45.73
C LEU B 273 -23.82 -51.51 45.48
N GLY B 274 -24.41 -50.44 44.99
CA GLY B 274 -23.66 -49.23 44.71
C GLY B 274 -23.11 -48.57 45.95
N MET B 275 -23.93 -48.56 46.98
CA MET B 275 -23.60 -47.95 48.24
C MET B 275 -22.45 -48.68 48.92
N LYS B 276 -22.47 -50.00 48.87
CA LYS B 276 -21.44 -50.81 49.50
C LYS B 276 -20.15 -50.70 48.75
N ALA B 277 -20.19 -50.72 47.42
CA ALA B 277 -18.99 -50.56 46.61
C ALA B 277 -18.32 -49.24 46.92
N ALA B 278 -19.13 -48.17 47.10
CA ALA B 278 -18.65 -46.85 47.45
C ALA B 278 -17.91 -46.91 48.79
N SER B 279 -18.48 -47.62 49.77
CA SER B 279 -17.85 -47.79 51.07
C SER B 279 -16.56 -48.60 50.99
N PHE B 280 -16.41 -49.46 49.97
CA PHE B 280 -15.19 -50.24 49.83
C PHE B 280 -14.00 -49.40 49.44
N VAL B 281 -14.23 -48.27 48.76
CA VAL B 281 -13.16 -47.36 48.40
C VAL B 281 -12.48 -46.81 49.67
N MET B 282 -13.27 -46.53 50.70
CA MET B 282 -12.77 -46.03 51.98
C MET B 282 -12.02 -47.13 52.72
N GLN B 283 -12.54 -48.35 52.72
CA GLN B 283 -11.93 -49.48 53.41
C GLN B 283 -10.73 -50.12 52.70
N SER B 284 -10.40 -49.65 51.49
CA SER B 284 -9.28 -50.16 50.70
C SER B 284 -7.93 -49.65 51.23
N GLU B 285 -7.88 -48.36 51.56
CA GLU B 285 -6.73 -47.59 52.06
C GLU B 285 -5.69 -47.24 50.97
N LYS B 286 -6.09 -47.37 49.71
CA LYS B 286 -5.44 -46.90 48.49
C LYS B 286 -6.69 -46.36 47.75
N PRO B 287 -7.29 -45.23 48.21
CA PRO B 287 -8.61 -44.82 47.70
C PRO B 287 -8.69 -44.50 46.22
N PHE B 288 -7.78 -43.67 45.70
CA PHE B 288 -7.81 -43.32 44.28
C PHE B 288 -7.62 -44.53 43.40
N GLU B 289 -6.70 -45.38 43.79
CA GLU B 289 -6.39 -46.57 43.05
C GLU B 289 -7.57 -47.53 43.07
N ALA B 290 -8.11 -47.80 44.26
CA ALA B 290 -9.22 -48.74 44.36
C ALA B 290 -10.44 -48.23 43.66
N LEU B 291 -10.74 -46.94 43.78
CA LEU B 291 -11.89 -46.33 43.11
C LEU B 291 -11.81 -46.55 41.62
N LEU B 292 -10.60 -46.37 41.08
CA LEU B 292 -10.28 -46.58 39.69
C LEU B 292 -10.42 -48.03 39.27
N LYS B 293 -9.80 -48.98 40.00
CA LYS B 293 -9.87 -50.40 39.64
C LYS B 293 -11.26 -50.98 39.75
N LEU B 294 -11.99 -50.55 40.77
CA LEU B 294 -13.35 -51.00 40.95
C LEU B 294 -14.24 -50.40 39.90
N THR B 295 -14.00 -49.14 39.55
CA THR B 295 -14.82 -48.43 38.61
C THR B 295 -14.06 -48.30 37.24
N GLN B 296 -13.31 -49.37 36.83
CA GLN B 296 -12.60 -49.54 35.53
C GLN B 296 -12.91 -50.93 34.92
N ASP B 297 -13.13 -51.93 35.81
CA ASP B 297 -13.56 -53.30 35.56
C ASP B 297 -14.54 -53.54 36.73
N PHE B 298 -15.64 -52.77 36.71
CA PHE B 298 -16.75 -52.75 37.66
C PHE B 298 -17.60 -54.02 37.57
N PRO B 299 -18.06 -54.43 36.37
CA PRO B 299 -18.86 -55.67 36.27
C PRO B 299 -18.10 -56.95 36.66
N LYS B 300 -16.76 -56.91 36.59
CA LYS B 300 -15.85 -57.99 36.97
C LYS B 300 -16.07 -58.25 38.48
N TYR B 301 -16.08 -57.17 39.29
CA TYR B 301 -16.29 -57.28 40.73
C TYR B 301 -17.70 -56.83 41.11
N SER B 302 -18.69 -57.25 40.33
CA SER B 302 -20.06 -56.91 40.63
C SER B 302 -20.58 -57.74 41.77
N ASN B 303 -20.47 -59.07 41.68
CA ASN B 303 -21.00 -59.94 42.72
C ASN B 303 -20.14 -59.98 43.96
N SER B 304 -18.82 -59.76 43.82
CA SER B 304 -17.92 -59.76 44.98
C SER B 304 -18.28 -58.71 46.05
N LEU B 305 -19.15 -57.76 45.70
CA LEU B 305 -19.60 -56.73 46.62
C LEU B 305 -20.53 -57.29 47.71
N GLY B 306 -20.85 -56.48 48.71
CA GLY B 306 -21.64 -56.94 49.85
C GLY B 306 -20.88 -57.88 50.77
N SER B 307 -19.56 -57.86 50.65
CA SER B 307 -18.70 -58.76 51.36
C SER B 307 -17.54 -57.99 52.01
N GLN B 308 -16.87 -58.65 52.98
CA GLN B 308 -15.77 -58.14 53.83
C GLN B 308 -16.30 -56.97 54.67
N ASN B 309 -17.42 -57.22 55.40
CA ASN B 309 -18.18 -56.28 56.23
C ASN B 309 -18.29 -54.90 55.60
N VAL B 310 -18.39 -54.87 54.27
CA VAL B 310 -18.49 -53.62 53.53
C VAL B 310 -19.81 -52.90 53.78
N SER B 311 -20.71 -53.48 54.63
CA SER B 311 -21.99 -52.89 55.02
C SER B 311 -21.79 -51.45 55.54
N ALA B 312 -20.62 -51.19 56.17
CA ALA B 312 -20.11 -49.93 56.69
C ALA B 312 -21.07 -48.75 56.65
N GLU B 313 -22.09 -48.78 57.51
CA GLU B 313 -23.09 -47.71 57.59
C GLU B 313 -22.57 -46.52 58.37
N PHE B 314 -21.36 -46.15 58.08
CA PHE B 314 -20.70 -45.02 58.63
C PHE B 314 -21.18 -43.86 57.79
N GLU B 315 -21.15 -43.96 56.44
CA GLU B 315 -21.67 -42.92 55.58
C GLU B 315 -23.21 -42.83 55.58
N ALA B 316 -23.88 -43.43 56.57
CA ALA B 316 -25.32 -43.28 56.78
C ALA B 316 -25.53 -41.89 57.41
N GLU B 317 -24.64 -41.50 58.34
CA GLU B 317 -24.60 -40.16 58.93
C GLU B 317 -24.03 -39.20 57.87
N HIS B 318 -23.05 -39.67 57.06
CA HIS B 318 -22.50 -38.93 55.94
C HIS B 318 -23.49 -38.77 54.77
N ARG B 319 -24.76 -39.04 55.02
CA ARG B 319 -25.85 -38.77 54.13
C ARG B 319 -26.34 -37.33 54.38
N GLY B 320 -26.12 -36.77 55.58
CA GLY B 320 -26.43 -35.38 55.92
C GLY B 320 -25.68 -34.36 55.08
N ASN B 321 -24.69 -34.81 54.30
CA ASN B 321 -23.89 -34.02 53.35
C ASN B 321 -24.67 -33.92 52.02
N ARG B 322 -25.28 -35.02 51.61
CA ARG B 322 -26.14 -35.10 50.45
C ARG B 322 -27.47 -34.40 50.81
N GLU B 323 -27.98 -34.61 52.07
CA GLU B 323 -29.25 -34.12 52.65
C GLU B 323 -29.45 -32.62 52.67
N VAL B 324 -28.36 -31.86 52.65
CA VAL B 324 -28.44 -30.40 52.74
C VAL B 324 -28.05 -29.71 51.40
N PHE B 325 -27.89 -30.49 50.31
CA PHE B 325 -27.45 -29.90 49.05
C PHE B 325 -27.88 -30.66 47.76
N LEU B 326 -27.28 -31.84 47.49
CA LEU B 326 -27.49 -32.55 46.24
C LEU B 326 -28.15 -33.89 46.37
N PRO B 327 -28.91 -34.35 45.35
CA PRO B 327 -29.47 -35.72 45.40
C PRO B 327 -28.41 -36.83 45.44
N GLU B 328 -28.80 -38.05 45.88
CA GLU B 328 -27.86 -39.17 45.97
C GLU B 328 -27.71 -39.86 44.64
N GLY B 329 -26.47 -40.19 44.30
CA GLY B 329 -26.18 -40.80 43.02
C GLY B 329 -26.17 -39.71 41.98
N SER B 330 -25.25 -38.75 42.14
CA SER B 330 -25.18 -37.60 41.24
C SER B 330 -23.76 -37.35 40.77
N ASN B 331 -23.61 -36.95 39.50
CA ASN B 331 -22.30 -36.66 38.92
C ASN B 331 -22.14 -35.16 38.63
N VAL B 332 -21.51 -34.39 39.54
CA VAL B 332 -21.27 -32.94 39.37
C VAL B 332 -19.82 -32.61 39.71
N LEU B 333 -19.10 -31.92 38.82
CA LEU B 333 -17.71 -31.56 39.11
C LEU B 333 -17.49 -30.06 39.15
N TRP B 334 -16.74 -29.62 40.15
CA TRP B 334 -16.40 -28.22 40.32
C TRP B 334 -14.91 -28.02 40.16
N LEU B 335 -14.54 -26.86 39.62
CA LEU B 335 -13.14 -26.51 39.43
C LEU B 335 -12.98 -25.09 39.93
N ASN B 336 -12.24 -24.90 41.03
CA ASN B 336 -12.06 -23.59 41.64
C ASN B 336 -13.37 -22.88 41.97
N GLY B 337 -14.45 -23.65 42.15
CA GLY B 337 -15.79 -23.15 42.45
C GLY B 337 -16.75 -23.21 41.29
N LEU B 338 -16.23 -23.27 40.05
CA LEU B 338 -17.05 -23.27 38.80
C LEU B 338 -17.85 -24.59 38.53
N HIS B 339 -19.06 -24.44 37.93
CA HIS B 339 -19.98 -25.55 37.59
C HIS B 339 -19.61 -26.21 36.27
N LEU B 340 -18.88 -27.32 36.33
CA LEU B 340 -18.50 -28.00 35.10
C LEU B 340 -19.28 -29.28 34.91
N ILE B 341 -20.00 -29.36 33.81
CA ILE B 341 -20.74 -30.56 33.44
C ILE B 341 -19.90 -31.36 32.39
N ASP B 342 -20.43 -32.42 31.74
CA ASP B 342 -19.64 -33.22 30.79
C ASP B 342 -19.20 -32.52 29.45
N ARG B 343 -19.70 -31.28 29.11
CA ARG B 343 -19.25 -30.59 27.88
C ARG B 343 -17.83 -30.01 28.06
N GLN B 344 -17.59 -29.31 29.17
CA GLN B 344 -16.27 -28.80 29.50
C GLN B 344 -15.38 -29.92 30.15
N ILE B 345 -15.79 -31.23 30.05
CA ILE B 345 -15.13 -32.43 30.57
C ILE B 345 -14.80 -33.45 29.49
N GLN B 346 -13.53 -33.49 29.16
CA GLN B 346 -12.86 -34.34 28.20
C GLN B 346 -11.46 -33.71 27.99
N PRO B 347 -10.47 -34.55 27.64
CA PRO B 347 -9.07 -34.10 27.49
C PRO B 347 -8.80 -32.62 27.11
N PHE B 348 -8.41 -32.29 25.83
CA PHE B 348 -8.00 -30.98 25.30
C PHE B 348 -8.80 -29.80 25.78
N GLY B 349 -10.08 -30.01 26.03
CA GLY B 349 -10.96 -28.96 26.54
C GLY B 349 -10.55 -28.54 27.92
N LEU B 350 -10.43 -29.51 28.82
CA LEU B 350 -9.98 -29.26 30.19
C LEU B 350 -8.57 -28.68 30.25
N VAL B 351 -7.73 -28.99 29.26
CA VAL B 351 -6.36 -28.50 29.18
C VAL B 351 -6.30 -26.99 29.20
N ASP B 352 -7.12 -26.34 28.36
CA ASP B 352 -7.14 -24.88 28.28
C ASP B 352 -7.82 -24.19 29.42
N LEU B 353 -8.89 -24.80 29.94
CA LEU B 353 -9.60 -24.24 31.09
C LEU B 353 -8.69 -24.27 32.32
N LEU B 354 -7.88 -25.33 32.46
CA LEU B 354 -6.93 -25.44 33.56
C LEU B 354 -5.84 -24.40 33.42
N THR B 355 -5.33 -24.20 32.20
CA THR B 355 -4.31 -23.19 31.96
C THR B 355 -4.91 -21.78 32.14
N ARG B 356 -6.21 -21.59 31.91
CA ARG B 356 -6.87 -20.32 32.15
C ARG B 356 -6.83 -20.03 33.65
N GLU B 357 -7.16 -21.02 34.49
CA GLU B 357 -7.07 -20.85 35.94
C GLU B 357 -5.60 -20.77 36.41
N ARG B 358 -4.66 -21.33 35.63
CA ARG B 358 -3.24 -21.20 35.90
C ARG B 358 -2.83 -19.72 35.73
N LYS B 359 -3.57 -18.91 34.95
CA LYS B 359 -3.35 -17.48 34.88
C LYS B 359 -4.11 -16.89 36.08
N LEU B 360 -5.39 -17.24 36.22
CA LEU B 360 -6.30 -16.76 37.24
C LEU B 360 -5.75 -16.75 38.66
N ILE B 361 -5.42 -17.92 39.24
CA ILE B 361 -4.92 -17.99 40.61
C ILE B 361 -3.58 -17.27 40.75
N LYS B 362 -2.82 -17.13 39.67
CA LYS B 362 -1.55 -16.44 39.73
C LYS B 362 -1.71 -14.94 39.96
N SER B 363 -2.68 -14.23 39.33
CA SER B 363 -2.80 -12.79 39.67
C SER B 363 -3.18 -12.56 41.14
N VAL B 364 -3.59 -13.64 41.84
CA VAL B 364 -3.99 -13.66 43.25
C VAL B 364 -2.78 -13.76 44.15
N LEU B 365 -1.77 -14.57 43.77
CA LEU B 365 -0.55 -14.66 44.58
C LEU B 365 0.27 -13.34 44.52
N ASP B 366 0.10 -12.54 43.44
CA ASP B 366 0.68 -11.20 43.31
C ASP B 366 0.05 -10.24 44.38
N LEU B 367 -1.17 -10.58 44.86
CA LEU B 367 -1.94 -9.92 45.90
C LEU B 367 -1.62 -10.46 47.31
N GLY B 368 -0.97 -11.62 47.42
CA GLY B 368 -0.56 -12.23 48.69
C GLY B 368 -1.49 -13.32 49.23
N LEU B 369 -2.18 -14.04 48.35
CA LEU B 369 -3.10 -15.09 48.78
C LEU B 369 -2.67 -16.46 48.31
N THR B 370 -3.09 -17.50 49.03
CA THR B 370 -2.76 -18.87 48.67
C THR B 370 -3.81 -19.42 47.68
N GLY B 371 -3.59 -20.61 47.14
CA GLY B 371 -4.51 -21.25 46.23
C GLY B 371 -5.82 -21.60 46.89
N GLN B 372 -5.78 -21.96 48.18
CA GLN B 372 -7.00 -22.23 48.92
C GLN B 372 -7.69 -20.90 49.22
N GLN B 373 -6.92 -19.86 49.61
CA GLN B 373 -7.46 -18.52 49.88
C GLN B 373 -8.07 -17.85 48.63
N ALA B 374 -7.61 -18.25 47.44
CA ALA B 374 -8.10 -17.70 46.19
C ALA B 374 -9.49 -18.27 45.86
N VAL B 375 -9.62 -19.63 45.79
CA VAL B 375 -10.88 -20.31 45.54
C VAL B 375 -11.93 -19.94 46.60
N ASP B 376 -11.49 -19.62 47.85
CA ASP B 376 -12.42 -19.26 48.91
C ASP B 376 -12.81 -17.77 48.86
N LEU B 377 -11.88 -16.87 48.47
CA LEU B 377 -12.22 -15.45 48.35
C LEU B 377 -13.20 -15.27 47.22
N LEU B 378 -12.90 -15.89 46.07
CA LEU B 378 -13.77 -15.85 44.91
C LEU B 378 -15.09 -16.59 45.20
N GLY B 379 -14.97 -17.85 45.61
CA GLY B 379 -16.10 -18.69 45.94
C GLY B 379 -16.63 -18.31 47.28
N HIS B 380 -17.53 -17.36 47.26
CA HIS B 380 -18.15 -16.87 48.46
C HIS B 380 -19.54 -16.49 48.19
N ALA B 381 -20.37 -16.67 49.19
CA ALA B 381 -21.77 -16.34 49.10
C ALA B 381 -22.00 -14.86 48.77
N GLU B 382 -21.16 -13.96 49.28
CA GLU B 382 -21.32 -12.53 49.00
C GLU B 382 -21.05 -12.24 47.54
N VAL B 383 -19.96 -12.82 47.01
CA VAL B 383 -19.63 -12.63 45.59
C VAL B 383 -20.71 -13.23 44.69
N ALA B 384 -21.29 -14.36 45.13
CA ALA B 384 -22.33 -15.07 44.42
C ALA B 384 -23.64 -14.28 44.34
N HIS B 385 -24.13 -13.73 45.46
CA HIS B 385 -25.38 -12.95 45.41
C HIS B 385 -25.21 -11.59 44.72
N ALA B 386 -23.95 -11.10 44.60
CA ALA B 386 -23.66 -9.88 43.86
C ALA B 386 -23.55 -10.28 42.37
N LYS B 387 -24.57 -10.99 41.88
CA LYS B 387 -24.71 -11.53 40.52
C LYS B 387 -26.15 -12.03 40.30
N SER B 388 -26.73 -12.77 41.26
CA SER B 388 -28.11 -13.25 41.16
C SER B 388 -28.73 -13.47 42.54
N ARG B 401 -28.25 -22.22 45.61
CA ARG B 401 -28.08 -22.00 44.17
C ARG B 401 -28.32 -23.28 43.34
N ASN B 402 -28.56 -23.11 42.00
CA ASN B 402 -28.78 -24.17 40.99
C ASN B 402 -28.15 -23.72 39.61
N THR B 403 -28.68 -24.15 38.43
CA THR B 403 -28.05 -23.81 37.15
C THR B 403 -29.02 -23.18 36.10
N LEU B 404 -28.46 -22.59 34.98
CA LEU B 404 -29.17 -21.97 33.83
C LEU B 404 -28.27 -21.82 32.55
N ILE B 405 -28.89 -21.52 31.37
CA ILE B 405 -28.18 -21.43 30.08
C ILE B 405 -28.26 -19.98 29.41
N PHE B 406 -29.37 -19.62 28.67
CA PHE B 406 -29.60 -18.31 27.97
C PHE B 406 -31.11 -17.97 27.90
N PRO B 407 -31.66 -17.10 28.78
CA PRO B 407 -33.08 -16.76 28.68
C PRO B 407 -33.14 -15.57 27.74
N GLU B 408 -33.73 -14.45 28.15
CA GLU B 408 -33.76 -13.29 27.29
C GLU B 408 -33.14 -12.06 27.94
N ASP B 409 -32.12 -12.28 28.78
CA ASP B 409 -31.35 -11.21 29.40
C ASP B 409 -30.43 -10.57 28.32
N LYS B 410 -29.79 -9.42 28.62
CA LYS B 410 -28.86 -8.79 27.68
C LYS B 410 -27.67 -8.09 28.42
N ASN B 411 -26.41 -8.37 27.96
CA ASN B 411 -25.09 -7.99 28.55
C ASN B 411 -24.49 -6.59 28.17
N GLU B 412 -23.72 -5.98 29.13
CA GLU B 412 -23.05 -4.67 29.07
C GLU B 412 -21.91 -4.51 30.18
N LEU B 413 -20.59 -4.42 29.80
CA LEU B 413 -19.46 -4.24 30.79
C LEU B 413 -18.02 -4.39 30.19
N THR B 414 -17.02 -3.74 30.85
CA THR B 414 -15.57 -3.71 30.58
C THR B 414 -14.76 -3.35 31.85
N VAL B 415 -13.79 -4.22 32.23
CA VAL B 415 -12.94 -4.02 33.41
C VAL B 415 -11.49 -4.48 33.11
N LEU B 416 -10.47 -3.95 33.85
CA LEU B 416 -9.05 -4.34 33.73
C LEU B 416 -8.32 -4.49 35.09
N ASN B 417 -7.20 -5.28 35.15
CA ASN B 417 -6.48 -5.56 36.42
C ASN B 417 -5.65 -4.38 36.97
N VAL B 418 -5.89 -4.04 38.25
CA VAL B 418 -5.20 -2.96 38.97
C VAL B 418 -3.76 -3.35 39.24
N ASN B 419 -3.55 -4.58 39.76
CA ASN B 419 -2.25 -5.17 40.05
C ASN B 419 -1.28 -4.95 38.87
N LYS B 420 -1.66 -5.49 37.70
CA LYS B 420 -0.98 -5.47 36.40
C LYS B 420 -0.62 -4.05 35.90
N ILE B 421 -1.62 -3.19 35.74
CA ILE B 421 -1.44 -1.86 35.19
C ILE B 421 -0.45 -0.99 35.98
N TYR B 422 -0.41 -1.14 37.30
CA TYR B 422 0.51 -0.34 38.11
C TYR B 422 1.93 -0.92 38.18
N ILE B 423 2.20 -2.08 37.53
CA ILE B 423 3.52 -2.71 37.51
C ILE B 423 4.32 -2.32 36.25
N GLU B 424 3.71 -2.50 35.08
CA GLU B 424 4.34 -2.23 33.78
C GLU B 424 4.56 -0.73 33.58
N ASN B 425 3.56 0.07 33.97
CA ASN B 425 3.57 1.51 33.78
C ASN B 425 4.03 2.19 35.06
N HIS B 426 5.14 1.71 35.62
CA HIS B 426 5.70 2.26 36.84
C HIS B 426 6.06 3.72 36.70
N ASP B 427 6.90 4.06 35.68
CA ASP B 427 7.29 5.46 35.51
C ASP B 427 6.13 6.40 35.15
N LEU B 428 4.93 5.84 34.94
CA LEU B 428 3.76 6.63 34.70
C LEU B 428 2.97 6.77 36.01
N MET B 429 2.59 5.64 36.65
CA MET B 429 1.76 5.62 37.86
C MET B 429 2.42 6.16 39.16
N SER B 430 3.75 6.11 39.29
CA SER B 430 4.42 6.70 40.46
C SER B 430 4.86 8.19 40.23
N LYS B 431 4.70 8.68 38.97
CA LYS B 431 5.03 10.05 38.55
C LYS B 431 3.76 10.86 38.14
N VAL B 432 2.54 10.26 38.21
CA VAL B 432 1.31 11.02 37.89
C VAL B 432 0.86 11.77 39.13
N PRO B 433 0.06 12.85 38.97
CA PRO B 433 -0.43 13.57 40.15
C PRO B 433 -1.35 12.66 40.96
N VAL B 434 -0.87 12.23 42.12
CA VAL B 434 -1.61 11.30 42.97
C VAL B 434 -2.09 11.97 44.24
N ILE B 435 -3.41 12.11 44.41
CA ILE B 435 -3.97 12.64 45.65
C ILE B 435 -4.43 11.45 46.43
N GLU B 436 -3.61 11.01 47.38
CA GLU B 436 -3.93 9.83 48.18
C GLU B 436 -5.11 10.08 49.11
N ALA B 437 -5.84 9.00 49.41
CA ALA B 437 -6.96 9.05 50.35
C ALA B 437 -6.39 9.27 51.74
N SER B 438 -6.94 10.23 52.53
CA SER B 438 -6.44 10.47 53.89
C SER B 438 -6.53 9.22 54.73
N LYS B 439 -5.44 8.88 55.40
CA LYS B 439 -5.34 7.66 56.21
C LYS B 439 -6.42 7.52 57.27
N GLU B 440 -7.10 8.62 57.61
CA GLU B 440 -8.17 8.62 58.60
C GLU B 440 -9.48 7.97 58.08
N SER B 441 -9.60 7.76 56.75
CA SER B 441 -10.81 7.15 56.16
C SER B 441 -10.87 5.64 56.45
N THR B 442 -12.08 5.08 56.54
CA THR B 442 -12.27 3.68 56.87
C THR B 442 -11.99 2.72 55.70
N ARG B 443 -11.72 1.44 56.04
CA ARG B 443 -11.44 0.38 55.06
C ARG B 443 -12.60 0.22 54.07
N ASP B 444 -13.84 0.32 54.58
CA ASP B 444 -15.09 0.21 53.84
C ASP B 444 -15.34 1.36 52.84
N ASP B 445 -14.54 2.43 52.91
CA ASP B 445 -14.66 3.59 52.03
C ASP B 445 -13.66 3.55 50.87
N TRP B 446 -12.51 2.89 51.07
CA TRP B 446 -11.39 2.84 50.12
C TRP B 446 -11.76 2.45 48.68
N ALA B 447 -11.17 3.20 47.73
CA ALA B 447 -11.36 3.07 46.28
C ALA B 447 -10.19 3.74 45.53
N ALA B 448 -9.68 3.10 44.46
CA ALA B 448 -8.57 3.60 43.67
C ALA B 448 -8.99 4.15 42.31
N LEU B 449 -9.53 5.37 42.34
CA LEU B 449 -9.96 6.05 41.13
C LEU B 449 -8.76 6.48 40.34
N THR B 450 -8.77 6.19 39.05
CA THR B 450 -7.71 6.52 38.12
C THR B 450 -8.39 7.24 36.93
N VAL B 451 -8.04 8.50 36.65
CA VAL B 451 -8.66 9.29 35.59
C VAL B 451 -7.71 9.53 34.41
N VAL B 452 -8.14 9.18 33.21
CA VAL B 452 -7.35 9.41 32.00
C VAL B 452 -7.95 10.59 31.27
N ALA B 453 -7.19 11.64 30.96
CA ALA B 453 -7.75 12.82 30.30
C ALA B 453 -6.79 13.65 29.45
N ASP B 454 -7.29 14.22 28.34
CA ASP B 454 -6.49 15.08 27.46
C ASP B 454 -6.54 16.47 28.06
N LEU B 455 -5.47 16.89 28.76
CA LEU B 455 -5.43 18.21 29.38
C LEU B 455 -5.21 19.37 28.42
N ASP B 456 -5.22 19.10 27.09
CA ASP B 456 -5.07 20.15 26.05
C ASP B 456 -6.46 20.71 25.68
N ASP B 457 -7.51 19.85 25.67
CA ASP B 457 -8.89 20.23 25.34
C ASP B 457 -9.70 20.58 26.60
N ILE B 458 -10.70 21.47 26.46
CA ILE B 458 -11.57 21.89 27.55
C ILE B 458 -12.33 20.71 28.17
N GLU B 459 -12.88 19.82 27.34
CA GLU B 459 -13.62 18.65 27.82
C GLU B 459 -12.73 17.73 28.68
N GLY B 460 -11.46 17.61 28.31
CA GLY B 460 -10.50 16.81 29.05
C GLY B 460 -10.13 17.41 30.39
N GLN B 461 -9.83 18.72 30.42
CA GLN B 461 -9.51 19.38 31.68
C GLN B 461 -10.73 19.60 32.57
N GLU B 462 -11.93 19.62 31.98
CA GLU B 462 -13.19 19.78 32.69
C GLU B 462 -13.47 18.52 33.54
N LEU B 463 -13.22 17.33 32.98
CA LEU B 463 -13.44 16.08 33.71
C LEU B 463 -12.48 15.95 34.90
N VAL B 464 -11.27 16.43 34.75
CA VAL B 464 -10.28 16.42 35.81
C VAL B 464 -10.74 17.32 36.95
N TYR B 465 -11.29 18.49 36.63
CA TYR B 465 -11.80 19.43 37.63
C TYR B 465 -12.97 18.80 38.38
N TYR B 466 -13.88 18.12 37.65
CA TYR B 466 -15.01 17.45 38.29
C TYR B 466 -14.52 16.30 39.19
N ALA B 467 -13.42 15.62 38.80
CA ALA B 467 -12.84 14.55 39.61
C ALA B 467 -12.23 15.13 40.90
N LEU B 468 -11.59 16.31 40.79
CA LEU B 468 -10.97 17.02 41.91
C LEU B 468 -12.02 17.39 42.94
N ARG B 469 -13.14 17.98 42.49
CA ARG B 469 -14.22 18.35 43.41
C ARG B 469 -14.85 17.13 44.07
N PHE B 470 -14.91 16.00 43.36
CA PHE B 470 -15.44 14.76 43.90
C PHE B 470 -14.50 14.21 44.98
N ARG B 471 -13.19 14.35 44.79
CA ARG B 471 -12.22 13.89 45.76
C ARG B 471 -12.33 14.69 47.05
N LYS B 472 -12.62 16.00 46.98
CA LYS B 472 -12.78 16.85 48.15
C LYS B 472 -13.81 16.27 49.15
N SER B 473 -14.93 15.75 48.59
CA SER B 473 -16.08 15.18 49.31
C SER B 473 -15.89 13.74 49.80
N ASN B 474 -15.26 12.88 48.97
CA ASN B 474 -15.06 11.49 49.35
C ASN B 474 -13.62 11.25 49.83
N ASP B 475 -13.47 11.17 51.16
CA ASP B 475 -12.21 11.03 51.88
C ASP B 475 -11.43 9.75 51.54
N GLY B 476 -12.15 8.64 51.39
CA GLY B 476 -11.52 7.35 51.12
C GLY B 476 -11.21 7.05 49.67
N VAL B 477 -10.90 8.07 48.87
CA VAL B 477 -10.59 7.86 47.46
C VAL B 477 -9.17 8.26 47.10
N ARG B 478 -8.44 7.37 46.45
CA ARG B 478 -7.09 7.66 46.00
C ARG B 478 -7.24 8.07 44.54
N LEU B 479 -7.08 9.36 44.26
CA LEU B 479 -7.26 9.88 42.90
C LEU B 479 -5.97 10.04 42.13
N ASP B 480 -5.87 9.37 40.98
CA ASP B 480 -4.73 9.43 40.06
C ASP B 480 -5.16 10.15 38.77
N ILE B 481 -4.25 10.94 38.16
CA ILE B 481 -4.57 11.62 36.91
C ILE B 481 -3.50 11.40 35.87
N VAL B 482 -3.88 10.74 34.80
CA VAL B 482 -2.98 10.44 33.72
C VAL B 482 -3.32 11.30 32.52
N HIS B 483 -2.37 12.11 32.04
CA HIS B 483 -2.57 12.98 30.89
C HIS B 483 -2.42 12.17 29.60
N ASN B 484 -3.46 12.18 28.74
CA ASN B 484 -3.47 11.47 27.48
C ASN B 484 -3.75 12.46 26.35
N PRO B 485 -2.72 13.14 25.81
CA PRO B 485 -2.97 14.13 24.76
C PRO B 485 -3.07 13.53 23.36
N LYS B 486 -3.63 14.31 22.42
CA LYS B 486 -3.75 13.85 21.05
C LYS B 486 -2.75 14.53 20.08
N ASP B 487 -1.83 15.41 20.57
CA ASP B 487 -0.77 15.93 19.69
C ASP B 487 0.59 15.45 20.18
N THR B 488 1.32 14.71 19.33
CA THR B 488 2.61 14.11 19.69
C THR B 488 3.74 15.15 19.85
N SER B 489 3.53 16.39 19.39
CA SER B 489 4.54 17.43 19.50
C SER B 489 4.64 17.87 20.97
N ARG B 490 3.47 18.10 21.62
CA ARG B 490 3.44 18.50 23.04
C ARG B 490 3.54 17.27 23.88
N SER B 491 4.71 17.10 24.50
CA SER B 491 4.98 15.96 25.33
C SER B 491 4.06 15.87 26.54
N PRO B 492 3.50 14.68 26.77
CA PRO B 492 2.60 14.51 27.91
C PRO B 492 3.28 14.65 29.27
N SER B 493 4.58 14.34 29.35
CA SER B 493 5.32 14.43 30.59
C SER B 493 5.42 15.82 31.13
N VAL B 494 5.47 16.85 30.25
CA VAL B 494 5.59 18.22 30.72
C VAL B 494 4.29 18.70 31.38
N LEU B 495 3.12 18.52 30.75
CA LEU B 495 1.84 18.95 31.32
C LEU B 495 1.53 18.24 32.64
N ALA B 496 1.95 16.97 32.75
CA ALA B 496 1.76 16.17 33.95
C ALA B 496 2.67 16.69 35.06
N GLN B 497 3.93 17.01 34.73
CA GLN B 497 4.85 17.54 35.71
C GLN B 497 4.52 19.00 36.10
N ARG B 498 3.74 19.71 35.27
CA ARG B 498 3.26 21.06 35.57
C ARG B 498 2.32 20.98 36.78
N LEU B 499 1.43 19.99 36.79
CA LEU B 499 0.49 19.82 37.89
C LEU B 499 1.01 18.89 38.99
N LYS B 500 2.07 18.09 38.73
CA LYS B 500 2.70 17.25 39.77
C LYS B 500 3.45 18.12 40.78
N SER B 501 3.86 19.34 40.38
CA SER B 501 4.46 20.33 41.26
C SER B 501 3.35 20.87 42.20
N ARG B 502 2.14 21.07 41.65
CA ARG B 502 0.95 21.53 42.36
C ARG B 502 0.13 20.35 42.91
N GLU B 503 0.72 19.16 43.04
CA GLU B 503 0.06 17.95 43.55
C GLU B 503 -0.36 18.14 45.00
N ASP B 504 0.53 18.74 45.80
CA ASP B 504 0.26 19.03 47.21
C ASP B 504 -0.90 20.01 47.32
N LYS B 505 -0.87 21.05 46.49
CA LYS B 505 -1.88 22.10 46.43
C LYS B 505 -3.07 21.76 45.53
N LEU B 506 -3.20 20.48 45.10
CA LEU B 506 -4.34 20.05 44.30
C LEU B 506 -5.61 20.15 45.13
N LEU B 507 -6.77 20.12 44.45
CA LEU B 507 -8.14 20.23 44.97
C LEU B 507 -8.41 21.61 45.64
N ASP B 508 -7.39 22.46 45.85
CA ASP B 508 -7.60 23.81 46.41
C ASP B 508 -8.07 24.78 45.33
N PHE B 509 -8.78 24.28 44.33
CA PHE B 509 -9.26 25.07 43.21
C PHE B 509 -10.71 25.41 43.41
N THR B 510 -10.98 26.71 43.53
CA THR B 510 -12.33 27.20 43.71
C THR B 510 -12.97 27.36 42.33
N ARG B 511 -12.33 28.12 41.42
CA ARG B 511 -12.84 28.29 40.06
C ARG B 511 -12.09 27.42 39.07
N PHE B 512 -12.71 27.12 37.93
CA PHE B 512 -12.09 26.27 36.93
C PHE B 512 -10.78 26.85 36.42
N LEU B 513 -10.74 28.16 36.19
CA LEU B 513 -9.55 28.85 35.69
C LEU B 513 -8.28 28.55 36.47
N ASP B 514 -8.42 28.24 37.76
CA ASP B 514 -7.28 27.91 38.60
C ASP B 514 -6.50 26.70 38.09
N LEU B 515 -7.18 25.70 37.50
CA LEU B 515 -6.48 24.53 36.94
C LEU B 515 -5.86 24.85 35.61
N GLU B 516 -6.56 25.62 34.77
CA GLU B 516 -6.06 25.99 33.45
C GLU B 516 -4.83 26.88 33.56
N THR B 517 -4.80 27.81 34.52
CA THR B 517 -3.64 28.67 34.71
C THR B 517 -2.46 27.88 35.29
N ALA B 518 -2.73 26.90 36.18
CA ALA B 518 -1.69 26.06 36.78
C ALA B 518 -1.02 25.12 35.77
N LEU B 519 -1.68 24.82 34.64
CA LEU B 519 -1.12 23.98 33.59
C LEU B 519 -0.05 24.74 32.77
N GLU B 520 -0.13 26.08 32.70
CA GLU B 520 0.84 26.91 31.96
C GLU B 520 2.01 27.43 32.82
N THR B 521 1.94 27.25 34.16
CA THR B 521 2.98 27.73 35.05
C THR B 521 4.10 26.73 35.25
N GLY B 522 5.32 27.20 35.03
CA GLY B 522 6.54 26.39 35.13
C GLY B 522 7.02 25.91 33.78
N GLU B 523 8.27 25.46 33.70
CA GLU B 523 8.81 24.92 32.46
C GLU B 523 9.53 23.64 32.77
N PHE B 524 9.16 22.57 32.06
CA PHE B 524 9.74 21.27 32.28
C PHE B 524 10.31 20.65 31.02
N GLU B 525 11.16 19.66 31.23
CA GLU B 525 11.80 18.90 30.19
C GLU B 525 10.95 17.66 29.90
N PRO B 526 10.83 17.27 28.62
CA PRO B 526 10.03 16.07 28.31
C PRO B 526 10.70 14.78 28.82
N ASP B 527 10.23 14.26 29.97
CA ASP B 527 10.76 13.02 30.55
C ASP B 527 10.40 11.88 29.62
N VAL B 528 11.40 11.40 28.86
CA VAL B 528 11.25 10.35 27.85
C VAL B 528 10.75 9.06 28.49
N ALA B 529 11.24 8.75 29.69
CA ALA B 529 10.86 7.56 30.43
C ALA B 529 9.35 7.56 30.72
N TYR B 530 8.80 8.74 31.05
CA TYR B 530 7.37 8.91 31.34
C TYR B 530 6.52 8.65 30.09
N ASP B 531 6.90 9.24 28.94
CA ASP B 531 6.18 9.08 27.68
C ASP B 531 6.10 7.61 27.26
N ALA B 532 7.19 6.87 27.45
CA ALA B 532 7.26 5.46 27.09
C ALA B 532 6.27 4.62 27.90
N SER B 533 6.25 4.77 29.22
CA SER B 533 5.33 4.03 30.07
C SER B 533 3.88 4.43 29.82
N LEU B 534 3.63 5.68 29.37
CA LEU B 534 2.28 6.15 29.07
C LEU B 534 1.75 5.42 27.86
N ALA B 535 2.53 5.34 26.79
CA ALA B 535 2.12 4.66 25.58
C ALA B 535 1.79 3.20 25.82
N ASN B 536 2.54 2.56 26.71
CA ASN B 536 2.34 1.17 27.09
C ASN B 536 1.00 1.01 27.81
N PHE B 537 0.68 1.94 28.71
CA PHE B 537 -0.56 1.89 29.47
C PHE B 537 -1.77 1.97 28.56
N LEU B 538 -1.79 2.95 27.67
CA LEU B 538 -2.92 3.15 26.78
C LEU B 538 -3.13 1.94 25.88
N ALA B 539 -2.04 1.29 25.47
CA ALA B 539 -2.12 0.09 24.66
C ALA B 539 -2.63 -1.10 25.49
N SER B 540 -2.12 -1.26 26.73
CA SER B 540 -2.53 -2.35 27.61
C SER B 540 -4.00 -2.24 27.96
N SER B 541 -4.46 -1.01 28.21
CA SER B 541 -5.82 -0.70 28.61
C SER B 541 -6.78 -0.38 27.49
N ASN B 542 -6.30 -0.39 26.25
CA ASN B 542 -7.10 -0.11 25.06
C ASN B 542 -7.77 1.24 25.13
N MET B 543 -6.96 2.29 25.28
CA MET B 543 -7.45 3.65 25.37
C MET B 543 -6.85 4.49 24.29
N LYS B 544 -7.70 5.19 23.57
CA LYS B 544 -7.27 6.04 22.47
C LYS B 544 -6.66 7.34 22.99
N ALA B 545 -5.81 7.96 22.19
CA ALA B 545 -5.17 9.22 22.57
C ALA B 545 -6.19 10.34 22.53
N GLY B 546 -6.06 11.28 23.46
CA GLY B 546 -6.98 12.41 23.55
C GLY B 546 -8.37 12.08 24.06
N ASP B 547 -8.55 10.86 24.57
CA ASP B 547 -9.86 10.43 25.05
C ASP B 547 -9.97 10.41 26.55
N ASN B 548 -11.12 10.84 27.04
CA ASN B 548 -11.45 10.98 28.44
C ASN B 548 -11.95 9.66 29.04
N PHE B 549 -11.33 9.17 30.12
CA PHE B 549 -11.73 7.92 30.76
C PHE B 549 -11.77 8.02 32.25
N VAL B 550 -12.66 7.25 32.89
CA VAL B 550 -12.84 7.18 34.33
C VAL B 550 -12.80 5.71 34.78
N ILE B 551 -11.77 5.33 35.57
CA ILE B 551 -11.56 3.94 36.02
C ILE B 551 -11.47 3.79 37.54
N LEU B 552 -12.55 3.35 38.20
CA LEU B 552 -12.49 3.14 39.64
C LEU B 552 -12.34 1.67 39.93
N ASN B 553 -11.26 1.34 40.66
CA ASN B 553 -10.87 -0.01 41.09
C ASN B 553 -10.69 -0.99 39.93
N GLY B 554 -10.37 -0.49 38.76
CA GLY B 554 -10.18 -1.30 37.58
C GLY B 554 -11.30 -1.24 36.57
N ARG B 555 -12.53 -0.89 37.01
CA ARG B 555 -13.65 -0.83 36.07
C ARG B 555 -13.50 0.31 35.12
N VAL B 556 -13.09 -0.04 33.92
CA VAL B 556 -12.85 0.88 32.84
C VAL B 556 -14.18 1.49 32.39
N LEU B 557 -14.29 2.82 32.40
CA LEU B 557 -15.49 3.48 31.94
C LEU B 557 -15.18 4.64 31.02
N GLY B 558 -15.67 4.56 29.80
CA GLY B 558 -15.46 5.60 28.80
C GLY B 558 -15.36 5.05 27.38
N PRO B 559 -14.99 5.89 26.39
CA PRO B 559 -14.61 7.33 26.48
C PRO B 559 -15.74 8.35 26.74
N ILE B 560 -15.38 9.58 27.19
CA ILE B 560 -16.29 10.69 27.52
C ILE B 560 -16.45 11.65 26.33
N THR B 561 -17.66 11.72 25.73
CA THR B 561 -18.01 12.53 24.54
C THR B 561 -17.79 14.03 24.78
N SER B 562 -18.36 14.52 25.86
CA SER B 562 -18.31 15.90 26.33
C SER B 562 -18.38 15.81 27.86
N ALA B 563 -17.65 16.68 28.58
CA ALA B 563 -17.60 16.65 30.05
C ALA B 563 -18.93 16.97 30.79
N ASP B 564 -20.01 17.25 30.03
CA ASP B 564 -21.36 17.49 30.56
C ASP B 564 -22.01 16.13 31.00
N ASP B 565 -21.60 15.02 30.36
CA ASP B 565 -22.05 13.66 30.66
C ASP B 565 -21.52 13.23 32.02
N PHE B 566 -20.26 13.57 32.34
CA PHE B 566 -19.66 13.19 33.60
C PHE B 566 -19.27 14.38 34.48
N LYS B 567 -20.11 14.68 35.47
CA LYS B 567 -19.89 15.76 36.43
C LYS B 567 -19.59 15.17 37.83
N LYS B 568 -19.32 16.04 38.82
CA LYS B 568 -19.01 15.68 40.22
C LYS B 568 -20.01 14.67 40.81
N GLU B 569 -21.31 14.92 40.58
CA GLU B 569 -22.40 14.08 41.08
C GLU B 569 -22.46 12.69 40.40
N ASP B 570 -22.03 12.61 39.14
CA ASP B 570 -22.00 11.36 38.41
C ASP B 570 -20.87 10.45 38.90
N PHE B 571 -19.79 11.02 39.45
CA PHE B 571 -18.67 10.27 40.00
C PHE B 571 -19.11 9.57 41.29
N GLU B 572 -19.88 10.29 42.15
CA GLU B 572 -20.40 9.78 43.41
C GLU B 572 -21.21 8.49 43.19
N VAL B 573 -22.03 8.50 42.14
CA VAL B 573 -22.87 7.36 41.79
C VAL B 573 -22.02 6.20 41.26
N PHE B 574 -21.02 6.48 40.42
CA PHE B 574 -20.13 5.44 39.91
C PHE B 574 -19.40 4.71 41.07
N LEU B 575 -19.03 5.45 42.13
CA LEU B 575 -18.40 4.83 43.29
C LEU B 575 -19.44 3.96 44.00
N GLN B 576 -20.64 4.48 44.19
CA GLN B 576 -21.72 3.78 44.87
C GLN B 576 -22.07 2.43 44.22
N ALA B 577 -22.26 2.40 42.91
CA ALA B 577 -22.62 1.17 42.21
C ALA B 577 -21.49 0.12 42.20
N GLU B 578 -20.26 0.58 41.94
CA GLU B 578 -19.08 -0.28 41.94
C GLU B 578 -18.85 -0.88 43.34
N ARG B 579 -19.07 -0.05 44.39
CA ARG B 579 -18.94 -0.43 45.79
C ARG B 579 -19.89 -1.58 46.14
N ARG B 580 -21.17 -1.47 45.73
CA ARG B 580 -22.23 -2.46 45.98
C ARG B 580 -21.91 -3.82 45.39
N THR B 581 -21.28 -3.83 44.22
CA THR B 581 -21.03 -5.06 43.49
C THR B 581 -19.64 -5.72 43.73
N ARG B 582 -18.51 -5.00 43.53
CA ARG B 582 -17.19 -5.63 43.66
C ARG B 582 -16.31 -5.14 44.80
N ILE B 583 -16.79 -4.24 45.66
CA ILE B 583 -15.98 -3.78 46.79
C ILE B 583 -16.49 -4.44 48.08
N LEU B 584 -17.78 -4.27 48.40
CA LEU B 584 -18.34 -4.80 49.63
C LEU B 584 -18.36 -6.32 49.73
N PRO B 585 -18.84 -7.07 48.71
CA PRO B 585 -18.82 -8.54 48.85
C PRO B 585 -17.43 -9.11 49.14
N VAL B 586 -16.38 -8.46 48.63
CA VAL B 586 -15.02 -8.88 48.88
C VAL B 586 -14.59 -8.54 50.29
N TYR B 587 -14.97 -7.37 50.83
CA TYR B 587 -14.61 -7.02 52.20
C TYR B 587 -15.30 -7.94 53.18
N LYS B 588 -16.58 -8.26 52.93
CA LYS B 588 -17.34 -9.16 53.78
C LYS B 588 -16.82 -10.60 53.66
N ALA B 589 -16.32 -11.00 52.48
CA ALA B 589 -15.76 -12.34 52.30
C ALA B 589 -14.39 -12.43 52.97
N LEU B 590 -13.55 -11.40 52.79
CA LEU B 590 -12.20 -11.33 53.35
C LEU B 590 -12.28 -11.32 54.87
N GLU B 591 -13.20 -10.53 55.45
CA GLU B 591 -13.35 -10.50 56.90
C GLU B 591 -13.87 -11.83 57.44
N ASP B 592 -14.73 -12.53 56.67
CA ASP B 592 -15.25 -13.83 57.08
C ASP B 592 -14.16 -14.90 57.03
N LEU B 593 -13.27 -14.80 56.04
CA LEU B 593 -12.15 -15.72 55.91
C LEU B 593 -10.90 -15.33 56.69
N GLY B 594 -10.99 -14.26 57.49
CA GLY B 594 -9.88 -13.78 58.29
C GLY B 594 -8.71 -13.24 57.51
N LEU B 595 -8.99 -12.74 56.32
CA LEU B 595 -7.97 -12.20 55.45
C LEU B 595 -8.07 -10.70 55.28
N ASP B 596 -8.82 -10.00 56.17
CA ASP B 596 -8.95 -8.55 56.11
C ASP B 596 -7.64 -7.80 56.41
N ASP B 597 -6.53 -8.53 56.60
CA ASP B 597 -5.17 -8.02 56.85
C ASP B 597 -4.46 -7.73 55.52
N LYS B 598 -4.83 -8.44 54.44
CA LYS B 598 -4.23 -8.26 53.12
C LYS B 598 -4.66 -6.94 52.47
N VAL B 599 -5.83 -6.38 52.85
CA VAL B 599 -6.34 -5.10 52.33
C VAL B 599 -5.98 -3.91 53.24
N SER B 600 -4.83 -3.27 52.98
CA SER B 600 -4.34 -2.13 53.78
C SER B 600 -3.88 -0.93 52.91
N GLY B 601 -4.85 -0.21 52.35
CA GLY B 601 -4.61 0.92 51.47
C GLY B 601 -5.65 0.95 50.36
N PRO B 602 -5.99 2.13 49.84
CA PRO B 602 -7.00 2.21 48.79
C PRO B 602 -6.63 1.39 47.56
N LEU B 603 -5.34 1.42 47.20
CA LEU B 603 -4.81 0.69 46.05
C LEU B 603 -4.69 -0.80 46.31
N SER B 604 -4.21 -1.17 47.49
CA SER B 604 -4.08 -2.58 47.83
C SER B 604 -5.43 -3.30 47.82
N ALA B 605 -6.52 -2.57 48.11
CA ALA B 605 -7.87 -3.12 48.06
C ALA B 605 -8.37 -3.12 46.63
N ALA B 606 -8.09 -2.05 45.87
CA ALA B 606 -8.52 -1.94 44.47
C ALA B 606 -7.97 -3.04 43.60
N LYS B 607 -6.77 -3.55 43.91
CA LYS B 607 -6.14 -4.64 43.16
C LYS B 607 -7.06 -5.90 43.24
N LEU B 608 -7.59 -6.19 44.46
CA LEU B 608 -8.50 -7.30 44.74
C LEU B 608 -9.85 -7.16 44.03
N THR B 609 -10.57 -6.03 44.25
CA THR B 609 -11.89 -5.72 43.70
C THR B 609 -11.98 -5.82 42.16
N SER B 610 -10.85 -5.63 41.51
CA SER B 610 -10.76 -5.77 40.08
C SER B 610 -10.55 -7.24 39.75
N VAL B 611 -9.62 -7.88 40.45
CA VAL B 611 -9.24 -9.27 40.31
C VAL B 611 -10.44 -10.23 40.46
N THR B 612 -11.34 -9.98 41.41
CA THR B 612 -12.53 -10.82 41.61
C THR B 612 -13.52 -10.66 40.48
N ALA B 613 -13.67 -9.41 39.99
CA ALA B 613 -14.54 -9.09 38.87
C ALA B 613 -14.07 -9.83 37.61
N LEU B 614 -12.76 -10.05 37.48
CA LEU B 614 -12.20 -10.82 36.40
C LEU B 614 -12.53 -12.33 36.51
N SER B 615 -13.36 -12.74 37.49
CA SER B 615 -13.86 -14.10 37.57
C SER B 615 -15.16 -14.18 36.73
N THR B 616 -15.21 -13.40 35.61
CA THR B 616 -16.30 -13.20 34.65
C THR B 616 -15.77 -12.92 33.19
N ILE B 617 -14.81 -11.95 32.99
CA ILE B 617 -14.24 -11.57 31.66
C ILE B 617 -12.67 -11.54 31.61
N SER B 618 -11.92 -12.38 30.81
CA SER B 618 -12.17 -13.55 29.92
C SER B 618 -13.06 -13.27 28.67
N ASP B 619 -13.00 -14.15 27.62
CA ASP B 619 -13.81 -13.90 26.40
C ASP B 619 -14.29 -15.23 25.64
N LEU B 620 -13.96 -15.41 24.31
CA LEU B 620 -14.34 -16.48 23.35
C LEU B 620 -14.26 -17.95 23.87
N PRO B 621 -15.13 -18.90 23.43
CA PRO B 621 -16.25 -18.75 22.48
C PRO B 621 -17.56 -18.23 23.09
N GLN B 622 -18.56 -17.92 22.25
CA GLN B 622 -19.85 -17.41 22.76
C GLN B 622 -21.07 -18.08 22.13
N GLY B 623 -21.25 -19.37 22.39
CA GLY B 623 -22.41 -20.09 21.85
C GLY B 623 -22.47 -21.59 22.00
N ILE B 624 -21.41 -22.33 21.62
CA ILE B 624 -21.38 -23.79 21.64
C ILE B 624 -21.93 -24.40 22.92
N PHE B 625 -21.32 -24.10 24.08
CA PHE B 625 -21.80 -24.64 25.33
C PHE B 625 -23.12 -23.88 25.68
N ASP B 626 -23.14 -22.75 26.44
CA ASP B 626 -22.14 -22.09 27.28
C ASP B 626 -22.87 -21.32 28.41
N ASN B 627 -23.46 -20.11 28.19
CA ASN B 627 -23.42 -19.18 27.04
C ASN B 627 -22.89 -17.77 27.45
N ALA B 628 -23.03 -17.45 28.73
CA ALA B 628 -22.59 -16.24 29.41
C ALA B 628 -22.31 -16.52 30.91
N PRO B 629 -23.10 -17.35 31.64
CA PRO B 629 -22.85 -17.55 33.09
C PRO B 629 -21.59 -18.42 33.49
N THR B 630 -21.75 -19.50 34.35
CA THR B 630 -20.75 -20.36 35.01
C THR B 630 -20.11 -19.54 36.16
N VAL B 631 -20.79 -19.52 37.32
CA VAL B 631 -20.42 -18.73 38.50
C VAL B 631 -19.84 -19.59 39.61
N ARG B 632 -19.01 -18.98 40.42
CA ARG B 632 -18.33 -19.64 41.51
C ARG B 632 -19.18 -19.92 42.73
N THR B 633 -19.42 -21.18 42.95
CA THR B 633 -20.14 -21.64 44.12
C THR B 633 -19.15 -21.90 45.28
N THR B 634 -19.66 -22.03 46.49
CA THR B 634 -18.86 -22.31 47.67
C THR B 634 -19.50 -23.35 48.60
N LEU B 635 -20.67 -23.90 48.24
CA LEU B 635 -21.42 -24.81 49.10
C LEU B 635 -20.83 -26.22 49.24
N PHE B 636 -19.79 -26.55 48.48
CA PHE B 636 -19.14 -27.85 48.64
C PHE B 636 -18.53 -28.01 50.05
N LYS B 637 -18.25 -26.87 50.75
CA LYS B 637 -17.64 -26.74 52.09
C LYS B 637 -18.56 -27.13 53.28
N GLN B 638 -19.89 -27.18 53.09
CA GLN B 638 -20.79 -27.55 54.19
C GLN B 638 -20.72 -29.05 54.49
N TRP B 639 -20.49 -29.84 53.44
CA TRP B 639 -20.36 -31.29 53.46
C TRP B 639 -19.18 -31.71 54.38
N ASN B 640 -19.40 -32.67 55.30
CA ASN B 640 -18.29 -33.15 56.14
C ASN B 640 -17.50 -34.18 55.33
N SER B 641 -16.15 -34.15 55.42
CA SER B 641 -15.32 -35.06 54.61
C SER B 641 -14.76 -36.27 55.36
N THR B 642 -15.50 -36.76 56.35
CA THR B 642 -15.09 -37.89 57.16
C THR B 642 -15.12 -39.24 56.36
N TYR B 643 -16.29 -39.65 55.83
CA TYR B 643 -16.41 -40.93 55.12
C TYR B 643 -16.48 -40.82 53.62
N THR B 644 -17.52 -40.16 53.06
CA THR B 644 -17.71 -40.06 51.63
C THR B 644 -16.59 -39.31 50.89
N SER B 645 -15.72 -38.56 51.59
CA SER B 645 -14.66 -37.82 50.93
C SER B 645 -13.25 -38.25 51.28
N PHE B 646 -12.34 -37.99 50.36
CA PHE B 646 -10.92 -38.22 50.52
C PHE B 646 -10.19 -37.20 49.67
N GLU B 647 -9.00 -36.76 50.12
CA GLU B 647 -8.25 -35.76 49.36
C GLU B 647 -6.88 -36.24 48.92
N VAL B 648 -6.43 -35.72 47.77
CA VAL B 648 -5.14 -36.02 47.20
C VAL B 648 -4.60 -34.74 46.59
N GLY B 649 -3.43 -34.32 47.05
CA GLY B 649 -2.83 -33.09 46.59
C GLY B 649 -2.62 -32.11 47.72
N ASP B 650 -1.60 -31.24 47.58
CA ASP B 650 -1.27 -30.27 48.61
C ASP B 650 -2.18 -29.05 48.57
N ALA B 651 -2.92 -28.80 49.65
CA ALA B 651 -3.85 -27.67 49.77
C ALA B 651 -3.20 -26.27 49.80
N SER B 652 -1.87 -26.21 49.93
CA SER B 652 -1.16 -24.93 49.94
C SER B 652 -0.63 -24.57 48.56
N THR B 653 0.05 -25.52 47.86
CA THR B 653 0.52 -25.24 46.49
C THR B 653 -0.59 -25.46 45.44
N ALA B 654 -1.88 -25.49 45.87
CA ALA B 654 -3.11 -25.76 45.09
C ALA B 654 -3.65 -24.62 44.17
N THR B 655 -3.06 -24.47 42.96
CA THR B 655 -3.53 -23.51 41.95
C THR B 655 -4.92 -23.91 41.48
N ILE B 656 -5.11 -25.21 41.25
CA ILE B 656 -6.34 -25.83 40.81
C ILE B 656 -7.09 -26.43 42.02
N PHE B 657 -8.42 -26.52 41.92
CA PHE B 657 -9.24 -27.07 43.00
C PHE B 657 -10.35 -27.95 42.49
N PHE B 658 -10.04 -29.22 42.31
CA PHE B 658 -11.00 -30.19 41.84
C PHE B 658 -11.73 -30.75 43.01
N VAL B 659 -13.03 -30.54 43.04
CA VAL B 659 -13.87 -31.08 44.09
C VAL B 659 -14.89 -31.93 43.35
N ALA B 660 -14.46 -33.11 42.93
CA ALA B 660 -15.31 -34.01 42.17
C ALA B 660 -16.34 -34.71 43.04
N VAL B 661 -17.58 -34.80 42.56
CA VAL B 661 -18.67 -35.52 43.21
C VAL B 661 -19.12 -36.64 42.25
N ILE B 662 -18.74 -37.89 42.55
CA ILE B 662 -19.05 -39.03 41.68
C ILE B 662 -19.65 -40.21 42.42
N ASN B 663 -20.85 -40.63 42.03
CA ASN B 663 -21.44 -41.84 42.57
C ASN B 663 -20.76 -42.98 41.81
N PRO B 664 -20.28 -44.00 42.51
CA PRO B 664 -19.57 -45.10 41.83
C PRO B 664 -20.44 -45.93 40.90
N ALA B 665 -21.72 -46.09 41.21
CA ALA B 665 -22.62 -46.87 40.39
C ALA B 665 -23.25 -46.09 39.20
N SER B 666 -22.44 -45.66 38.24
CA SER B 666 -22.92 -44.98 37.03
C SER B 666 -21.87 -45.11 35.94
N GLU B 667 -22.24 -45.61 34.73
CA GLU B 667 -21.32 -45.73 33.58
C GLU B 667 -20.55 -44.43 33.28
N ILE B 668 -21.07 -43.29 33.79
CA ILE B 668 -20.53 -41.94 33.68
C ILE B 668 -19.35 -41.74 34.63
N GLY B 669 -19.49 -42.11 35.90
CA GLY B 669 -18.41 -41.99 36.87
C GLY B 669 -17.14 -42.71 36.46
N GLN B 670 -17.30 -43.80 35.69
CA GLN B 670 -16.25 -44.68 35.14
C GLN B 670 -15.18 -43.90 34.38
N ARG B 671 -15.64 -42.94 33.55
CA ARG B 671 -14.78 -42.07 32.75
C ARG B 671 -14.13 -41.05 33.70
N TRP B 672 -14.93 -40.46 34.57
CA TRP B 672 -14.56 -39.43 35.51
C TRP B 672 -13.38 -39.83 36.39
N VAL B 673 -13.46 -40.97 37.07
CA VAL B 673 -12.37 -41.42 37.95
C VAL B 673 -11.02 -41.58 37.24
N ALA B 674 -10.98 -42.38 36.16
CA ALA B 674 -9.74 -42.65 35.42
C ALA B 674 -9.01 -41.41 34.94
N VAL B 675 -9.76 -40.39 34.51
CA VAL B 675 -9.20 -39.14 34.02
C VAL B 675 -8.63 -38.35 35.19
N LEU B 676 -9.38 -38.26 36.29
CA LEU B 676 -8.99 -37.56 37.50
C LEU B 676 -7.62 -37.95 38.01
N LYS B 677 -7.24 -39.22 37.87
CA LYS B 677 -5.92 -39.65 38.31
C LYS B 677 -4.84 -38.97 37.51
N VAL B 678 -5.05 -38.87 36.18
CA VAL B 678 -4.16 -38.20 35.23
C VAL B 678 -4.13 -36.66 35.49
N LEU B 679 -5.21 -36.10 36.02
CA LEU B 679 -5.28 -34.68 36.34
C LEU B 679 -4.53 -34.35 37.62
N SER B 680 -4.57 -35.26 38.60
CA SER B 680 -3.89 -35.06 39.88
C SER B 680 -2.36 -35.07 39.77
N GLU B 681 -1.83 -35.72 38.73
CA GLU B 681 -0.39 -35.82 38.49
C GLU B 681 0.26 -34.52 37.97
N LEU B 682 -0.42 -33.39 38.15
CA LEU B 682 0.11 -32.10 37.77
C LEU B 682 0.39 -31.33 39.06
N GLU B 683 1.56 -30.66 39.14
CA GLU B 683 1.91 -29.93 40.35
C GLU B 683 1.09 -28.65 40.52
N GLY B 684 0.47 -28.58 41.68
CA GLY B 684 -0.45 -27.50 42.01
C GLY B 684 -1.89 -27.91 41.80
N VAL B 685 -2.17 -29.23 41.84
CA VAL B 685 -3.53 -29.73 41.63
C VAL B 685 -4.05 -30.39 42.91
N HIS B 686 -5.16 -29.85 43.43
CA HIS B 686 -5.83 -30.35 44.62
C HIS B 686 -7.07 -31.11 44.20
N LEU B 687 -7.29 -32.30 44.78
CA LEU B 687 -8.44 -33.11 44.41
C LEU B 687 -9.12 -33.77 45.59
N ARG B 688 -10.34 -33.35 45.87
CA ARG B 688 -11.15 -33.95 46.94
C ARG B 688 -12.27 -34.71 46.23
N VAL B 689 -12.25 -36.05 46.35
CA VAL B 689 -13.26 -36.86 45.69
C VAL B 689 -14.35 -37.27 46.64
N PHE B 690 -15.55 -36.80 46.38
CA PHE B 690 -16.74 -37.14 47.15
C PHE B 690 -17.43 -38.26 46.38
N LEU B 691 -17.74 -39.36 47.06
CA LEU B 691 -18.40 -40.47 46.41
C LEU B 691 -19.78 -40.70 47.06
N ASN B 692 -20.74 -39.78 46.81
CA ASN B 692 -22.06 -39.90 47.41
C ASN B 692 -22.89 -40.92 46.61
N PRO B 693 -23.23 -42.04 47.25
CA PRO B 693 -23.88 -43.13 46.54
C PRO B 693 -25.40 -43.06 46.46
N THR B 694 -25.99 -43.81 45.52
CA THR B 694 -27.44 -43.82 45.32
C THR B 694 -28.11 -45.08 45.87
N VAL B 695 -29.36 -44.94 46.36
CA VAL B 695 -30.11 -46.08 46.86
C VAL B 695 -30.95 -46.73 45.74
N MET B 696 -31.36 -45.96 44.72
CA MET B 696 -32.19 -46.48 43.63
C MET B 696 -31.41 -47.07 42.46
N ILE B 697 -31.24 -48.39 42.45
CA ILE B 697 -30.56 -49.09 41.38
C ILE B 697 -31.43 -50.30 40.99
N GLU B 698 -32.32 -50.14 40.00
CA GLU B 698 -33.23 -51.21 39.58
C GLU B 698 -32.61 -52.19 38.59
N GLU B 699 -31.81 -51.69 37.66
CA GLU B 699 -31.12 -52.52 36.67
C GLU B 699 -29.64 -52.72 37.11
N LEU B 700 -28.80 -53.41 36.30
CA LEU B 700 -27.37 -53.58 36.58
C LEU B 700 -26.74 -52.19 36.49
N PRO B 701 -26.09 -51.73 37.57
CA PRO B 701 -25.62 -50.33 37.59
C PRO B 701 -24.71 -49.96 36.44
N VAL B 702 -23.79 -50.84 36.13
CA VAL B 702 -22.85 -50.67 35.06
C VAL B 702 -23.02 -51.81 34.06
N LYS B 703 -22.50 -51.62 32.85
CA LYS B 703 -22.51 -52.61 31.77
C LYS B 703 -21.11 -52.57 31.09
N ARG B 704 -20.63 -51.34 30.80
CA ARG B 704 -19.37 -51.11 30.12
C ARG B 704 -18.13 -51.33 31.01
N PHE B 705 -16.95 -51.26 30.38
CA PHE B 705 -15.62 -51.40 30.97
C PHE B 705 -14.82 -50.18 30.49
N TYR B 706 -14.49 -49.26 31.42
CA TYR B 706 -13.83 -47.99 31.10
C TYR B 706 -12.37 -47.83 31.43
N ARG B 707 -11.58 -47.68 30.39
CA ARG B 707 -10.16 -47.37 30.51
C ARG B 707 -9.92 -46.17 29.56
N TYR B 708 -9.28 -45.08 30.06
CA TYR B 708 -9.07 -43.83 29.30
C TYR B 708 -7.61 -43.50 28.89
N VAL B 709 -7.33 -43.52 27.56
CA VAL B 709 -5.99 -43.25 27.03
C VAL B 709 -5.56 -41.84 27.24
N LEU B 710 -4.69 -41.65 28.21
CA LEU B 710 -4.22 -40.33 28.57
C LEU B 710 -2.93 -40.43 29.37
N SER B 711 -1.97 -39.56 29.06
CA SER B 711 -0.72 -39.53 29.81
C SER B 711 -0.35 -38.13 30.22
N SER B 712 -0.07 -37.95 31.50
CA SER B 712 0.43 -36.71 32.08
C SER B 712 1.96 -36.60 31.91
N SER B 713 2.61 -37.71 31.56
CA SER B 713 4.02 -37.85 31.37
C SER B 713 4.21 -38.42 29.99
N PRO B 714 4.92 -37.74 29.09
CA PRO B 714 5.13 -38.33 27.75
C PRO B 714 5.94 -39.60 27.89
N SER B 715 5.30 -40.72 27.59
CA SER B 715 5.95 -42.03 27.71
C SER B 715 7.03 -42.17 26.65
N PHE B 716 8.17 -42.76 27.02
CA PHE B 716 9.27 -42.89 26.07
C PHE B 716 9.67 -44.30 25.72
N ASP B 717 9.75 -44.56 24.42
CA ASP B 717 10.20 -45.84 23.90
C ASP B 717 11.71 -45.93 24.16
N GLU B 718 12.18 -47.14 24.51
CA GLU B 718 13.59 -47.47 24.82
C GLU B 718 14.58 -46.99 23.76
N SER B 719 14.16 -46.95 22.50
CA SER B 719 15.02 -46.46 21.43
C SER B 719 15.11 -44.91 21.36
N GLY B 720 14.56 -44.22 22.35
CA GLY B 720 14.55 -42.77 22.39
C GLY B 720 13.20 -42.19 22.02
N LYS B 721 12.74 -42.49 20.81
CA LYS B 721 11.48 -42.00 20.28
C LYS B 721 10.28 -42.12 21.24
N VAL B 722 9.22 -41.42 20.92
CA VAL B 722 7.99 -41.41 21.66
C VAL B 722 7.33 -42.76 21.59
N LYS B 723 6.74 -43.15 22.70
CA LYS B 723 5.99 -44.39 22.78
C LYS B 723 4.49 -44.08 22.59
N ALA B 724 3.80 -44.94 21.85
CA ALA B 724 2.36 -44.82 21.60
C ALA B 724 1.53 -45.14 22.86
N LEU B 725 0.34 -44.56 22.97
CA LEU B 725 -0.52 -44.83 24.11
C LEU B 725 -1.59 -45.84 23.74
N SER B 726 -1.65 -46.95 24.49
CA SER B 726 -2.57 -48.03 24.19
C SER B 726 -3.55 -48.34 25.33
N ALA B 727 -4.73 -48.92 24.98
CA ALA B 727 -5.82 -49.26 25.90
C ALA B 727 -5.93 -50.78 26.17
N ARG B 728 -5.16 -51.31 27.16
CA ARG B 728 -5.19 -52.75 27.44
C ARG B 728 -5.99 -53.08 28.69
N PHE B 729 -7.03 -53.91 28.54
CA PHE B 729 -7.90 -54.33 29.64
C PHE B 729 -7.44 -55.71 30.08
N THR B 730 -6.95 -55.87 31.32
CA THR B 730 -6.45 -57.15 31.80
C THR B 730 -7.49 -57.91 32.67
N GLY B 731 -7.34 -59.23 32.75
CA GLY B 731 -8.28 -60.09 33.48
C GLY B 731 -9.66 -60.00 32.88
N VAL B 732 -9.75 -60.16 31.57
CA VAL B 732 -11.01 -60.02 30.87
C VAL B 732 -11.68 -61.37 30.60
N PRO B 733 -12.99 -61.46 30.94
CA PRO B 733 -13.74 -62.72 30.72
C PRO B 733 -13.66 -63.37 29.34
N ARG B 734 -13.99 -64.66 29.29
CA ARG B 734 -13.99 -65.42 28.06
C ARG B 734 -15.42 -65.71 27.56
N GLU B 735 -16.43 -65.70 28.45
CA GLU B 735 -17.81 -66.04 28.08
C GLU B 735 -18.77 -64.86 27.78
N THR B 736 -18.76 -63.79 28.60
CA THR B 736 -19.73 -62.70 28.36
C THR B 736 -19.43 -61.96 27.07
N LEU B 737 -20.48 -61.68 26.29
CA LEU B 737 -20.34 -60.99 25.02
C LEU B 737 -19.86 -59.57 25.24
N LEU B 738 -18.93 -59.11 24.42
CA LEU B 738 -18.34 -57.79 24.57
C LEU B 738 -18.48 -56.96 23.33
N VAL B 739 -18.47 -55.63 23.49
CA VAL B 739 -18.57 -54.66 22.39
C VAL B 739 -17.54 -53.53 22.59
N VAL B 740 -16.82 -53.11 21.53
CA VAL B 740 -15.85 -52.02 21.66
C VAL B 740 -16.31 -50.74 20.98
N GLY B 741 -15.87 -49.61 21.49
CA GLY B 741 -16.15 -48.32 20.93
C GLY B 741 -15.21 -47.29 21.52
N MET B 742 -15.70 -46.02 21.69
CA MET B 742 -14.94 -44.89 22.28
C MET B 742 -15.83 -43.68 22.70
N ASP B 743 -15.38 -42.83 23.69
CA ASP B 743 -16.07 -41.55 24.03
C ASP B 743 -15.26 -40.42 23.41
N VAL B 744 -15.01 -40.56 22.11
CA VAL B 744 -14.28 -39.60 21.33
C VAL B 744 -15.12 -38.32 21.25
N PRO B 745 -14.52 -37.19 21.60
CA PRO B 745 -15.27 -35.93 21.63
C PRO B 745 -16.04 -35.64 20.33
N PRO B 746 -17.21 -34.95 20.43
CA PRO B 746 -18.06 -34.71 19.24
C PRO B 746 -17.45 -33.92 18.07
N ALA B 747 -16.17 -33.58 18.18
CA ALA B 747 -15.42 -32.93 17.13
C ALA B 747 -14.37 -33.91 16.54
N TRP B 748 -14.71 -35.19 16.48
CA TRP B 748 -13.84 -36.22 15.95
C TRP B 748 -14.69 -37.23 15.18
N LEU B 749 -14.15 -37.78 14.10
CA LEU B 749 -14.82 -38.82 13.31
C LEU B 749 -13.91 -40.04 13.33
N VAL B 750 -14.38 -41.14 13.92
CA VAL B 750 -13.54 -42.32 14.09
C VAL B 750 -14.18 -43.61 13.56
N THR B 751 -13.40 -44.39 12.77
CA THR B 751 -13.77 -45.71 12.23
C THR B 751 -12.63 -46.74 12.45
N SER B 752 -12.96 -48.02 12.30
CA SER B 752 -12.01 -49.09 12.49
C SER B 752 -11.02 -49.14 11.35
N LYS B 753 -9.75 -49.31 11.71
CA LYS B 753 -8.70 -49.42 10.72
C LYS B 753 -8.35 -50.90 10.43
N VAL B 754 -7.61 -51.61 11.33
CA VAL B 754 -7.27 -53.03 11.14
C VAL B 754 -7.60 -53.88 12.40
N ALA B 755 -8.38 -54.97 12.22
CA ALA B 755 -8.78 -55.87 13.31
C ALA B 755 -9.20 -57.22 12.80
N VAL B 756 -8.65 -58.22 13.41
CA VAL B 756 -8.94 -59.60 13.11
C VAL B 756 -10.34 -59.97 13.57
N ASP B 757 -10.62 -59.62 14.81
CA ASP B 757 -11.88 -59.92 15.46
C ASP B 757 -12.88 -58.83 15.17
N ASP B 758 -14.14 -59.20 15.11
CA ASP B 758 -15.22 -58.25 14.89
C ASP B 758 -15.48 -57.49 16.17
N LEU B 759 -15.18 -56.19 16.15
CA LEU B 759 -15.34 -55.26 17.25
C LEU B 759 -16.67 -55.39 17.99
N ASP B 760 -17.76 -55.79 17.28
CA ASP B 760 -19.11 -55.93 17.85
C ASP B 760 -19.37 -57.31 18.55
N ASN B 761 -19.34 -58.44 17.81
CA ASN B 761 -19.70 -59.74 18.40
C ASN B 761 -18.48 -60.53 18.89
N LEU B 762 -17.78 -59.89 19.83
CA LEU B 762 -16.57 -60.34 20.53
C LEU B 762 -16.86 -61.23 21.77
N ARG B 763 -15.99 -62.25 22.01
CA ARG B 763 -15.95 -63.19 23.15
C ARG B 763 -14.54 -63.82 23.14
N ILE B 764 -13.80 -63.78 24.27
CA ILE B 764 -12.41 -64.24 24.33
C ILE B 764 -12.26 -65.77 24.14
N LYS B 765 -13.26 -66.57 24.54
CA LYS B 765 -13.19 -68.03 24.36
C LYS B 765 -13.37 -68.47 22.90
N ASP B 766 -14.08 -67.68 22.08
CA ASP B 766 -14.26 -67.98 20.65
C ASP B 766 -13.01 -67.67 19.85
N ILE B 767 -12.33 -66.58 20.24
CA ILE B 767 -11.05 -66.11 19.72
C ILE B 767 -9.92 -67.11 20.13
N LYS B 768 -10.05 -67.71 21.32
CA LYS B 768 -9.15 -68.74 21.81
C LYS B 768 -9.30 -69.99 20.91
N ALA B 769 -10.54 -70.31 20.47
CA ALA B 769 -10.85 -71.43 19.59
C ALA B 769 -10.65 -71.17 18.08
N LYS B 770 -10.11 -70.00 17.73
CA LYS B 770 -9.85 -69.65 16.33
C LYS B 770 -8.35 -69.34 16.14
N ARG B 771 -7.80 -68.50 17.01
CA ARG B 771 -6.40 -68.12 16.93
C ARG B 771 -5.53 -68.90 17.89
N GLY B 772 -6.09 -69.34 19.00
CA GLY B 772 -5.33 -70.04 20.02
C GLY B 772 -4.87 -69.14 21.16
N THR B 773 -5.06 -67.82 21.02
CA THR B 773 -4.65 -66.87 22.05
C THR B 773 -5.83 -66.08 22.55
N GLU B 774 -5.73 -65.64 23.79
CA GLU B 774 -6.77 -64.82 24.40
C GLU B 774 -6.36 -63.35 24.36
N HIS B 775 -5.73 -62.91 23.26
CA HIS B 775 -5.23 -61.57 23.09
C HIS B 775 -5.92 -60.84 21.95
N VAL B 776 -6.85 -59.96 22.28
CA VAL B 776 -7.54 -59.18 21.28
C VAL B 776 -6.72 -57.94 20.96
N GLU B 777 -6.47 -57.66 19.68
CA GLU B 777 -5.70 -56.47 19.28
C GLU B 777 -6.34 -55.80 18.05
N ALA B 778 -6.72 -54.52 18.20
CA ALA B 778 -7.36 -53.76 17.13
C ALA B 778 -6.81 -52.32 17.00
N ILE B 779 -6.95 -51.75 15.80
CA ILE B 779 -6.50 -50.40 15.52
C ILE B 779 -7.64 -49.52 15.04
N TYR B 780 -7.87 -48.42 15.75
CA TYR B 780 -8.88 -47.43 15.39
C TYR B 780 -8.19 -46.20 14.81
N GLU B 781 -8.95 -45.27 14.20
CA GLU B 781 -8.33 -44.10 13.58
C GLU B 781 -9.24 -42.85 13.46
N LEU B 782 -8.69 -41.64 13.74
CA LEU B 782 -9.42 -40.36 13.59
C LEU B 782 -9.36 -39.91 12.14
N GLU B 783 -10.22 -40.47 11.30
CA GLU B 783 -10.19 -40.17 9.87
C GLU B 783 -10.48 -38.73 9.57
N HIS B 784 -11.46 -38.13 10.25
CA HIS B 784 -11.80 -36.74 10.02
C HIS B 784 -11.89 -35.94 11.32
N ILE B 785 -11.58 -34.64 11.26
CA ILE B 785 -11.69 -33.72 12.40
C ILE B 785 -12.77 -32.67 12.02
N LEU B 786 -14.03 -32.88 12.47
CA LEU B 786 -15.23 -32.07 12.17
C LEU B 786 -15.12 -30.55 12.41
N ILE B 787 -15.75 -29.79 11.52
CA ILE B 787 -15.78 -28.33 11.63
C ILE B 787 -17.23 -27.98 11.91
N GLU B 788 -17.75 -28.38 13.06
CA GLU B 788 -19.13 -28.10 13.46
C GLU B 788 -19.44 -26.58 13.41
N GLY B 789 -20.68 -26.18 13.66
CA GLY B 789 -21.04 -24.76 13.66
C GLY B 789 -22.51 -24.44 13.83
N HIS B 790 -22.84 -23.17 14.11
CA HIS B 790 -24.23 -22.76 14.28
C HIS B 790 -24.53 -21.67 13.33
N SER B 791 -25.67 -21.77 12.66
CA SER B 791 -26.05 -20.81 11.64
C SER B 791 -26.92 -19.69 12.15
N ARG B 792 -26.96 -18.59 11.40
CA ARG B 792 -27.81 -17.47 11.73
C ARG B 792 -28.08 -16.60 10.51
N GLU B 793 -29.14 -15.83 10.58
CA GLU B 793 -29.52 -14.92 9.51
C GLU B 793 -29.28 -13.48 9.97
N ILE B 794 -28.78 -12.63 9.07
CA ILE B 794 -28.55 -11.23 9.38
C ILE B 794 -29.63 -10.38 8.67
N PRO B 795 -30.28 -9.47 9.41
CA PRO B 795 -30.03 -9.10 10.81
C PRO B 795 -30.87 -9.83 11.84
N GLY B 796 -32.10 -10.15 11.47
CA GLY B 796 -33.01 -10.88 12.34
C GLY B 796 -32.56 -12.31 12.46
N ALA B 797 -31.76 -12.59 13.51
CA ALA B 797 -31.19 -13.90 13.79
C ALA B 797 -32.21 -15.04 13.81
N HIS B 798 -32.20 -15.83 12.73
CA HIS B 798 -33.14 -16.92 12.53
C HIS B 798 -32.35 -18.19 12.08
N ALA B 799 -33.03 -19.16 11.44
CA ALA B 799 -32.40 -20.35 10.93
C ALA B 799 -32.45 -20.32 9.41
N PRO B 800 -31.33 -20.09 8.71
CA PRO B 800 -31.38 -20.11 7.24
C PRO B 800 -31.29 -21.56 6.81
N ARG B 801 -32.35 -22.36 7.06
CA ARG B 801 -32.36 -23.78 6.73
C ARG B 801 -32.51 -23.99 5.25
N GLY B 802 -32.05 -25.13 4.78
CA GLY B 802 -32.13 -25.47 3.36
C GLY B 802 -31.03 -24.84 2.55
N VAL B 803 -30.33 -23.81 3.10
CA VAL B 803 -29.25 -23.11 2.40
C VAL B 803 -28.04 -24.04 2.29
N GLN B 804 -27.96 -24.81 1.19
CA GLN B 804 -26.91 -25.78 0.85
C GLN B 804 -25.57 -25.02 0.74
N LEU B 805 -24.46 -25.52 1.33
CA LEU B 805 -23.16 -24.81 1.20
C LEU B 805 -21.96 -25.74 0.98
N VAL B 806 -20.96 -25.26 0.22
CA VAL B 806 -19.77 -25.96 -0.24
C VAL B 806 -18.48 -25.57 0.48
N LEU B 807 -17.68 -26.57 0.79
CA LEU B 807 -16.37 -26.36 1.39
C LEU B 807 -15.36 -26.57 0.26
N GLU B 808 -14.33 -25.75 0.22
CA GLU B 808 -13.32 -25.87 -0.84
C GLU B 808 -11.90 -25.56 -0.35
N THR B 809 -10.91 -25.91 -1.15
CA THR B 809 -9.49 -25.65 -0.91
C THR B 809 -8.87 -25.24 -2.23
N GLU B 810 -7.67 -24.63 -2.20
CA GLU B 810 -7.00 -24.28 -3.43
C GLU B 810 -6.47 -25.55 -4.16
N ASN B 811 -6.87 -26.78 -3.73
CA ASN B 811 -6.55 -28.07 -4.34
C ASN B 811 -7.75 -28.53 -5.19
N ASN B 812 -8.98 -28.45 -4.62
CA ASN B 812 -10.21 -28.76 -5.35
C ASN B 812 -11.41 -28.00 -4.75
N PRO B 813 -12.20 -27.30 -5.60
CA PRO B 813 -13.30 -26.46 -5.08
C PRO B 813 -14.61 -27.16 -4.76
N HIS B 814 -14.65 -28.49 -4.86
CA HIS B 814 -15.85 -29.24 -4.50
C HIS B 814 -15.41 -30.29 -3.51
N PHE B 815 -14.89 -29.80 -2.39
CA PHE B 815 -14.42 -30.67 -1.35
C PHE B 815 -15.63 -31.34 -0.70
N ALA B 816 -16.66 -30.56 -0.33
CA ALA B 816 -17.88 -31.10 0.27
C ALA B 816 -19.10 -30.16 0.08
N ASP B 817 -20.34 -30.67 0.32
CA ASP B 817 -21.56 -29.85 0.29
C ASP B 817 -22.74 -30.50 1.04
N THR B 818 -23.22 -29.82 2.10
CA THR B 818 -24.30 -30.31 2.94
C THR B 818 -25.17 -29.13 3.45
N ILE B 819 -26.48 -29.37 3.67
CA ILE B 819 -27.45 -28.37 4.07
C ILE B 819 -27.41 -28.03 5.59
N ILE B 820 -28.16 -26.99 5.99
CA ILE B 820 -28.28 -26.48 7.35
C ILE B 820 -29.55 -27.04 8.01
N MET B 821 -29.50 -27.31 9.31
CA MET B 821 -30.64 -27.85 10.02
C MET B 821 -31.56 -26.78 10.64
N ALA B 822 -32.86 -27.08 10.74
CA ALA B 822 -33.88 -26.17 11.28
C ALA B 822 -33.75 -25.87 12.75
N ASN B 823 -33.13 -26.78 13.49
CA ASN B 823 -32.92 -26.60 14.91
C ASN B 823 -31.61 -25.94 15.12
N LEU B 824 -31.65 -24.61 14.99
CA LEU B 824 -30.59 -23.64 15.21
C LEU B 824 -29.31 -23.85 14.37
N GLY B 825 -29.45 -24.53 13.25
CA GLY B 825 -28.35 -24.74 12.32
C GLY B 825 -27.20 -25.58 12.84
N TYR B 826 -27.06 -26.79 12.27
CA TYR B 826 -25.97 -27.72 12.55
C TYR B 826 -25.43 -28.29 11.19
N PHE B 827 -24.13 -28.16 10.97
CA PHE B 827 -23.42 -28.60 9.78
C PHE B 827 -22.00 -28.92 10.23
N GLN B 828 -21.64 -30.16 10.08
CA GLN B 828 -20.32 -30.63 10.45
C GLN B 828 -19.65 -31.10 9.19
N PHE B 829 -18.48 -30.53 8.88
CA PHE B 829 -17.76 -30.89 7.68
C PHE B 829 -16.53 -31.74 8.00
N LYS B 830 -16.56 -32.99 7.50
CA LYS B 830 -15.54 -34.01 7.71
C LYS B 830 -14.22 -33.60 7.03
N ALA B 831 -13.23 -33.05 7.79
CA ALA B 831 -11.95 -32.59 7.21
C ALA B 831 -10.73 -32.61 8.16
N ASN B 832 -9.52 -32.67 7.58
CA ASN B 832 -8.26 -32.69 8.35
C ASN B 832 -7.62 -31.30 8.44
N PRO B 833 -6.59 -31.09 9.30
CA PRO B 833 -5.99 -29.75 9.41
C PRO B 833 -5.42 -29.16 8.12
N GLY B 834 -5.76 -27.90 7.81
CA GLY B 834 -5.30 -27.18 6.62
C GLY B 834 -6.01 -25.88 6.26
N VAL B 835 -5.75 -25.36 5.03
CA VAL B 835 -6.41 -24.12 4.60
C VAL B 835 -7.71 -24.46 3.83
N TYR B 836 -8.80 -23.74 4.14
CA TYR B 836 -10.11 -23.97 3.52
C TYR B 836 -10.85 -22.66 3.17
N ASN B 837 -12.06 -22.80 2.58
CA ASN B 837 -12.96 -21.70 2.22
C ASN B 837 -14.41 -22.23 2.12
N ILE B 838 -15.40 -21.42 2.46
CA ILE B 838 -16.79 -21.84 2.40
C ILE B 838 -17.59 -20.96 1.46
N ARG B 839 -18.09 -21.52 0.35
CA ARG B 839 -18.90 -20.80 -0.63
C ARG B 839 -20.33 -21.33 -0.67
N LEU B 840 -21.29 -20.52 -1.11
CA LEU B 840 -22.68 -20.96 -1.23
C LEU B 840 -22.77 -21.96 -2.37
N LYS B 841 -23.51 -23.06 -2.16
CA LYS B 841 -23.67 -24.08 -3.19
C LYS B 841 -24.34 -23.50 -4.40
N GLU B 842 -23.84 -23.92 -5.54
CA GLU B 842 -24.30 -23.58 -6.88
C GLU B 842 -25.84 -23.72 -6.98
N GLY B 843 -26.58 -22.61 -7.03
CA GLY B 843 -28.02 -22.67 -7.15
C GLY B 843 -28.85 -21.73 -6.32
N ARG B 844 -29.98 -22.25 -5.78
CA ARG B 844 -30.96 -21.51 -4.98
C ARG B 844 -30.39 -20.89 -3.71
N SER B 845 -29.34 -21.52 -3.18
CA SER B 845 -28.64 -21.09 -1.98
C SER B 845 -27.93 -19.75 -2.21
N SER B 846 -27.31 -19.60 -3.38
CA SER B 846 -26.63 -18.37 -3.76
C SER B 846 -27.63 -17.30 -4.25
N GLU B 847 -28.78 -17.73 -4.79
CA GLU B 847 -29.82 -16.84 -5.31
C GLU B 847 -30.42 -15.90 -4.27
N ILE B 848 -30.99 -16.44 -3.19
CA ILE B 848 -31.63 -15.59 -2.19
C ILE B 848 -30.68 -15.13 -1.10
N PHE B 849 -29.68 -15.95 -0.77
CA PHE B 849 -28.75 -15.58 0.29
C PHE B 849 -27.34 -15.31 -0.17
N THR B 850 -26.67 -14.40 0.55
CA THR B 850 -25.28 -14.11 0.33
C THR B 850 -24.59 -14.27 1.66
N LEU B 851 -23.63 -15.19 1.74
CA LEU B 851 -22.94 -15.45 2.98
C LEU B 851 -21.98 -14.31 3.28
N GLU B 852 -22.31 -13.52 4.29
CA GLU B 852 -21.51 -12.36 4.65
C GLU B 852 -20.19 -12.81 5.26
N SER B 853 -20.26 -13.74 6.21
CA SER B 853 -19.07 -14.21 6.91
C SER B 853 -19.23 -15.57 7.60
N VAL B 854 -18.09 -16.21 7.89
CA VAL B 854 -18.00 -17.43 8.66
C VAL B 854 -17.35 -16.97 9.94
N GLY B 855 -18.10 -17.02 11.04
CA GLY B 855 -17.64 -16.55 12.33
C GLY B 855 -16.55 -17.40 12.97
N ALA B 856 -15.39 -17.45 12.35
CA ALA B 856 -14.23 -18.21 12.82
C ALA B 856 -13.57 -17.63 14.07
N LYS B 857 -13.84 -16.35 14.35
CA LYS B 857 -13.26 -15.64 15.49
C LYS B 857 -14.17 -15.58 16.73
N GLY B 858 -15.45 -15.80 16.54
CA GLY B 858 -16.44 -15.75 17.60
C GLY B 858 -17.81 -15.42 17.04
N TRP B 859 -18.80 -15.23 17.93
CA TRP B 859 -20.18 -14.94 17.48
C TRP B 859 -20.21 -13.61 16.71
N GLY B 860 -19.58 -12.60 17.30
CA GLY B 860 -19.43 -11.27 16.72
C GLY B 860 -20.70 -10.58 16.23
N PRO B 861 -20.64 -9.86 15.09
CA PRO B 861 -19.52 -9.64 14.17
C PRO B 861 -18.28 -9.01 14.81
N ILE B 862 -17.13 -9.52 14.39
CA ILE B 862 -15.83 -9.10 14.87
C ILE B 862 -15.12 -8.46 13.69
N PRO B 863 -14.55 -7.25 13.87
CA PRO B 863 -13.86 -6.60 12.75
C PRO B 863 -12.69 -7.43 12.24
N GLY B 864 -12.89 -8.04 11.09
CA GLY B 864 -11.90 -8.93 10.49
C GLY B 864 -12.36 -10.37 10.37
N ASP B 865 -13.60 -10.67 10.79
CA ASP B 865 -14.11 -12.04 10.68
C ASP B 865 -15.03 -12.23 9.48
N ASP B 866 -15.29 -11.19 8.66
CA ASP B 866 -16.12 -11.29 7.46
C ASP B 866 -15.45 -12.13 6.33
N ASN B 867 -14.39 -12.88 6.68
CA ASN B 867 -13.61 -13.75 5.84
C ASN B 867 -14.38 -15.06 5.74
N THR B 868 -14.75 -15.44 4.53
CA THR B 868 -15.42 -16.72 4.30
C THR B 868 -14.41 -17.90 4.39
N GLU B 869 -13.29 -17.70 5.10
CA GLU B 869 -12.15 -18.61 5.26
C GLU B 869 -12.14 -19.34 6.58
N VAL B 870 -11.85 -20.64 6.49
CA VAL B 870 -11.77 -21.56 7.60
C VAL B 870 -10.47 -22.40 7.59
N VAL B 871 -9.78 -22.48 8.74
CA VAL B 871 -8.51 -23.20 8.90
C VAL B 871 -8.59 -24.02 10.20
N LEU B 872 -8.37 -25.36 10.19
CA LEU B 872 -8.43 -26.10 11.45
C LEU B 872 -7.03 -26.49 11.92
N MET B 873 -6.72 -26.13 13.15
CA MET B 873 -5.41 -26.38 13.73
C MET B 873 -5.48 -26.76 15.22
N ASP B 874 -6.53 -27.45 15.60
CA ASP B 874 -6.75 -27.96 16.95
C ASP B 874 -7.52 -29.28 16.85
N PHE B 875 -7.47 -30.10 17.89
CA PHE B 875 -8.16 -31.39 17.86
C PHE B 875 -9.71 -31.26 18.01
N GLN B 876 -10.25 -30.10 18.43
CA GLN B 876 -11.72 -29.92 18.46
C GLN B 876 -12.25 -29.19 17.23
N GLY B 877 -11.53 -29.33 16.11
CA GLY B 877 -11.83 -28.68 14.86
C GLY B 877 -11.74 -27.18 15.01
N THR B 878 -12.70 -26.47 14.46
CA THR B 878 -12.80 -25.03 14.60
C THR B 878 -14.28 -24.71 14.62
N THR B 879 -14.76 -24.15 15.74
CA THR B 879 -16.17 -23.80 15.90
C THR B 879 -16.49 -22.49 15.11
N LEU B 880 -17.53 -22.49 14.25
CA LEU B 880 -17.87 -21.32 13.44
C LEU B 880 -19.24 -20.82 13.69
N TYR B 881 -19.40 -19.52 13.66
CA TYR B 881 -20.68 -18.87 13.88
C TYR B 881 -20.97 -18.03 12.65
N PRO B 882 -21.30 -18.68 11.55
CA PRO B 882 -21.48 -17.94 10.30
C PRO B 882 -22.77 -17.16 10.26
N ARG B 883 -22.72 -15.99 9.61
CA ARG B 883 -23.84 -15.06 9.50
C ARG B 883 -24.16 -14.79 8.02
N LEU B 884 -25.41 -14.99 7.60
CA LEU B 884 -25.79 -14.79 6.19
C LEU B 884 -26.92 -13.81 6.07
N ARG B 885 -26.73 -12.75 5.28
CA ARG B 885 -27.81 -11.78 5.07
C ARG B 885 -28.52 -12.02 3.76
N ARG B 886 -29.83 -11.75 3.74
CA ARG B 886 -30.61 -11.95 2.53
C ARG B 886 -30.37 -10.80 1.58
N LYS B 887 -30.52 -11.06 0.28
CA LYS B 887 -30.38 -10.02 -0.72
C LYS B 887 -31.65 -9.16 -0.68
N PRO B 888 -31.50 -7.84 -0.58
CA PRO B 888 -32.67 -6.95 -0.41
C PRO B 888 -33.90 -7.21 -1.29
N GLY B 889 -35.07 -6.89 -0.73
CA GLY B 889 -36.36 -7.01 -1.41
C GLY B 889 -36.91 -8.40 -1.62
N MET B 890 -36.16 -9.41 -1.21
CA MET B 890 -36.60 -10.79 -1.39
C MET B 890 -37.10 -11.40 -0.12
N GLU B 891 -37.93 -12.42 -0.26
CA GLU B 891 -38.39 -13.20 0.86
C GLU B 891 -38.85 -14.58 0.37
N GLU B 892 -38.00 -15.20 -0.44
CA GLU B 892 -38.23 -16.52 -1.00
C GLU B 892 -37.34 -17.57 -0.32
N GLU B 893 -37.87 -18.75 -0.03
CA GLU B 893 -37.06 -19.83 0.55
C GLU B 893 -36.67 -20.83 -0.53
N ASP B 894 -35.65 -21.64 -0.27
CA ASP B 894 -35.20 -22.66 -1.22
C ASP B 894 -36.31 -23.67 -1.47
N VAL B 895 -37.08 -24.02 -0.41
CA VAL B 895 -38.25 -24.90 -0.44
C VAL B 895 -39.23 -24.40 -1.55
N LEU B 896 -39.36 -23.04 -1.66
CA LEU B 896 -40.09 -22.27 -2.67
C LEU B 896 -39.18 -22.29 -3.91
N GLU B 897 -39.73 -22.66 -5.05
CA GLU B 897 -38.99 -22.84 -6.30
C GLU B 897 -38.64 -21.50 -7.00
N PRO B 898 -37.45 -21.43 -7.66
CA PRO B 898 -37.04 -20.17 -8.30
C PRO B 898 -37.64 -19.87 -9.68
N SER B 899 -38.01 -18.60 -9.98
CA SER B 899 -37.88 -17.45 -9.07
C SER B 899 -39.22 -16.62 -8.92
N THR B 900 -39.67 -15.84 -9.96
CA THR B 900 -40.92 -15.03 -9.92
C THR B 900 -42.18 -15.84 -10.31
N HIS B 943 -20.32 -40.91 -12.02
CA HIS B 943 -21.77 -41.02 -11.84
C HIS B 943 -22.34 -42.36 -12.35
N ALA B 944 -23.49 -42.86 -11.79
CA ALA B 944 -24.10 -44.18 -12.17
C ALA B 944 -25.65 -44.37 -11.91
N GLU B 945 -26.26 -45.38 -12.61
CA GLU B 945 -27.68 -45.79 -12.62
C GLU B 945 -28.34 -46.05 -11.22
N ILE B 946 -28.47 -47.33 -10.77
CA ILE B 946 -29.11 -47.73 -9.52
C ILE B 946 -28.34 -47.10 -8.39
N ASN B 947 -28.94 -46.10 -7.77
CA ASN B 947 -28.28 -45.41 -6.67
C ASN B 947 -28.77 -46.01 -5.33
N ILE B 948 -28.41 -47.29 -5.05
CA ILE B 948 -28.84 -48.05 -3.84
C ILE B 948 -27.76 -48.11 -2.74
N PHE B 949 -28.15 -48.46 -1.49
CA PHE B 949 -27.22 -48.57 -0.36
C PHE B 949 -27.83 -49.30 0.89
N SER B 950 -26.99 -49.68 1.90
CA SER B 950 -27.42 -50.42 3.11
C SER B 950 -26.30 -50.59 4.18
N VAL B 951 -26.62 -51.21 5.35
CA VAL B 951 -25.72 -51.52 6.47
C VAL B 951 -26.48 -52.31 7.62
N ALA B 952 -25.78 -52.64 8.72
CA ALA B 952 -26.15 -53.28 9.99
C ALA B 952 -24.88 -53.88 10.59
N SER B 953 -24.86 -54.19 11.90
CA SER B 953 -23.62 -54.70 12.53
C SER B 953 -23.68 -56.11 13.17
N GLY B 954 -22.68 -56.91 12.80
CA GLY B 954 -22.47 -58.30 13.18
C GLY B 954 -21.87 -59.10 12.03
N HIS B 955 -21.29 -60.30 12.28
CA HIS B 955 -20.71 -61.09 11.18
C HIS B 955 -21.77 -61.45 10.16
N LEU B 956 -22.96 -61.85 10.64
CA LEU B 956 -24.07 -62.23 9.77
C LEU B 956 -24.52 -61.03 8.98
N TYR B 957 -24.81 -59.92 9.67
CA TYR B 957 -25.29 -58.71 9.00
C TYR B 957 -24.23 -58.13 8.01
N GLU B 958 -22.94 -58.45 8.21
CA GLU B 958 -21.87 -58.01 7.30
C GLU B 958 -21.65 -59.00 6.12
N ARG B 959 -22.22 -60.22 6.21
CA ARG B 959 -22.12 -61.27 5.20
C ARG B 959 -23.40 -61.34 4.37
N MET B 960 -24.55 -61.15 5.02
CA MET B 960 -25.83 -61.13 4.35
C MET B 960 -26.04 -59.96 3.39
N LEU B 961 -25.11 -58.98 3.40
CA LEU B 961 -25.15 -57.85 2.48
C LEU B 961 -24.35 -58.14 1.21
N ASN B 962 -23.28 -58.95 1.29
CA ASN B 962 -22.55 -59.33 0.07
C ASN B 962 -23.36 -60.35 -0.77
N ILE B 963 -24.27 -61.07 -0.09
CA ILE B 963 -25.27 -61.99 -0.61
C ILE B 963 -26.26 -61.14 -1.41
N MET B 964 -26.69 -59.99 -0.84
CA MET B 964 -27.59 -59.00 -1.47
C MET B 964 -27.00 -58.57 -2.82
N MET B 965 -25.68 -58.34 -2.87
CA MET B 965 -24.98 -57.98 -4.10
C MET B 965 -25.14 -59.09 -5.13
N ALA B 966 -24.89 -60.34 -4.75
CA ALA B 966 -25.05 -61.47 -5.65
C ALA B 966 -26.53 -61.85 -5.95
N SER B 967 -27.47 -60.96 -5.64
CA SER B 967 -28.90 -61.16 -5.90
C SER B 967 -29.47 -59.96 -6.65
N VAL B 968 -28.99 -58.77 -6.32
CA VAL B 968 -29.40 -57.54 -6.96
C VAL B 968 -28.62 -57.52 -8.27
N MET B 969 -27.27 -57.67 -8.22
CA MET B 969 -26.43 -57.71 -9.41
C MET B 969 -26.81 -58.95 -10.20
N HIS B 970 -26.93 -60.12 -9.54
CA HIS B 970 -27.39 -61.34 -10.23
C HIS B 970 -28.93 -61.32 -10.17
N HIS B 971 -29.49 -60.39 -10.96
CA HIS B 971 -30.89 -60.04 -11.28
C HIS B 971 -30.99 -58.54 -11.69
N THR B 972 -29.91 -58.00 -12.31
CA THR B 972 -29.79 -56.67 -12.90
C THR B 972 -28.61 -56.65 -13.89
N ASN B 973 -28.93 -56.50 -15.19
CA ASN B 973 -27.87 -56.42 -16.21
C ASN B 973 -27.18 -55.06 -16.13
N HIS B 974 -27.82 -54.03 -15.49
CA HIS B 974 -27.49 -52.61 -15.30
C HIS B 974 -26.34 -52.28 -14.33
N THR B 975 -25.91 -50.99 -14.30
CA THR B 975 -24.83 -50.49 -13.44
C THR B 975 -25.36 -50.08 -12.08
N VAL B 976 -24.63 -50.43 -11.02
CA VAL B 976 -25.04 -50.05 -9.68
C VAL B 976 -23.98 -49.17 -9.04
N LYS B 977 -24.43 -48.10 -8.35
CA LYS B 977 -23.61 -47.14 -7.61
C LYS B 977 -23.85 -47.42 -6.13
N PHE B 978 -23.01 -48.26 -5.49
CA PHE B 978 -23.24 -48.62 -4.09
C PHE B 978 -22.70 -47.62 -3.06
N TRP B 979 -23.55 -46.65 -2.64
CA TRP B 979 -23.19 -45.69 -1.59
C TRP B 979 -23.19 -46.45 -0.23
N PHE B 980 -22.31 -46.09 0.72
CA PHE B 980 -22.22 -46.84 1.98
C PHE B 980 -22.18 -45.97 3.24
N ILE B 981 -22.45 -46.61 4.39
CA ILE B 981 -22.36 -46.03 5.73
C ILE B 981 -21.17 -46.77 6.32
N GLU B 982 -20.03 -46.09 6.51
CA GLU B 982 -18.77 -46.70 6.96
C GLU B 982 -18.79 -47.18 8.47
N GLN B 983 -17.98 -46.55 9.37
CA GLN B 983 -17.82 -46.77 10.81
C GLN B 983 -18.15 -48.23 11.34
N PHE B 984 -19.43 -48.55 11.67
CA PHE B 984 -19.91 -49.85 12.20
C PHE B 984 -19.39 -51.05 11.42
N LEU B 985 -19.11 -50.85 10.12
CA LEU B 985 -18.54 -51.88 9.26
C LEU B 985 -17.12 -52.12 9.74
N SER B 986 -16.88 -53.32 10.21
CA SER B 986 -15.60 -53.78 10.75
C SER B 986 -14.52 -53.96 9.67
N PRO B 987 -13.23 -54.08 10.02
CA PRO B 987 -12.18 -54.25 9.00
C PRO B 987 -12.11 -55.59 8.29
N SER B 988 -13.08 -56.48 8.53
CA SER B 988 -13.13 -57.76 7.82
C SER B 988 -13.91 -57.57 6.51
N PHE B 989 -14.98 -56.73 6.53
CA PHE B 989 -15.76 -56.34 5.34
C PHE B 989 -15.26 -54.99 4.79
N LYS B 990 -14.74 -54.11 5.67
CA LYS B 990 -14.18 -52.82 5.28
C LYS B 990 -13.06 -53.00 4.24
N ASP B 991 -12.27 -54.08 4.36
CA ASP B 991 -11.22 -54.36 3.39
C ASP B 991 -11.57 -55.58 2.51
N PHE B 992 -12.82 -55.59 2.02
CA PHE B 992 -13.35 -56.63 1.13
C PHE B 992 -14.01 -56.01 -0.12
N ILE B 993 -14.59 -54.82 0.02
CA ILE B 993 -15.22 -54.09 -1.08
C ILE B 993 -14.25 -53.91 -2.28
N PRO B 994 -12.93 -53.59 -2.16
CA PRO B 994 -12.08 -53.50 -3.35
C PRO B 994 -11.88 -54.84 -4.12
N HIS B 995 -12.22 -55.97 -3.49
CA HIS B 995 -12.15 -57.28 -4.15
C HIS B 995 -13.54 -57.68 -4.68
N MET B 996 -14.59 -57.40 -3.91
CA MET B 996 -15.95 -57.73 -4.31
C MET B 996 -16.43 -56.85 -5.46
N ALA B 997 -16.21 -55.53 -5.37
CA ALA B 997 -16.60 -54.57 -6.41
C ALA B 997 -15.88 -54.85 -7.70
N ALA B 998 -14.62 -55.24 -7.63
CA ALA B 998 -13.85 -55.57 -8.84
C ALA B 998 -14.48 -56.78 -9.54
N GLU B 999 -14.89 -57.78 -8.75
CA GLU B 999 -15.48 -59.00 -9.26
C GLU B 999 -17.00 -58.92 -9.51
N TYR B 1000 -17.65 -57.81 -9.12
CA TYR B 1000 -19.09 -57.68 -9.30
C TYR B 1000 -19.59 -56.28 -9.64
N GLY B 1001 -18.74 -55.52 -10.31
CA GLY B 1001 -18.98 -54.16 -10.81
C GLY B 1001 -19.92 -53.17 -10.14
N PHE B 1002 -19.36 -52.23 -9.36
CA PHE B 1002 -20.14 -51.16 -8.75
C PHE B 1002 -19.28 -49.99 -8.29
N LYS B 1003 -19.63 -48.76 -8.73
CA LYS B 1003 -18.91 -47.56 -8.33
C LYS B 1003 -19.31 -47.24 -6.87
N TYR B 1004 -18.55 -47.74 -5.89
CA TYR B 1004 -18.90 -47.53 -4.49
C TYR B 1004 -18.24 -46.31 -3.87
N GLU B 1005 -18.90 -45.74 -2.86
CA GLU B 1005 -18.48 -44.53 -2.17
C GLU B 1005 -19.10 -44.44 -0.75
N MET B 1006 -18.25 -44.41 0.30
CA MET B 1006 -18.69 -44.34 1.70
C MET B 1006 -18.86 -42.91 2.21
N VAL B 1007 -19.80 -42.72 3.12
CA VAL B 1007 -20.09 -41.44 3.75
C VAL B 1007 -20.77 -41.63 5.10
N THR B 1008 -20.65 -40.63 5.99
CA THR B 1008 -21.27 -40.62 7.32
C THR B 1008 -21.40 -39.14 7.86
N TYR B 1009 -22.10 -38.98 9.00
CA TYR B 1009 -22.39 -37.69 9.61
C TYR B 1009 -22.70 -37.96 11.09
N LYS B 1010 -21.70 -37.78 11.97
CA LYS B 1010 -21.83 -38.06 13.41
C LYS B 1010 -22.89 -37.23 14.10
N TRP B 1011 -23.56 -37.85 15.09
CA TRP B 1011 -24.64 -37.32 15.93
C TRP B 1011 -24.32 -35.95 16.57
N PRO B 1012 -25.19 -34.94 16.35
CA PRO B 1012 -24.99 -33.66 17.05
C PRO B 1012 -25.40 -33.80 18.51
N HIS B 1013 -24.85 -32.96 19.39
CA HIS B 1013 -25.15 -33.03 20.81
C HIS B 1013 -26.61 -32.65 21.17
N TRP B 1014 -27.33 -31.97 20.26
CA TRP B 1014 -28.72 -31.60 20.55
C TRP B 1014 -29.67 -32.77 20.41
N LEU B 1015 -29.42 -33.61 19.43
CA LEU B 1015 -30.19 -34.81 19.20
C LEU B 1015 -29.79 -35.81 20.27
N ARG B 1016 -30.77 -36.46 20.91
CA ARG B 1016 -30.46 -37.41 21.97
C ARG B 1016 -30.03 -38.79 21.47
N GLN B 1017 -28.71 -39.00 21.30
CA GLN B 1017 -28.06 -40.25 20.87
C GLN B 1017 -28.35 -41.42 21.84
N GLN B 1018 -28.94 -42.52 21.32
CA GLN B 1018 -29.19 -43.70 22.16
C GLN B 1018 -27.83 -44.38 22.35
N LYS B 1019 -27.43 -44.66 23.59
CA LYS B 1019 -26.11 -45.23 23.85
C LYS B 1019 -25.88 -46.69 23.38
N GLU B 1020 -26.93 -47.50 23.19
CA GLU B 1020 -26.73 -48.91 22.82
C GLU B 1020 -27.06 -49.24 21.33
N LYS B 1021 -26.26 -50.18 20.75
CA LYS B 1021 -26.18 -50.81 19.40
C LYS B 1021 -27.22 -50.25 18.33
N GLN B 1022 -28.06 -51.11 17.70
CA GLN B 1022 -29.02 -50.78 16.64
C GLN B 1022 -30.10 -49.78 17.02
N ARG B 1023 -30.08 -49.25 18.25
CA ARG B 1023 -31.02 -48.21 18.66
C ARG B 1023 -30.61 -46.95 17.87
N GLU B 1024 -29.30 -46.59 17.89
CA GLU B 1024 -28.81 -45.46 17.10
C GLU B 1024 -28.67 -45.84 15.60
N ILE B 1025 -28.31 -47.11 15.33
CA ILE B 1025 -28.12 -47.63 13.99
C ILE B 1025 -29.42 -47.62 13.17
N TRP B 1026 -30.58 -47.66 13.84
CA TRP B 1026 -31.85 -47.55 13.15
C TRP B 1026 -32.10 -46.12 12.69
N GLY B 1027 -31.77 -45.16 13.54
CA GLY B 1027 -31.87 -43.75 13.20
C GLY B 1027 -30.93 -43.40 12.06
N TYR B 1028 -29.78 -44.12 11.99
CA TYR B 1028 -28.79 -44.02 10.92
C TYR B 1028 -29.33 -44.74 9.64
N LYS B 1029 -30.66 -44.74 9.43
CA LYS B 1029 -31.32 -45.31 8.26
C LYS B 1029 -32.26 -44.21 7.72
N ILE B 1030 -33.25 -43.78 8.52
CA ILE B 1030 -34.10 -42.66 8.13
C ILE B 1030 -33.87 -41.58 9.15
N LEU B 1031 -33.48 -40.39 8.70
CA LEU B 1031 -33.18 -39.26 9.58
C LEU B 1031 -32.33 -38.29 8.77
N PHE B 1032 -31.10 -38.71 8.47
CA PHE B 1032 -30.08 -37.92 7.82
C PHE B 1032 -29.85 -38.44 6.41
N LEU B 1033 -30.92 -38.63 5.65
CA LEU B 1033 -30.79 -39.06 4.27
C LEU B 1033 -30.24 -37.90 3.40
N ASP B 1034 -30.56 -36.64 3.75
CA ASP B 1034 -30.10 -35.46 3.02
C ASP B 1034 -28.64 -35.06 3.35
N VAL B 1035 -28.34 -34.81 4.66
CA VAL B 1035 -27.04 -34.32 5.18
C VAL B 1035 -25.87 -35.35 5.08
N LEU B 1036 -26.07 -36.43 4.35
CA LEU B 1036 -25.03 -37.41 4.14
C LEU B 1036 -24.41 -37.27 2.76
N PHE B 1037 -25.21 -36.87 1.78
CA PHE B 1037 -24.75 -36.84 0.41
C PHE B 1037 -24.96 -35.57 -0.34
N PRO B 1038 -23.98 -35.23 -1.18
CA PRO B 1038 -24.17 -34.13 -2.12
C PRO B 1038 -25.37 -34.33 -3.06
N LEU B 1039 -25.74 -33.24 -3.77
CA LEU B 1039 -26.83 -33.15 -4.77
C LEU B 1039 -26.84 -34.33 -5.75
N SER B 1040 -25.63 -34.84 -6.10
CA SER B 1040 -25.42 -35.95 -7.05
C SER B 1040 -26.26 -37.18 -6.75
N LEU B 1041 -26.73 -37.33 -5.51
CA LEU B 1041 -27.62 -38.40 -5.14
C LEU B 1041 -28.98 -38.07 -5.74
N ASP B 1042 -29.47 -38.89 -6.69
CA ASP B 1042 -30.76 -38.66 -7.31
C ASP B 1042 -31.90 -39.37 -6.55
N LYS B 1043 -32.03 -40.69 -6.66
CA LYS B 1043 -33.08 -41.43 -5.98
C LYS B 1043 -32.39 -42.56 -5.25
N VAL B 1044 -32.39 -42.55 -3.91
CA VAL B 1044 -31.67 -43.58 -3.15
C VAL B 1044 -32.60 -44.73 -2.72
N ILE B 1045 -32.08 -45.97 -2.67
CA ILE B 1045 -32.89 -47.15 -2.32
C ILE B 1045 -32.34 -47.85 -1.09
N PHE B 1046 -33.22 -48.46 -0.31
CA PHE B 1046 -32.82 -49.15 0.90
C PHE B 1046 -33.11 -50.62 0.91
N VAL B 1047 -32.21 -51.37 1.52
CA VAL B 1047 -32.26 -52.80 1.69
C VAL B 1047 -31.75 -53.06 3.09
N ASP B 1048 -32.46 -53.88 3.89
CA ASP B 1048 -31.98 -54.19 5.24
C ASP B 1048 -30.96 -55.34 5.17
N ALA B 1049 -29.94 -55.18 4.29
CA ALA B 1049 -28.80 -56.04 3.96
C ALA B 1049 -29.18 -57.50 3.49
N ASP B 1050 -29.83 -58.31 4.35
CA ASP B 1050 -30.29 -59.65 4.01
C ASP B 1050 -31.55 -59.48 3.19
N GLN B 1051 -31.42 -59.41 1.88
CA GLN B 1051 -32.57 -59.19 1.01
C GLN B 1051 -32.33 -59.86 -0.29
N ILE B 1052 -32.99 -60.99 -0.52
CA ILE B 1052 -32.84 -61.67 -1.81
C ILE B 1052 -33.72 -60.92 -2.82
N VAL B 1053 -33.13 -60.50 -3.94
CA VAL B 1053 -33.81 -59.72 -4.97
C VAL B 1053 -33.97 -60.50 -6.26
N ARG B 1054 -35.22 -60.61 -6.72
CA ARG B 1054 -35.57 -61.29 -7.96
C ARG B 1054 -36.33 -60.30 -8.87
N THR B 1055 -35.71 -59.14 -9.18
CA THR B 1055 -36.30 -58.09 -10.05
C THR B 1055 -35.19 -57.15 -10.57
N ASP B 1056 -35.37 -56.54 -11.77
CA ASP B 1056 -34.41 -55.54 -12.26
C ASP B 1056 -34.70 -54.24 -11.50
N MET B 1057 -33.67 -53.54 -10.99
CA MET B 1057 -33.89 -52.40 -10.09
C MET B 1057 -34.12 -51.01 -10.69
N TYR B 1058 -33.89 -50.77 -12.00
CA TYR B 1058 -34.24 -49.46 -12.54
C TYR B 1058 -35.69 -49.52 -12.97
N ASP B 1059 -36.54 -49.82 -11.96
CA ASP B 1059 -37.99 -49.96 -11.95
C ASP B 1059 -38.54 -49.44 -10.58
N LEU B 1060 -37.84 -49.80 -9.52
CA LEU B 1060 -38.19 -49.36 -8.19
C LEU B 1060 -37.79 -47.89 -8.06
N VAL B 1061 -36.60 -47.53 -8.56
CA VAL B 1061 -36.02 -46.19 -8.54
C VAL B 1061 -36.94 -45.12 -9.17
N GLU B 1062 -37.41 -45.38 -10.40
CA GLU B 1062 -38.21 -44.44 -11.18
C GLU B 1062 -39.68 -44.42 -10.88
N HIS B 1063 -40.15 -45.25 -9.93
CA HIS B 1063 -41.56 -45.27 -9.56
C HIS B 1063 -41.94 -43.91 -8.96
N PRO B 1064 -43.14 -43.41 -9.32
CA PRO B 1064 -43.55 -42.08 -8.84
C PRO B 1064 -43.55 -41.79 -7.36
N LEU B 1065 -42.67 -40.83 -6.99
CA LEU B 1065 -42.59 -40.20 -5.68
C LEU B 1065 -43.98 -39.55 -5.43
N ASP B 1066 -44.56 -38.93 -6.49
CA ASP B 1066 -45.89 -38.36 -6.50
C ASP B 1066 -46.18 -37.47 -5.30
N GLY B 1067 -45.54 -36.30 -5.27
CA GLY B 1067 -45.68 -35.35 -4.18
C GLY B 1067 -45.08 -35.77 -2.85
N ALA B 1068 -44.38 -36.91 -2.82
CA ALA B 1068 -43.77 -37.48 -1.62
C ALA B 1068 -42.25 -37.54 -1.74
N PRO B 1069 -41.50 -37.27 -0.67
CA PRO B 1069 -40.04 -37.35 -0.76
C PRO B 1069 -39.60 -38.80 -0.95
N TYR B 1070 -40.24 -39.75 -0.25
CA TYR B 1070 -39.90 -41.18 -0.31
C TYR B 1070 -41.08 -42.08 -0.89
N GLY B 1071 -40.95 -43.42 -0.80
CA GLY B 1071 -41.91 -44.42 -1.27
C GLY B 1071 -41.67 -45.77 -0.61
N PHE B 1072 -42.61 -46.23 0.22
CA PHE B 1072 -42.39 -47.42 1.01
C PHE B 1072 -43.29 -48.56 0.75
N ALA B 1073 -42.79 -49.77 1.00
CA ALA B 1073 -43.56 -51.01 0.94
C ALA B 1073 -44.25 -51.19 2.30
N PRO B 1074 -45.52 -51.65 2.34
CA PRO B 1074 -46.23 -51.74 3.61
C PRO B 1074 -46.21 -53.12 4.25
N MET B 1075 -46.76 -53.21 5.46
CA MET B 1075 -46.88 -54.45 6.19
C MET B 1075 -47.85 -55.38 5.48
N CYS B 1076 -47.52 -56.68 5.51
CA CYS B 1076 -48.18 -57.81 4.84
C CYS B 1076 -49.44 -58.38 5.54
N ASP B 1077 -50.63 -57.89 5.16
CA ASP B 1077 -51.88 -58.43 5.68
C ASP B 1077 -52.27 -59.74 4.95
N SER B 1078 -51.71 -60.01 3.75
CA SER B 1078 -52.00 -61.16 2.88
C SER B 1078 -52.00 -62.53 3.59
N ARG B 1079 -51.22 -62.71 4.68
CA ARG B 1079 -51.32 -63.97 5.45
C ARG B 1079 -52.38 -63.78 6.54
N VAL B 1080 -53.04 -64.86 7.00
CA VAL B 1080 -54.18 -64.70 7.91
C VAL B 1080 -53.87 -65.06 9.38
N GLU B 1081 -53.19 -66.18 9.61
CA GLU B 1081 -52.87 -66.68 10.94
C GLU B 1081 -52.08 -65.70 11.83
N MET B 1082 -51.46 -64.67 11.25
CA MET B 1082 -50.72 -63.67 12.01
C MET B 1082 -51.46 -62.32 12.07
N GLU B 1083 -52.81 -62.32 11.99
CA GLU B 1083 -53.60 -61.09 12.05
C GLU B 1083 -53.53 -60.43 13.45
N GLY B 1084 -53.30 -61.23 14.49
CA GLY B 1084 -53.12 -60.72 15.86
C GLY B 1084 -51.91 -59.81 15.96
N TYR B 1085 -50.89 -60.07 15.13
CA TYR B 1085 -49.69 -59.26 15.04
C TYR B 1085 -49.89 -57.95 14.28
N ARG B 1086 -51.03 -57.79 13.61
CA ARG B 1086 -51.34 -56.60 12.86
C ARG B 1086 -51.89 -55.59 13.85
N PHE B 1087 -51.03 -55.20 14.79
CA PHE B 1087 -51.38 -54.28 15.85
C PHE B 1087 -51.46 -52.82 15.41
N TRP B 1088 -51.12 -52.51 14.17
CA TRP B 1088 -51.27 -51.17 13.62
C TRP B 1088 -52.76 -50.88 13.49
N LYS B 1089 -53.55 -51.88 13.04
CA LYS B 1089 -55.00 -51.71 12.95
C LYS B 1089 -55.63 -51.82 14.36
N THR B 1090 -54.86 -51.49 15.43
CA THR B 1090 -55.27 -51.59 16.84
C THR B 1090 -54.55 -50.52 17.71
N GLY B 1091 -55.12 -50.19 18.87
CA GLY B 1091 -54.51 -49.24 19.78
C GLY B 1091 -54.48 -47.83 19.23
N TYR B 1092 -53.45 -47.06 19.58
CA TYR B 1092 -53.34 -45.67 19.13
C TYR B 1092 -52.87 -45.53 17.68
N TRP B 1093 -52.37 -46.60 17.04
CA TRP B 1093 -51.94 -46.46 15.64
C TRP B 1093 -53.10 -46.26 14.70
N ALA B 1094 -54.26 -46.86 15.01
CA ALA B 1094 -55.46 -46.65 14.22
C ALA B 1094 -55.96 -45.23 14.45
N ASN B 1095 -55.91 -44.73 15.70
CA ASN B 1095 -56.32 -43.37 15.99
C ASN B 1095 -55.22 -42.32 15.76
N TYR B 1096 -54.09 -42.72 15.16
CA TYR B 1096 -53.02 -41.81 14.78
C TYR B 1096 -53.03 -41.75 13.25
N LEU B 1097 -53.05 -42.91 12.59
CA LEU B 1097 -53.16 -42.97 11.15
C LEU B 1097 -54.56 -43.47 10.91
N LYS B 1098 -55.46 -42.56 10.58
CA LYS B 1098 -56.89 -42.81 10.38
C LYS B 1098 -57.17 -43.58 9.09
N GLY B 1099 -56.85 -44.86 9.06
CA GLY B 1099 -57.03 -45.68 7.86
C GLY B 1099 -55.77 -45.81 7.02
N LYS B 1100 -54.71 -45.05 7.35
CA LYS B 1100 -53.43 -45.13 6.64
C LYS B 1100 -52.64 -46.34 7.16
N PRO B 1101 -51.88 -47.05 6.32
CA PRO B 1101 -51.24 -48.30 6.77
C PRO B 1101 -49.82 -48.21 7.31
N TYR B 1102 -49.42 -49.28 8.02
CA TYR B 1102 -48.08 -49.45 8.56
C TYR B 1102 -47.16 -49.82 7.39
N HIS B 1103 -45.91 -49.34 7.42
CA HIS B 1103 -44.92 -49.58 6.38
C HIS B 1103 -43.63 -50.30 6.92
N ILE B 1104 -42.58 -50.47 6.07
CA ILE B 1104 -41.35 -51.16 6.46
C ILE B 1104 -40.11 -50.30 6.20
N SER B 1105 -39.28 -50.08 7.22
CA SER B 1105 -38.05 -49.32 7.06
C SER B 1105 -36.99 -50.06 6.23
N ALA B 1106 -37.07 -51.38 6.17
CA ALA B 1106 -36.12 -52.21 5.45
C ALA B 1106 -36.10 -51.96 3.95
N LEU B 1107 -37.23 -51.54 3.37
CA LEU B 1107 -37.31 -51.31 1.94
C LEU B 1107 -38.07 -50.04 1.59
N TYR B 1108 -37.40 -49.11 0.92
CA TYR B 1108 -37.96 -47.84 0.44
C TYR B 1108 -37.04 -47.11 -0.52
N VAL B 1109 -37.62 -46.29 -1.40
CA VAL B 1109 -36.86 -45.49 -2.33
C VAL B 1109 -37.19 -44.05 -2.05
N VAL B 1110 -36.17 -43.23 -1.81
CA VAL B 1110 -36.38 -41.83 -1.52
C VAL B 1110 -35.77 -40.93 -2.62
N ASP B 1111 -36.67 -40.21 -3.31
CA ASP B 1111 -36.38 -39.24 -4.35
C ASP B 1111 -35.74 -38.06 -3.67
N LEU B 1112 -34.38 -38.09 -3.54
CA LEU B 1112 -33.56 -37.06 -2.89
C LEU B 1112 -33.97 -35.66 -3.26
N GLN B 1113 -34.37 -35.44 -4.51
CA GLN B 1113 -34.80 -34.11 -4.97
C GLN B 1113 -36.10 -33.68 -4.28
N ARG B 1114 -37.21 -34.43 -4.40
CA ARG B 1114 -38.45 -34.07 -3.71
C ARG B 1114 -38.24 -34.03 -2.18
N PHE B 1115 -37.35 -34.88 -1.69
CA PHE B 1115 -37.01 -34.97 -0.29
C PHE B 1115 -36.39 -33.70 0.27
N ARG B 1116 -35.33 -33.17 -0.35
CA ARG B 1116 -34.62 -31.98 0.14
C ARG B 1116 -35.39 -30.69 -0.14
N GLU B 1117 -36.24 -30.69 -1.17
CA GLU B 1117 -37.05 -29.55 -1.56
C GLU B 1117 -38.18 -29.41 -0.56
N LEU B 1118 -38.85 -30.53 -0.22
CA LEU B 1118 -39.89 -30.55 0.81
C LEU B 1118 -39.29 -30.81 2.24
N ALA B 1119 -37.93 -30.84 2.37
CA ALA B 1119 -37.05 -31.00 3.55
C ALA B 1119 -37.52 -31.99 4.64
N ALA B 1120 -37.82 -33.24 4.25
CA ALA B 1120 -38.26 -34.25 5.21
C ALA B 1120 -37.14 -34.65 6.20
N GLY B 1121 -35.89 -34.51 5.78
CA GLY B 1121 -34.73 -34.82 6.61
C GLY B 1121 -34.52 -33.88 7.78
N ASP B 1122 -35.47 -32.93 7.98
CA ASP B 1122 -35.53 -31.96 9.05
C ASP B 1122 -36.78 -32.21 9.85
N ARG B 1123 -37.91 -32.43 9.18
CA ARG B 1123 -39.18 -32.65 9.85
C ARG B 1123 -39.17 -33.79 10.85
N LEU B 1124 -38.56 -34.92 10.50
CA LEU B 1124 -38.50 -36.07 11.41
C LEU B 1124 -37.57 -35.84 12.61
N ARG B 1125 -36.60 -34.93 12.48
CA ARG B 1125 -35.63 -34.65 13.55
C ARG B 1125 -36.31 -33.99 14.73
N GLN B 1126 -37.15 -32.99 14.45
CA GLN B 1126 -37.92 -32.30 15.49
C GLN B 1126 -38.82 -33.30 16.23
N GLN B 1127 -39.26 -34.40 15.54
CA GLN B 1127 -40.06 -35.47 16.09
C GLN B 1127 -39.18 -36.20 17.08
N TYR B 1128 -38.05 -36.76 16.63
CA TYR B 1128 -37.10 -37.50 17.47
C TYR B 1128 -36.67 -36.71 18.70
N HIS B 1129 -36.53 -35.38 18.55
CA HIS B 1129 -36.08 -34.50 19.64
C HIS B 1129 -36.79 -34.78 21.00
N ALA B 1130 -38.08 -34.44 21.18
CA ALA B 1130 -38.78 -34.74 22.43
C ALA B 1130 -39.36 -36.16 22.49
N LEU B 1131 -39.33 -36.93 21.37
CA LEU B 1131 -39.75 -38.34 21.44
C LEU B 1131 -38.65 -39.21 22.07
N SER B 1132 -37.45 -38.64 22.31
CA SER B 1132 -36.38 -39.29 23.05
C SER B 1132 -36.54 -39.04 24.57
N ALA B 1133 -37.53 -38.19 25.02
CA ALA B 1133 -37.83 -37.91 26.43
C ALA B 1133 -38.80 -38.97 27.05
N ASP B 1134 -38.97 -40.14 26.36
CA ASP B 1134 -39.77 -41.35 26.65
C ASP B 1134 -39.83 -42.16 25.31
N PRO B 1135 -38.73 -42.79 24.83
CA PRO B 1135 -38.80 -43.49 23.53
C PRO B 1135 -39.49 -44.84 23.57
N ASN B 1136 -40.25 -45.13 24.65
CA ASN B 1136 -41.00 -46.38 24.80
C ASN B 1136 -42.26 -46.44 23.88
N SER B 1137 -42.59 -45.33 23.19
CA SER B 1137 -43.69 -45.25 22.22
C SER B 1137 -43.10 -45.48 20.83
N LEU B 1138 -41.99 -44.79 20.52
CA LEU B 1138 -41.33 -44.98 19.26
C LEU B 1138 -40.05 -45.74 19.42
N ALA B 1139 -40.19 -46.90 20.04
CA ALA B 1139 -39.10 -47.85 20.21
C ALA B 1139 -38.64 -48.33 18.84
N ASN B 1140 -39.59 -48.49 17.88
CA ASN B 1140 -39.30 -48.79 16.50
C ASN B 1140 -38.93 -47.40 15.98
N LEU B 1141 -37.69 -46.99 16.24
CA LEU B 1141 -37.21 -45.65 15.91
C LEU B 1141 -36.97 -45.41 14.40
N ASP B 1142 -37.65 -46.17 13.52
CA ASP B 1142 -37.56 -46.05 12.05
C ASP B 1142 -38.65 -46.87 11.34
N GLN B 1143 -39.09 -47.96 11.96
CA GLN B 1143 -40.22 -48.74 11.43
C GLN B 1143 -41.50 -47.93 11.66
N ASP B 1144 -41.58 -47.22 12.80
CA ASP B 1144 -42.71 -46.39 13.18
C ASP B 1144 -42.45 -44.90 12.96
N LEU B 1145 -41.18 -44.45 12.75
CA LEU B 1145 -40.94 -43.01 12.54
C LEU B 1145 -41.58 -42.49 11.26
N PRO B 1146 -41.33 -43.05 10.05
CA PRO B 1146 -42.07 -42.60 8.87
C PRO B 1146 -43.51 -43.10 8.85
N ASN B 1147 -43.96 -43.85 9.87
CA ASN B 1147 -45.32 -44.33 9.98
C ASN B 1147 -46.12 -43.25 10.67
N HIS B 1148 -45.63 -42.80 11.84
CA HIS B 1148 -46.20 -41.70 12.64
C HIS B 1148 -46.22 -40.44 11.76
N MET B 1149 -45.12 -40.19 11.03
CA MET B 1149 -45.02 -39.04 10.18
C MET B 1149 -45.48 -39.28 8.74
N GLN B 1150 -46.20 -40.40 8.46
CA GLN B 1150 -46.82 -40.57 7.12
C GLN B 1150 -48.03 -39.58 7.07
N PHE B 1151 -48.71 -39.38 8.24
CA PHE B 1151 -49.77 -38.44 8.50
C PHE B 1151 -49.32 -37.05 7.96
N THR B 1152 -48.16 -36.55 8.43
CA THR B 1152 -47.63 -35.26 7.95
C THR B 1152 -46.94 -35.41 6.58
N ILE B 1153 -45.76 -36.04 6.53
CA ILE B 1153 -44.94 -36.23 5.34
C ILE B 1153 -45.55 -37.33 4.48
N PRO B 1154 -46.01 -37.01 3.27
CA PRO B 1154 -46.61 -38.06 2.42
C PRO B 1154 -45.77 -39.30 2.18
N ILE B 1155 -46.45 -40.41 1.93
CA ILE B 1155 -45.81 -41.67 1.58
C ILE B 1155 -46.69 -42.33 0.52
N ALA B 1156 -46.12 -42.48 -0.70
CA ALA B 1156 -46.77 -43.14 -1.84
C ALA B 1156 -46.34 -44.62 -1.85
N THR B 1157 -47.12 -45.45 -1.14
CA THR B 1157 -46.94 -46.89 -0.91
C THR B 1157 -46.79 -47.72 -2.21
N LEU B 1158 -46.20 -48.92 -2.09
CA LEU B 1158 -46.03 -49.85 -3.22
C LEU B 1158 -47.02 -51.05 -3.08
N PRO B 1159 -47.40 -51.81 -4.14
CA PRO B 1159 -48.33 -52.96 -3.93
C PRO B 1159 -47.79 -53.99 -2.92
N GLN B 1160 -48.69 -54.72 -2.22
CA GLN B 1160 -48.34 -55.70 -1.18
C GLN B 1160 -47.40 -56.86 -1.63
N GLU B 1161 -47.12 -56.93 -2.94
CA GLU B 1161 -46.23 -57.94 -3.54
C GLU B 1161 -44.76 -57.48 -3.64
N TRP B 1162 -44.48 -56.18 -3.43
CA TRP B 1162 -43.12 -55.66 -3.52
C TRP B 1162 -42.20 -56.20 -2.47
N LEU B 1163 -42.59 -56.10 -1.20
CA LEU B 1163 -41.76 -56.60 -0.12
C LEU B 1163 -42.35 -57.85 0.50
N TRP B 1164 -41.48 -58.74 0.93
CA TRP B 1164 -41.90 -60.00 1.48
C TRP B 1164 -41.38 -60.31 2.87
N CYS B 1165 -42.26 -60.83 3.74
CA CYS B 1165 -41.97 -61.25 5.10
C CYS B 1165 -42.33 -62.73 5.26
N GLU B 1166 -41.48 -63.50 5.94
CA GLU B 1166 -41.72 -64.92 6.17
C GLU B 1166 -43.06 -65.17 6.88
N THR B 1167 -43.22 -64.60 8.07
CA THR B 1167 -44.43 -64.82 8.84
C THR B 1167 -45.64 -64.00 8.29
N TRP B 1168 -45.55 -62.67 8.17
CA TRP B 1168 -46.71 -61.86 7.74
C TRP B 1168 -47.19 -62.03 6.31
N CYS B 1169 -46.28 -62.27 5.33
CA CYS B 1169 -46.74 -62.44 3.95
C CYS B 1169 -47.19 -63.87 3.74
N SER B 1170 -48.21 -64.08 2.88
CA SER B 1170 -48.70 -65.44 2.62
C SER B 1170 -47.63 -66.23 1.91
N ASP B 1171 -47.29 -67.41 2.41
CA ASP B 1171 -46.29 -68.30 1.82
C ASP B 1171 -46.48 -68.52 0.32
N GLU B 1172 -47.71 -68.40 -0.15
CA GLU B 1172 -48.03 -68.54 -1.56
C GLU B 1172 -47.45 -67.41 -2.40
N THR B 1173 -47.27 -66.20 -1.82
CA THR B 1173 -46.77 -65.01 -2.52
C THR B 1173 -45.31 -65.10 -2.96
N LEU B 1174 -44.75 -66.31 -3.03
CA LEU B 1174 -43.41 -66.55 -3.54
C LEU B 1174 -43.43 -66.27 -5.05
N LYS B 1175 -44.49 -66.73 -5.76
CA LYS B 1175 -44.67 -66.50 -7.22
C LYS B 1175 -44.61 -65.02 -7.59
N ASP B 1176 -44.95 -64.16 -6.63
CA ASP B 1176 -44.88 -62.73 -6.79
C ASP B 1176 -44.13 -62.15 -5.58
N ALA B 1177 -42.92 -62.65 -5.35
CA ALA B 1177 -42.04 -62.17 -4.29
C ALA B 1177 -40.92 -61.45 -4.99
N ARG B 1178 -41.15 -60.17 -5.35
CA ARG B 1178 -40.17 -59.37 -6.06
C ARG B 1178 -38.94 -59.04 -5.19
N THR B 1179 -39.14 -58.73 -3.90
CA THR B 1179 -38.04 -58.46 -2.95
C THR B 1179 -38.29 -59.17 -1.60
N ILE B 1180 -37.44 -60.13 -1.23
CA ILE B 1180 -37.62 -60.87 0.02
C ILE B 1180 -36.60 -60.51 1.05
N ASP B 1181 -37.03 -59.83 2.09
CA ASP B 1181 -36.15 -59.41 3.17
C ASP B 1181 -36.02 -60.41 4.31
N LEU B 1182 -36.95 -61.40 4.40
CA LEU B 1182 -36.99 -62.40 5.47
C LEU B 1182 -37.04 -61.70 6.84
N CYS B 1183 -38.26 -61.29 7.22
CA CYS B 1183 -38.58 -60.47 8.40
C CYS B 1183 -37.89 -60.87 9.70
N ASN B 1184 -37.30 -59.85 10.35
CA ASN B 1184 -36.61 -59.92 11.63
C ASN B 1184 -37.63 -60.28 12.77
N ASN B 1185 -37.87 -61.60 12.99
CA ASN B 1185 -38.83 -62.21 13.95
C ASN B 1185 -40.28 -61.92 13.57
N PRO B 1191 -34.91 -68.17 15.99
CA PRO B 1191 -34.05 -68.81 14.98
C PRO B 1191 -33.99 -68.00 13.67
N LYS B 1192 -32.82 -67.43 13.28
CA LYS B 1192 -32.77 -66.61 12.05
C LYS B 1192 -31.89 -67.16 10.92
N LEU B 1193 -30.57 -67.34 11.13
CA LEU B 1193 -29.67 -67.78 10.05
C LEU B 1193 -30.19 -68.97 9.28
N ASP B 1194 -30.62 -69.99 10.00
CA ASP B 1194 -31.14 -71.18 9.39
C ASP B 1194 -32.44 -70.91 8.68
N ARG B 1195 -33.30 -70.06 9.25
CA ARG B 1195 -34.58 -69.66 8.64
C ARG B 1195 -34.37 -69.15 7.21
N ALA B 1196 -33.29 -68.40 7.01
CA ALA B 1196 -32.96 -67.83 5.73
C ALA B 1196 -32.55 -68.90 4.72
N ARG B 1197 -31.84 -69.95 5.18
CA ARG B 1197 -31.40 -71.05 4.33
C ARG B 1197 -32.50 -72.07 4.00
N ARG B 1198 -33.76 -71.62 3.98
CA ARG B 1198 -34.90 -72.48 3.69
C ARG B 1198 -35.73 -71.88 2.57
N GLN B 1199 -36.13 -70.62 2.71
CA GLN B 1199 -36.96 -69.94 1.75
C GLN B 1199 -36.30 -69.88 0.39
N VAL B 1200 -35.08 -69.35 0.35
CA VAL B 1200 -34.34 -69.23 -0.90
C VAL B 1200 -32.99 -69.91 -0.81
N PRO B 1201 -32.94 -71.24 -1.06
CA PRO B 1201 -31.63 -71.93 -1.06
C PRO B 1201 -30.79 -71.62 -2.31
N GLU B 1202 -31.10 -70.50 -3.01
CA GLU B 1202 -30.36 -70.01 -4.16
C GLU B 1202 -29.28 -69.01 -3.69
N TRP B 1203 -29.50 -68.28 -2.56
CA TRP B 1203 -28.48 -67.36 -2.07
C TRP B 1203 -27.34 -68.09 -1.37
N THR B 1204 -27.56 -69.30 -0.83
CA THR B 1204 -26.48 -70.08 -0.20
C THR B 1204 -25.41 -70.41 -1.24
N LYS B 1205 -25.83 -70.61 -2.50
CA LYS B 1205 -24.97 -70.83 -3.65
C LYS B 1205 -24.16 -69.56 -3.86
N TYR B 1206 -24.81 -68.39 -3.91
CA TYR B 1206 -24.13 -67.10 -4.06
C TYR B 1206 -23.18 -66.82 -2.88
N ASP B 1207 -23.46 -67.40 -1.72
CA ASP B 1207 -22.65 -67.31 -0.52
C ASP B 1207 -21.38 -68.13 -0.75
N GLU B 1208 -21.51 -69.35 -1.31
CA GLU B 1208 -20.37 -70.22 -1.62
C GLU B 1208 -19.64 -69.82 -2.94
N GLU B 1209 -20.25 -68.96 -3.74
CA GLU B 1209 -19.72 -68.34 -4.96
C GLU B 1209 -18.62 -67.35 -4.50
N ILE B 1210 -18.95 -66.56 -3.46
CA ILE B 1210 -18.13 -65.62 -2.75
C ILE B 1210 -17.00 -66.39 -2.03
N ALA B 1211 -17.29 -67.57 -1.46
CA ALA B 1211 -16.28 -68.38 -0.77
C ALA B 1211 -15.02 -68.63 -1.60
N GLU B 1212 -15.16 -69.04 -2.86
CA GLU B 1212 -14.00 -69.28 -3.71
C GLU B 1212 -13.22 -68.00 -3.94
N LEU B 1213 -13.95 -66.90 -4.16
CA LEU B 1213 -13.37 -65.59 -4.38
C LEU B 1213 -12.38 -65.20 -3.28
N ALA B 1214 -12.66 -65.54 -2.01
CA ALA B 1214 -11.75 -65.21 -0.91
C ALA B 1214 -10.49 -66.03 -0.98
N ARG B 1215 -10.64 -67.31 -1.27
CA ARG B 1215 -9.53 -68.23 -1.45
C ARG B 1215 -8.64 -67.74 -2.61
N ARG B 1216 -9.26 -67.17 -3.64
CA ARG B 1216 -8.57 -66.63 -4.79
C ARG B 1216 -7.66 -65.48 -4.36
N VAL B 1217 -8.18 -64.61 -3.52
CA VAL B 1217 -7.47 -63.45 -3.05
C VAL B 1217 -6.25 -63.80 -2.20
N ARG B 1218 -6.23 -64.96 -1.53
CA ARG B 1218 -5.08 -65.39 -0.72
C ARG B 1218 -3.66 -65.09 -1.31
N GLU B 1219 -3.48 -65.24 -2.63
CA GLU B 1219 -2.20 -64.98 -3.30
C GLU B 1219 -1.82 -63.49 -3.29
N SER C 8 79.34 34.59 0.82
CA SER C 8 78.52 33.48 0.35
C SER C 8 77.22 33.31 1.18
N PRO C 9 76.17 34.15 0.95
CA PRO C 9 74.91 33.96 1.69
C PRO C 9 74.03 32.89 1.01
N SER C 10 73.94 31.68 1.60
CA SER C 10 73.18 30.59 1.00
C SER C 10 72.22 29.86 1.93
N ILE C 11 71.15 29.29 1.36
CA ILE C 11 70.14 28.51 2.06
C ILE C 11 70.02 27.15 1.34
N ASN C 12 70.22 26.04 2.07
CA ASN C 12 70.15 24.70 1.47
C ASN C 12 69.02 23.83 2.03
N VAL C 13 68.26 23.19 1.15
CA VAL C 13 67.17 22.30 1.53
C VAL C 13 67.37 20.96 0.82
N ALA C 14 67.36 19.86 1.58
CA ALA C 14 67.52 18.53 1.00
C ALA C 14 66.33 17.63 1.37
N LEU C 15 66.05 16.61 0.53
CA LEU C 15 64.92 15.73 0.75
C LEU C 15 65.25 14.33 1.18
N LYS C 16 64.52 13.85 2.17
CA LYS C 16 64.68 12.49 2.66
C LYS C 16 63.48 11.63 2.22
N ALA C 17 63.70 10.33 1.99
CA ALA C 17 62.61 9.41 1.61
C ALA C 17 62.37 8.51 2.81
N ALA C 18 61.11 8.18 3.11
CA ALA C 18 60.71 7.42 4.29
C ALA C 18 61.05 5.91 4.26
N PHE C 19 62.21 5.55 3.73
CA PHE C 19 62.63 4.15 3.66
C PHE C 19 64.11 4.04 3.31
N PRO C 20 64.79 2.95 3.73
CA PRO C 20 66.23 2.82 3.44
C PRO C 20 66.57 2.76 1.97
N SER C 21 67.76 3.24 1.63
CA SER C 21 68.26 3.26 0.26
C SER C 21 68.46 1.87 -0.25
N PRO C 22 67.71 1.47 -1.28
CA PRO C 22 67.97 0.18 -1.92
C PRO C 22 69.29 0.31 -2.68
N PRO C 23 70.11 -0.75 -2.69
CA PRO C 23 71.40 -0.68 -3.41
C PRO C 23 71.29 -0.22 -4.86
N TYR C 24 72.41 0.21 -5.45
CA TYR C 24 72.41 0.73 -6.81
C TYR C 24 72.06 -0.24 -7.95
N LEU C 25 72.55 -1.49 -7.91
CA LEU C 25 72.31 -2.50 -8.99
C LEU C 25 70.82 -2.96 -9.13
N VAL C 26 70.04 -2.99 -8.02
CA VAL C 26 68.62 -3.41 -8.08
C VAL C 26 67.72 -2.24 -8.59
N GLU C 27 68.09 -1.01 -8.21
CA GLU C 27 67.50 0.23 -8.66
C GLU C 27 67.76 0.42 -10.20
N LEU C 28 68.79 -0.30 -10.76
CA LEU C 28 69.24 -0.37 -12.16
C LEU C 28 68.54 -1.53 -12.91
N LEU C 29 68.44 -2.74 -12.30
CA LEU C 29 67.81 -3.91 -12.92
C LEU C 29 66.29 -3.72 -13.16
N GLU C 30 65.66 -2.72 -12.50
CA GLU C 30 64.25 -2.37 -12.68
C GLU C 30 64.03 -1.00 -13.39
N THR C 31 65.13 -0.26 -13.67
CA THR C 31 65.13 1.03 -14.35
C THR C 31 65.41 0.81 -15.85
N ALA C 32 66.49 0.08 -16.21
CA ALA C 32 66.78 -0.22 -17.62
C ALA C 32 65.71 -1.20 -18.12
N ALA C 33 65.43 -2.24 -17.33
CA ALA C 33 64.36 -3.17 -17.62
C ALA C 33 63.09 -2.59 -17.01
N SER C 34 62.88 -1.27 -17.26
CA SER C 34 61.83 -0.37 -16.78
C SER C 34 60.55 -1.09 -16.43
N ASP C 35 60.08 -1.91 -17.38
CA ASP C 35 58.93 -2.82 -17.31
C ASP C 35 59.23 -4.07 -18.16
N ASN C 36 59.96 -3.89 -19.28
CA ASN C 36 60.32 -4.91 -20.24
C ASN C 36 61.04 -6.02 -19.54
N THR C 37 60.30 -7.09 -19.34
CA THR C 37 60.70 -8.33 -18.69
C THR C 37 61.82 -9.02 -19.45
N THR C 38 61.77 -8.99 -20.79
CA THR C 38 62.80 -9.59 -21.61
C THR C 38 64.16 -8.91 -21.38
N ILE C 39 64.17 -7.59 -21.12
CA ILE C 39 65.40 -6.87 -20.78
C ILE C 39 65.87 -7.31 -19.38
N TYR C 40 64.92 -7.39 -18.44
CA TYR C 40 65.07 -7.74 -17.03
C TYR C 40 65.80 -9.05 -16.81
N TYR C 41 65.36 -10.14 -17.44
CA TYR C 41 66.01 -11.44 -17.27
C TYR C 41 67.33 -11.55 -18.02
N SER C 42 67.48 -10.88 -19.19
CA SER C 42 68.77 -10.89 -19.90
C SER C 42 69.86 -10.15 -19.12
N LEU C 43 69.47 -9.20 -18.25
CA LEU C 43 70.39 -8.46 -17.38
C LEU C 43 70.57 -9.17 -16.04
N LEU C 44 69.51 -9.82 -15.55
CA LEU C 44 69.54 -10.63 -14.32
C LEU C 44 70.48 -11.84 -14.50
N ASP C 45 70.61 -12.34 -15.74
CA ASP C 45 71.50 -13.45 -16.09
C ASP C 45 72.95 -12.99 -16.06
N ARG C 46 73.23 -11.77 -16.54
CA ARG C 46 74.58 -11.21 -16.58
C ARG C 46 75.11 -10.83 -15.20
N ILE C 47 74.21 -10.43 -14.27
CA ILE C 47 74.64 -10.12 -12.89
C ILE C 47 74.88 -11.41 -12.08
N ALA C 48 74.22 -12.52 -12.46
CA ALA C 48 74.42 -13.83 -11.84
C ALA C 48 75.61 -14.59 -12.51
N LYS C 49 75.98 -14.19 -13.75
CA LYS C 49 77.12 -14.73 -14.50
C LYS C 49 78.42 -14.29 -13.81
N GLY C 50 78.49 -12.99 -13.47
CA GLY C 50 79.65 -12.41 -12.81
C GLY C 50 80.24 -11.20 -13.52
N HIS C 51 79.59 -10.73 -14.60
CA HIS C 51 80.06 -9.57 -15.35
C HIS C 51 80.03 -8.29 -14.53
N PHE C 52 79.05 -8.18 -13.64
CA PHE C 52 78.90 -6.99 -12.81
C PHE C 52 79.50 -7.11 -11.44
N ALA C 53 80.30 -8.13 -11.17
CA ALA C 53 80.92 -8.30 -9.86
C ALA C 53 81.96 -7.23 -9.60
N GLU C 54 82.69 -6.79 -10.63
CA GLU C 54 83.71 -5.77 -10.49
C GLU C 54 83.18 -4.38 -10.12
N ALA C 55 81.88 -4.17 -10.28
CA ALA C 55 81.25 -2.90 -9.97
C ALA C 55 81.07 -2.79 -8.48
N THR C 56 82.03 -2.19 -7.80
CA THR C 56 81.97 -2.02 -6.35
C THR C 56 81.29 -0.70 -6.03
N THR C 57 81.76 0.40 -6.67
CA THR C 57 81.19 1.73 -6.47
C THR C 57 79.95 1.94 -7.35
N ASP C 58 79.05 2.85 -6.94
CA ASP C 58 77.88 3.21 -7.76
C ASP C 58 78.32 3.77 -9.12
N LYS C 59 79.52 4.38 -9.18
CA LYS C 59 80.12 4.90 -10.41
C LYS C 59 80.54 3.74 -11.34
N ALA C 60 81.09 2.65 -10.77
CA ALA C 60 81.44 1.46 -11.57
C ALA C 60 80.19 0.62 -11.94
N LEU C 61 79.06 0.84 -11.26
CA LEU C 61 77.80 0.16 -11.53
C LEU C 61 77.03 0.81 -12.68
N TYR C 62 77.10 2.15 -12.80
CA TYR C 62 76.42 2.88 -13.88
C TYR C 62 77.15 2.69 -15.21
N GLU C 63 78.49 2.80 -15.22
CA GLU C 63 79.31 2.70 -16.42
C GLU C 63 79.33 1.31 -17.06
N LYS C 64 79.28 0.22 -16.27
CA LYS C 64 79.20 -1.12 -16.87
C LYS C 64 77.77 -1.40 -17.35
N PHE C 65 76.75 -0.90 -16.61
CA PHE C 65 75.33 -1.02 -16.97
C PHE C 65 74.97 -0.27 -18.26
N LEU C 66 75.78 0.73 -18.64
CA LEU C 66 75.63 1.47 -19.90
C LEU C 66 76.08 0.56 -21.04
N GLU C 67 77.25 -0.11 -20.85
CA GLU C 67 77.86 -0.98 -21.83
C GLU C 67 76.91 -2.05 -22.27
N VAL C 68 76.41 -2.86 -21.34
CA VAL C 68 75.53 -3.97 -21.68
C VAL C 68 74.15 -3.50 -22.20
N LEU C 69 73.64 -2.34 -21.73
CA LEU C 69 72.35 -1.78 -22.16
C LEU C 69 72.35 -1.43 -23.65
N ARG C 70 73.45 -0.89 -24.12
CA ARG C 70 73.61 -0.49 -25.50
C ARG C 70 74.14 -1.64 -26.34
N ASP C 71 75.06 -2.46 -25.79
CA ASP C 71 75.70 -3.60 -26.46
C ASP C 71 74.78 -4.81 -26.69
N ASP C 72 73.84 -5.06 -25.78
CA ASP C 72 72.89 -6.15 -25.95
C ASP C 72 71.62 -5.72 -26.75
N GLY C 73 71.62 -4.52 -27.34
CA GLY C 73 70.54 -3.97 -28.17
C GLY C 73 69.32 -3.47 -27.43
N HIS C 74 69.31 -3.59 -26.09
CA HIS C 74 68.21 -3.21 -25.24
C HIS C 74 67.84 -1.75 -25.41
N MET C 75 68.84 -0.89 -25.54
CA MET C 75 68.57 0.53 -25.66
C MET C 75 69.19 1.17 -26.89
N ASP C 76 68.75 2.41 -27.14
CA ASP C 76 69.20 3.31 -28.19
C ASP C 76 69.60 4.66 -27.55
N PRO C 77 70.54 5.42 -28.14
CA PRO C 77 70.97 6.69 -27.54
C PRO C 77 69.88 7.69 -27.18
N GLU C 78 68.85 7.85 -28.04
CA GLU C 78 67.77 8.80 -27.77
C GLU C 78 67.06 8.47 -26.45
N ALA C 79 66.66 7.21 -26.28
CA ALA C 79 66.00 6.75 -25.04
C ALA C 79 66.99 6.49 -23.88
N LEU C 80 68.27 6.39 -24.17
CA LEU C 80 69.31 6.19 -23.17
C LEU C 80 69.49 7.44 -22.35
N SER C 81 69.36 8.62 -22.99
CA SER C 81 69.43 9.90 -22.29
C SER C 81 68.33 10.00 -21.22
N ALA C 82 67.18 9.36 -21.43
CA ALA C 82 66.07 9.29 -20.47
C ALA C 82 66.43 8.39 -19.28
N PHE C 83 67.19 7.33 -19.52
CA PHE C 83 67.66 6.39 -18.51
C PHE C 83 68.60 7.07 -17.50
N LYS C 84 69.37 8.07 -17.95
CA LYS C 84 70.31 8.84 -17.14
C LYS C 84 69.67 9.37 -15.84
N LEU C 85 68.62 10.20 -15.97
CA LEU C 85 67.92 10.83 -14.84
C LEU C 85 67.22 9.84 -13.95
N ALA C 86 66.83 8.68 -14.47
CA ALA C 86 66.10 7.67 -13.71
C ALA C 86 66.75 7.28 -12.41
N LEU C 87 68.07 7.44 -12.31
CA LEU C 87 68.77 7.15 -11.07
C LEU C 87 68.89 8.40 -10.20
N SER C 88 68.99 9.60 -10.81
CA SER C 88 69.00 10.87 -10.08
C SER C 88 67.65 11.01 -9.38
N LEU C 89 66.57 10.81 -10.14
CA LEU C 89 65.19 10.84 -9.72
C LEU C 89 64.85 9.68 -8.80
N ARG C 90 65.47 8.51 -9.02
CA ARG C 90 65.26 7.28 -8.25
C ARG C 90 63.85 6.75 -8.50
N THR C 91 63.56 6.30 -9.74
CA THR C 91 62.27 5.77 -10.21
C THR C 91 61.93 4.33 -9.79
N ALA C 92 62.92 3.43 -9.86
CA ALA C 92 62.70 2.03 -9.50
C ALA C 92 62.82 1.79 -7.99
N THR C 93 63.14 2.84 -7.17
CA THR C 93 63.24 2.74 -5.70
C THR C 93 61.85 2.50 -5.02
N PRO C 94 60.72 3.20 -5.35
CA PRO C 94 59.42 2.81 -4.74
C PRO C 94 58.96 1.40 -5.20
N ARG C 95 59.42 0.95 -6.38
CA ARG C 95 59.12 -0.39 -6.92
C ARG C 95 59.90 -1.45 -6.12
N VAL C 96 61.14 -1.12 -5.71
CA VAL C 96 62.01 -1.99 -4.90
C VAL C 96 61.53 -2.04 -3.44
N GLU C 97 61.05 -0.91 -2.89
CA GLU C 97 60.55 -0.87 -1.51
C GLU C 97 59.23 -1.65 -1.34
N ALA C 98 58.49 -1.86 -2.44
CA ALA C 98 57.29 -2.68 -2.39
C ALA C 98 57.65 -4.17 -2.11
N HIS C 99 58.92 -4.60 -2.43
CA HIS C 99 59.49 -5.94 -2.22
C HIS C 99 60.15 -6.11 -0.82
N TYR C 100 60.43 -4.99 -0.12
CA TYR C 100 61.07 -5.01 1.20
C TYR C 100 60.01 -5.03 2.35
N GLN C 101 58.89 -4.26 2.21
CA GLN C 101 57.79 -4.22 3.21
C GLN C 101 56.83 -5.41 3.04
N TYR C 102 56.68 -5.91 1.78
CA TYR C 102 55.86 -7.09 1.46
C TYR C 102 56.51 -8.33 2.06
N TYR C 103 57.84 -8.43 1.95
CA TYR C 103 58.61 -9.52 2.52
C TYR C 103 58.50 -9.50 4.05
N THR C 104 58.50 -8.32 4.71
CA THR C 104 58.40 -8.23 6.17
C THR C 104 57.00 -8.42 6.75
N ALA C 105 55.96 -7.90 6.08
CA ALA C 105 54.60 -8.03 6.58
C ALA C 105 53.78 -9.16 5.98
N THR C 106 54.24 -9.85 4.92
CA THR C 106 53.44 -10.90 4.27
C THR C 106 54.24 -12.20 3.88
N VAL C 107 55.60 -12.22 4.01
CA VAL C 107 56.48 -13.36 3.75
C VAL C 107 57.07 -13.97 5.03
N GLU C 108 57.70 -13.14 5.87
CA GLU C 108 58.30 -13.55 7.14
C GLU C 108 57.33 -14.30 8.08
N PRO C 109 56.09 -13.81 8.35
CA PRO C 109 55.19 -14.57 9.25
C PRO C 109 54.78 -15.94 8.74
N SER C 110 54.55 -16.07 7.42
CA SER C 110 54.17 -17.34 6.83
C SER C 110 55.32 -18.35 6.79
N LEU C 111 56.55 -17.85 6.76
CA LEU C 111 57.78 -18.63 6.74
C LEU C 111 57.98 -19.27 8.09
N SER C 112 57.42 -20.47 8.28
CA SER C 112 57.54 -21.16 9.56
C SER C 112 58.90 -21.86 9.71
N GLY C 113 59.61 -21.53 10.79
CA GLY C 113 60.92 -22.09 11.06
C GLY C 113 62.00 -21.03 11.13
N THR C 114 63.20 -21.39 11.62
CA THR C 114 64.31 -20.45 11.72
C THR C 114 65.18 -20.52 10.48
N GLN C 115 65.41 -19.39 9.85
CA GLN C 115 66.19 -19.34 8.62
C GLN C 115 67.69 -19.24 8.87
N GLU C 116 68.45 -20.06 8.14
CA GLU C 116 69.90 -20.08 8.17
C GLU C 116 70.34 -20.69 6.84
N GLY C 117 71.15 -19.94 6.07
CA GLY C 117 71.53 -20.35 4.72
C GLY C 117 70.43 -20.12 3.69
N CYS C 118 69.23 -19.79 4.18
CA CYS C 118 68.02 -19.49 3.44
C CYS C 118 67.97 -18.01 3.07
N ASP C 119 69.13 -17.39 2.75
CA ASP C 119 69.14 -16.00 2.29
C ASP C 119 68.33 -15.91 0.97
N GLN C 120 68.39 -16.97 0.14
CA GLN C 120 67.62 -17.16 -1.08
C GLN C 120 66.87 -18.52 -0.94
N TRP C 121 65.57 -18.54 -1.29
CA TRP C 121 64.75 -19.75 -1.20
C TRP C 121 63.56 -19.71 -2.16
N PHE C 122 63.21 -20.86 -2.72
CA PHE C 122 62.10 -20.97 -3.65
C PHE C 122 60.80 -21.39 -2.97
N LEU C 123 59.68 -21.03 -3.58
CA LEU C 123 58.37 -21.39 -3.08
C LEU C 123 57.64 -22.24 -4.13
N ILE C 124 57.43 -23.53 -3.83
CA ILE C 124 56.74 -24.46 -4.74
C ILE C 124 55.69 -25.30 -3.99
N ASP C 125 54.40 -25.10 -4.31
CA ASP C 125 53.25 -25.84 -3.76
C ASP C 125 53.13 -25.82 -2.23
N GLY C 126 53.22 -24.61 -1.66
CA GLY C 126 53.15 -24.41 -0.22
C GLY C 126 54.36 -24.92 0.55
N GLU C 127 55.46 -25.20 -0.16
CA GLU C 127 56.69 -25.70 0.44
C GLU C 127 57.87 -24.81 0.10
N GLN C 128 58.74 -24.55 1.08
CA GLN C 128 59.90 -23.70 0.88
C GLN C 128 61.17 -24.56 0.81
N TYR C 129 62.06 -24.26 -0.13
CA TYR C 129 63.29 -25.02 -0.30
C TYR C 129 64.50 -24.10 -0.29
N CYS C 130 65.42 -24.26 0.68
CA CYS C 130 66.62 -23.43 0.81
C CYS C 130 67.82 -23.94 0.01
N SER C 131 67.63 -24.95 -0.84
CA SER C 131 68.74 -25.52 -1.60
C SER C 131 68.40 -25.65 -3.07
N PRO C 132 69.39 -25.51 -3.96
CA PRO C 132 69.13 -25.69 -5.39
C PRO C 132 68.70 -27.11 -5.74
N THR C 133 69.16 -28.08 -4.96
CA THR C 133 68.88 -29.50 -5.12
C THR C 133 67.40 -29.84 -5.02
N LEU C 134 66.60 -29.00 -4.34
CA LEU C 134 65.15 -29.19 -4.14
C LEU C 134 64.80 -30.28 -3.09
N ASP C 135 65.80 -30.97 -2.53
CA ASP C 135 65.56 -32.01 -1.54
C ASP C 135 65.43 -31.50 -0.11
N THR C 136 65.92 -30.29 0.15
CA THR C 136 65.84 -29.70 1.50
C THR C 136 64.67 -28.73 1.64
N SER C 137 63.59 -29.19 2.27
CA SER C 137 62.41 -28.37 2.51
C SER C 137 62.44 -27.91 3.95
N HIS C 138 62.54 -26.58 4.18
CA HIS C 138 62.62 -26.07 5.54
C HIS C 138 61.27 -25.99 6.27
N GLY C 139 60.20 -25.57 5.58
CA GLY C 139 58.90 -25.47 6.22
C GLY C 139 57.73 -25.12 5.32
N LYS C 140 56.52 -25.32 5.86
CA LYS C 140 55.27 -25.02 5.18
C LYS C 140 55.05 -23.51 5.20
N VAL C 141 54.66 -22.93 4.06
CA VAL C 141 54.37 -21.52 3.97
C VAL C 141 52.90 -21.29 4.31
N LYS C 142 52.61 -21.13 5.60
CA LYS C 142 51.27 -20.91 6.13
C LYS C 142 50.71 -19.53 5.71
N GLY C 143 49.64 -19.08 6.36
CA GLY C 143 49.01 -17.79 6.11
C GLY C 143 48.64 -17.50 4.67
N GLU C 144 48.72 -16.23 4.26
CA GLU C 144 48.40 -15.80 2.90
C GLU C 144 49.32 -16.51 1.91
N ASP C 145 48.75 -17.04 0.83
CA ASP C 145 49.55 -17.70 -0.19
C ASP C 145 50.31 -16.63 -0.97
N GLN C 146 51.62 -16.82 -1.15
CA GLN C 146 52.43 -15.83 -1.84
C GLN C 146 52.53 -16.03 -3.35
N LEU C 147 51.85 -17.04 -3.91
CA LEU C 147 51.84 -17.27 -5.35
C LEU C 147 50.86 -16.32 -6.08
N ARG C 148 50.23 -15.36 -5.37
CA ARG C 148 49.30 -14.39 -5.94
C ARG C 148 50.01 -13.47 -6.92
N THR C 149 49.28 -12.99 -7.93
CA THR C 149 49.84 -12.06 -8.88
C THR C 149 49.84 -10.67 -8.28
N LEU C 150 51.02 -10.09 -8.18
CA LEU C 150 51.19 -8.76 -7.63
C LEU C 150 51.86 -7.89 -8.70
N PRO C 151 51.49 -6.60 -8.75
CA PRO C 151 51.99 -5.72 -9.83
C PRO C 151 53.51 -5.74 -10.15
N PHE C 152 54.35 -5.90 -9.12
CA PHE C 152 55.82 -5.90 -9.23
C PHE C 152 56.44 -7.22 -9.74
N ASP C 153 55.61 -8.25 -9.97
CA ASP C 153 56.07 -9.55 -10.44
C ASP C 153 56.55 -9.53 -11.90
N ARG C 154 57.38 -10.50 -12.26
CA ARG C 154 57.91 -10.63 -13.60
C ARG C 154 57.86 -12.08 -14.04
N LYS C 155 56.82 -12.46 -14.79
CA LYS C 155 56.65 -13.85 -15.21
C LYS C 155 57.47 -14.24 -16.44
N PHE C 156 58.24 -15.33 -16.32
CA PHE C 156 59.03 -15.88 -17.41
C PHE C 156 58.72 -17.36 -17.55
N GLY C 157 58.26 -17.74 -18.72
CA GLY C 157 57.93 -19.13 -19.00
C GLY C 157 56.58 -19.54 -18.44
N VAL C 158 56.10 -20.66 -18.94
CA VAL C 158 54.82 -21.21 -18.52
C VAL C 158 55.08 -22.57 -17.89
N GLY C 159 54.42 -22.83 -16.76
CA GLY C 159 54.61 -24.10 -16.07
C GLY C 159 53.60 -24.46 -15.00
N SER C 160 53.48 -25.77 -14.74
CA SER C 160 52.59 -26.32 -13.72
C SER C 160 53.08 -25.86 -12.34
N ARG C 161 54.38 -26.02 -12.06
CA ARG C 161 54.95 -25.54 -10.81
C ARG C 161 55.08 -24.02 -10.89
N ASP C 162 54.82 -23.34 -9.77
CA ASP C 162 54.99 -21.90 -9.75
C ASP C 162 56.17 -21.62 -8.85
N VAL C 163 57.26 -21.14 -9.44
CA VAL C 163 58.47 -20.88 -8.68
C VAL C 163 58.68 -19.40 -8.44
N ILE C 164 58.98 -19.07 -7.19
CA ILE C 164 59.22 -17.69 -6.79
C ILE C 164 60.54 -17.64 -6.04
N LEU C 165 61.50 -16.83 -6.54
CA LEU C 165 62.81 -16.70 -5.92
C LEU C 165 62.90 -15.39 -5.13
N TYR C 166 62.97 -15.49 -3.79
CA TYR C 166 63.13 -14.34 -2.90
C TYR C 166 64.64 -14.19 -2.71
N ALA C 167 65.25 -13.15 -3.32
CA ALA C 167 66.70 -13.04 -3.27
C ALA C 167 67.28 -11.67 -2.91
N ASP C 168 68.40 -11.75 -2.20
CA ASP C 168 69.28 -10.65 -1.88
C ASP C 168 70.32 -10.89 -2.96
N ILE C 169 70.31 -10.08 -4.02
CA ILE C 169 71.21 -10.29 -5.15
C ILE C 169 72.66 -9.82 -4.86
N THR C 170 72.87 -8.94 -3.84
CA THR C 170 74.20 -8.44 -3.45
C THR C 170 75.22 -9.55 -3.18
N SER C 171 74.74 -10.70 -2.67
CA SER C 171 75.59 -11.86 -2.42
C SER C 171 75.50 -12.81 -3.62
N LYS C 172 76.64 -13.33 -4.07
CA LYS C 172 76.71 -14.28 -5.19
C LYS C 172 75.95 -15.59 -4.93
N SER C 173 75.55 -15.86 -3.67
CA SER C 173 74.76 -17.01 -3.27
C SER C 173 73.43 -17.11 -4.05
N PHE C 174 72.98 -16.01 -4.65
CA PHE C 174 71.74 -15.99 -5.42
C PHE C 174 71.94 -16.68 -6.77
N ALA C 175 73.08 -16.39 -7.44
CA ALA C 175 73.44 -16.86 -8.78
C ALA C 175 73.11 -18.34 -9.11
N PRO C 176 73.42 -19.35 -8.26
CA PRO C 176 73.08 -20.74 -8.65
C PRO C 176 71.58 -21.00 -8.64
N PHE C 177 70.86 -20.44 -7.66
CA PHE C 177 69.40 -20.61 -7.52
C PHE C 177 68.69 -20.12 -8.76
N HIS C 178 69.12 -18.97 -9.29
CA HIS C 178 68.59 -18.37 -10.49
C HIS C 178 68.74 -19.32 -11.69
N GLU C 179 69.99 -19.71 -12.03
CA GLU C 179 70.31 -20.58 -13.15
C GLU C 179 69.44 -21.83 -13.19
N VAL C 180 69.17 -22.40 -12.04
CA VAL C 180 68.34 -23.58 -11.92
C VAL C 180 66.89 -23.28 -12.30
N ALA C 181 66.31 -22.24 -11.71
CA ALA C 181 64.94 -21.86 -12.02
C ALA C 181 64.81 -21.43 -13.47
N MET C 182 65.85 -20.77 -14.00
CA MET C 182 65.92 -20.32 -15.39
C MET C 182 65.90 -21.52 -16.30
N ASP C 183 66.64 -22.60 -15.95
CA ASP C 183 66.71 -23.86 -16.69
C ASP C 183 65.32 -24.49 -16.71
N LEU C 184 64.68 -24.55 -15.55
CA LEU C 184 63.36 -25.09 -15.36
C LEU C 184 62.30 -24.38 -16.22
N ALA C 185 62.37 -23.05 -16.27
CA ALA C 185 61.42 -22.25 -17.02
C ALA C 185 61.67 -22.36 -18.53
N LYS C 186 62.94 -22.31 -18.95
CA LYS C 186 63.28 -22.44 -20.37
C LYS C 186 63.00 -23.85 -20.92
N LYS C 187 63.00 -24.88 -20.05
CA LYS C 187 62.62 -26.23 -20.46
C LYS C 187 61.11 -26.27 -20.75
N GLY C 188 60.32 -25.56 -19.93
CA GLY C 188 58.88 -25.48 -20.05
C GLY C 188 58.19 -26.25 -18.95
N LYS C 189 58.79 -26.23 -17.75
CA LYS C 189 58.26 -26.96 -16.62
C LYS C 189 57.68 -26.06 -15.55
N ALA C 190 58.10 -24.78 -15.46
CA ALA C 190 57.53 -23.87 -14.45
C ALA C 190 57.59 -22.40 -14.84
N SER C 191 56.68 -21.59 -14.26
CA SER C 191 56.63 -20.16 -14.51
C SER C 191 57.45 -19.46 -13.43
N TYR C 192 58.47 -18.72 -13.86
CA TYR C 192 59.48 -18.05 -13.03
C TYR C 192 59.18 -16.57 -12.74
N ARG C 193 59.23 -16.17 -11.47
CA ARG C 193 59.05 -14.77 -11.08
C ARG C 193 60.00 -14.37 -9.97
N VAL C 194 60.61 -13.18 -10.08
CA VAL C 194 61.57 -12.72 -9.10
C VAL C 194 61.05 -11.60 -8.21
N ARG C 195 61.14 -11.83 -6.88
CA ARG C 195 60.81 -10.90 -5.80
C ARG C 195 62.11 -10.62 -4.97
N TYR C 196 62.16 -9.50 -4.22
CA TYR C 196 63.38 -9.16 -3.48
C TYR C 196 63.33 -9.33 -1.97
N ARG C 197 64.50 -9.61 -1.41
CA ARG C 197 64.71 -9.70 0.02
C ARG C 197 65.58 -8.52 0.39
N ARG C 198 65.26 -7.87 1.52
CA ARG C 198 65.99 -6.71 2.03
C ARG C 198 67.46 -7.06 2.20
N SER C 199 68.26 -6.57 1.25
CA SER C 199 69.70 -6.79 1.14
C SER C 199 70.46 -6.37 2.41
N PRO C 200 71.03 -7.33 3.17
CA PRO C 200 71.72 -6.97 4.41
C PRO C 200 73.07 -6.26 4.25
N SER C 201 73.62 -6.25 3.02
CA SER C 201 74.89 -5.56 2.75
C SER C 201 74.71 -4.02 2.79
N HIS C 202 73.52 -3.52 2.40
CA HIS C 202 73.25 -2.08 2.43
C HIS C 202 72.84 -1.63 3.82
N SER C 203 73.21 -0.40 4.17
CA SER C 203 72.91 0.20 5.46
C SER C 203 71.54 0.88 5.47
N ARG C 204 71.02 1.21 6.66
CA ARG C 204 69.75 1.91 6.82
C ARG C 204 69.99 3.44 6.72
N GLU C 205 70.42 3.87 5.54
CA GLU C 205 70.62 5.28 5.26
C GLU C 205 69.43 5.68 4.42
N SER C 206 68.74 6.75 4.80
CA SER C 206 67.57 7.23 4.05
C SER C 206 67.92 7.66 2.59
N LEU C 207 66.90 7.98 1.76
CA LEU C 207 67.15 8.32 0.36
C LEU C 207 66.95 9.80 0.01
N SER C 208 67.78 10.32 -0.90
CA SER C 208 67.76 11.73 -1.32
C SER C 208 67.07 11.94 -2.65
N VAL C 209 65.74 11.86 -2.65
CA VAL C 209 64.96 12.01 -3.87
C VAL C 209 64.86 13.45 -4.34
N ASN C 210 64.60 13.63 -5.64
CA ASN C 210 64.42 14.90 -6.33
C ASN C 210 63.22 14.84 -7.27
N GLY C 211 62.21 15.65 -6.97
CA GLY C 211 60.98 15.73 -7.73
C GLY C 211 60.08 16.80 -7.12
N TYR C 212 60.70 17.95 -6.79
CA TYR C 212 60.14 19.13 -6.11
C TYR C 212 61.01 20.39 -6.44
N GLY C 213 60.61 21.56 -5.98
CA GLY C 213 61.38 22.79 -6.20
C GLY C 213 61.46 23.62 -4.95
N VAL C 214 62.67 23.89 -4.46
CA VAL C 214 62.81 24.70 -3.25
C VAL C 214 62.61 26.15 -3.55
N GLU C 215 61.88 26.86 -2.69
CA GLU C 215 61.55 28.27 -2.86
C GLU C 215 61.98 29.14 -1.66
N LEU C 216 61.79 30.49 -1.73
CA LEU C 216 62.09 31.46 -0.68
C LEU C 216 61.16 32.70 -0.80
N VAL C 217 60.01 32.74 -0.11
CA VAL C 217 59.03 33.84 -0.19
C VAL C 217 59.34 35.05 0.73
N LEU C 218 59.36 36.28 0.19
CA LEU C 218 59.59 37.51 0.96
C LEU C 218 58.26 37.95 1.56
N LYS C 219 57.97 37.53 2.81
CA LYS C 219 56.71 37.88 3.47
C LYS C 219 56.49 39.38 3.55
N ARG C 220 57.58 40.16 3.60
CA ARG C 220 57.49 41.61 3.57
C ARG C 220 57.24 41.96 2.11
N THR C 221 55.96 41.97 1.70
CA THR C 221 55.59 42.26 0.31
C THR C 221 54.81 43.58 0.16
N ASP C 222 54.70 44.39 1.24
CA ASP C 222 53.93 45.65 1.28
C ASP C 222 54.56 46.86 0.57
N TYR C 223 55.91 46.94 0.42
CA TYR C 223 56.50 48.11 -0.24
C TYR C 223 56.58 47.92 -1.74
N ILE C 224 56.20 48.99 -2.44
CA ILE C 224 56.07 49.29 -3.87
C ILE C 224 55.57 50.76 -3.87
N VAL C 225 56.26 51.69 -4.57
CA VAL C 225 55.83 53.10 -4.60
C VAL C 225 54.88 53.39 -5.78
N ILE C 259 75.04 39.91 -2.25
CA ILE C 259 74.96 40.70 -3.48
C ILE C 259 73.98 41.89 -3.32
N ALA C 260 72.85 41.65 -2.64
CA ALA C 260 71.86 42.68 -2.34
C ALA C 260 71.21 42.27 -1.03
N ASP C 261 71.40 43.04 0.05
CA ASP C 261 70.86 42.67 1.37
C ASP C 261 69.38 42.94 1.54
N ILE C 262 68.83 43.87 0.78
CA ILE C 262 67.40 44.14 0.86
C ILE C 262 66.83 44.25 -0.55
N LYS C 263 65.58 43.82 -0.71
CA LYS C 263 64.93 43.90 -2.00
C LYS C 263 64.66 45.36 -2.32
N PRO C 264 65.17 45.85 -3.46
CA PRO C 264 64.99 47.26 -3.79
C PRO C 264 63.60 47.56 -4.36
N LEU C 265 62.88 48.53 -3.77
CA LEU C 265 61.54 48.85 -4.26
C LEU C 265 61.42 50.21 -4.91
N GLU C 266 60.94 50.17 -6.16
CA GLU C 266 60.76 51.25 -7.11
C GLU C 266 59.37 51.93 -7.04
N LYS C 267 59.15 52.97 -7.88
CA LYS C 267 57.90 53.72 -7.98
C LYS C 267 56.83 52.95 -8.83
N SER C 268 56.27 53.56 -9.90
CA SER C 268 55.24 52.99 -10.76
C SER C 268 55.81 52.29 -11.98
N GLU C 269 57.04 51.73 -11.88
CA GLU C 269 57.61 51.07 -13.04
C GLU C 269 57.69 49.57 -12.90
N LEU C 270 56.50 48.99 -12.87
CA LEU C 270 56.25 47.56 -12.83
C LEU C 270 55.66 47.11 -14.18
N ALA C 271 54.85 47.97 -14.81
CA ALA C 271 54.21 47.68 -16.09
C ALA C 271 55.22 47.30 -17.17
N ALA C 272 56.30 48.07 -17.31
CA ALA C 272 57.34 47.77 -18.29
C ALA C 272 58.41 46.81 -17.74
N LEU C 273 58.47 46.61 -16.41
CA LEU C 273 59.42 45.73 -15.72
C LEU C 273 59.43 44.29 -16.29
N GLY C 274 58.24 43.69 -16.42
CA GLY C 274 58.07 42.34 -16.95
C GLY C 274 58.23 42.18 -18.45
N MET C 275 58.38 43.29 -19.15
CA MET C 275 58.60 43.35 -20.60
C MET C 275 60.09 43.57 -20.88
N LYS C 276 60.73 44.44 -20.10
CA LYS C 276 62.15 44.74 -20.25
C LYS C 276 62.98 43.54 -19.84
N ALA C 277 62.61 42.88 -18.70
CA ALA C 277 63.29 41.66 -18.20
C ALA C 277 63.18 40.48 -19.20
N ALA C 278 62.18 40.51 -20.06
CA ALA C 278 62.00 39.53 -21.10
C ALA C 278 62.96 39.87 -22.25
N SER C 279 63.06 41.18 -22.63
CA SER C 279 63.95 41.63 -23.68
C SER C 279 65.43 41.42 -23.32
N PHE C 280 65.78 41.37 -22.02
CA PHE C 280 67.17 41.14 -21.64
C PHE C 280 67.65 39.72 -21.91
N VAL C 281 66.73 38.75 -21.92
CA VAL C 281 67.07 37.38 -22.24
C VAL C 281 67.61 37.30 -23.68
N MET C 282 67.01 38.07 -24.60
CA MET C 282 67.44 38.13 -26.00
C MET C 282 68.79 38.82 -26.13
N GLN C 283 69.00 39.93 -25.40
CA GLN C 283 70.23 40.71 -25.45
C GLN C 283 71.41 40.10 -24.68
N SER C 284 71.19 38.99 -23.97
CA SER C 284 72.22 38.32 -23.20
C SER C 284 73.19 37.51 -24.08
N GLU C 285 72.63 36.76 -25.04
CA GLU C 285 73.29 35.85 -26.00
C GLU C 285 73.81 34.53 -25.36
N LYS C 286 73.29 34.21 -24.18
CA LYS C 286 73.35 32.96 -23.41
C LYS C 286 71.87 32.90 -22.97
N PRO C 287 70.89 32.68 -23.92
CA PRO C 287 69.48 32.90 -23.57
C PRO C 287 68.92 31.98 -22.50
N PHE C 288 69.15 30.68 -22.62
CA PHE C 288 68.64 29.75 -21.63
C PHE C 288 69.22 29.96 -20.26
N GLU C 289 70.50 30.25 -20.20
CA GLU C 289 71.17 30.53 -18.97
C GLU C 289 70.66 31.81 -18.33
N ALA C 290 70.59 32.94 -19.10
CA ALA C 290 70.11 34.24 -18.59
C ALA C 290 68.61 34.33 -18.28
N LEU C 291 67.84 33.42 -18.86
CA LEU C 291 66.43 33.31 -18.57
C LEU C 291 66.29 32.61 -17.23
N LEU C 292 67.08 31.53 -17.02
CA LEU C 292 67.14 30.72 -15.81
C LEU C 292 67.64 31.54 -14.62
N LYS C 293 68.76 32.24 -14.74
CA LYS C 293 69.32 33.02 -13.63
C LYS C 293 68.43 34.18 -13.24
N LEU C 294 67.84 34.84 -14.24
CA LEU C 294 66.92 35.93 -13.97
C LEU C 294 65.63 35.40 -13.33
N THR C 295 65.23 34.16 -13.65
CA THR C 295 64.05 33.54 -13.04
C THR C 295 64.39 32.95 -11.64
N GLN C 296 65.65 32.56 -11.41
CA GLN C 296 66.10 32.01 -10.15
C GLN C 296 65.96 33.05 -9.02
N ASP C 297 66.14 34.32 -9.36
CA ASP C 297 66.05 35.42 -8.42
C ASP C 297 65.42 36.62 -9.13
N PHE C 298 64.08 36.75 -9.12
CA PHE C 298 63.45 37.93 -9.73
C PHE C 298 63.46 39.15 -8.77
N PRO C 299 63.18 39.02 -7.44
CA PRO C 299 63.30 40.20 -6.56
C PRO C 299 64.75 40.65 -6.26
N LYS C 300 65.75 39.82 -6.60
CA LYS C 300 67.18 40.14 -6.42
C LYS C 300 67.57 41.16 -7.51
N TYR C 301 67.18 40.88 -8.76
CA TYR C 301 67.44 41.78 -9.88
C TYR C 301 66.12 42.49 -10.28
N SER C 302 65.34 42.97 -9.25
CA SER C 302 64.03 43.67 -9.33
C SER C 302 64.12 45.16 -9.57
N ASN C 303 65.27 45.75 -9.32
CA ASN C 303 65.50 47.16 -9.62
C ASN C 303 66.56 47.33 -10.73
N SER C 304 67.49 46.36 -10.86
CA SER C 304 68.53 46.42 -11.91
C SER C 304 67.96 46.46 -13.34
N LEU C 305 66.68 46.13 -13.50
CA LEU C 305 66.00 46.15 -14.79
C LEU C 305 65.81 47.60 -15.31
N GLY C 306 65.37 47.74 -16.55
CA GLY C 306 65.22 49.06 -17.16
C GLY C 306 66.55 49.72 -17.48
N SER C 307 67.60 48.92 -17.53
CA SER C 307 68.95 49.39 -17.70
C SER C 307 69.66 48.61 -18.82
N GLN C 308 70.77 49.19 -19.34
CA GLN C 308 71.59 48.69 -20.46
C GLN C 308 70.73 48.64 -21.74
N ASN C 309 70.08 49.81 -22.06
CA ASN C 309 69.17 50.04 -23.20
C ASN C 309 68.22 48.86 -23.41
N VAL C 310 67.83 48.20 -22.31
CA VAL C 310 66.94 47.05 -22.40
C VAL C 310 65.52 47.43 -22.86
N SER C 311 65.27 48.72 -23.11
CA SER C 311 63.99 49.23 -23.60
C SER C 311 63.53 48.48 -24.86
N ALA C 312 64.51 48.00 -25.67
CA ALA C 312 64.40 47.19 -26.89
C ALA C 312 62.98 46.91 -27.40
N GLU C 313 62.31 47.94 -27.94
CA GLU C 313 60.95 47.82 -28.48
C GLU C 313 60.94 47.19 -29.86
N PHE C 314 61.71 46.16 -29.98
CA PHE C 314 61.79 45.35 -31.16
C PHE C 314 60.63 44.38 -31.05
N GLU C 315 60.43 43.74 -29.88
CA GLU C 315 59.27 42.88 -29.68
C GLU C 315 57.94 43.63 -29.54
N ALA C 316 57.90 44.91 -29.97
CA ALA C 316 56.67 45.70 -30.07
C ALA C 316 55.93 45.21 -31.32
N GLU C 317 56.68 44.95 -32.41
CA GLU C 317 56.15 44.34 -33.64
C GLU C 317 55.92 42.85 -33.37
N HIS C 318 56.79 42.23 -32.55
CA HIS C 318 56.63 40.85 -32.10
C HIS C 318 55.48 40.66 -31.07
N ARG C 319 54.61 41.66 -30.99
CA ARG C 319 53.37 41.60 -30.25
C ARG C 319 52.27 41.04 -31.19
N GLY C 320 52.43 41.17 -32.53
CA GLY C 320 51.54 40.60 -33.53
C GLY C 320 51.47 39.09 -33.49
N ASN C 321 52.36 38.45 -32.71
CA ASN C 321 52.43 36.99 -32.47
C ASN C 321 51.46 36.64 -31.33
N ARG C 322 51.42 37.49 -30.30
CA ARG C 322 50.51 37.41 -29.18
C ARG C 322 49.10 37.84 -29.69
N GLU C 323 49.04 38.90 -30.55
CA GLU C 323 47.86 39.56 -31.13
C GLU C 323 46.94 38.66 -31.94
N VAL C 324 47.46 37.56 -32.49
CA VAL C 324 46.66 36.68 -33.33
C VAL C 324 46.37 35.30 -32.66
N PHE C 325 46.68 35.16 -31.36
CA PHE C 325 46.50 33.88 -30.70
C PHE C 325 46.28 33.93 -29.17
N LEU C 326 47.31 34.25 -28.38
CA LEU C 326 47.23 34.19 -26.93
C LEU C 326 47.39 35.50 -26.23
N PRO C 327 46.77 35.67 -25.05
CA PRO C 327 46.99 36.90 -24.29
C PRO C 327 48.44 37.09 -23.83
N GLU C 328 48.81 38.32 -23.46
CA GLU C 328 50.18 38.61 -23.03
C GLU C 328 50.38 38.28 -21.56
N GLY C 329 51.51 37.66 -21.24
CA GLY C 329 51.77 37.24 -19.87
C GLY C 329 51.01 35.97 -19.61
N SER C 330 51.32 34.94 -20.40
CA SER C 330 50.61 33.66 -20.31
C SER C 330 51.58 32.48 -20.25
N ASN C 331 51.23 31.46 -19.45
CA ASN C 331 52.04 30.26 -19.29
C ASN C 331 51.37 29.02 -19.90
N VAL C 332 51.70 28.65 -21.15
CA VAL C 332 51.13 27.46 -21.81
C VAL C 332 52.25 26.64 -22.45
N LEU C 333 52.30 25.32 -22.18
CA LEU C 333 53.35 24.50 -22.77
C LEU C 333 52.82 23.39 -23.67
N TRP C 334 53.46 23.26 -24.82
CA TRP C 334 53.11 22.24 -25.78
C TRP C 334 54.24 21.23 -25.93
N LEU C 335 53.86 19.99 -26.19
CA LEU C 335 54.83 18.92 -26.40
C LEU C 335 54.37 18.17 -27.62
N ASN C 336 55.13 18.24 -28.71
CA ASN C 336 54.78 17.60 -29.99
C ASN C 336 53.40 18.04 -30.52
N GLY C 337 52.94 19.20 -30.08
CA GLY C 337 51.65 19.74 -30.46
C GLY C 337 50.60 19.66 -29.35
N LEU C 338 50.79 18.74 -28.39
CA LEU C 338 49.82 18.51 -27.29
C LEU C 338 49.72 19.65 -26.24
N HIS C 339 48.50 19.86 -25.68
CA HIS C 339 48.19 20.88 -24.67
C HIS C 339 48.53 20.39 -23.27
N LEU C 340 49.70 20.77 -22.75
CA LEU C 340 50.09 20.36 -21.41
C LEU C 340 49.99 21.46 -20.41
N ILE C 341 49.17 21.22 -19.39
CA ILE C 341 48.96 22.15 -18.29
C ILE C 341 49.90 21.75 -17.12
N ASP C 342 49.82 22.40 -15.94
CA ASP C 342 50.73 22.08 -14.84
C ASP C 342 50.55 20.67 -14.15
N ARG C 343 49.55 19.78 -14.49
CA ARG C 343 49.52 18.42 -13.84
C ARG C 343 50.48 17.49 -14.57
N GLN C 344 50.35 17.45 -15.90
CA GLN C 344 51.27 16.67 -16.70
C GLN C 344 52.67 17.37 -16.72
N ILE C 345 52.90 18.41 -15.83
CA ILE C 345 54.14 19.19 -15.62
C ILE C 345 54.64 19.13 -14.17
N GLN C 346 55.59 18.26 -14.00
CA GLN C 346 56.33 17.95 -12.79
C GLN C 346 57.13 16.66 -13.10
N PRO C 347 58.28 16.49 -12.45
CA PRO C 347 59.18 15.36 -12.73
C PRO C 347 58.58 14.04 -13.31
N PHE C 348 58.46 12.98 -12.51
CA PHE C 348 58.02 11.62 -12.83
C PHE C 348 56.89 11.53 -13.85
N GLY C 349 55.94 12.46 -13.78
CA GLY C 349 54.82 12.50 -14.71
C GLY C 349 55.25 12.69 -16.15
N LEU C 350 55.98 13.78 -16.42
CA LEU C 350 56.46 14.04 -17.78
C LEU C 350 57.48 12.99 -18.23
N VAL C 351 58.14 12.28 -17.30
CA VAL C 351 59.08 11.22 -17.65
C VAL C 351 58.43 10.16 -18.54
N ASP C 352 57.23 9.70 -18.15
CA ASP C 352 56.53 8.67 -18.92
C ASP C 352 55.90 9.20 -20.18
N LEU C 353 55.41 10.43 -20.16
CA LEU C 353 54.81 11.04 -21.34
C LEU C 353 55.89 11.27 -22.40
N LEU C 354 57.13 11.62 -21.99
CA LEU C 354 58.24 11.79 -22.93
C LEU C 354 58.65 10.48 -23.54
N THR C 355 58.70 9.42 -22.72
CA THR C 355 59.03 8.11 -23.22
C THR C 355 57.90 7.62 -24.15
N ARG C 356 56.64 8.03 -23.89
CA ARG C 356 55.47 7.74 -24.70
C ARG C 356 55.69 8.30 -26.11
N GLU C 357 56.15 9.55 -26.21
CA GLU C 357 56.44 10.15 -27.52
C GLU C 357 57.73 9.63 -28.14
N ARG C 358 58.66 9.10 -27.32
CA ARG C 358 59.84 8.43 -27.82
C ARG C 358 59.41 7.21 -28.64
N LYS C 359 58.30 6.55 -28.26
CA LYS C 359 57.75 5.46 -29.05
C LYS C 359 57.06 6.10 -30.28
N LEU C 360 56.20 7.08 -30.02
CA LEU C 360 55.37 7.77 -31.00
C LEU C 360 56.11 8.23 -32.26
N ILE C 361 57.06 9.15 -32.11
CA ILE C 361 57.79 9.66 -33.26
C ILE C 361 58.60 8.56 -33.95
N LYS C 362 58.98 7.51 -33.23
CA LYS C 362 59.76 6.43 -33.83
C LYS C 362 58.95 5.64 -34.87
N SER C 363 57.63 5.40 -34.67
CA SER C 363 56.85 4.72 -35.74
C SER C 363 56.79 5.55 -37.02
N VAL C 364 57.20 6.79 -36.95
CA VAL C 364 57.17 7.73 -38.03
C VAL C 364 58.46 7.67 -38.81
N LEU C 365 59.63 7.54 -38.15
CA LEU C 365 60.91 7.48 -38.87
C LEU C 365 61.06 6.15 -39.66
N ASP C 366 60.37 5.08 -39.22
CA ASP C 366 60.32 3.80 -39.95
C ASP C 366 59.55 3.99 -41.30
N LEU C 367 58.71 5.04 -41.37
CA LEU C 367 57.91 5.50 -42.50
C LEU C 367 58.68 6.52 -43.40
N GLY C 368 59.78 7.07 -42.92
CA GLY C 368 60.61 8.00 -43.68
C GLY C 368 60.36 9.48 -43.43
N LEU C 369 59.94 9.84 -42.22
CA LEU C 369 59.71 11.24 -41.87
C LEU C 369 60.65 11.70 -40.76
N THR C 370 60.93 12.98 -40.71
CA THR C 370 61.80 13.54 -39.68
C THR C 370 60.95 13.88 -38.41
N GLY C 371 61.60 14.23 -37.31
CA GLY C 371 60.94 14.62 -36.07
C GLY C 371 60.13 15.89 -36.24
N GLN C 372 60.60 16.81 -37.09
CA GLN C 372 59.86 18.03 -37.40
C GLN C 372 58.68 17.68 -38.30
N GLN C 373 58.90 16.81 -39.32
CA GLN C 373 57.86 16.35 -40.24
C GLN C 373 56.77 15.54 -39.50
N ALA C 374 57.10 14.92 -38.36
CA ALA C 374 56.15 14.14 -37.59
C ALA C 374 55.18 15.07 -36.81
N VAL C 375 55.72 15.98 -35.98
CA VAL C 375 54.93 16.94 -35.23
C VAL C 375 54.09 17.83 -36.17
N ASP C 376 54.55 18.05 -37.41
CA ASP C 376 53.82 18.86 -38.38
C ASP C 376 52.74 18.05 -39.14
N LEU C 377 52.98 16.77 -39.45
CA LEU C 377 51.96 15.95 -40.13
C LEU C 377 50.80 15.73 -39.17
N LEU C 378 51.12 15.37 -37.93
CA LEU C 378 50.13 15.16 -36.89
C LEU C 378 49.44 16.47 -36.56
N GLY C 379 50.25 17.47 -36.19
CA GLY C 379 49.78 18.78 -35.83
C GLY C 379 49.42 19.53 -37.09
N HIS C 380 48.20 19.35 -37.51
CA HIS C 380 47.72 20.00 -38.70
C HIS C 380 46.30 20.34 -38.54
N ALA C 381 45.93 21.44 -39.15
CA ALA C 381 44.55 21.92 -39.12
C ALA C 381 43.57 20.89 -39.68
N GLU C 382 43.95 20.12 -40.71
CA GLU C 382 43.07 19.11 -41.27
C GLU C 382 42.83 17.99 -40.28
N VAL C 383 43.89 17.52 -39.61
CA VAL C 383 43.74 16.48 -38.59
C VAL C 383 42.91 16.98 -37.41
N ALA C 384 43.06 18.27 -37.07
CA ALA C 384 42.32 18.91 -36.00
C ALA C 384 40.83 19.03 -36.30
N HIS C 385 40.41 19.53 -37.49
CA HIS C 385 38.97 19.61 -37.81
C HIS C 385 38.32 18.24 -38.03
N ALA C 386 39.14 17.21 -38.30
CA ALA C 386 38.63 15.87 -38.42
C ALA C 386 38.54 15.29 -37.00
N LYS C 387 37.88 16.06 -36.11
CA LYS C 387 37.66 15.79 -34.69
C LYS C 387 36.61 16.78 -34.10
N SER C 388 36.75 18.09 -34.38
CA SER C 388 35.81 19.10 -33.90
C SER C 388 35.76 20.31 -34.87
N GLU C 408 28.43 18.63 -22.48
CA GLU C 408 29.35 17.53 -22.27
C GLU C 408 28.94 16.27 -22.95
N ASP C 409 29.65 16.00 -24.03
CA ASP C 409 29.49 14.83 -24.89
C ASP C 409 30.49 13.71 -24.45
N LYS C 410 31.14 12.90 -25.40
CA LYS C 410 32.15 11.83 -25.13
C LYS C 410 32.74 11.11 -26.42
N ASN C 411 33.84 10.30 -26.24
CA ASN C 411 34.51 9.55 -27.32
C ASN C 411 35.05 8.16 -26.96
N GLU C 412 34.97 7.17 -27.91
CA GLU C 412 35.44 5.75 -27.76
C GLU C 412 35.68 4.97 -29.14
N LEU C 413 36.87 4.27 -29.32
CA LEU C 413 37.29 3.60 -30.58
C LEU C 413 38.47 2.57 -30.39
N THR C 414 38.89 1.84 -31.47
CA THR C 414 40.02 0.87 -31.49
C THR C 414 40.74 0.83 -32.86
N VAL C 415 42.07 1.07 -32.86
CA VAL C 415 42.90 1.08 -34.06
C VAL C 415 44.30 0.44 -33.76
N LEU C 416 45.00 -0.11 -34.80
CA LEU C 416 46.35 -0.69 -34.68
C LEU C 416 47.30 -0.28 -35.82
N ASN C 417 48.64 -0.28 -35.60
CA ASN C 417 49.61 0.18 -36.62
C ASN C 417 49.84 -0.79 -37.79
N VAL C 418 49.71 -0.24 -39.02
CA VAL C 418 49.91 -0.95 -40.29
C VAL C 418 51.39 -1.32 -40.49
N ASN C 419 52.32 -0.35 -40.35
CA ASN C 419 53.75 -0.59 -40.47
C ASN C 419 54.22 -1.79 -39.59
N LYS C 420 53.95 -1.70 -38.27
CA LYS C 420 54.27 -2.70 -37.25
C LYS C 420 53.78 -4.11 -37.58
N ILE C 421 52.47 -4.28 -37.77
CA ILE C 421 51.84 -5.58 -38.01
C ILE C 421 52.38 -6.29 -39.25
N TYR C 422 52.74 -5.54 -40.30
CA TYR C 422 53.27 -6.16 -41.52
C TYR C 422 54.78 -6.48 -41.46
N ILE C 423 55.46 -6.14 -40.35
CA ILE C 423 56.89 -6.39 -40.18
C ILE C 423 57.13 -7.72 -39.42
N GLU C 424 56.50 -7.88 -38.25
CA GLU C 424 56.63 -9.04 -37.38
C GLU C 424 56.04 -10.30 -38.01
N ASN C 425 54.88 -10.13 -38.63
CA ASN C 425 54.13 -11.23 -39.22
C ASN C 425 54.42 -11.29 -40.70
N HIS C 426 55.70 -11.25 -41.05
CA HIS C 426 56.13 -11.30 -42.44
C HIS C 426 55.67 -12.59 -43.12
N ASP C 427 56.00 -13.78 -42.56
CA ASP C 427 55.59 -15.03 -43.20
C ASP C 427 54.08 -15.23 -43.25
N LEU C 428 53.31 -14.32 -42.65
CA LEU C 428 51.87 -14.36 -42.70
C LEU C 428 51.40 -13.36 -43.77
N MET C 429 51.76 -12.08 -43.66
CA MET C 429 51.31 -11.01 -44.56
C MET C 429 51.84 -11.06 -46.02
N SER C 430 53.00 -11.70 -46.26
CA SER C 430 53.50 -11.85 -47.64
C SER C 430 53.11 -13.22 -48.25
N LYS C 431 52.49 -14.12 -47.45
CA LYS C 431 51.98 -15.43 -47.88
C LYS C 431 50.44 -15.50 -47.82
N VAL C 432 49.73 -14.42 -47.42
CA VAL C 432 48.26 -14.41 -47.41
C VAL C 432 47.76 -14.04 -48.79
N PRO C 433 46.54 -14.44 -49.12
CA PRO C 433 45.99 -14.06 -50.43
C PRO C 433 45.83 -12.55 -50.51
N VAL C 434 46.67 -11.93 -51.33
CA VAL C 434 46.65 -10.49 -51.46
C VAL C 434 46.16 -10.03 -52.84
N ILE C 435 45.00 -9.37 -52.90
CA ILE C 435 44.50 -8.81 -54.15
C ILE C 435 44.86 -7.34 -54.10
N GLU C 436 45.95 -6.98 -54.77
CA GLU C 436 46.41 -5.60 -54.77
C GLU C 436 45.47 -4.68 -55.54
N ALA C 437 45.44 -3.40 -55.14
CA ALA C 437 44.65 -2.36 -55.80
C ALA C 437 45.28 -2.11 -57.16
N SER C 438 44.49 -2.08 -58.25
CA SER C 438 45.05 -1.82 -59.57
C SER C 438 45.77 -0.49 -59.62
N LYS C 439 47.00 -0.51 -60.10
CA LYS C 439 47.88 0.65 -60.18
C LYS C 439 47.26 1.87 -60.86
N GLU C 440 46.18 1.66 -61.65
CA GLU C 440 45.48 2.74 -62.34
C GLU C 440 44.63 3.62 -61.39
N SER C 441 44.38 3.18 -60.15
CA SER C 441 43.58 3.95 -59.18
C SER C 441 44.37 5.15 -58.63
N THR C 442 43.66 6.22 -58.27
CA THR C 442 44.27 7.45 -57.78
C THR C 442 44.73 7.38 -56.32
N ARG C 443 45.66 8.28 -55.94
CA ARG C 443 46.21 8.38 -54.58
C ARG C 443 45.10 8.59 -53.54
N ASP C 444 44.11 9.41 -53.90
CA ASP C 444 42.96 9.76 -53.06
C ASP C 444 41.97 8.61 -52.83
N ASP C 445 42.12 7.49 -53.56
CA ASP C 445 41.26 6.32 -53.43
C ASP C 445 41.88 5.23 -52.56
N TRP C 446 43.23 5.17 -52.49
CA TRP C 446 44.00 4.14 -51.79
C TRP C 446 43.58 3.86 -50.33
N ALA C 447 43.50 2.55 -50.01
CA ALA C 447 43.12 2.00 -48.70
C ALA C 447 43.63 0.55 -48.58
N ALA C 448 44.16 0.18 -47.39
CA ALA C 448 44.71 -1.16 -47.12
C ALA C 448 43.83 -2.02 -46.24
N LEU C 449 42.79 -2.56 -46.84
CA LEU C 449 41.85 -3.42 -46.15
C LEU C 449 42.50 -4.75 -45.87
N THR C 450 42.37 -5.19 -44.63
CA THR C 450 42.91 -6.45 -44.15
C THR C 450 41.75 -7.19 -43.45
N VAL C 451 41.38 -8.39 -43.93
CA VAL C 451 40.25 -9.15 -43.36
C VAL C 451 40.70 -10.40 -42.62
N VAL C 452 40.27 -10.56 -41.37
CA VAL C 452 40.60 -11.73 -40.57
C VAL C 452 39.35 -12.59 -40.52
N ALA C 453 39.42 -13.88 -40.90
CA ALA C 453 38.22 -14.73 -40.89
C ALA C 453 38.46 -16.23 -40.75
N ASP C 454 37.54 -16.92 -40.06
CA ASP C 454 37.59 -18.38 -39.89
C ASP C 454 36.97 -18.99 -41.13
N LEU C 455 37.80 -19.48 -42.07
CA LEU C 455 37.29 -20.08 -43.30
C LEU C 455 36.69 -21.48 -43.13
N ASP C 456 36.55 -21.97 -41.88
CA ASP C 456 35.95 -23.28 -41.60
C ASP C 456 34.41 -23.12 -41.38
N ASP C 457 33.97 -21.99 -40.77
CA ASP C 457 32.55 -21.72 -40.51
C ASP C 457 31.95 -20.87 -41.65
N ILE C 458 30.64 -21.02 -41.87
CA ILE C 458 29.91 -20.30 -42.90
C ILE C 458 29.97 -18.79 -42.70
N GLU C 459 29.81 -18.30 -41.46
CA GLU C 459 29.87 -16.87 -41.17
C GLU C 459 31.23 -16.28 -41.51
N GLY C 460 32.29 -17.05 -41.29
CA GLY C 460 33.65 -16.64 -41.60
C GLY C 460 33.92 -16.55 -43.09
N GLN C 461 33.52 -17.59 -43.85
CA GLN C 461 33.71 -17.57 -45.30
C GLN C 461 32.74 -16.63 -46.01
N GLU C 462 31.59 -16.30 -45.37
CA GLU C 462 30.59 -15.39 -45.91
C GLU C 462 31.14 -13.95 -45.92
N LEU C 463 31.86 -13.56 -44.86
CA LEU C 463 32.44 -12.22 -44.79
C LEU C 463 33.54 -12.03 -45.82
N VAL C 464 34.31 -13.07 -46.08
CA VAL C 464 35.37 -13.04 -47.08
C VAL C 464 34.75 -12.83 -48.46
N TYR C 465 33.63 -13.51 -48.75
CA TYR C 465 32.92 -13.38 -50.02
C TYR C 465 32.41 -11.97 -50.17
N TYR C 466 31.84 -11.39 -49.10
CA TYR C 466 31.34 -10.03 -49.14
C TYR C 466 32.51 -9.03 -49.34
N ALA C 467 33.69 -9.33 -48.79
CA ALA C 467 34.87 -8.49 -48.98
C ALA C 467 35.35 -8.55 -50.43
N LEU C 468 35.30 -9.75 -51.04
CA LEU C 468 35.69 -10.00 -52.42
C LEU C 468 34.81 -9.19 -53.38
N ARG C 469 33.49 -9.24 -53.19
CA ARG C 469 32.58 -8.47 -54.03
C ARG C 469 32.77 -6.96 -53.86
N PHE C 470 33.15 -6.53 -52.66
CA PHE C 470 33.42 -5.13 -52.40
C PHE C 470 34.69 -4.69 -53.13
N ARG C 471 35.69 -5.55 -53.19
CA ARG C 471 36.93 -5.24 -53.88
C ARG C 471 36.68 -5.08 -55.38
N LYS C 472 35.76 -5.86 -55.97
CA LYS C 472 35.42 -5.78 -57.40
C LYS C 472 35.02 -4.35 -57.80
N SER C 473 34.22 -3.69 -56.92
CA SER C 473 33.67 -2.34 -57.11
C SER C 473 34.65 -1.19 -56.76
N ASN C 474 35.47 -1.35 -55.70
CA ASN C 474 36.42 -0.32 -55.30
C ASN C 474 37.86 -0.65 -55.74
N ASP C 475 38.29 0.01 -56.82
CA ASP C 475 39.58 -0.14 -57.49
C ASP C 475 40.78 0.14 -56.63
N GLY C 476 40.72 1.20 -55.84
CA GLY C 476 41.84 1.61 -55.00
C GLY C 476 41.96 0.92 -53.68
N VAL C 477 41.55 -0.35 -53.59
CA VAL C 477 41.64 -1.09 -52.33
C VAL C 477 42.56 -2.30 -52.42
N ARG C 478 43.51 -2.40 -51.49
CA ARG C 478 44.41 -3.53 -51.41
C ARG C 478 43.80 -4.49 -50.40
N LEU C 479 43.25 -5.62 -50.85
CA LEU C 479 42.59 -6.56 -49.97
C LEU C 479 43.46 -7.74 -49.57
N ASP C 480 43.64 -7.92 -48.25
CA ASP C 480 44.39 -9.03 -47.66
C ASP C 480 43.42 -9.95 -46.91
N ILE C 481 43.68 -11.28 -46.92
CA ILE C 481 42.82 -12.20 -46.19
C ILE C 481 43.63 -13.14 -45.33
N VAL C 482 43.43 -13.05 -44.02
CA VAL C 482 44.14 -13.87 -43.06
C VAL C 482 43.17 -14.89 -42.48
N HIS C 483 43.48 -16.18 -42.63
CA HIS C 483 42.64 -17.26 -42.11
C HIS C 483 42.91 -17.45 -40.61
N ASN C 484 41.87 -17.36 -39.79
CA ASN C 484 41.97 -17.52 -38.35
C ASN C 484 41.00 -18.62 -37.90
N PRO C 485 41.41 -19.89 -37.93
CA PRO C 485 40.50 -20.97 -37.55
C PRO C 485 40.43 -21.25 -36.07
N LYS C 486 39.37 -21.93 -35.63
CA LYS C 486 39.23 -22.30 -34.23
C LYS C 486 39.47 -23.82 -33.97
N ASP C 487 39.84 -24.60 -35.00
CA ASP C 487 40.16 -26.02 -34.80
C ASP C 487 41.62 -26.28 -35.13
N THR C 488 42.36 -26.85 -34.16
CA THR C 488 43.80 -27.13 -34.31
C THR C 488 44.11 -28.31 -35.26
N SER C 489 43.10 -29.08 -35.65
CA SER C 489 43.29 -30.19 -36.58
C SER C 489 43.51 -29.63 -37.99
N ARG C 490 42.71 -28.63 -38.41
CA ARG C 490 42.88 -28.00 -39.71
C ARG C 490 43.95 -26.93 -39.56
N SER C 491 45.17 -27.17 -40.07
CA SER C 491 46.24 -26.16 -39.99
C SER C 491 45.85 -24.96 -40.84
N PRO C 492 46.04 -23.76 -40.32
CA PRO C 492 45.62 -22.57 -41.06
C PRO C 492 46.39 -22.34 -42.35
N SER C 493 47.65 -22.79 -42.40
CA SER C 493 48.49 -22.61 -43.56
C SER C 493 47.98 -23.34 -44.78
N VAL C 494 47.34 -24.50 -44.59
CA VAL C 494 46.84 -25.26 -45.74
C VAL C 494 45.63 -24.57 -46.40
N LEU C 495 44.62 -24.16 -45.61
CA LEU C 495 43.44 -23.48 -46.16
C LEU C 495 43.81 -22.16 -46.86
N ALA C 496 44.83 -21.46 -46.32
CA ALA C 496 45.31 -20.22 -46.89
C ALA C 496 46.03 -20.48 -48.19
N GLN C 497 46.86 -21.53 -48.25
CA GLN C 497 47.57 -21.87 -49.48
C GLN C 497 46.62 -22.49 -50.53
N ARG C 498 45.44 -22.99 -50.12
CA ARG C 498 44.41 -23.51 -51.03
C ARG C 498 43.90 -22.36 -51.88
N LEU C 499 43.65 -21.20 -51.25
CA LEU C 499 43.16 -20.04 -51.95
C LEU C 499 44.28 -19.11 -52.45
N LYS C 500 45.52 -19.25 -51.92
CA LYS C 500 46.66 -18.47 -52.43
C LYS C 500 47.06 -18.95 -53.85
N SER C 501 46.71 -20.21 -54.20
CA SER C 501 46.89 -20.76 -55.55
C SER C 501 45.86 -20.07 -56.47
N ARG C 502 44.63 -19.84 -55.97
CA ARG C 502 43.53 -19.17 -56.66
C ARG C 502 43.54 -17.65 -56.37
N GLU C 503 44.68 -17.07 -55.93
CA GLU C 503 44.84 -15.64 -55.63
C GLU C 503 44.67 -14.82 -56.90
N ASP C 504 45.28 -15.29 -58.00
CA ASP C 504 45.19 -14.64 -59.29
C ASP C 504 43.73 -14.64 -59.77
N LYS C 505 43.07 -15.79 -59.63
CA LYS C 505 41.68 -15.99 -60.01
C LYS C 505 40.66 -15.57 -58.93
N LEU C 506 41.12 -14.86 -57.88
CA LEU C 506 40.23 -14.35 -56.84
C LEU C 506 39.27 -13.32 -57.42
N LEU C 507 38.19 -13.03 -56.70
CA LEU C 507 37.07 -12.14 -57.03
C LEU C 507 36.27 -12.59 -58.28
N ASP C 508 36.76 -13.58 -59.05
CA ASP C 508 36.03 -14.11 -60.21
C ASP C 508 34.92 -15.09 -59.78
N PHE C 509 34.38 -14.90 -58.57
CA PHE C 509 33.37 -15.75 -58.00
C PHE C 509 32.00 -15.13 -58.19
N THR C 510 31.15 -15.81 -58.96
CA THR C 510 29.80 -15.36 -59.21
C THR C 510 28.90 -15.83 -58.06
N ARG C 511 28.89 -17.15 -57.77
CA ARG C 511 28.11 -17.69 -56.67
C ARG C 511 29.00 -17.98 -55.47
N PHE C 512 28.41 -18.03 -54.27
CA PHE C 512 29.17 -18.26 -53.06
C PHE C 512 29.88 -19.61 -53.09
N LEU C 513 29.20 -20.64 -53.59
CA LEU C 513 29.75 -22.00 -53.68
C LEU C 513 31.13 -22.06 -54.33
N ASP C 514 31.41 -21.12 -55.23
CA ASP C 514 32.71 -21.07 -55.89
C ASP C 514 33.88 -20.92 -54.91
N LEU C 515 33.69 -20.18 -53.80
CA LEU C 515 34.75 -20.03 -52.80
C LEU C 515 34.85 -21.26 -51.92
N GLU C 516 33.70 -21.83 -51.54
CA GLU C 516 33.68 -23.01 -50.68
C GLU C 516 34.27 -24.23 -51.38
N THR C 517 34.02 -24.39 -52.68
CA THR C 517 34.59 -25.50 -53.44
C THR C 517 36.08 -25.30 -53.67
N ALA C 518 36.53 -24.05 -53.86
CA ALA C 518 37.95 -23.72 -54.06
C ALA C 518 38.79 -23.95 -52.79
N LEU C 519 38.16 -23.96 -51.61
CA LEU C 519 38.84 -24.22 -50.34
C LEU C 519 39.19 -25.73 -50.20
N GLU C 520 38.42 -26.64 -50.84
CA GLU C 520 38.68 -28.09 -50.79
C GLU C 520 39.55 -28.62 -51.92
N THR C 521 39.84 -27.80 -52.94
CA THR C 521 40.65 -28.21 -54.09
C THR C 521 42.15 -27.99 -53.86
N GLY C 522 42.91 -29.04 -54.07
CA GLY C 522 44.36 -29.03 -53.88
C GLY C 522 44.75 -29.65 -52.55
N GLU C 523 46.03 -30.04 -52.42
CA GLU C 523 46.52 -30.61 -51.17
C GLU C 523 47.83 -29.98 -50.82
N PHE C 524 47.91 -29.43 -49.61
CA PHE C 524 49.10 -28.75 -49.16
C PHE C 524 49.64 -29.29 -47.85
N GLU C 525 50.90 -28.97 -47.58
CA GLU C 525 51.60 -29.33 -46.38
C GLU C 525 51.46 -28.18 -45.37
N PRO C 526 51.32 -28.49 -44.08
CA PRO C 526 51.18 -27.41 -43.09
C PRO C 526 52.49 -26.62 -42.90
N ASP C 527 52.59 -25.43 -43.54
CA ASP C 527 53.78 -24.57 -43.42
C ASP C 527 53.86 -24.07 -41.99
N VAL C 528 54.76 -24.64 -41.21
CA VAL C 528 54.95 -24.33 -39.80
C VAL C 528 55.33 -22.87 -39.60
N ALA C 529 56.15 -22.32 -40.51
CA ALA C 529 56.57 -20.94 -40.46
C ALA C 529 55.37 -19.98 -40.52
N TYR C 530 54.37 -20.33 -41.35
CA TYR C 530 53.14 -19.56 -41.53
C TYR C 530 52.31 -19.55 -40.23
N ASP C 531 52.09 -20.74 -39.63
CA ASP C 531 51.32 -20.89 -38.40
C ASP C 531 51.92 -20.05 -37.26
N ALA C 532 53.26 -20.02 -37.15
CA ALA C 532 53.95 -19.26 -36.11
C ALA C 532 53.71 -17.77 -36.22
N SER C 533 53.86 -17.19 -37.42
CA SER C 533 53.61 -15.76 -37.63
C SER C 533 52.13 -15.41 -37.47
N LEU C 534 51.22 -16.36 -37.71
CA LEU C 534 49.80 -16.12 -37.54
C LEU C 534 49.47 -15.95 -36.06
N ALA C 535 49.98 -16.86 -35.22
CA ALA C 535 49.75 -16.80 -33.79
C ALA C 535 50.26 -15.49 -33.19
N ASN C 536 51.38 -15.00 -33.70
CA ASN C 536 51.97 -13.75 -33.25
C ASN C 536 51.06 -12.57 -33.61
N PHE C 537 50.48 -12.60 -34.81
CA PHE C 537 49.60 -11.53 -35.27
C PHE C 537 48.38 -11.41 -34.39
N LEU C 538 47.71 -12.53 -34.16
CA LEU C 538 46.49 -12.53 -33.36
C LEU C 538 46.76 -12.05 -31.95
N ALA C 539 47.94 -12.36 -31.41
CA ALA C 539 48.31 -11.92 -30.08
C ALA C 539 48.64 -10.42 -30.09
N SER C 540 49.38 -9.94 -31.11
CA SER C 540 49.74 -8.52 -31.23
C SER C 540 48.50 -7.65 -31.40
N SER C 541 47.54 -8.15 -32.18
CA SER C 541 46.30 -7.45 -32.51
C SER C 541 45.11 -7.76 -31.59
N ASN C 542 45.30 -8.66 -30.62
CA ASN C 542 44.28 -9.09 -29.66
C ASN C 542 43.02 -9.62 -30.35
N MET C 543 43.21 -10.65 -31.17
CA MET C 543 42.12 -11.24 -31.90
C MET C 543 42.00 -12.70 -31.51
N LYS C 544 40.79 -13.10 -31.16
CA LYS C 544 40.53 -14.47 -30.76
C LYS C 544 40.49 -15.39 -31.97
N ALA C 545 40.74 -16.68 -31.75
CA ALA C 545 40.70 -17.65 -32.82
C ALA C 545 39.26 -17.88 -33.26
N GLY C 546 39.06 -18.09 -34.56
CA GLY C 546 37.75 -18.31 -35.13
C GLY C 546 36.86 -17.08 -35.20
N ASP C 547 37.42 -15.89 -34.96
CA ASP C 547 36.63 -14.67 -34.97
C ASP C 547 36.84 -13.82 -36.20
N ASN C 548 35.74 -13.25 -36.68
CA ASN C 548 35.66 -12.46 -37.91
C ASN C 548 36.02 -10.99 -37.64
N PHE C 549 37.00 -10.44 -38.37
CA PHE C 549 37.41 -9.05 -38.20
C PHE C 549 37.61 -8.34 -39.53
N VAL C 550 37.36 -7.02 -39.54
CA VAL C 550 37.51 -6.14 -40.70
C VAL C 550 38.37 -4.92 -40.31
N ILE C 551 39.57 -4.80 -40.91
CA ILE C 551 40.52 -3.72 -40.57
C ILE C 551 40.98 -2.89 -41.79
N LEU C 552 40.41 -1.69 -41.98
CA LEU C 552 40.85 -0.84 -43.08
C LEU C 552 41.74 0.27 -42.55
N ASN C 553 42.93 0.44 -43.16
CA ASN C 553 43.90 1.46 -42.77
C ASN C 553 44.26 1.39 -41.29
N GLY C 554 44.26 0.18 -40.73
CA GLY C 554 44.61 -0.02 -39.33
C GLY C 554 43.44 -0.02 -38.36
N ARG C 555 42.31 0.61 -38.75
CA ARG C 555 41.16 0.65 -37.86
C ARG C 555 40.54 -0.69 -37.66
N VAL C 556 40.85 -1.28 -36.52
CA VAL C 556 40.36 -2.58 -36.11
C VAL C 556 38.86 -2.52 -35.89
N LEU C 557 38.11 -3.38 -36.58
CA LEU C 557 36.68 -3.44 -36.39
C LEU C 557 36.20 -4.86 -36.28
N GLY C 558 35.59 -5.17 -35.14
CA GLY C 558 35.09 -6.50 -34.89
C GLY C 558 35.17 -6.90 -33.42
N PRO C 559 34.86 -8.17 -33.09
CA PRO C 559 34.48 -9.30 -33.97
C PRO C 559 33.06 -9.24 -34.61
N ILE C 560 32.83 -10.04 -35.69
CA ILE C 560 31.55 -10.12 -36.43
C ILE C 560 30.70 -11.31 -35.90
N THR C 561 29.53 -11.01 -35.27
CA THR C 561 28.61 -11.99 -34.64
C THR C 561 28.07 -13.02 -35.65
N SER C 562 27.55 -12.51 -36.75
CA SER C 562 26.99 -13.25 -37.86
C SER C 562 27.26 -12.38 -39.09
N ALA C 563 27.58 -12.99 -40.24
CA ALA C 563 27.92 -12.28 -41.48
C ALA C 563 26.77 -11.43 -42.10
N ASP C 564 25.56 -11.42 -41.47
CA ASP C 564 24.39 -10.61 -41.86
C ASP C 564 24.59 -9.11 -41.47
N ASP C 565 25.38 -8.88 -40.39
CA ASP C 565 25.73 -7.56 -39.88
C ASP C 565 26.67 -6.86 -40.88
N PHE C 566 27.63 -7.60 -41.47
CA PHE C 566 28.58 -7.02 -42.43
C PHE C 566 28.49 -7.61 -43.85
N LYS C 567 27.84 -6.88 -44.75
CA LYS C 567 27.69 -7.25 -46.15
C LYS C 567 28.53 -6.31 -47.05
N LYS C 568 28.52 -6.54 -48.38
CA LYS C 568 29.24 -5.77 -49.40
C LYS C 568 29.01 -4.25 -49.25
N GLU C 569 27.75 -3.85 -49.05
CA GLU C 569 27.35 -2.46 -48.92
C GLU C 569 27.84 -1.82 -47.61
N ASP C 570 27.99 -2.62 -46.55
CA ASP C 570 28.50 -2.14 -45.27
C ASP C 570 30.01 -1.85 -45.32
N PHE C 571 30.75 -2.54 -46.21
CA PHE C 571 32.17 -2.33 -46.41
C PHE C 571 32.41 -0.98 -47.07
N GLU C 572 31.57 -0.64 -48.08
CA GLU C 572 31.65 0.62 -48.82
C GLU C 572 31.55 1.80 -47.88
N VAL C 573 30.64 1.72 -46.91
CA VAL C 573 30.44 2.76 -45.95
C VAL C 573 31.62 2.87 -45.01
N PHE C 574 32.16 1.73 -44.54
CA PHE C 574 33.33 1.74 -43.66
C PHE C 574 34.52 2.43 -44.33
N LEU C 575 34.68 2.26 -45.64
CA LEU C 575 35.74 2.94 -46.38
C LEU C 575 35.43 4.43 -46.42
N GLN C 576 34.21 4.78 -46.74
CA GLN C 576 33.78 6.16 -46.86
C GLN C 576 34.02 6.97 -45.58
N ALA C 577 33.61 6.44 -44.44
CA ALA C 577 33.75 7.16 -43.17
C ALA C 577 35.21 7.26 -42.72
N GLU C 578 35.97 6.16 -42.85
CA GLU C 578 37.39 6.14 -42.49
C GLU C 578 38.16 7.13 -43.38
N ARG C 579 37.78 7.21 -44.68
CA ARG C 579 38.37 8.10 -45.68
C ARG C 579 38.21 9.58 -45.27
N ARG C 580 37.00 9.96 -44.86
CA ARG C 580 36.65 11.32 -44.45
C ARG C 580 37.44 11.80 -43.24
N THR C 581 37.74 10.89 -42.33
CA THR C 581 38.38 11.22 -41.08
C THR C 581 39.92 11.05 -41.05
N ARG C 582 40.49 9.86 -41.37
CA ARG C 582 41.94 9.66 -41.24
C ARG C 582 42.70 9.42 -42.54
N ILE C 583 42.03 9.51 -43.71
CA ILE C 583 42.72 9.36 -44.99
C ILE C 583 42.91 10.73 -45.63
N LEU C 584 41.81 11.45 -45.86
CA LEU C 584 41.88 12.75 -46.52
C LEU C 584 42.63 13.84 -45.75
N PRO C 585 42.37 14.08 -44.44
CA PRO C 585 43.14 15.11 -43.73
C PRO C 585 44.65 14.90 -43.81
N VAL C 586 45.10 13.64 -43.88
CA VAL C 586 46.51 13.33 -43.99
C VAL C 586 47.01 13.62 -45.40
N TYR C 587 46.23 13.32 -46.44
CA TYR C 587 46.67 13.61 -47.81
C TYR C 587 46.76 15.11 -48.02
N LYS C 588 45.77 15.86 -47.49
CA LYS C 588 45.75 17.32 -47.59
C LYS C 588 46.86 17.96 -46.74
N ALA C 589 47.23 17.33 -45.61
CA ALA C 589 48.33 17.83 -44.78
C ALA C 589 49.67 17.52 -45.47
N LEU C 590 49.78 16.31 -46.04
CA LEU C 590 50.92 15.77 -46.78
C LEU C 590 51.25 16.64 -47.96
N GLU C 591 50.22 17.02 -48.71
CA GLU C 591 50.42 17.85 -49.88
C GLU C 591 50.75 19.29 -49.49
N ASP C 592 50.20 19.80 -48.37
CA ASP C 592 50.50 21.14 -47.89
C ASP C 592 51.94 21.25 -47.37
N LEU C 593 52.43 20.19 -46.73
CA LEU C 593 53.79 20.15 -46.24
C LEU C 593 54.82 19.64 -47.25
N GLY C 594 54.40 19.39 -48.48
CA GLY C 594 55.24 18.90 -49.56
C GLY C 594 55.78 17.51 -49.34
N LEU C 595 55.04 16.70 -48.61
CA LEU C 595 55.45 15.34 -48.31
C LEU C 595 54.57 14.29 -48.98
N ASP C 596 53.78 14.68 -50.00
CA ASP C 596 52.93 13.74 -50.75
C ASP C 596 53.73 12.69 -51.57
N ASP C 597 55.07 12.71 -51.46
CA ASP C 597 56.00 11.78 -52.12
C ASP C 597 56.21 10.50 -51.30
N LYS C 598 56.02 10.60 -49.97
CA LYS C 598 56.18 9.48 -49.06
C LYS C 598 55.03 8.47 -49.23
N VAL C 599 53.83 8.92 -49.71
CA VAL C 599 52.67 8.04 -49.92
C VAL C 599 52.56 7.53 -51.37
N SER C 600 53.15 6.36 -51.63
CA SER C 600 53.14 5.77 -52.97
C SER C 600 52.77 4.25 -52.94
N GLY C 601 51.48 3.99 -52.73
CA GLY C 601 50.95 2.63 -52.65
C GLY C 601 49.84 2.58 -51.63
N PRO C 602 48.87 1.66 -51.80
CA PRO C 602 47.75 1.60 -50.85
C PRO C 602 48.24 1.34 -49.43
N LEU C 603 49.22 0.45 -49.30
CA LEU C 603 49.79 0.08 -48.02
C LEU C 603 50.69 1.16 -47.45
N SER C 604 51.54 1.77 -48.29
CA SER C 604 52.44 2.82 -47.83
C SER C 604 51.68 4.02 -47.25
N ALA C 605 50.48 4.29 -47.77
CA ALA C 605 49.65 5.36 -47.26
C ALA C 605 49.10 4.98 -45.88
N ALA C 606 48.55 3.77 -45.74
CA ALA C 606 47.95 3.27 -44.48
C ALA C 606 48.89 3.21 -43.31
N LYS C 607 50.20 2.94 -43.55
CA LYS C 607 51.18 2.96 -42.46
C LYS C 607 51.23 4.38 -41.87
N LEU C 608 51.07 5.42 -42.72
CA LEU C 608 50.99 6.81 -42.33
C LEU C 608 49.63 7.10 -41.62
N THR C 609 48.49 6.84 -42.30
CA THR C 609 47.15 7.12 -41.75
C THR C 609 46.94 6.55 -40.37
N SER C 610 47.19 5.25 -40.20
CA SER C 610 47.02 4.57 -38.92
C SER C 610 47.85 5.23 -37.83
N VAL C 611 49.07 5.64 -38.17
CA VAL C 611 49.95 6.30 -37.21
C VAL C 611 49.33 7.57 -36.67
N THR C 612 48.67 8.34 -37.52
CA THR C 612 48.09 9.62 -37.15
C THR C 612 47.07 9.59 -36.02
N ALA C 613 45.95 8.87 -36.09
CA ALA C 613 44.99 8.91 -34.97
C ALA C 613 45.38 7.99 -33.78
N LEU C 614 46.58 7.40 -33.82
CA LEU C 614 47.07 6.62 -32.69
C LEU C 614 47.97 7.40 -31.75
N SER C 615 48.27 8.64 -32.10
CA SER C 615 48.99 9.62 -31.33
C SER C 615 48.02 10.34 -30.39
N THR C 616 46.77 10.61 -30.88
CA THR C 616 45.69 11.28 -30.13
C THR C 616 45.00 10.37 -29.10
N ILE C 617 45.49 9.12 -28.95
CA ILE C 617 45.05 8.17 -27.94
C ILE C 617 45.67 8.78 -26.65
N SER C 618 44.84 9.46 -25.83
CA SER C 618 45.21 10.20 -24.59
C SER C 618 46.29 9.54 -23.70
N ASP C 619 47.32 10.35 -23.30
CA ASP C 619 48.46 9.93 -22.47
C ASP C 619 48.06 9.67 -20.97
N LEU C 620 47.22 10.55 -20.37
CA LEU C 620 46.68 10.39 -19.00
C LEU C 620 45.12 10.29 -19.10
N PRO C 621 44.51 9.19 -18.55
CA PRO C 621 43.06 8.91 -18.70
C PRO C 621 42.02 10.05 -18.91
N GLN C 622 41.00 9.77 -19.78
CA GLN C 622 39.91 10.69 -20.13
C GLN C 622 38.92 10.92 -19.00
N GLY C 623 38.61 12.19 -18.80
CA GLY C 623 37.71 12.63 -17.74
C GLY C 623 38.42 12.89 -16.43
N ILE C 624 39.59 12.28 -16.22
CA ILE C 624 40.34 12.42 -14.99
C ILE C 624 41.34 13.59 -15.03
N PHE C 625 42.34 13.54 -15.92
CA PHE C 625 43.34 14.61 -16.02
C PHE C 625 43.21 15.46 -17.29
N ASP C 626 42.17 15.22 -18.12
CA ASP C 626 41.85 15.90 -19.37
C ASP C 626 40.39 15.57 -19.78
N ASN C 627 39.40 16.48 -19.53
CA ASN C 627 37.96 16.30 -19.86
C ASN C 627 37.74 16.03 -21.35
N ALA C 628 38.43 16.78 -22.19
CA ALA C 628 38.40 16.55 -23.62
C ALA C 628 39.72 15.77 -23.93
N PRO C 629 39.68 14.67 -24.72
CA PRO C 629 40.91 13.87 -24.98
C PRO C 629 42.16 14.67 -25.42
N THR C 630 43.36 14.19 -25.07
CA THR C 630 44.58 14.91 -25.41
C THR C 630 44.86 14.84 -26.92
N VAL C 631 44.60 15.96 -27.63
CA VAL C 631 44.78 16.10 -29.09
C VAL C 631 45.80 17.21 -29.44
N ARG C 632 46.50 17.10 -30.58
CA ARG C 632 47.54 18.02 -31.07
C ARG C 632 47.08 19.31 -31.80
N THR C 633 47.75 20.47 -31.51
CA THR C 633 47.60 21.80 -32.14
C THR C 633 48.80 22.11 -33.07
N THR C 634 48.65 23.12 -33.93
CA THR C 634 49.70 23.54 -34.85
C THR C 634 49.83 25.06 -34.94
N LEU C 635 49.03 25.83 -34.18
CA LEU C 635 49.01 27.29 -34.29
C LEU C 635 50.23 28.00 -33.70
N PHE C 636 51.13 27.28 -33.02
CA PHE C 636 52.36 27.89 -32.53
C PHE C 636 53.21 28.43 -33.71
N LYS C 637 53.02 27.90 -34.96
CA LYS C 637 53.71 28.21 -36.22
C LYS C 637 53.35 29.58 -36.87
N GLN C 638 52.25 30.22 -36.48
CA GLN C 638 51.89 31.54 -37.04
C GLN C 638 52.80 32.64 -36.49
N TRP C 639 53.20 32.48 -35.22
CA TRP C 639 54.06 33.36 -34.46
C TRP C 639 55.43 33.47 -35.13
N ASN C 640 55.94 34.69 -35.35
CA ASN C 640 57.28 34.86 -35.91
C ASN C 640 58.29 34.68 -34.75
N SER C 641 59.42 34.00 -34.99
CA SER C 641 60.39 33.73 -33.93
C SER C 641 61.63 34.63 -33.95
N THR C 642 61.48 35.85 -34.43
CA THR C 642 62.57 36.82 -34.52
C THR C 642 63.04 37.31 -33.14
N TYR C 643 62.17 37.93 -32.34
CA TYR C 643 62.55 38.47 -31.03
C TYR C 643 62.10 37.65 -29.84
N THR C 644 60.78 37.47 -29.62
CA THR C 644 60.25 36.77 -28.47
C THR C 644 60.65 35.28 -28.40
N SER C 645 61.17 34.70 -29.50
CA SER C 645 61.56 33.29 -29.48
C SER C 645 63.03 33.02 -29.70
N PHE C 646 63.49 31.90 -29.16
CA PHE C 646 64.85 31.40 -29.32
C PHE C 646 64.77 29.87 -29.29
N GLU C 647 65.66 29.20 -30.03
CA GLU C 647 65.64 27.75 -30.04
C GLU C 647 66.95 27.12 -29.55
N VAL C 648 66.82 25.95 -28.94
CA VAL C 648 67.92 25.17 -28.42
C VAL C 648 67.62 23.69 -28.70
N GLY C 649 68.51 23.04 -29.45
CA GLY C 649 68.32 21.65 -29.84
C GLY C 649 68.27 21.51 -31.35
N ASP C 650 68.69 20.35 -31.87
CA ASP C 650 68.70 20.12 -33.31
C ASP C 650 67.32 19.78 -33.86
N ALA C 651 66.80 20.60 -34.81
CA ALA C 651 65.47 20.41 -35.42
C ALA C 651 65.33 19.17 -36.30
N SER C 652 66.44 18.48 -36.61
CA SER C 652 66.42 17.27 -37.42
C SER C 652 66.38 16.00 -36.57
N THR C 653 67.26 15.89 -35.55
CA THR C 653 67.22 14.71 -34.66
C THR C 653 66.17 14.86 -33.53
N ALA C 654 65.20 15.81 -33.68
CA ALA C 654 64.14 16.22 -32.75
C ALA C 654 62.93 15.28 -32.57
N THR C 655 63.10 14.23 -31.75
CA THR C 655 62.03 13.28 -31.41
C THR C 655 60.95 14.04 -30.62
N ILE C 656 61.38 14.86 -29.67
CA ILE C 656 60.55 15.66 -28.81
C ILE C 656 60.48 17.08 -29.35
N PHE C 657 59.37 17.77 -29.04
CA PHE C 657 59.18 19.14 -29.52
C PHE C 657 58.55 20.02 -28.45
N PHE C 658 59.41 20.60 -27.62
CA PHE C 658 58.97 21.49 -26.58
C PHE C 658 58.87 22.88 -27.14
N VAL C 659 57.67 23.45 -27.15
CA VAL C 659 57.46 24.82 -27.62
C VAL C 659 56.87 25.54 -26.36
N ALA C 660 57.77 25.95 -25.42
CA ALA C 660 57.47 26.55 -24.09
C ALA C 660 57.15 28.04 -24.04
N VAL C 661 55.85 28.41 -23.91
CA VAL C 661 55.42 29.82 -23.86
C VAL C 661 55.42 30.28 -22.39
N ILE C 662 56.43 31.08 -21.98
CA ILE C 662 56.56 31.54 -20.60
C ILE C 662 56.80 33.05 -20.48
N ASN C 663 55.91 33.75 -19.78
CA ASN C 663 56.14 35.17 -19.49
C ASN C 663 57.12 35.16 -18.30
N PRO C 664 58.17 35.95 -18.38
CA PRO C 664 59.17 35.95 -17.30
C PRO C 664 58.68 36.49 -15.95
N ALA C 665 57.78 37.48 -15.96
CA ALA C 665 57.25 38.07 -14.73
C ALA C 665 56.13 37.22 -14.13
N SER C 666 56.46 35.97 -13.78
CA SER C 666 55.52 35.01 -13.22
C SER C 666 56.28 34.07 -12.29
N GLU C 667 55.84 33.93 -11.04
CA GLU C 667 56.47 33.01 -10.09
C GLU C 667 56.40 31.57 -10.57
N ILE C 668 55.37 31.22 -11.37
CA ILE C 668 55.26 29.86 -11.88
C ILE C 668 56.22 29.66 -13.06
N GLY C 669 56.40 30.69 -13.88
CA GLY C 669 57.38 30.64 -14.97
C GLY C 669 58.79 30.38 -14.47
N GLN C 670 59.02 30.54 -13.15
CA GLN C 670 60.28 30.29 -12.47
C GLN C 670 60.56 28.79 -12.36
N ARG C 671 59.52 27.99 -12.12
CA ARG C 671 59.62 26.53 -12.07
C ARG C 671 59.86 26.01 -13.49
N TRP C 672 59.08 26.53 -14.44
CA TRP C 672 59.07 26.15 -15.84
C TRP C 672 60.45 26.25 -16.47
N VAL C 673 61.12 27.40 -16.34
CA VAL C 673 62.45 27.55 -16.90
C VAL C 673 63.52 26.72 -16.12
N ALA C 674 63.30 26.47 -14.81
CA ALA C 674 64.23 25.70 -13.99
C ALA C 674 64.14 24.16 -14.17
N VAL C 675 63.32 23.70 -15.10
CA VAL C 675 63.10 22.31 -15.45
C VAL C 675 63.48 22.10 -16.92
N LEU C 676 63.03 23.02 -17.78
CA LEU C 676 63.28 22.99 -19.22
C LEU C 676 64.73 22.81 -19.58
N LYS C 677 65.65 23.37 -18.78
CA LYS C 677 67.07 23.21 -19.06
C LYS C 677 67.47 21.75 -18.92
N VAL C 678 66.97 21.11 -17.86
CA VAL C 678 67.19 19.69 -17.56
C VAL C 678 66.53 18.78 -18.63
N LEU C 679 65.45 19.26 -19.26
CA LEU C 679 64.75 18.52 -20.31
C LEU C 679 65.52 18.59 -21.63
N SER C 680 66.14 19.74 -21.93
CA SER C 680 66.90 19.93 -23.16
C SER C 680 68.17 19.06 -23.24
N GLU C 681 68.71 18.67 -22.08
CA GLU C 681 69.92 17.85 -21.99
C GLU C 681 69.72 16.37 -22.36
N LEU C 682 68.64 16.06 -23.07
CA LEU C 682 68.37 14.73 -23.55
C LEU C 682 68.51 14.76 -25.06
N GLU C 683 69.17 13.74 -25.62
CA GLU C 683 69.38 13.69 -27.07
C GLU C 683 68.11 13.39 -27.84
N GLY C 684 67.82 14.28 -28.77
CA GLY C 684 66.60 14.26 -29.57
C GLY C 684 65.54 15.20 -29.01
N VAL C 685 65.96 16.23 -28.23
CA VAL C 685 65.01 17.16 -27.62
C VAL C 685 65.15 18.56 -28.22
N HIS C 686 64.07 19.05 -28.81
CA HIS C 686 64.01 20.37 -29.42
C HIS C 686 63.26 21.30 -28.48
N LEU C 687 63.77 22.51 -28.27
CA LEU C 687 63.12 23.46 -27.38
C LEU C 687 63.12 24.87 -27.92
N ARG C 688 61.93 25.38 -28.25
CA ARG C 688 61.77 26.76 -28.72
C ARG C 688 61.05 27.49 -27.58
N VAL C 689 61.74 28.44 -26.92
CA VAL C 689 61.14 29.16 -25.80
C VAL C 689 60.64 30.53 -26.25
N PHE C 690 59.33 30.71 -26.16
CA PHE C 690 58.68 31.96 -26.47
C PHE C 690 58.50 32.68 -25.13
N LEU C 691 58.95 33.92 -25.03
CA LEU C 691 58.82 34.67 -23.80
C LEU C 691 57.93 35.89 -24.06
N ASN C 692 56.61 35.67 -24.25
CA ASN C 692 55.70 36.77 -24.52
C ASN C 692 55.35 37.47 -23.19
N PRO C 693 55.76 38.74 -23.07
CA PRO C 693 55.62 39.43 -21.80
C PRO C 693 54.30 40.15 -21.58
N THR C 694 53.98 40.47 -20.32
CA THR C 694 52.74 41.14 -19.97
C THR C 694 52.93 42.63 -19.66
N VAL C 695 51.94 43.44 -20.03
CA VAL C 695 51.99 44.88 -19.74
C VAL C 695 51.34 45.17 -18.39
N MET C 696 50.36 44.35 -17.94
CA MET C 696 49.65 44.60 -16.68
C MET C 696 50.31 43.96 -15.46
N ILE C 697 51.11 44.75 -14.74
CA ILE C 697 51.76 44.32 -13.52
C ILE C 697 51.52 45.41 -12.47
N GLU C 698 50.46 45.25 -11.65
CA GLU C 698 50.03 46.23 -10.64
C GLU C 698 50.83 46.14 -9.34
N GLU C 699 51.09 44.93 -8.88
CA GLU C 699 51.84 44.69 -7.65
C GLU C 699 53.27 44.19 -8.06
N LEU C 700 54.11 43.79 -7.09
CA LEU C 700 55.44 43.25 -7.38
C LEU C 700 55.24 41.92 -8.12
N PRO C 701 55.80 41.80 -9.34
CA PRO C 701 55.54 40.61 -10.17
C PRO C 701 55.88 39.30 -9.48
N VAL C 702 56.95 39.31 -8.69
CA VAL C 702 57.41 38.14 -7.97
C VAL C 702 57.79 38.55 -6.54
N LYS C 703 57.32 37.80 -5.55
CA LYS C 703 57.69 38.03 -4.16
C LYS C 703 58.36 36.76 -3.59
N ARG C 704 59.05 35.97 -4.44
CA ARG C 704 59.71 34.73 -4.03
C ARG C 704 60.84 34.27 -4.99
N PHE C 705 61.89 33.65 -4.46
CA PHE C 705 63.02 33.16 -5.28
C PHE C 705 62.80 31.68 -5.60
N TYR C 706 63.18 31.24 -6.82
CA TYR C 706 62.83 29.89 -7.23
C TYR C 706 63.76 29.15 -8.23
N ARG C 707 64.19 27.92 -7.85
CA ARG C 707 65.00 26.97 -8.64
C ARG C 707 64.52 25.51 -8.42
N TYR C 708 64.70 24.64 -9.43
CA TYR C 708 64.24 23.25 -9.38
C TYR C 708 65.34 22.20 -9.22
N VAL C 709 65.02 21.11 -8.51
CA VAL C 709 65.91 19.99 -8.19
C VAL C 709 65.72 18.88 -9.20
N LEU C 710 66.74 18.65 -10.02
CA LEU C 710 66.65 17.65 -11.07
C LEU C 710 67.99 17.54 -11.82
N SER C 711 68.37 16.33 -12.30
CA SER C 711 69.63 16.14 -13.00
C SER C 711 69.58 15.20 -14.20
N SER C 712 69.89 15.73 -15.41
CA SER C 712 69.90 14.98 -16.68
C SER C 712 71.22 14.25 -16.93
N SER C 713 71.62 13.50 -15.90
CA SER C 713 72.81 12.67 -15.69
C SER C 713 72.79 12.28 -14.21
N PRO C 714 73.16 11.06 -13.85
CA PRO C 714 73.07 10.65 -12.43
C PRO C 714 74.07 11.34 -11.50
N SER C 715 73.60 11.73 -10.30
CA SER C 715 74.43 12.37 -9.28
C SER C 715 75.48 11.39 -8.73
N PHE C 716 76.75 11.79 -8.74
CA PHE C 716 77.81 10.90 -8.29
C PHE C 716 78.86 11.53 -7.42
N ASP C 717 79.06 10.95 -6.25
CA ASP C 717 80.14 11.38 -5.37
C ASP C 717 81.42 10.73 -5.88
N GLU C 718 82.56 11.44 -5.79
CA GLU C 718 83.90 11.03 -6.23
C GLU C 718 84.30 9.65 -5.73
N SER C 719 83.83 9.27 -4.55
CA SER C 719 84.12 7.95 -4.00
C SER C 719 83.28 6.81 -4.61
N GLY C 720 82.51 7.10 -5.65
CA GLY C 720 81.68 6.10 -6.29
C GLY C 720 80.22 6.27 -5.99
N LYS C 721 79.80 6.21 -4.72
CA LYS C 721 78.38 6.31 -4.36
C LYS C 721 77.76 7.66 -4.70
N VAL C 722 76.49 7.61 -5.06
CA VAL C 722 75.63 8.71 -5.49
C VAL C 722 75.56 9.88 -4.50
N LYS C 723 75.19 11.07 -5.03
CA LYS C 723 75.03 12.33 -4.31
C LYS C 723 73.53 12.72 -4.16
N ALA C 724 73.22 13.47 -3.12
CA ALA C 724 71.88 13.96 -2.82
C ALA C 724 71.64 15.24 -3.60
N LEU C 725 70.50 15.37 -4.30
CA LEU C 725 70.26 16.61 -5.00
C LEU C 725 69.68 17.63 -4.06
N SER C 726 70.51 18.60 -3.75
CA SER C 726 70.21 19.68 -2.85
C SER C 726 69.99 20.94 -3.62
N ALA C 727 69.07 21.77 -3.14
CA ALA C 727 68.74 23.04 -3.79
C ALA C 727 69.24 24.25 -3.00
N ARG C 728 70.49 24.63 -3.22
CA ARG C 728 71.13 25.75 -2.57
C ARG C 728 70.86 27.06 -3.29
N PHE C 729 70.38 28.06 -2.54
CA PHE C 729 70.03 29.41 -3.02
C PHE C 729 71.23 30.33 -2.76
N THR C 730 71.91 30.83 -3.80
CA THR C 730 73.09 31.67 -3.60
C THR C 730 72.78 33.16 -3.74
N GLY C 731 73.62 33.98 -3.11
CA GLY C 731 73.50 35.43 -3.11
C GLY C 731 72.20 35.86 -2.48
N VAL C 732 71.93 35.33 -1.29
CA VAL C 732 70.67 35.57 -0.60
C VAL C 732 70.78 36.71 0.42
N PRO C 733 69.84 37.69 0.35
CA PRO C 733 69.85 38.84 1.26
C PRO C 733 69.93 38.55 2.75
N ARG C 734 70.31 39.57 3.52
CA ARG C 734 70.43 39.48 4.96
C ARG C 734 69.30 40.24 5.70
N GLU C 735 68.66 41.22 5.05
CA GLU C 735 67.61 42.03 5.68
C GLU C 735 66.15 41.63 5.38
N THR C 736 65.80 41.31 4.12
CA THR C 736 64.40 41.01 3.81
C THR C 736 63.97 39.71 4.48
N LEU C 737 62.77 39.70 5.06
CA LEU C 737 62.23 38.52 5.76
C LEU C 737 61.92 37.38 4.79
N LEU C 738 61.95 36.13 5.33
CA LEU C 738 61.74 34.90 4.56
C LEU C 738 60.65 33.93 5.09
N VAL C 739 60.33 32.90 4.27
CA VAL C 739 59.40 31.77 4.43
C VAL C 739 59.87 30.67 3.40
N VAL C 740 60.09 29.39 3.85
CA VAL C 740 60.50 28.25 2.99
C VAL C 740 59.30 27.29 2.73
N GLY C 741 59.06 26.96 1.46
CA GLY C 741 57.98 26.08 1.02
C GLY C 741 58.35 25.20 -0.17
N MET C 742 57.47 24.27 -0.59
CA MET C 742 57.74 23.36 -1.71
C MET C 742 56.54 23.18 -2.68
N ASP C 743 56.82 22.85 -3.98
CA ASP C 743 55.79 22.52 -4.99
C ASP C 743 55.81 21.00 -5.15
N VAL C 744 55.72 20.30 -4.02
CA VAL C 744 55.71 18.85 -4.00
C VAL C 744 54.36 18.41 -4.61
N PRO C 745 54.40 17.52 -5.61
CA PRO C 745 53.15 17.11 -6.28
C PRO C 745 52.05 16.65 -5.30
N PRO C 746 50.75 16.90 -5.58
CA PRO C 746 49.68 16.52 -4.63
C PRO C 746 49.51 15.01 -4.32
N ALA C 747 50.42 14.17 -4.81
CA ALA C 747 50.45 12.76 -4.48
C ALA C 747 51.68 12.49 -3.56
N TRP C 748 52.06 13.47 -2.67
CA TRP C 748 53.18 13.45 -1.71
C TRP C 748 52.79 14.17 -0.39
N LEU C 749 53.30 13.67 0.75
CA LEU C 749 53.05 14.29 2.05
C LEU C 749 54.42 14.63 2.62
N VAL C 750 54.69 15.92 2.82
CA VAL C 750 56.01 16.37 3.27
C VAL C 750 55.97 17.24 4.56
N THR C 751 56.73 16.83 5.61
CA THR C 751 56.82 17.55 6.89
C THR C 751 58.26 17.89 7.23
N SER C 752 58.52 19.13 7.74
CA SER C 752 59.85 19.61 8.13
C SER C 752 60.54 18.59 9.07
N LYS C 753 61.76 18.10 8.72
CA LYS C 753 62.41 17.08 9.55
C LYS C 753 63.36 17.69 10.59
N VAL C 754 64.57 18.17 10.21
CA VAL C 754 65.52 18.79 11.14
C VAL C 754 66.03 20.13 10.63
N ALA C 755 65.85 21.14 11.46
CA ALA C 755 66.26 22.47 11.14
C ALA C 755 66.63 23.21 12.40
N VAL C 756 67.56 24.14 12.25
CA VAL C 756 68.05 25.00 13.32
C VAL C 756 67.23 26.30 13.32
N ASP C 757 67.11 26.91 12.15
CA ASP C 757 66.41 28.18 11.95
C ASP C 757 64.91 27.97 11.72
N ASP C 758 64.05 28.93 12.16
CA ASP C 758 62.61 28.80 11.97
C ASP C 758 62.28 28.87 10.47
N LEU C 759 61.56 27.85 9.91
CA LEU C 759 61.23 27.82 8.47
C LEU C 759 60.44 29.06 8.01
N ASP C 760 59.76 29.76 8.94
CA ASP C 760 59.03 30.97 8.59
C ASP C 760 59.81 32.26 9.02
N ASN C 761 60.48 32.23 10.20
CA ASN C 761 61.27 33.36 10.70
C ASN C 761 62.74 33.21 10.31
N LEU C 762 62.99 33.14 9.01
CA LEU C 762 64.33 33.02 8.47
C LEU C 762 64.79 34.40 7.96
N ARG C 763 66.12 34.59 7.93
CA ARG C 763 66.89 35.76 7.47
C ARG C 763 68.41 35.33 7.29
N ILE C 764 69.32 36.27 6.88
CA ILE C 764 70.76 35.95 6.74
C ILE C 764 71.64 37.01 7.56
N LYS C 765 71.00 37.93 8.36
CA LYS C 765 71.72 38.83 9.30
C LYS C 765 71.34 38.51 10.77
N ASP C 766 70.07 38.13 10.96
CA ASP C 766 69.48 37.69 12.22
C ASP C 766 69.50 36.10 12.32
N ILE C 767 70.56 35.48 11.70
CA ILE C 767 71.05 34.07 11.65
C ILE C 767 72.66 34.08 11.69
N LYS C 768 73.26 35.28 11.42
CA LYS C 768 74.65 35.70 11.56
C LYS C 768 74.84 36.09 13.05
N ALA C 769 73.83 36.75 13.67
CA ALA C 769 73.85 37.17 15.07
C ALA C 769 73.49 36.06 16.08
N LYS C 770 73.32 34.81 15.63
CA LYS C 770 73.00 33.68 16.51
C LYS C 770 74.05 32.57 16.34
N ARG C 771 74.34 32.21 15.09
CA ARG C 771 75.30 31.15 14.78
C ARG C 771 76.69 31.70 14.43
N GLY C 772 76.74 32.91 13.91
CA GLY C 772 77.99 33.53 13.47
C GLY C 772 78.22 33.36 11.98
N THR C 773 77.21 32.83 11.25
CA THR C 773 77.33 32.52 9.84
C THR C 773 76.09 32.89 8.99
N GLU C 774 76.25 32.89 7.65
CA GLU C 774 75.23 33.17 6.63
C GLU C 774 74.66 31.91 5.96
N HIS C 775 75.00 30.69 6.47
CA HIS C 775 74.64 29.40 5.87
C HIS C 775 73.45 28.68 6.49
N VAL C 776 72.29 28.76 5.85
CA VAL C 776 71.09 28.11 6.33
C VAL C 776 71.07 26.67 5.82
N GLU C 777 70.82 25.69 6.70
CA GLU C 777 70.76 24.28 6.30
C GLU C 777 69.61 23.54 6.98
N ALA C 778 68.67 22.99 6.19
CA ALA C 778 67.50 22.29 6.71
C ALA C 778 67.19 21.00 5.95
N ILE C 779 66.46 20.08 6.60
CA ILE C 779 66.09 18.80 6.01
C ILE C 779 64.59 18.61 5.99
N TYR C 780 64.05 18.39 4.79
CA TYR C 780 62.63 18.10 4.59
C TYR C 780 62.51 16.59 4.29
N GLU C 781 61.28 16.04 4.34
CA GLU C 781 61.11 14.61 4.14
C GLU C 781 59.74 14.16 3.60
N LEU C 782 59.75 13.19 2.66
CA LEU C 782 58.58 12.55 2.08
C LEU C 782 58.14 11.51 3.10
N GLU C 783 57.30 11.90 4.07
CA GLU C 783 56.88 10.95 5.09
C GLU C 783 55.89 9.98 4.55
N HIS C 784 54.91 10.45 3.79
CA HIS C 784 53.91 9.56 3.23
C HIS C 784 53.74 9.77 1.74
N ILE C 785 53.35 8.69 1.02
CA ILE C 785 53.06 8.72 -0.42
C ILE C 785 51.56 8.38 -0.58
N LEU C 786 50.70 9.43 -0.70
CA LEU C 786 49.22 9.37 -0.77
C LEU C 786 48.63 8.42 -1.81
N ILE C 787 47.53 7.76 -1.44
CA ILE C 787 46.83 6.84 -2.32
C ILE C 787 45.52 7.55 -2.67
N GLU C 788 45.64 8.57 -3.55
CA GLU C 788 44.56 9.43 -4.08
C GLU C 788 43.57 8.65 -4.99
N GLY C 789 42.31 9.06 -5.04
CA GLY C 789 41.31 8.38 -5.87
C GLY C 789 39.93 8.98 -5.96
N HIS C 790 39.10 8.36 -6.78
CA HIS C 790 37.74 8.84 -7.00
C HIS C 790 36.77 7.76 -6.57
N SER C 791 35.64 8.14 -5.98
CA SER C 791 34.65 7.16 -5.54
C SER C 791 33.46 7.12 -6.47
N ARG C 792 32.75 6.00 -6.45
CA ARG C 792 31.54 5.85 -7.23
C ARG C 792 30.62 4.76 -6.67
N GLU C 793 29.35 4.84 -7.04
CA GLU C 793 28.36 3.87 -6.60
C GLU C 793 27.96 3.00 -7.79
N ILE C 794 27.77 1.71 -7.56
CA ILE C 794 27.34 0.80 -8.61
C ILE C 794 25.89 0.42 -8.37
N PRO C 795 25.03 0.53 -9.39
CA PRO C 795 25.34 0.87 -10.78
C PRO C 795 25.20 2.34 -11.13
N GLY C 796 24.24 3.02 -10.51
CA GLY C 796 24.00 4.44 -10.74
C GLY C 796 25.13 5.23 -10.11
N ALA C 797 26.16 5.53 -10.92
CA ALA C 797 27.36 6.24 -10.51
C ALA C 797 27.09 7.57 -9.81
N HIS C 798 27.26 7.56 -8.49
CA HIS C 798 26.99 8.72 -7.65
C HIS C 798 28.19 8.95 -6.69
N ALA C 799 27.97 9.67 -5.59
CA ALA C 799 28.98 9.88 -4.56
C ALA C 799 28.55 9.09 -3.30
N PRO C 800 29.21 7.96 -2.96
CA PRO C 800 28.84 7.25 -1.73
C PRO C 800 29.56 7.94 -0.58
N ARG C 801 29.14 9.18 -0.26
CA ARG C 801 29.78 9.96 0.79
C ARG C 801 29.37 9.41 2.15
N GLY C 802 30.20 9.66 3.14
CA GLY C 802 29.95 9.18 4.49
C GLY C 802 30.35 7.73 4.70
N VAL C 803 30.59 6.96 3.60
CA VAL C 803 31.00 5.56 3.69
C VAL C 803 32.45 5.48 4.17
N GLN C 804 32.63 5.38 5.50
CA GLN C 804 33.91 5.31 6.22
C GLN C 804 34.67 4.04 5.76
N LEU C 805 35.98 4.10 5.46
CA LEU C 805 36.69 2.89 5.06
C LEU C 805 38.12 2.77 5.65
N VAL C 806 38.55 1.52 5.90
CA VAL C 806 39.79 1.12 6.56
C VAL C 806 40.86 0.55 5.61
N LEU C 807 42.09 0.95 5.81
CA LEU C 807 43.23 0.47 5.07
C LEU C 807 43.95 -0.47 6.01
N GLU C 808 44.37 -1.63 5.52
CA GLU C 808 45.06 -2.62 6.35
C GLU C 808 46.22 -3.30 5.62
N THR C 809 47.07 -4.01 6.40
CA THR C 809 48.22 -4.80 5.96
C THR C 809 48.23 -6.12 6.74
N GLU C 810 48.97 -7.13 6.26
CA GLU C 810 49.05 -8.39 7.00
C GLU C 810 49.92 -8.25 8.29
N ASN C 811 50.29 -7.00 8.67
CA ASN C 811 51.04 -6.64 9.86
C ASN C 811 50.05 -6.10 10.93
N ASN C 812 49.14 -5.20 10.54
CA ASN C 812 48.08 -4.68 11.41
C ASN C 812 46.84 -4.26 10.58
N PRO C 813 45.65 -4.76 10.97
CA PRO C 813 44.44 -4.48 10.16
C PRO C 813 43.73 -3.15 10.44
N HIS C 814 44.32 -2.30 11.28
CA HIS C 814 43.75 -0.99 11.54
C HIS C 814 44.84 0.01 11.25
N PHE C 815 45.29 0.01 10.00
CA PHE C 815 46.34 0.90 9.56
C PHE C 815 45.78 2.33 9.50
N ALA C 816 44.68 2.58 8.75
CA ALA C 816 44.06 3.93 8.68
C ALA C 816 42.56 3.91 8.30
N ASP C 817 41.76 4.87 8.80
CA ASP C 817 40.33 4.95 8.47
C ASP C 817 39.81 6.39 8.37
N THR C 818 39.26 6.75 7.20
CA THR C 818 38.76 8.10 6.90
C THR C 818 37.59 8.02 5.89
N ILE C 819 36.66 8.99 5.95
CA ILE C 819 35.46 9.03 5.12
C ILE C 819 35.69 9.57 3.67
N ILE C 820 34.64 9.48 2.82
CA ILE C 820 34.62 9.92 1.44
C ILE C 820 33.99 11.30 1.33
N MET C 821 34.48 12.11 0.40
CA MET C 821 33.96 13.46 0.23
C MET C 821 32.86 13.55 -0.80
N ALA C 822 31.92 14.49 -0.59
CA ALA C 822 30.78 14.75 -1.48
C ALA C 822 31.20 15.30 -2.83
N ASN C 823 32.39 15.94 -2.92
CA ASN C 823 32.86 16.43 -4.21
C ASN C 823 33.62 15.35 -4.94
N LEU C 824 32.85 14.49 -5.65
CA LEU C 824 33.27 13.40 -6.53
C LEU C 824 34.10 12.29 -5.85
N GLY C 825 33.94 12.17 -4.54
CA GLY C 825 34.60 11.14 -3.76
C GLY C 825 36.09 11.25 -3.61
N TYR C 826 36.56 12.20 -2.77
CA TYR C 826 38.00 12.34 -2.53
C TYR C 826 38.34 11.67 -1.18
N PHE C 827 39.47 10.94 -1.20
CA PHE C 827 40.04 10.16 -0.12
C PHE C 827 41.57 10.05 -0.35
N GLN C 828 42.40 10.36 0.64
CA GLN C 828 43.84 10.20 0.48
C GLN C 828 44.39 9.49 1.68
N PHE C 829 45.02 8.35 1.44
CA PHE C 829 45.54 7.53 2.53
C PHE C 829 47.05 7.65 2.62
N LYS C 830 47.54 8.20 3.73
CA LYS C 830 48.94 8.45 4.02
C LYS C 830 49.71 7.12 4.19
N ALA C 831 50.45 6.65 3.17
CA ALA C 831 51.16 5.37 3.26
C ALA C 831 52.39 5.26 2.36
N ASN C 832 53.33 4.39 2.71
CA ASN C 832 54.55 4.16 1.93
C ASN C 832 54.43 2.91 1.00
N PRO C 833 55.43 2.55 0.16
CA PRO C 833 55.29 1.32 -0.67
C PRO C 833 55.16 0.03 0.18
N GLY C 834 54.54 -1.00 -0.39
CA GLY C 834 54.33 -2.27 0.29
C GLY C 834 53.03 -2.94 -0.11
N VAL C 835 52.58 -3.96 0.63
CA VAL C 835 51.33 -4.63 0.27
C VAL C 835 50.21 -4.14 1.17
N TYR C 836 49.02 -3.89 0.60
CA TYR C 836 47.86 -3.35 1.33
C TYR C 836 46.50 -4.01 0.98
N ASN C 837 45.41 -3.58 1.67
CA ASN C 837 44.03 -4.03 1.46
C ASN C 837 43.05 -2.97 1.99
N ILE C 838 41.89 -2.83 1.34
CA ILE C 838 40.90 -1.86 1.78
C ILE C 838 39.59 -2.53 2.14
N ARG C 839 39.20 -2.45 3.41
CA ARG C 839 37.94 -3.02 3.91
C ARG C 839 36.99 -1.93 4.38
N LEU C 840 35.67 -2.21 4.38
CA LEU C 840 34.70 -1.24 4.87
C LEU C 840 34.85 -1.10 6.38
N LYS C 841 34.79 0.15 6.90
CA LYS C 841 34.92 0.38 8.33
C LYS C 841 33.79 -0.26 9.08
N GLU C 842 34.15 -0.86 10.21
CA GLU C 842 33.28 -1.53 11.16
C GLU C 842 32.04 -0.64 11.49
N GLY C 843 30.86 -1.02 11.01
CA GLY C 843 29.64 -0.25 11.28
C GLY C 843 28.68 -0.04 10.12
N ARG C 844 28.11 1.18 10.06
CA ARG C 844 27.10 1.60 9.08
C ARG C 844 27.57 1.53 7.63
N SER C 845 28.87 1.69 7.43
CA SER C 845 29.53 1.63 6.13
C SER C 845 29.44 0.22 5.52
N SER C 846 29.63 -0.80 6.36
CA SER C 846 29.53 -2.20 5.94
C SER C 846 28.08 -2.66 5.88
N GLU C 847 27.18 -2.05 6.68
CA GLU C 847 25.75 -2.38 6.73
C GLU C 847 25.04 -2.20 5.40
N ILE C 848 25.05 -0.97 4.85
CA ILE C 848 24.32 -0.70 3.61
C ILE C 848 25.17 -0.95 2.38
N PHE C 849 26.48 -0.72 2.45
CA PHE C 849 27.33 -0.91 1.28
C PHE C 849 28.30 -2.08 1.37
N THR C 850 28.58 -2.68 0.21
CA THR C 850 29.58 -3.73 0.08
C THR C 850 30.52 -3.27 -1.02
N LEU C 851 31.80 -3.10 -0.67
CA LEU C 851 32.79 -2.64 -1.63
C LEU C 851 33.11 -3.76 -2.63
N GLU C 852 32.66 -3.59 -3.88
CA GLU C 852 32.86 -4.61 -4.91
C GLU C 852 34.34 -4.68 -5.32
N SER C 853 34.94 -3.51 -5.57
CA SER C 853 36.33 -3.44 -6.01
C SER C 853 36.96 -2.06 -5.78
N VAL C 854 38.30 -2.06 -5.77
CA VAL C 854 39.12 -0.88 -5.72
C VAL C 854 39.73 -0.84 -7.10
N GLY C 855 39.36 0.16 -7.88
CA GLY C 855 39.81 0.29 -9.26
C GLY C 855 41.28 0.63 -9.40
N ALA C 856 42.15 -0.29 -8.98
CA ALA C 856 43.61 -0.14 -9.03
C ALA C 856 44.17 -0.20 -10.45
N LYS C 857 43.40 -0.73 -11.40
CA LYS C 857 43.85 -0.86 -12.78
C LYS C 857 43.33 0.25 -13.72
N GLY C 858 42.29 0.94 -13.31
CA GLY C 858 41.66 1.98 -14.10
C GLY C 858 40.20 2.16 -13.71
N TRP C 859 39.47 3.02 -14.43
CA TRP C 859 38.06 3.27 -14.11
C TRP C 859 37.23 1.99 -14.24
N GLY C 860 37.43 1.30 -15.37
CA GLY C 860 36.80 0.03 -15.68
C GLY C 860 35.30 -0.06 -15.54
N PRO C 861 34.74 -1.17 -15.02
CA PRO C 861 35.40 -2.39 -14.51
C PRO C 861 36.32 -3.09 -15.52
N ILE C 862 37.45 -3.55 -15.01
CA ILE C 862 38.47 -4.23 -15.78
C ILE C 862 38.53 -5.67 -15.27
N PRO C 863 38.51 -6.66 -16.18
CA PRO C 863 38.56 -8.06 -15.73
C PRO C 863 39.84 -8.36 -14.94
N GLY C 864 39.69 -8.47 -13.62
CA GLY C 864 40.79 -8.71 -12.71
C GLY C 864 41.05 -7.58 -11.72
N ASP C 865 40.22 -6.51 -11.76
CA ASP C 865 40.40 -5.40 -10.84
C ASP C 865 39.43 -5.43 -9.66
N ASP C 866 38.54 -6.45 -9.56
CA ASP C 866 37.60 -6.62 -8.43
C ASP C 866 38.32 -6.97 -7.09
N ASN C 867 39.64 -6.83 -7.07
CA ASN C 867 40.54 -7.07 -5.97
C ASN C 867 40.45 -5.87 -5.05
N THR C 868 40.05 -6.08 -3.81
CA THR C 868 40.02 -5.01 -2.82
C THR C 868 41.47 -4.68 -2.32
N GLU C 869 42.49 -4.99 -3.13
CA GLU C 869 43.93 -4.85 -2.86
C GLU C 869 44.56 -3.63 -3.52
N VAL C 870 45.33 -2.83 -2.77
CA VAL C 870 46.01 -1.66 -3.36
C VAL C 870 47.52 -1.73 -3.14
N VAL C 871 48.25 -2.06 -4.21
CA VAL C 871 49.71 -2.20 -4.18
C VAL C 871 50.46 -1.05 -4.92
N LEU C 872 51.01 -0.09 -4.14
CA LEU C 872 51.76 1.02 -4.70
C LEU C 872 53.22 0.63 -5.02
N MET C 873 53.87 1.39 -5.92
CA MET C 873 55.26 1.20 -6.36
C MET C 873 55.70 2.30 -7.33
N ASP C 874 55.21 3.53 -7.11
CA ASP C 874 55.52 4.72 -7.88
C ASP C 874 55.48 5.92 -6.93
N PHE C 875 56.13 7.02 -7.32
CA PHE C 875 56.14 8.21 -6.48
C PHE C 875 54.79 8.99 -6.48
N GLN C 876 53.87 8.73 -7.43
CA GLN C 876 52.55 9.38 -7.38
C GLN C 876 51.48 8.48 -6.73
N GLY C 877 51.94 7.59 -5.84
CA GLY C 877 51.11 6.62 -5.14
C GLY C 877 50.50 5.65 -6.13
N THR C 878 49.23 5.36 -5.94
CA THR C 878 48.46 4.51 -6.84
C THR C 878 47.07 5.09 -6.90
N THR C 879 46.66 5.60 -8.07
CA THR C 879 45.34 6.23 -8.23
C THR C 879 44.24 5.13 -8.26
N LEU C 880 43.21 5.23 -7.39
CA LEU C 880 42.15 4.19 -7.27
C LEU C 880 40.77 4.69 -7.65
N TYR C 881 40.04 3.92 -8.45
CA TYR C 881 38.68 4.26 -8.87
C TYR C 881 37.78 3.18 -8.32
N PRO C 882 37.57 3.19 -7.00
CA PRO C 882 36.79 2.13 -6.39
C PRO C 882 35.31 2.25 -6.67
N ARG C 883 34.65 1.09 -6.82
CA ARG C 883 33.23 0.98 -7.13
C ARG C 883 32.51 0.19 -6.02
N LEU C 884 31.46 0.77 -5.42
CA LEU C 884 30.74 0.10 -4.35
C LEU C 884 29.28 -0.04 -4.67
N ARG C 885 28.76 -1.27 -4.61
CA ARG C 885 27.34 -1.49 -4.87
C ARG C 885 26.57 -1.65 -3.57
N ARG C 886 25.32 -1.19 -3.56
CA ARG C 886 24.49 -1.32 -2.38
C ARG C 886 23.93 -2.73 -2.24
N LYS C 887 23.65 -3.13 -1.00
CA LYS C 887 23.06 -4.43 -0.73
C LYS C 887 21.57 -4.36 -1.08
N PRO C 888 21.08 -5.34 -1.86
CA PRO C 888 19.69 -5.31 -2.33
C PRO C 888 18.58 -4.95 -1.33
N GLY C 889 17.54 -4.30 -1.85
CA GLY C 889 16.36 -3.89 -1.09
C GLY C 889 16.53 -2.70 -0.17
N MET C 890 17.75 -2.16 -0.10
CA MET C 890 18.02 -1.06 0.80
C MET C 890 18.16 0.25 0.08
N GLU C 891 17.92 1.33 0.80
CA GLU C 891 18.13 2.68 0.33
C GLU C 891 18.27 3.62 1.53
N GLU C 892 19.10 3.21 2.50
CA GLU C 892 19.41 3.96 3.71
C GLU C 892 20.81 4.56 3.62
N GLU C 893 20.99 5.81 4.06
CA GLU C 893 22.31 6.42 4.07
C GLU C 893 22.89 6.39 5.49
N ASP C 894 24.21 6.53 5.62
CA ASP C 894 24.86 6.55 6.94
C ASP C 894 24.34 7.73 7.76
N VAL C 895 24.08 8.88 7.09
CA VAL C 895 23.54 10.12 7.66
C VAL C 895 22.24 9.82 8.41
N HIS C 943 38.70 7.36 24.16
CA HIS C 943 40.05 7.78 23.80
C HIS C 943 40.72 8.45 25.03
N ALA C 944 40.34 9.70 25.31
CA ALA C 944 40.86 10.46 26.44
C ALA C 944 39.80 11.47 26.89
N GLU C 945 39.91 11.94 28.14
CA GLU C 945 38.95 12.88 28.72
C GLU C 945 38.78 14.16 27.89
N ILE C 946 39.87 14.88 27.62
CA ILE C 946 39.84 16.12 26.84
C ILE C 946 40.64 15.93 25.55
N ASN C 947 40.12 16.42 24.41
CA ASN C 947 40.84 16.33 23.15
C ASN C 947 40.97 17.72 22.53
N ILE C 948 42.15 18.33 22.65
CA ILE C 948 42.42 19.68 22.16
C ILE C 948 43.34 19.68 20.95
N PHE C 949 43.03 20.51 19.94
CA PHE C 949 43.87 20.63 18.77
C PHE C 949 44.26 22.10 18.54
N SER C 950 45.48 22.34 17.99
CA SER C 950 46.02 23.68 17.74
C SER C 950 47.12 23.68 16.66
N VAL C 951 47.47 24.87 16.15
CA VAL C 951 48.52 25.00 15.15
C VAL C 951 49.23 26.35 15.29
N ALA C 952 50.47 26.41 14.82
CA ALA C 952 51.28 27.62 14.89
C ALA C 952 52.20 27.75 13.66
N SER C 953 52.62 29.00 13.29
CA SER C 953 53.52 29.25 12.16
C SER C 953 54.48 30.42 12.48
N GLY C 954 55.53 30.13 13.27
CA GLY C 954 56.52 31.09 13.74
C GLY C 954 57.01 30.75 15.14
N HIS C 955 58.08 31.42 15.64
CA HIS C 955 58.59 31.05 16.98
C HIS C 955 57.97 31.83 18.13
N LEU C 956 57.15 32.85 17.85
CA LEU C 956 56.42 33.53 18.94
C LEU C 956 55.19 32.67 19.21
N TYR C 957 54.43 32.34 18.15
CA TYR C 957 53.24 31.48 18.22
C TYR C 957 53.62 30.12 18.84
N GLU C 958 54.85 29.60 18.58
CA GLU C 958 55.38 28.35 19.11
C GLU C 958 55.71 28.44 20.58
N ARG C 959 56.26 29.59 21.00
CA ARG C 959 56.59 29.81 22.41
C ARG C 959 55.29 29.94 23.21
N MET C 960 54.29 30.63 22.66
CA MET C 960 52.99 30.80 23.31
C MET C 960 52.14 29.50 23.25
N LEU C 961 52.46 28.58 22.29
CA LEU C 961 51.82 27.27 22.14
C LEU C 961 52.33 26.35 23.26
N ASN C 962 53.61 26.46 23.65
CA ASN C 962 54.17 25.74 24.78
C ASN C 962 53.45 26.16 26.07
N ILE C 963 53.09 27.46 26.18
CA ILE C 963 52.36 28.06 27.28
C ILE C 963 50.93 27.54 27.31
N MET C 964 50.28 27.45 26.12
CA MET C 964 48.91 26.96 25.98
C MET C 964 48.77 25.54 26.55
N MET C 965 49.68 24.62 26.19
CA MET C 965 49.65 23.24 26.67
C MET C 965 49.79 23.19 28.20
N ALA C 966 50.73 23.96 28.74
CA ALA C 966 51.01 24.02 30.19
C ALA C 966 49.85 24.59 31.00
N SER C 967 49.13 25.59 30.48
CA SER C 967 48.01 26.21 31.19
C SER C 967 46.83 25.26 31.34
N VAL C 968 46.59 24.40 30.34
CA VAL C 968 45.50 23.41 30.37
C VAL C 968 45.79 22.39 31.47
N MET C 969 46.99 21.79 31.45
CA MET C 969 47.42 20.76 32.40
C MET C 969 47.46 21.22 33.86
N HIS C 970 47.86 22.47 34.13
CA HIS C 970 47.88 23.03 35.49
C HIS C 970 46.46 23.14 36.05
N HIS C 971 45.47 23.42 35.18
CA HIS C 971 44.09 23.59 35.62
C HIS C 971 43.20 22.41 35.26
N THR C 972 43.78 21.22 35.03
CA THR C 972 42.99 20.04 34.72
C THR C 972 43.55 18.79 35.41
N ASN C 973 42.66 18.05 36.03
CA ASN C 973 42.99 16.80 36.68
C ASN C 973 42.41 15.67 35.79
N HIS C 974 42.58 15.79 34.46
CA HIS C 974 42.02 14.85 33.49
C HIS C 974 43.06 14.41 32.43
N THR C 975 42.73 13.36 31.65
CA THR C 975 43.64 12.92 30.58
C THR C 975 43.41 13.77 29.32
N VAL C 976 44.33 14.71 29.06
CA VAL C 976 44.25 15.62 27.91
C VAL C 976 45.14 15.08 26.78
N LYS C 977 44.64 15.13 25.53
CA LYS C 977 45.41 14.69 24.36
C LYS C 977 45.54 15.84 23.35
N PHE C 978 46.77 16.13 22.89
CA PHE C 978 46.99 17.21 21.94
C PHE C 978 47.14 16.71 20.50
N TRP C 979 46.44 17.35 19.54
CA TRP C 979 46.47 16.98 18.12
C TRP C 979 46.95 18.21 17.31
N PHE C 980 47.94 18.08 16.40
CA PHE C 980 48.45 19.23 15.63
C PHE C 980 48.66 18.94 14.12
N ILE C 981 48.93 19.96 13.30
CA ILE C 981 49.23 19.77 11.89
C ILE C 981 50.74 19.83 11.77
N GLU C 982 51.36 18.70 11.41
CA GLU C 982 52.80 18.42 11.38
C GLU C 982 53.71 19.10 10.32
N GLN C 983 53.20 19.89 9.33
CA GLN C 983 54.14 20.48 8.33
C GLN C 983 54.33 22.01 8.42
N PHE C 984 53.51 22.68 9.28
CA PHE C 984 53.52 24.13 9.52
C PHE C 984 54.48 24.50 10.68
N LEU C 985 54.62 23.60 11.67
CA LEU C 985 55.50 23.78 12.84
C LEU C 985 57.02 23.76 12.46
N SER C 986 57.93 24.12 13.40
CA SER C 986 59.38 24.13 13.16
C SER C 986 60.07 23.01 13.92
N PRO C 987 61.13 22.41 13.38
CA PRO C 987 61.82 21.33 14.12
C PRO C 987 62.55 21.74 15.38
N SER C 988 62.47 23.03 15.72
CA SER C 988 63.04 23.54 16.96
C SER C 988 62.01 23.41 18.12
N PHE C 989 60.73 23.05 17.82
CA PHE C 989 59.62 22.80 18.74
C PHE C 989 59.02 21.37 18.50
N LYS C 990 59.12 20.84 17.26
CA LYS C 990 58.63 19.48 16.96
C LYS C 990 59.49 18.42 17.69
N ASP C 991 60.77 18.71 17.93
CA ASP C 991 61.64 17.81 18.68
C ASP C 991 61.85 18.29 20.14
N PHE C 992 60.81 18.92 20.69
CA PHE C 992 60.69 19.38 22.06
C PHE C 992 59.35 18.90 22.67
N ILE C 993 58.32 18.70 21.84
CA ILE C 993 57.00 18.22 22.29
C ILE C 993 57.04 16.86 23.05
N PRO C 994 57.89 15.84 22.76
CA PRO C 994 57.88 14.62 23.59
C PRO C 994 58.30 14.87 25.04
N HIS C 995 59.14 15.89 25.25
CA HIS C 995 59.62 16.29 26.58
C HIS C 995 58.50 17.02 27.36
N MET C 996 57.62 17.74 26.64
CA MET C 996 56.45 18.40 27.22
C MET C 996 55.46 17.31 27.69
N ALA C 997 55.27 16.27 26.86
CA ALA C 997 54.36 15.15 27.09
C ALA C 997 54.68 14.37 28.36
N ALA C 998 55.97 14.18 28.63
CA ALA C 998 56.40 13.45 29.80
C ALA C 998 56.28 14.30 31.07
N GLU C 999 56.60 15.60 30.96
CA GLU C 999 56.58 16.50 32.11
C GLU C 999 55.21 17.02 32.49
N TYR C 1000 54.30 17.12 31.53
CA TYR C 1000 52.94 17.60 31.82
C TYR C 1000 51.89 16.46 31.87
N GLY C 1001 52.31 15.22 31.56
CA GLY C 1001 51.46 14.04 31.65
C GLY C 1001 50.37 13.92 30.62
N PHE C 1002 50.67 14.26 29.36
CA PHE C 1002 49.69 14.17 28.30
C PHE C 1002 50.21 13.31 27.13
N LYS C 1003 49.30 12.81 26.30
CA LYS C 1003 49.66 12.08 25.10
C LYS C 1003 49.34 12.95 23.89
N TYR C 1004 49.96 12.67 22.74
CA TYR C 1004 49.69 13.45 21.56
C TYR C 1004 49.95 12.70 20.30
N GLU C 1005 49.01 12.84 19.36
CA GLU C 1005 49.01 12.20 18.05
C GLU C 1005 49.01 13.32 16.99
N MET C 1006 49.84 13.24 15.94
CA MET C 1006 49.90 14.29 14.92
C MET C 1006 49.19 13.90 13.61
N VAL C 1007 47.88 14.19 13.52
CA VAL C 1007 47.09 13.87 12.34
C VAL C 1007 47.46 14.78 11.16
N THR C 1008 47.60 14.19 9.97
CA THR C 1008 48.03 14.95 8.80
C THR C 1008 47.20 14.61 7.53
N TYR C 1009 47.13 15.55 6.56
CA TYR C 1009 46.38 15.43 5.30
C TYR C 1009 46.80 16.58 4.35
N LYS C 1010 47.31 16.28 3.13
CA LYS C 1010 47.72 17.32 2.19
C LYS C 1010 46.53 17.79 1.32
N TRP C 1011 46.42 19.11 1.04
CA TRP C 1011 45.35 19.78 0.25
C TRP C 1011 45.06 19.10 -1.10
N PRO C 1012 43.76 18.90 -1.42
CA PRO C 1012 43.43 18.24 -2.70
C PRO C 1012 43.77 19.07 -3.92
N HIS C 1013 43.64 18.46 -5.08
CA HIS C 1013 43.89 19.14 -6.33
C HIS C 1013 42.64 19.86 -6.86
N TRP C 1014 41.41 19.30 -6.70
CA TRP C 1014 40.18 19.96 -7.17
C TRP C 1014 39.84 21.21 -6.38
N LEU C 1015 40.13 21.16 -5.08
CA LEU C 1015 39.85 22.25 -4.18
C LEU C 1015 40.79 23.42 -4.45
N ARG C 1016 40.25 24.64 -4.36
CA ARG C 1016 40.96 25.88 -4.63
C ARG C 1016 41.96 26.16 -3.51
N GLN C 1017 43.25 26.14 -3.83
CA GLN C 1017 44.30 26.39 -2.85
C GLN C 1017 44.45 27.89 -2.54
N GLN C 1018 45.22 28.22 -1.50
CA GLN C 1018 45.47 29.60 -1.13
C GLN C 1018 46.97 29.88 -1.25
N LYS C 1019 47.38 30.99 -1.91
CA LYS C 1019 48.81 31.31 -2.12
C LYS C 1019 49.59 31.65 -0.84
N GLU C 1020 49.00 32.45 0.07
CA GLU C 1020 49.68 32.83 1.31
C GLU C 1020 49.64 31.69 2.35
N LYS C 1021 50.79 31.35 3.00
CA LYS C 1021 50.88 30.30 4.03
C LYS C 1021 49.80 30.44 5.10
N GLN C 1022 49.44 31.70 5.42
CA GLN C 1022 48.42 32.11 6.38
C GLN C 1022 47.02 31.65 5.96
N ARG C 1023 46.60 31.94 4.72
CA ARG C 1023 45.29 31.53 4.22
C ARG C 1023 45.15 30.00 4.22
N GLU C 1024 46.28 29.25 4.10
CA GLU C 1024 46.27 27.80 4.18
C GLU C 1024 46.26 27.31 5.65
N ILE C 1025 46.77 28.11 6.59
CA ILE C 1025 46.69 27.78 8.02
C ILE C 1025 45.21 27.84 8.44
N TRP C 1026 44.49 28.90 7.98
CA TRP C 1026 43.06 29.13 8.23
C TRP C 1026 42.19 27.98 7.72
N GLY C 1027 42.54 27.46 6.54
CA GLY C 1027 41.82 26.37 5.90
C GLY C 1027 41.92 25.08 6.68
N TYR C 1028 43.08 24.81 7.29
CA TYR C 1028 43.29 23.60 8.09
C TYR C 1028 42.47 23.58 9.38
N LYS C 1029 42.03 24.76 9.87
CA LYS C 1029 41.23 24.88 11.11
C LYS C 1029 39.75 24.60 10.88
N ILE C 1030 39.23 24.91 9.68
CA ILE C 1030 37.80 24.76 9.43
C ILE C 1030 37.42 23.70 8.33
N LEU C 1031 38.18 23.60 7.22
CA LEU C 1031 37.87 22.65 6.14
C LEU C 1031 38.26 21.21 6.50
N PHE C 1032 39.36 21.07 7.26
CA PHE C 1032 39.98 19.83 7.67
C PHE C 1032 39.55 19.39 9.08
N LEU C 1033 38.26 19.04 9.25
CA LEU C 1033 37.81 18.56 10.56
C LEU C 1033 37.23 17.14 10.53
N ASP C 1034 36.44 16.83 9.50
CA ASP C 1034 35.77 15.53 9.38
C ASP C 1034 36.67 14.37 8.95
N VAL C 1035 37.72 14.64 8.18
CA VAL C 1035 38.61 13.58 7.70
C VAL C 1035 39.96 13.54 8.43
N LEU C 1036 40.41 14.69 8.96
CA LEU C 1036 41.71 14.87 9.64
C LEU C 1036 41.92 13.89 10.80
N PHE C 1037 40.88 13.68 11.61
CA PHE C 1037 40.96 12.82 12.78
C PHE C 1037 40.35 11.43 12.50
N PRO C 1038 40.90 10.36 13.09
CA PRO C 1038 40.33 9.02 12.85
C PRO C 1038 38.89 8.88 13.40
N LEU C 1039 38.12 7.90 12.87
CA LEU C 1039 36.72 7.64 13.26
C LEU C 1039 36.51 7.09 14.67
N SER C 1040 37.57 7.11 15.48
CA SER C 1040 37.59 6.70 16.87
C SER C 1040 37.39 7.93 17.76
N LEU C 1041 37.98 9.08 17.37
CA LEU C 1041 37.89 10.31 18.13
C LEU C 1041 36.51 10.89 18.16
N ASP C 1042 35.96 11.02 19.35
CA ASP C 1042 34.63 11.53 19.53
C ASP C 1042 34.50 13.04 19.30
N LYS C 1043 35.38 13.85 19.90
CA LYS C 1043 35.25 15.32 19.82
C LYS C 1043 36.59 16.03 19.95
N VAL C 1044 36.72 17.22 19.33
CA VAL C 1044 37.94 18.03 19.41
C VAL C 1044 37.60 19.45 19.90
N ILE C 1045 38.57 20.16 20.46
CA ILE C 1045 38.41 21.53 20.93
C ILE C 1045 39.60 22.34 20.46
N PHE C 1046 39.37 23.45 19.78
CA PHE C 1046 40.48 24.27 19.30
C PHE C 1046 40.78 25.40 20.23
N VAL C 1047 42.05 25.58 20.54
CA VAL C 1047 42.50 26.68 21.37
C VAL C 1047 43.56 27.37 20.54
N ASP C 1048 43.34 28.63 20.12
CA ASP C 1048 44.27 29.39 19.27
C ASP C 1048 45.59 29.70 19.97
N ALA C 1049 46.57 28.76 19.85
CA ALA C 1049 47.95 28.66 20.37
C ALA C 1049 48.40 29.74 21.42
N ASP C 1050 48.48 31.06 21.08
CA ASP C 1050 48.82 32.13 22.02
C ASP C 1050 47.58 32.36 22.90
N GLN C 1051 47.44 31.56 23.98
CA GLN C 1051 46.29 31.63 24.88
C GLN C 1051 46.69 31.22 26.29
N ILE C 1052 45.91 31.69 27.27
CA ILE C 1052 46.11 31.34 28.67
C ILE C 1052 44.77 30.84 29.19
N VAL C 1053 44.67 29.55 29.48
CA VAL C 1053 43.42 28.98 29.98
C VAL C 1053 43.50 28.83 31.49
N ARG C 1054 42.53 29.42 32.23
CA ARG C 1054 42.48 29.38 33.68
C ARG C 1054 41.38 28.45 34.25
N THR C 1055 40.53 27.88 33.40
CA THR C 1055 39.47 26.97 33.87
C THR C 1055 39.71 25.54 33.40
N ASP C 1056 39.16 24.55 34.12
CA ASP C 1056 39.27 23.15 33.73
C ASP C 1056 38.50 22.95 32.45
N MET C 1057 39.16 22.48 31.39
CA MET C 1057 38.53 22.37 30.09
C MET C 1057 37.59 21.18 29.90
N TYR C 1058 37.42 20.33 30.92
CA TYR C 1058 36.50 19.18 30.82
C TYR C 1058 35.04 19.62 30.75
N ASP C 1059 34.71 20.78 31.36
CA ASP C 1059 33.37 21.36 31.37
C ASP C 1059 32.86 21.59 29.95
N LEU C 1060 33.74 22.05 29.05
CA LEU C 1060 33.39 22.31 27.67
C LEU C 1060 33.12 21.01 26.89
N VAL C 1061 33.79 19.90 27.28
CA VAL C 1061 33.61 18.58 26.67
C VAL C 1061 32.16 18.10 26.84
N GLU C 1062 31.65 18.16 28.08
CA GLU C 1062 30.29 17.71 28.35
C GLU C 1062 29.23 18.82 28.27
N HIS C 1063 29.58 19.97 27.66
CA HIS C 1063 28.62 21.04 27.47
C HIS C 1063 27.69 20.62 26.33
N PRO C 1064 26.38 20.67 26.56
CA PRO C 1064 25.44 20.26 25.51
C PRO C 1064 25.41 21.26 24.37
N LEU C 1065 25.52 20.77 23.15
CA LEU C 1065 25.53 21.62 21.98
C LEU C 1065 24.14 21.83 21.36
N ASP C 1066 23.15 20.96 21.68
CA ASP C 1066 21.78 21.06 21.20
C ASP C 1066 21.67 20.99 19.67
N GLY C 1067 21.83 19.77 19.13
CA GLY C 1067 21.73 19.49 17.70
C GLY C 1067 22.75 20.18 16.82
N ALA C 1068 23.80 20.73 17.43
CA ALA C 1068 24.83 21.43 16.69
C ALA C 1068 26.13 20.65 16.66
N PRO C 1069 26.72 20.53 15.46
CA PRO C 1069 28.00 19.82 15.36
C PRO C 1069 29.17 20.62 15.94
N TYR C 1070 29.03 21.95 16.10
CA TYR C 1070 30.11 22.75 16.67
C TYR C 1070 29.60 23.95 17.50
N GLY C 1071 30.30 24.25 18.58
CA GLY C 1071 29.96 25.36 19.48
C GLY C 1071 31.03 26.41 19.55
N PHE C 1072 30.65 27.69 19.54
CA PHE C 1072 31.60 28.80 19.54
C PHE C 1072 31.37 29.82 20.62
N ALA C 1073 32.38 30.68 20.88
CA ALA C 1073 32.28 31.77 21.85
C ALA C 1073 31.98 33.05 21.06
N PRO C 1074 31.02 33.89 21.48
CA PRO C 1074 30.65 35.07 20.69
C PRO C 1074 31.48 36.31 20.96
N MET C 1075 31.28 37.35 20.13
CA MET C 1075 31.97 38.62 20.25
C MET C 1075 31.43 39.38 21.46
N CYS C 1076 32.32 40.01 22.22
CA CYS C 1076 31.94 40.81 23.38
C CYS C 1076 31.38 42.14 22.91
N ASP C 1077 30.14 42.50 23.29
CA ASP C 1077 29.65 43.86 23.01
C ASP C 1077 29.73 44.76 24.27
N SER C 1078 30.56 44.34 25.25
CA SER C 1078 30.76 44.94 26.55
C SER C 1078 31.44 46.31 26.49
N ARG C 1079 32.66 46.39 25.93
CA ARG C 1079 33.39 47.64 25.81
C ARG C 1079 32.63 48.56 24.90
N VAL C 1080 32.28 49.74 25.39
CA VAL C 1080 31.47 50.68 24.64
C VAL C 1080 32.30 51.54 23.67
N GLU C 1081 33.46 52.04 24.13
CA GLU C 1081 34.34 52.93 23.36
C GLU C 1081 34.78 52.39 21.98
N MET C 1082 34.67 51.07 21.75
CA MET C 1082 35.04 50.48 20.47
C MET C 1082 33.82 50.02 19.67
N GLU C 1083 32.65 50.66 19.85
CA GLU C 1083 31.43 50.30 19.12
C GLU C 1083 31.52 50.59 17.61
N GLY C 1084 32.32 51.59 17.24
CA GLY C 1084 32.55 51.90 15.84
C GLY C 1084 33.20 50.74 15.09
N TYR C 1085 33.99 49.94 15.82
CA TYR C 1085 34.66 48.74 15.30
C TYR C 1085 33.73 47.54 15.17
N ARG C 1086 32.52 47.58 15.75
CA ARG C 1086 31.58 46.46 15.68
C ARG C 1086 30.84 46.43 14.35
N PHE C 1087 31.52 45.94 13.31
CA PHE C 1087 30.98 45.85 11.97
C PHE C 1087 29.91 44.78 11.79
N TRP C 1088 29.93 43.75 12.63
CA TRP C 1088 29.00 42.63 12.53
C TRP C 1088 27.56 42.95 12.81
N LYS C 1089 27.29 44.10 13.43
CA LYS C 1089 25.94 44.55 13.69
C LYS C 1089 25.61 45.69 12.70
N THR C 1090 26.12 45.61 11.45
CA THR C 1090 25.93 46.66 10.46
C THR C 1090 25.65 46.10 9.06
N GLY C 1091 24.81 46.83 8.32
CA GLY C 1091 24.42 46.59 6.94
C GLY C 1091 24.37 45.16 6.47
N TYR C 1092 25.46 44.70 5.86
CA TYR C 1092 25.53 43.33 5.36
C TYR C 1092 25.43 42.29 6.50
N TRP C 1093 26.36 42.30 7.46
CA TRP C 1093 26.34 41.30 8.53
C TRP C 1093 25.12 41.37 9.45
N ALA C 1094 24.37 42.48 9.42
CA ALA C 1094 23.18 42.61 10.23
C ALA C 1094 21.97 42.03 9.49
N ASN C 1095 21.86 42.30 8.18
CA ASN C 1095 20.74 41.78 7.40
C ASN C 1095 20.86 40.29 7.17
N TYR C 1096 22.08 39.79 6.97
CA TYR C 1096 22.29 38.37 6.76
C TYR C 1096 22.06 37.64 8.09
N LEU C 1097 22.79 38.02 9.16
CA LEU C 1097 22.58 37.40 10.46
C LEU C 1097 21.36 38.07 11.06
N LYS C 1098 20.18 37.55 10.73
CA LYS C 1098 18.89 38.08 11.19
C LYS C 1098 18.82 38.25 12.71
N GLY C 1099 19.25 37.22 13.45
CA GLY C 1099 19.28 37.23 14.91
C GLY C 1099 20.47 36.50 15.50
N LYS C 1100 21.29 35.87 14.64
CA LYS C 1100 22.46 35.08 15.01
C LYS C 1100 23.64 35.96 15.44
N PRO C 1101 24.44 35.53 16.43
CA PRO C 1101 25.57 36.36 16.88
C PRO C 1101 26.89 36.11 16.15
N TYR C 1102 27.76 37.13 16.08
CA TYR C 1102 29.07 36.99 15.43
C TYR C 1102 29.99 36.21 16.33
N HIS C 1103 30.22 34.94 15.99
CA HIS C 1103 31.08 34.03 16.75
C HIS C 1103 32.57 34.23 16.43
N ILE C 1104 33.47 33.74 17.32
CA ILE C 1104 34.92 33.95 17.15
C ILE C 1104 35.74 32.66 16.97
N SER C 1105 36.48 32.62 15.82
CA SER C 1105 37.40 31.56 15.43
C SER C 1105 38.72 31.75 16.15
N ALA C 1106 38.73 31.29 17.39
CA ALA C 1106 39.84 31.32 18.34
C ALA C 1106 39.65 30.19 19.36
N LEU C 1107 38.40 29.97 19.77
CA LEU C 1107 38.07 28.90 20.70
C LEU C 1107 36.75 28.31 20.25
N TYR C 1108 36.70 26.97 20.13
CA TYR C 1108 35.49 26.27 19.71
C TYR C 1108 35.52 24.74 19.98
N VAL C 1109 34.32 24.11 20.02
CA VAL C 1109 34.12 22.68 20.27
C VAL C 1109 33.54 22.02 19.04
N VAL C 1110 34.09 20.90 18.57
CA VAL C 1110 33.54 20.19 17.42
C VAL C 1110 33.09 18.79 17.86
N ASP C 1111 31.78 18.61 18.05
CA ASP C 1111 31.14 17.34 18.38
C ASP C 1111 31.15 16.53 17.07
N LEU C 1112 32.20 15.71 16.85
CA LEU C 1112 32.37 14.92 15.63
C LEU C 1112 31.34 13.77 15.46
N GLN C 1113 30.59 13.40 16.52
CA GLN C 1113 29.51 12.42 16.39
C GLN C 1113 28.20 13.21 16.22
N ARG C 1114 28.25 14.19 15.29
CA ARG C 1114 27.22 15.15 14.85
C ARG C 1114 27.73 15.99 13.64
N PHE C 1115 29.09 16.08 13.44
CA PHE C 1115 29.74 16.82 12.33
C PHE C 1115 29.87 15.90 11.10
N ARG C 1116 30.15 14.60 11.30
CA ARG C 1116 30.24 13.65 10.19
C ARG C 1116 28.88 13.02 9.87
N GLU C 1117 28.02 12.88 10.89
CA GLU C 1117 26.68 12.32 10.75
C GLU C 1117 25.81 13.25 9.90
N LEU C 1118 25.71 14.53 10.27
CA LEU C 1118 24.94 15.50 9.50
C LEU C 1118 25.55 15.74 8.08
N ALA C 1119 26.80 15.28 7.86
CA ALA C 1119 27.60 15.39 6.63
C ALA C 1119 27.78 16.86 6.23
N ALA C 1120 28.36 17.65 7.16
CA ALA C 1120 28.59 19.10 7.03
C ALA C 1120 30.03 19.52 6.74
N GLY C 1121 30.98 18.60 6.88
CA GLY C 1121 32.38 18.88 6.59
C GLY C 1121 32.59 19.23 5.13
N ASP C 1122 31.82 18.57 4.24
CA ASP C 1122 31.85 18.80 2.79
C ASP C 1122 31.14 20.06 2.36
N ARG C 1123 30.12 20.46 3.12
CA ARG C 1123 29.37 21.68 2.91
C ARG C 1123 30.27 22.93 3.07
N LEU C 1124 31.31 22.85 3.90
CA LEU C 1124 32.25 23.95 4.12
C LEU C 1124 33.20 24.11 2.92
N ARG C 1125 33.59 22.97 2.28
CA ARG C 1125 34.48 22.91 1.11
C ARG C 1125 33.78 23.22 -0.21
N GLN C 1126 32.46 23.01 -0.26
CA GLN C 1126 31.72 23.39 -1.47
C GLN C 1126 31.24 24.84 -1.35
N GLN C 1127 30.96 25.37 -0.12
CA GLN C 1127 30.60 26.79 0.03
C GLN C 1127 31.84 27.63 -0.15
N TYR C 1128 32.97 27.21 0.43
CA TYR C 1128 34.26 27.86 0.27
C TYR C 1128 34.64 27.93 -1.23
N HIS C 1129 34.35 26.87 -1.97
CA HIS C 1129 34.63 26.74 -3.39
C HIS C 1129 34.25 27.98 -4.23
N ALA C 1130 32.95 28.26 -4.45
CA ALA C 1130 32.50 29.40 -5.25
C ALA C 1130 32.81 30.75 -4.62
N LEU C 1131 32.84 30.80 -3.28
CA LEU C 1131 33.15 32.04 -2.55
C LEU C 1131 34.62 32.42 -2.77
N SER C 1132 35.51 31.40 -2.84
CA SER C 1132 36.94 31.58 -3.04
C SER C 1132 37.30 32.25 -4.35
N ALA C 1133 36.33 32.44 -5.27
CA ALA C 1133 36.53 33.15 -6.54
C ALA C 1133 37.00 34.58 -6.23
N ASP C 1134 36.41 35.22 -5.23
CA ASP C 1134 36.85 36.52 -4.79
C ASP C 1134 37.42 36.32 -3.40
N PRO C 1135 38.75 36.42 -3.23
CA PRO C 1135 39.34 36.22 -1.90
C PRO C 1135 38.97 37.32 -0.89
N ASN C 1136 38.44 38.44 -1.38
CA ASN C 1136 38.01 39.61 -0.60
C ASN C 1136 36.75 39.30 0.23
N SER C 1137 35.90 38.38 -0.26
CA SER C 1137 34.70 37.95 0.45
C SER C 1137 35.15 37.15 1.68
N LEU C 1138 36.09 36.23 1.50
CA LEU C 1138 36.64 35.46 2.62
C LEU C 1138 37.67 36.34 3.28
N ALA C 1139 37.22 37.23 4.17
CA ALA C 1139 38.14 38.13 4.88
C ALA C 1139 39.01 37.26 5.81
N ASN C 1140 38.37 36.37 6.57
CA ASN C 1140 39.00 35.41 7.45
C ASN C 1140 38.16 34.19 7.19
N LEU C 1141 38.65 33.22 6.40
CA LEU C 1141 37.86 32.03 6.08
C LEU C 1141 37.66 31.07 7.26
N ASP C 1142 38.44 31.22 8.34
CA ASP C 1142 38.26 30.39 9.55
C ASP C 1142 37.09 30.92 10.41
N GLN C 1143 36.87 32.25 10.38
CA GLN C 1143 35.87 33.01 11.15
C GLN C 1143 34.57 33.26 10.38
N ASP C 1144 34.65 33.85 9.17
CA ASP C 1144 33.49 34.17 8.34
C ASP C 1144 32.72 32.96 7.82
N LEU C 1145 33.40 31.82 7.58
CA LEU C 1145 32.72 30.62 7.08
C LEU C 1145 31.72 30.06 8.11
N PRO C 1146 32.08 29.73 9.38
CA PRO C 1146 31.05 29.27 10.33
C PRO C 1146 29.95 30.31 10.58
N ASN C 1147 30.28 31.62 10.51
CA ASN C 1147 29.29 32.70 10.70
C ASN C 1147 28.27 32.78 9.56
N HIS C 1148 28.72 32.68 8.32
CA HIS C 1148 27.80 32.69 7.17
C HIS C 1148 27.04 31.34 7.09
N MET C 1149 27.63 30.24 7.59
CA MET C 1149 27.02 28.92 7.56
C MET C 1149 26.22 28.56 8.81
N GLN C 1150 25.99 29.52 9.73
CA GLN C 1150 25.16 29.20 10.91
C GLN C 1150 23.65 29.19 10.58
N PHE C 1151 23.27 29.62 9.37
CA PHE C 1151 21.90 29.59 8.88
C PHE C 1151 21.51 28.15 8.48
N THR C 1152 22.47 27.35 7.98
CA THR C 1152 22.24 25.96 7.55
C THR C 1152 22.85 24.94 8.53
N ILE C 1153 24.06 25.21 8.98
CA ILE C 1153 24.76 24.36 9.94
C ILE C 1153 24.64 25.04 11.29
N PRO C 1154 23.97 24.40 12.26
CA PRO C 1154 23.74 25.08 13.55
C PRO C 1154 24.98 25.49 14.36
N ILE C 1155 24.87 26.64 15.06
CA ILE C 1155 25.93 27.15 15.94
C ILE C 1155 25.44 27.25 17.37
N ALA C 1156 26.06 26.45 18.23
CA ALA C 1156 25.77 26.50 19.65
C ALA C 1156 26.60 27.65 20.21
N THR C 1157 26.00 28.47 21.06
CA THR C 1157 26.69 29.61 21.64
C THR C 1157 27.19 29.24 23.05
N LEU C 1158 28.48 29.53 23.34
CA LEU C 1158 29.12 29.26 24.62
C LEU C 1158 29.16 30.53 25.51
N PRO C 1159 29.15 30.39 26.85
CA PRO C 1159 29.14 31.58 27.73
C PRO C 1159 30.29 32.59 27.50
N GLN C 1160 30.01 33.89 27.72
CA GLN C 1160 30.98 34.98 27.57
C GLN C 1160 32.19 34.84 28.52
N GLU C 1161 32.00 34.12 29.64
CA GLU C 1161 33.06 33.83 30.59
C GLU C 1161 34.20 33.08 29.91
N TRP C 1162 33.86 32.18 28.96
CA TRP C 1162 34.83 31.37 28.22
C TRP C 1162 35.79 32.18 27.38
N LEU C 1163 35.34 33.28 26.77
CA LEU C 1163 36.24 34.07 25.93
C LEU C 1163 36.39 35.51 26.34
N TRP C 1164 37.64 35.95 26.45
CA TRP C 1164 37.95 37.31 26.83
C TRP C 1164 39.00 37.92 25.92
N CYS C 1165 38.87 39.20 25.63
CA CYS C 1165 39.79 39.97 24.82
C CYS C 1165 39.98 41.36 25.46
N GLU C 1166 41.19 41.92 25.33
CA GLU C 1166 41.49 43.23 25.89
C GLU C 1166 41.09 44.41 24.99
N THR C 1167 39.99 44.27 24.23
CA THR C 1167 39.51 45.35 23.37
C THR C 1167 37.98 45.41 23.36
N TRP C 1168 37.32 44.25 23.43
CA TRP C 1168 35.86 44.23 23.38
C TRP C 1168 35.19 43.81 24.70
N CYS C 1169 35.93 43.17 25.63
CA CYS C 1169 35.35 42.81 26.93
C CYS C 1169 35.96 43.72 28.02
N SER C 1170 35.16 44.20 29.00
CA SER C 1170 35.69 45.06 30.05
C SER C 1170 36.63 44.29 30.99
N ASP C 1171 37.55 45.00 31.64
CA ASP C 1171 38.52 44.37 32.55
C ASP C 1171 37.89 43.59 33.68
N GLU C 1172 36.63 43.88 34.00
CA GLU C 1172 35.91 43.16 35.04
C GLU C 1172 35.56 41.73 34.63
N THR C 1173 35.40 41.50 33.33
CA THR C 1173 35.11 40.16 32.80
C THR C 1173 36.24 39.19 33.12
N LEU C 1174 37.50 39.68 33.09
CA LEU C 1174 38.72 38.92 33.39
C LEU C 1174 38.70 38.26 34.78
N LYS C 1175 37.90 38.79 35.71
CA LYS C 1175 37.77 38.19 37.03
C LYS C 1175 37.10 36.81 36.91
N ASP C 1176 36.05 36.74 36.11
CA ASP C 1176 35.34 35.49 35.86
C ASP C 1176 35.81 34.93 34.50
N ALA C 1177 37.12 34.95 34.24
CA ALA C 1177 37.64 34.49 32.96
C ALA C 1177 37.89 33.00 32.90
N ARG C 1178 37.71 32.43 31.70
CA ARG C 1178 37.95 31.02 31.40
C ARG C 1178 39.13 30.93 30.43
N THR C 1179 39.08 31.69 29.30
CA THR C 1179 40.16 31.76 28.29
C THR C 1179 40.31 33.20 27.74
N ILE C 1180 41.55 33.64 27.46
CA ILE C 1180 41.84 34.96 26.90
C ILE C 1180 42.61 34.76 25.63
N ASP C 1181 42.14 35.30 24.49
CA ASP C 1181 42.86 35.12 23.24
C ASP C 1181 44.07 36.03 23.07
N LEU C 1182 44.23 37.06 23.91
CA LEU C 1182 45.31 38.05 23.81
C LEU C 1182 45.25 38.74 22.44
N CYS C 1183 44.03 39.09 22.02
CA CYS C 1183 43.64 39.67 20.73
C CYS C 1183 44.71 40.54 20.07
N ASN C 1184 44.71 40.51 18.73
CA ASN C 1184 45.65 41.25 17.91
C ASN C 1184 45.05 42.64 17.60
N ASN C 1185 45.81 43.73 17.83
CA ASN C 1185 45.42 45.12 17.56
C ASN C 1185 44.18 45.59 18.43
N PRO C 1186 43.37 46.67 18.14
CA PRO C 1186 43.39 47.55 16.98
C PRO C 1186 44.42 48.67 17.13
N MET C 1187 44.23 49.53 18.13
CA MET C 1187 45.20 50.57 18.43
C MET C 1187 46.40 49.99 19.20
N THR C 1188 46.30 48.74 19.74
CA THR C 1188 47.40 48.08 20.44
C THR C 1188 48.39 47.52 19.42
N LYS C 1189 49.21 48.42 18.84
CA LYS C 1189 50.25 48.07 17.86
C LYS C 1189 51.38 47.22 18.50
N GLU C 1190 51.51 47.26 19.83
CA GLU C 1190 52.48 46.52 20.63
C GLU C 1190 52.37 45.02 20.37
N PRO C 1191 53.50 44.31 20.33
CA PRO C 1191 53.45 42.87 20.08
C PRO C 1191 52.97 42.03 21.27
N LYS C 1192 52.70 40.74 21.03
CA LYS C 1192 52.19 39.77 22.00
C LYS C 1192 53.09 39.51 23.19
N LEU C 1193 54.41 39.66 23.06
CA LEU C 1193 55.32 39.44 24.19
C LEU C 1193 55.04 40.43 25.32
N ASP C 1194 54.73 41.68 24.96
CA ASP C 1194 54.43 42.73 25.94
C ASP C 1194 53.03 42.53 26.49
N ARG C 1195 52.06 42.23 25.61
CA ARG C 1195 50.66 42.02 25.99
C ARG C 1195 50.48 40.82 26.91
N ALA C 1196 51.33 39.79 26.77
CA ALA C 1196 51.22 38.58 27.59
C ALA C 1196 51.59 38.84 29.06
N ARG C 1197 52.71 39.54 29.30
CA ARG C 1197 53.13 39.84 30.66
C ARG C 1197 52.21 40.89 31.32
N ARG C 1198 51.55 41.74 30.51
CA ARG C 1198 50.62 42.77 30.94
C ARG C 1198 49.22 42.21 31.28
N GLN C 1199 48.54 41.55 30.32
CA GLN C 1199 47.20 40.99 30.51
C GLN C 1199 47.19 39.82 31.49
N VAL C 1200 48.06 38.82 31.26
CA VAL C 1200 48.10 37.64 32.11
C VAL C 1200 49.37 37.61 32.95
N PRO C 1201 49.22 37.62 34.28
CA PRO C 1201 50.42 37.60 35.15
C PRO C 1201 51.10 36.23 35.20
N GLU C 1202 50.33 35.15 35.06
CA GLU C 1202 50.87 33.80 35.10
C GLU C 1202 51.55 33.36 33.79
N TRP C 1203 51.56 34.22 32.75
CA TRP C 1203 52.19 33.94 31.47
C TRP C 1203 53.70 33.76 31.64
N THR C 1204 54.32 34.62 32.48
CA THR C 1204 55.74 34.54 32.77
C THR C 1204 56.07 33.21 33.44
N LYS C 1205 55.24 32.81 34.42
CA LYS C 1205 55.33 31.55 35.18
C LYS C 1205 55.43 30.34 34.24
N TYR C 1206 54.57 30.29 33.21
CA TYR C 1206 54.57 29.19 32.26
C TYR C 1206 55.81 29.21 31.39
N ASP C 1207 56.21 30.39 30.91
CA ASP C 1207 57.38 30.58 30.07
C ASP C 1207 58.65 30.09 30.76
N GLU C 1208 58.81 30.44 32.03
CA GLU C 1208 59.98 30.05 32.79
C GLU C 1208 60.02 28.55 33.06
N GLU C 1209 58.86 27.91 33.24
CA GLU C 1209 58.76 26.46 33.43
C GLU C 1209 59.33 25.73 32.21
N ILE C 1210 59.01 26.24 31.01
CA ILE C 1210 59.49 25.67 29.76
C ILE C 1210 60.99 25.91 29.65
N ALA C 1211 61.45 27.16 29.90
CA ALA C 1211 62.85 27.57 29.83
C ALA C 1211 63.81 26.65 30.61
N GLU C 1212 63.46 26.30 31.85
CA GLU C 1212 64.28 25.41 32.66
C GLU C 1212 64.21 23.99 32.12
N LEU C 1213 63.01 23.54 31.75
CA LEU C 1213 62.77 22.19 31.22
C LEU C 1213 63.68 21.81 30.07
N ALA C 1214 63.85 22.71 29.11
CA ALA C 1214 64.70 22.46 27.96
C ALA C 1214 66.13 22.30 28.39
N ARG C 1215 66.62 23.15 29.31
CA ARG C 1215 68.00 23.06 29.79
C ARG C 1215 68.22 21.84 30.68
N ARG C 1216 67.16 21.33 31.33
CA ARG C 1216 67.16 20.11 32.14
C ARG C 1216 67.48 18.93 31.22
N VAL C 1217 66.83 18.88 30.06
CA VAL C 1217 67.02 17.84 29.09
C VAL C 1217 68.39 17.99 28.40
N ARG C 1218 68.74 19.24 28.05
CA ARG C 1218 69.95 19.70 27.32
C ARG C 1218 71.21 18.87 27.55
N GLU C 1219 71.51 18.56 28.81
CA GLU C 1219 72.70 17.77 29.12
C GLU C 1219 72.28 16.49 29.83
N SER D 8 -53.23 53.75 43.47
CA SER D 8 -53.40 52.49 42.73
C SER D 8 -52.14 52.16 41.87
N PRO D 9 -51.04 51.72 42.48
CA PRO D 9 -49.83 51.50 41.69
C PRO D 9 -49.79 50.12 41.05
N SER D 10 -49.99 50.05 39.72
CA SER D 10 -49.99 48.75 39.04
C SER D 10 -49.20 48.70 37.73
N ILE D 11 -48.70 47.50 37.39
CA ILE D 11 -47.94 47.24 36.17
C ILE D 11 -48.59 46.05 35.46
N ASN D 12 -48.99 46.19 34.18
CA ASN D 12 -49.63 45.11 33.41
C ASN D 12 -48.86 44.65 32.17
N VAL D 13 -48.73 43.33 31.98
CA VAL D 13 -48.07 42.76 30.81
C VAL D 13 -48.98 41.73 30.17
N ALA D 14 -49.20 41.86 28.86
CA ALA D 14 -50.05 40.92 28.15
C ALA D 14 -49.31 40.30 26.94
N LEU D 15 -49.70 39.09 26.52
CA LEU D 15 -49.02 38.42 25.40
C LEU D 15 -49.81 38.29 24.10
N LYS D 16 -49.14 38.59 22.98
CA LYS D 16 -49.73 38.49 21.65
C LYS D 16 -49.20 37.29 20.89
N ALA D 17 -49.98 36.77 19.94
CA ALA D 17 -49.56 35.66 19.12
C ALA D 17 -49.40 36.12 17.67
N ALA D 18 -48.43 35.53 16.95
CA ALA D 18 -48.11 35.93 15.58
C ALA D 18 -49.05 35.34 14.51
N PHE D 19 -50.35 35.26 14.82
CA PHE D 19 -51.34 34.75 13.87
C PHE D 19 -52.76 35.07 14.34
N PRO D 20 -53.72 35.22 13.42
CA PRO D 20 -55.09 35.55 13.84
C PRO D 20 -55.74 34.49 14.70
N SER D 21 -56.66 34.94 15.55
CA SER D 21 -57.38 34.07 16.46
C SER D 21 -58.27 33.12 15.70
N PRO D 22 -58.01 31.82 15.80
CA PRO D 22 -58.92 30.84 15.20
C PRO D 22 -60.21 30.83 16.03
N PRO D 23 -61.37 30.68 15.38
CA PRO D 23 -62.64 30.68 16.12
C PRO D 23 -62.72 29.66 17.25
N TYR D 24 -63.73 29.77 18.14
CA TYR D 24 -63.83 28.83 19.26
C TYR D 24 -64.65 27.57 18.96
N LEU D 25 -65.31 27.47 17.78
CA LEU D 25 -66.04 26.24 17.46
C LEU D 25 -65.05 25.10 17.27
N VAL D 26 -63.95 25.39 16.56
CA VAL D 26 -62.88 24.43 16.29
C VAL D 26 -61.99 24.19 17.52
N GLU D 27 -61.67 25.26 18.30
CA GLU D 27 -60.83 25.14 19.51
C GLU D 27 -61.41 24.10 20.47
N LEU D 28 -62.73 24.08 20.60
CA LEU D 28 -63.40 23.14 21.47
C LEU D 28 -63.45 21.74 20.89
N LEU D 29 -63.63 21.63 19.57
CA LEU D 29 -63.65 20.34 18.87
C LEU D 29 -62.32 19.64 19.04
N GLU D 30 -61.23 20.38 18.86
CA GLU D 30 -59.92 19.83 18.97
C GLU D 30 -59.31 19.93 20.39
N THR D 31 -60.11 20.31 21.40
CA THR D 31 -59.67 20.28 22.79
C THR D 31 -60.32 19.06 23.47
N ALA D 32 -61.60 18.80 23.14
CA ALA D 32 -62.35 17.65 23.60
C ALA D 32 -61.70 16.39 23.01
N ALA D 33 -61.33 16.44 21.72
CA ALA D 33 -60.66 15.35 21.00
C ALA D 33 -59.17 15.70 20.86
N SER D 34 -58.41 15.60 21.99
CA SER D 34 -56.95 15.90 22.15
C SER D 34 -56.06 15.34 20.98
N ASP D 35 -56.53 14.24 20.40
CA ASP D 35 -56.00 13.45 19.28
C ASP D 35 -57.06 12.40 18.88
N ASN D 36 -57.86 11.91 19.87
CA ASN D 36 -58.91 10.92 19.71
C ASN D 36 -59.85 11.29 18.60
N THR D 37 -59.60 10.65 17.48
CA THR D 37 -60.30 10.79 16.22
C THR D 37 -61.76 10.39 16.36
N THR D 38 -62.02 9.32 17.13
CA THR D 38 -63.38 8.85 17.34
C THR D 38 -64.23 9.93 18.03
N ILE D 39 -63.62 10.72 18.95
CA ILE D 39 -64.33 11.83 19.58
C ILE D 39 -64.58 12.92 18.53
N TYR D 40 -63.54 13.22 17.75
CA TYR D 40 -63.48 14.22 16.70
C TYR D 40 -64.62 14.13 15.68
N TYR D 41 -64.84 12.95 15.09
CA TYR D 41 -65.90 12.79 14.10
C TYR D 41 -67.30 12.73 14.72
N SER D 42 -67.43 12.16 15.94
CA SER D 42 -68.74 12.14 16.59
C SER D 42 -69.20 13.55 17.00
N LEU D 43 -68.25 14.49 17.18
CA LEU D 43 -68.53 15.89 17.49
C LEU D 43 -68.65 16.70 16.19
N LEU D 44 -67.87 16.35 15.16
CA LEU D 44 -67.94 16.97 13.85
C LEU D 44 -69.31 16.72 13.20
N ASP D 45 -69.95 15.58 13.53
CA ASP D 45 -71.26 15.22 13.05
C ASP D 45 -72.33 16.09 13.70
N ARG D 46 -72.18 16.37 15.01
CA ARG D 46 -73.12 17.18 15.78
C ARG D 46 -73.06 18.67 15.43
N ILE D 47 -71.88 19.17 15.03
CA ILE D 47 -71.77 20.57 14.59
C ILE D 47 -72.31 20.75 13.17
N ALA D 48 -72.31 19.68 12.36
CA ALA D 48 -72.88 19.67 11.01
C ALA D 48 -74.40 19.38 11.07
N LYS D 49 -74.88 18.73 12.15
CA LYS D 49 -76.28 18.41 12.39
C LYS D 49 -77.04 19.74 12.64
N GLY D 50 -76.48 20.60 13.48
CA GLY D 50 -77.05 21.89 13.82
C GLY D 50 -77.22 22.15 15.32
N HIS D 51 -76.74 21.22 16.14
CA HIS D 51 -76.85 21.32 17.58
C HIS D 51 -76.07 22.50 18.12
N PHE D 52 -74.95 22.82 17.51
CA PHE D 52 -74.10 23.92 17.97
C PHE D 52 -74.29 25.23 17.27
N ALA D 53 -75.32 25.35 16.44
CA ALA D 53 -75.56 26.58 15.72
C ALA D 53 -76.01 27.71 16.65
N GLU D 54 -76.82 27.36 17.66
CA GLU D 54 -77.32 28.32 18.64
C GLU D 54 -76.27 28.89 19.59
N ALA D 55 -75.05 28.36 19.55
CA ALA D 55 -73.96 28.87 20.37
C ALA D 55 -73.45 30.13 19.73
N THR D 56 -73.95 31.26 20.20
CA THR D 56 -73.56 32.55 19.67
C THR D 56 -72.37 33.08 20.42
N THR D 57 -72.43 33.09 21.75
CA THR D 57 -71.33 33.57 22.56
C THR D 57 -70.30 32.47 22.75
N ASP D 58 -69.05 32.85 22.92
CA ASP D 58 -67.96 31.90 23.16
C ASP D 58 -68.22 31.01 24.37
N LYS D 59 -68.88 31.56 25.38
CA LYS D 59 -69.23 30.82 26.58
C LYS D 59 -70.27 29.76 26.21
N ALA D 60 -71.31 30.13 25.40
CA ALA D 60 -72.35 29.21 24.94
C ALA D 60 -71.76 27.98 24.27
N LEU D 61 -70.67 28.20 23.52
CA LEU D 61 -69.91 27.17 22.83
C LEU D 61 -69.40 26.18 23.87
N TYR D 62 -68.69 26.72 24.85
CA TYR D 62 -68.12 25.93 25.93
C TYR D 62 -69.18 25.17 26.68
N GLU D 63 -70.26 25.84 27.05
CA GLU D 63 -71.31 25.22 27.82
C GLU D 63 -72.00 24.12 27.05
N LYS D 64 -72.46 24.37 25.83
CA LYS D 64 -73.12 23.30 25.05
C LYS D 64 -72.16 22.14 24.78
N PHE D 65 -70.86 22.44 24.61
CA PHE D 65 -69.89 21.38 24.43
C PHE D 65 -69.78 20.51 25.66
N LEU D 66 -69.92 21.10 26.85
CA LEU D 66 -69.88 20.36 28.10
C LEU D 66 -71.00 19.32 28.12
N GLU D 67 -72.20 19.72 27.67
CA GLU D 67 -73.35 18.82 27.59
C GLU D 67 -73.04 17.61 26.76
N VAL D 68 -72.66 17.79 25.48
CA VAL D 68 -72.39 16.69 24.58
C VAL D 68 -71.17 15.87 24.97
N LEU D 69 -70.15 16.51 25.58
CA LEU D 69 -68.95 15.79 25.98
C LEU D 69 -69.23 14.78 27.08
N ARG D 70 -70.07 15.14 28.03
CA ARG D 70 -70.43 14.27 29.12
C ARG D 70 -71.56 13.32 28.71
N ASP D 71 -72.54 13.82 27.92
CA ASP D 71 -73.71 13.06 27.45
C ASP D 71 -73.40 11.98 26.40
N ASP D 72 -72.40 12.21 25.53
CA ASP D 72 -72.02 11.20 24.54
C ASP D 72 -70.93 10.22 25.05
N GLY D 73 -70.61 10.27 26.34
CA GLY D 73 -69.64 9.39 27.00
C GLY D 73 -68.18 9.68 26.75
N HIS D 74 -67.90 10.73 25.95
CA HIS D 74 -66.53 11.13 25.58
C HIS D 74 -65.70 11.52 26.79
N MET D 75 -66.31 12.20 27.77
CA MET D 75 -65.58 12.68 28.93
C MET D 75 -66.19 12.42 30.30
N ASP D 76 -65.31 12.01 31.21
CA ASP D 76 -65.59 11.75 32.62
C ASP D 76 -65.18 13.02 33.41
N PRO D 77 -65.81 13.27 34.56
CA PRO D 77 -65.47 14.49 35.34
C PRO D 77 -64.00 14.75 35.67
N GLU D 78 -63.23 13.71 36.00
CA GLU D 78 -61.81 13.86 36.31
C GLU D 78 -61.03 14.45 35.13
N ALA D 79 -61.22 13.87 33.93
CA ALA D 79 -60.57 14.38 32.71
C ALA D 79 -61.25 15.65 32.10
N LEU D 80 -62.52 15.93 32.49
CA LEU D 80 -63.26 17.12 32.06
C LEU D 80 -62.60 18.43 32.58
N SER D 81 -61.70 18.33 33.57
CA SER D 81 -60.95 19.47 34.07
C SER D 81 -59.81 19.84 33.09
N ALA D 82 -59.00 18.85 32.65
CA ALA D 82 -57.91 19.06 31.67
C ALA D 82 -58.40 19.76 30.41
N PHE D 83 -59.62 19.44 30.02
CA PHE D 83 -60.25 20.04 28.90
C PHE D 83 -60.55 21.55 29.13
N LYS D 84 -61.05 21.94 30.32
CA LYS D 84 -61.31 23.35 30.61
C LYS D 84 -59.99 24.11 30.63
N LEU D 85 -58.92 23.49 31.16
CA LEU D 85 -57.57 24.04 31.29
C LEU D 85 -56.94 24.30 29.95
N ALA D 86 -56.92 23.28 29.09
CA ALA D 86 -56.36 23.43 27.75
C ALA D 86 -57.07 24.51 26.91
N LEU D 87 -58.24 24.98 27.34
CA LEU D 87 -59.00 26.00 26.65
C LEU D 87 -58.51 27.41 26.93
N SER D 88 -58.08 27.69 28.17
CA SER D 88 -57.54 29.02 28.53
C SER D 88 -56.15 29.16 27.91
N LEU D 89 -55.35 28.11 28.07
CA LEU D 89 -54.01 27.94 27.53
C LEU D 89 -54.01 28.00 26.02
N ARG D 90 -55.06 27.41 25.41
CA ARG D 90 -55.30 27.31 24.00
C ARG D 90 -54.27 26.41 23.32
N THR D 91 -54.27 25.13 23.70
CA THR D 91 -53.38 24.12 23.11
C THR D 91 -53.80 23.76 21.70
N ALA D 92 -55.12 23.80 21.46
CA ALA D 92 -55.70 23.55 20.15
C ALA D 92 -55.66 24.83 19.29
N THR D 93 -54.63 25.65 19.44
CA THR D 93 -54.45 26.83 18.62
C THR D 93 -53.25 26.69 17.71
N PRO D 94 -52.07 26.17 18.15
CA PRO D 94 -50.97 25.95 17.19
C PRO D 94 -51.32 24.90 16.10
N ARG D 95 -52.38 24.06 16.28
CA ARG D 95 -52.82 23.12 15.23
C ARG D 95 -53.73 23.85 14.16
N VAL D 96 -54.22 25.09 14.48
CA VAL D 96 -55.08 25.89 13.62
C VAL D 96 -54.31 26.64 12.53
N GLU D 97 -53.39 27.59 12.88
CA GLU D 97 -52.58 28.29 11.87
C GLU D 97 -51.73 27.27 11.04
N ALA D 98 -51.72 25.95 11.41
CA ALA D 98 -51.06 24.85 10.69
C ALA D 98 -51.96 24.41 9.52
N HIS D 99 -53.28 24.22 9.77
CA HIS D 99 -54.26 23.90 8.73
C HIS D 99 -54.55 25.17 7.85
N TYR D 100 -54.35 26.39 8.45
CA TYR D 100 -54.50 27.77 7.96
C TYR D 100 -53.39 28.23 6.96
N GLN D 101 -52.13 27.81 7.18
CA GLN D 101 -51.01 28.22 6.32
C GLN D 101 -50.54 27.12 5.35
N TYR D 102 -50.95 25.86 5.57
CA TYR D 102 -50.71 24.81 4.58
C TYR D 102 -51.64 25.10 3.40
N TYR D 103 -52.90 25.46 3.69
CA TYR D 103 -53.88 25.84 2.70
C TYR D 103 -53.38 27.04 1.87
N THR D 104 -52.74 28.00 2.54
CA THR D 104 -52.19 29.22 1.95
C THR D 104 -50.98 28.99 1.01
N ALA D 105 -49.95 28.23 1.45
CA ALA D 105 -48.72 28.02 0.69
C ALA D 105 -48.64 26.72 -0.11
N THR D 106 -49.67 25.86 -0.04
CA THR D 106 -49.62 24.56 -0.73
C THR D 106 -50.97 24.16 -1.44
N VAL D 107 -52.10 24.68 -0.97
CA VAL D 107 -53.41 24.36 -1.56
C VAL D 107 -53.85 25.38 -2.60
N GLU D 108 -53.84 26.66 -2.24
CA GLU D 108 -54.23 27.75 -3.14
C GLU D 108 -53.47 27.77 -4.48
N PRO D 109 -52.12 27.67 -4.52
CA PRO D 109 -51.43 27.69 -5.82
C PRO D 109 -51.77 26.50 -6.74
N SER D 110 -51.93 25.31 -6.16
CA SER D 110 -52.27 24.12 -6.94
C SER D 110 -53.71 24.14 -7.48
N LEU D 111 -54.59 24.87 -6.77
CA LEU D 111 -56.00 25.04 -7.10
C LEU D 111 -56.12 25.92 -8.34
N SER D 112 -56.08 25.32 -9.52
CA SER D 112 -56.18 26.07 -10.76
C SER D 112 -57.62 26.46 -11.10
N GLY D 113 -57.86 27.75 -11.29
CA GLY D 113 -59.18 28.28 -11.59
C GLY D 113 -59.66 29.27 -10.54
N THR D 114 -60.75 30.00 -10.84
CA THR D 114 -61.28 30.98 -9.89
C THR D 114 -62.36 30.34 -9.04
N GLN D 115 -62.22 30.47 -7.72
CA GLN D 115 -63.17 29.86 -6.79
C GLN D 115 -64.38 30.73 -6.51
N GLU D 116 -65.55 30.11 -6.55
CA GLU D 116 -66.84 30.74 -6.23
C GLU D 116 -67.77 29.62 -5.85
N GLY D 117 -68.32 29.68 -4.64
CA GLY D 117 -69.15 28.60 -4.11
C GLY D 117 -68.33 27.43 -3.58
N CYS D 118 -67.01 27.46 -3.87
CA CYS D 118 -66.03 26.48 -3.49
C CYS D 118 -65.44 26.80 -2.13
N ASP D 119 -66.27 27.31 -1.18
CA ASP D 119 -65.81 27.52 0.20
C ASP D 119 -65.39 26.18 0.82
N GLN D 120 -66.10 25.10 0.44
CA GLN D 120 -65.82 23.72 0.79
C GLN D 120 -65.71 22.93 -0.53
N TRP D 121 -64.67 22.07 -0.67
CA TRP D 121 -64.46 21.24 -1.88
C TRP D 121 -63.65 19.99 -1.59
N PHE D 122 -63.97 18.91 -2.27
CA PHE D 122 -63.27 17.65 -2.09
C PHE D 122 -62.16 17.45 -3.09
N LEU D 123 -61.16 16.64 -2.73
CA LEU D 123 -60.06 16.31 -3.60
C LEU D 123 -60.04 14.81 -3.84
N ILE D 124 -60.32 14.39 -5.08
CA ILE D 124 -60.33 12.97 -5.47
C ILE D 124 -59.58 12.76 -6.79
N ASP D 125 -58.44 12.05 -6.74
CA ASP D 125 -57.61 11.66 -7.89
C ASP D 125 -57.12 12.84 -8.75
N GLY D 126 -56.54 13.85 -8.11
CA GLY D 126 -56.04 15.03 -8.80
C GLY D 126 -57.13 15.93 -9.36
N GLU D 127 -58.38 15.73 -8.93
CA GLU D 127 -59.52 16.50 -9.39
C GLU D 127 -60.27 17.14 -8.21
N GLN D 128 -60.68 18.40 -8.37
CA GLN D 128 -61.39 19.10 -7.32
C GLN D 128 -62.87 19.22 -7.67
N TYR D 129 -63.76 18.98 -6.69
CA TYR D 129 -65.19 19.05 -6.92
C TYR D 129 -65.85 19.98 -5.89
N CYS D 130 -66.47 21.07 -6.36
CA CYS D 130 -67.14 22.06 -5.48
C CYS D 130 -68.61 21.73 -5.15
N SER D 131 -69.08 20.54 -5.51
CA SER D 131 -70.47 20.18 -5.28
C SER D 131 -70.59 18.80 -4.65
N PRO D 132 -71.62 18.60 -3.79
CA PRO D 132 -71.82 17.26 -3.19
C PRO D 132 -72.12 16.18 -4.24
N THR D 133 -72.75 16.59 -5.34
CA THR D 133 -73.14 15.74 -6.44
C THR D 133 -71.97 15.05 -7.14
N LEU D 134 -70.75 15.60 -7.03
CA LEU D 134 -69.54 15.05 -7.65
C LEU D 134 -69.45 15.25 -9.18
N ASP D 135 -70.47 15.84 -9.80
CA ASP D 135 -70.48 16.08 -11.24
C ASP D 135 -69.77 17.36 -11.66
N THR D 136 -69.60 18.32 -10.73
CA THR D 136 -68.95 19.57 -11.04
C THR D 136 -67.48 19.58 -10.64
N SER D 137 -66.58 19.41 -11.61
CA SER D 137 -65.15 19.44 -11.38
C SER D 137 -64.64 20.78 -11.82
N HIS D 138 -64.11 21.57 -10.88
CA HIS D 138 -63.63 22.91 -11.23
C HIS D 138 -62.25 22.93 -11.88
N GLY D 139 -61.32 22.12 -11.40
CA GLY D 139 -59.98 22.11 -11.98
C GLY D 139 -59.02 21.06 -11.46
N LYS D 140 -57.93 20.88 -12.19
CA LYS D 140 -56.88 19.94 -11.86
C LYS D 140 -56.04 20.52 -10.74
N VAL D 141 -55.73 19.70 -9.73
CA VAL D 141 -54.89 20.13 -8.62
C VAL D 141 -53.44 19.85 -8.95
N LYS D 142 -52.80 20.82 -9.63
CA LYS D 142 -51.40 20.76 -10.05
C LYS D 142 -50.43 20.77 -8.84
N GLY D 143 -49.14 21.02 -9.10
CA GLY D 143 -48.10 21.10 -8.08
C GLY D 143 -48.02 19.91 -7.14
N GLU D 144 -47.63 20.16 -5.88
CA GLU D 144 -47.51 19.13 -4.86
C GLU D 144 -48.85 18.45 -4.63
N ASP D 145 -48.86 17.12 -4.58
CA ASP D 145 -50.09 16.39 -4.34
C ASP D 145 -50.47 16.60 -2.89
N GLN D 146 -51.74 16.93 -2.63
CA GLN D 146 -52.20 17.18 -1.27
C GLN D 146 -52.74 15.94 -0.54
N LEU D 147 -52.72 14.77 -1.19
CA LEU D 147 -53.16 13.52 -0.55
C LEU D 147 -52.08 12.93 0.40
N ARG D 148 -50.95 13.66 0.62
CA ARG D 148 -49.86 13.25 1.51
C ARG D 148 -50.35 13.18 2.93
N THR D 149 -49.75 12.27 3.70
CA THR D 149 -50.09 12.16 5.10
C THR D 149 -49.36 13.25 5.87
N LEU D 150 -50.13 14.08 6.56
CA LEU D 150 -49.58 15.17 7.36
C LEU D 150 -50.04 14.99 8.81
N PRO D 151 -49.19 15.37 9.78
CA PRO D 151 -49.52 15.11 11.21
C PRO D 151 -50.93 15.49 11.70
N PHE D 152 -51.49 16.60 11.20
CA PHE D 152 -52.81 17.14 11.60
C PHE D 152 -54.02 16.44 10.97
N ASP D 153 -53.78 15.44 10.10
CA ASP D 153 -54.84 14.71 9.43
C ASP D 153 -55.60 13.78 10.39
N ARG D 154 -56.82 13.43 10.02
CA ARG D 154 -57.65 12.54 10.81
C ARG D 154 -58.33 11.54 9.89
N LYS D 155 -57.76 10.34 9.76
CA LYS D 155 -58.31 9.33 8.87
C LYS D 155 -59.47 8.53 9.45
N PHE D 156 -60.57 8.47 8.70
CA PHE D 156 -61.75 7.71 9.07
C PHE D 156 -62.13 6.80 7.91
N GLY D 157 -62.13 5.50 8.16
CA GLY D 157 -62.48 4.53 7.14
C GLY D 157 -61.36 4.23 6.18
N VAL D 158 -61.48 3.13 5.46
CA VAL D 158 -60.50 2.71 4.47
C VAL D 158 -61.17 2.68 3.11
N GLY D 159 -60.47 3.19 2.09
CA GLY D 159 -61.04 3.22 0.75
C GLY D 159 -60.06 3.48 -0.37
N SER D 160 -60.47 3.05 -1.58
CA SER D 160 -59.70 3.23 -2.81
C SER D 160 -59.58 4.72 -3.10
N ARG D 161 -60.72 5.45 -3.08
CA ARG D 161 -60.70 6.89 -3.29
C ARG D 161 -60.18 7.55 -2.01
N ASP D 162 -59.41 8.64 -2.15
CA ASP D 162 -58.93 9.37 -1.00
C ASP D 162 -59.63 10.71 -1.02
N VAL D 163 -60.50 10.92 -0.03
CA VAL D 163 -61.28 12.14 0.01
C VAL D 163 -60.78 13.08 1.08
N ILE D 164 -60.60 14.32 0.70
CA ILE D 164 -60.13 15.34 1.62
C ILE D 164 -61.07 16.53 1.54
N LEU D 165 -61.70 16.89 2.67
CA LEU D 165 -62.62 18.02 2.73
C LEU D 165 -61.96 19.24 3.35
N TYR D 166 -61.73 20.28 2.53
CA TYR D 166 -61.16 21.56 3.00
C TYR D 166 -62.36 22.43 3.36
N ALA D 167 -62.59 22.67 4.67
CA ALA D 167 -63.79 23.41 5.07
C ALA D 167 -63.63 24.52 6.08
N ASP D 168 -64.46 25.53 5.88
CA ASP D 168 -64.67 26.64 6.79
C ASP D 168 -65.95 26.12 7.45
N ILE D 169 -65.85 25.62 8.68
CA ILE D 169 -67.00 25.03 9.36
C ILE D 169 -67.99 26.08 9.91
N THR D 170 -67.56 27.35 10.09
CA THR D 170 -68.40 28.45 10.59
C THR D 170 -69.70 28.63 9.79
N SER D 171 -69.67 28.32 8.49
CA SER D 171 -70.84 28.37 7.63
C SER D 171 -71.45 26.95 7.54
N LYS D 172 -72.77 26.83 7.69
CA LYS D 172 -73.43 25.53 7.60
C LYS D 172 -73.34 24.89 6.22
N SER D 173 -72.82 25.62 5.21
CA SER D 173 -72.55 25.12 3.86
C SER D 173 -71.60 23.89 3.87
N PHE D 174 -70.88 23.68 4.97
CA PHE D 174 -69.97 22.56 5.12
C PHE D 174 -70.77 21.27 5.38
N ALA D 175 -71.79 21.35 6.24
CA ALA D 175 -72.64 20.24 6.69
C ALA D 175 -73.06 19.20 5.63
N PRO D 176 -73.57 19.55 4.43
CA PRO D 176 -73.95 18.51 3.46
C PRO D 176 -72.75 17.75 2.90
N PHE D 177 -71.65 18.46 2.62
CA PHE D 177 -70.42 17.87 2.07
C PHE D 177 -69.89 16.79 3.00
N HIS D 178 -69.90 17.07 4.31
CA HIS D 178 -69.47 16.15 5.35
C HIS D 178 -70.30 14.86 5.31
N GLU D 179 -71.63 14.96 5.48
CA GLU D 179 -72.57 13.83 5.50
C GLU D 179 -72.35 12.85 4.35
N VAL D 180 -72.07 13.40 3.17
CA VAL D 180 -71.83 12.60 1.98
C VAL D 180 -70.54 11.80 2.11
N ALA D 181 -69.45 12.48 2.46
CA ALA D 181 -68.16 11.82 2.65
C ALA D 181 -68.22 10.82 3.80
N MET D 182 -68.97 11.15 4.85
CA MET D 182 -69.16 10.29 6.01
C MET D 182 -69.88 9.02 5.61
N ASP D 183 -70.90 9.14 4.74
CA ASP D 183 -71.67 8.03 4.20
C ASP D 183 -70.74 7.13 3.39
N LEU D 184 -69.94 7.73 2.52
CA LEU D 184 -68.98 7.08 1.67
C LEU D 184 -67.93 6.26 2.48
N ALA D 185 -67.43 6.85 3.56
CA ALA D 185 -66.44 6.21 4.40
C ALA D 185 -67.06 5.09 5.23
N LYS D 186 -68.25 5.32 5.82
CA LYS D 186 -68.94 4.30 6.62
C LYS D 186 -69.42 3.12 5.76
N LYS D 187 -69.65 3.33 4.45
CA LYS D 187 -69.99 2.25 3.53
C LYS D 187 -68.74 1.36 3.32
N GLY D 188 -67.58 1.99 3.21
CA GLY D 188 -66.29 1.33 3.02
C GLY D 188 -65.76 1.56 1.62
N LYS D 189 -66.01 2.77 1.09
CA LYS D 189 -65.60 3.07 -0.27
C LYS D 189 -64.46 4.09 -0.34
N ALA D 190 -64.24 4.90 0.71
CA ALA D 190 -63.12 5.85 0.71
C ALA D 190 -62.63 6.22 2.11
N SER D 191 -61.36 6.66 2.21
CA SER D 191 -60.77 7.08 3.46
C SER D 191 -60.94 8.59 3.60
N TYR D 192 -61.64 9.00 4.66
CA TYR D 192 -62.02 10.38 4.95
C TYR D 192 -61.08 11.14 5.89
N ARG D 193 -60.64 12.33 5.50
CA ARG D 193 -59.79 13.17 6.35
C ARG D 193 -60.19 14.63 6.25
N VAL D 194 -60.25 15.33 7.40
CA VAL D 194 -60.66 16.73 7.43
C VAL D 194 -59.50 17.70 7.69
N ARG D 195 -59.34 18.65 6.76
CA ARG D 195 -58.39 19.77 6.81
C ARG D 195 -59.19 21.10 6.86
N TYR D 196 -58.56 22.20 7.34
CA TYR D 196 -59.29 23.45 7.48
C TYR D 196 -58.96 24.55 6.48
N ARG D 197 -59.95 25.39 6.24
CA ARG D 197 -59.84 26.57 5.42
C ARG D 197 -59.99 27.74 6.36
N ARG D 198 -59.15 28.79 6.18
CA ARG D 198 -59.15 30.02 6.97
C ARG D 198 -60.55 30.62 6.97
N SER D 199 -61.26 30.43 8.08
CA SER D 199 -62.63 30.88 8.30
C SER D 199 -62.80 32.39 8.12
N PRO D 200 -63.52 32.82 7.05
CA PRO D 200 -63.68 34.27 6.80
C PRO D 200 -64.59 35.01 7.78
N SER D 201 -65.37 34.27 8.60
CA SER D 201 -66.25 34.87 9.59
C SER D 201 -65.46 35.49 10.74
N HIS D 202 -64.30 34.90 11.10
CA HIS D 202 -63.48 35.45 12.17
C HIS D 202 -62.61 36.61 11.68
N SER D 203 -62.39 37.58 12.57
CA SER D 203 -61.60 38.78 12.29
C SER D 203 -60.11 38.51 12.51
N ARG D 204 -59.25 39.40 11.97
CA ARG D 204 -57.80 39.30 12.13
C ARG D 204 -57.37 40.00 13.43
N GLU D 205 -57.80 39.43 14.55
CA GLU D 205 -57.42 39.92 15.86
C GLU D 205 -56.38 38.91 16.35
N SER D 206 -55.21 39.39 16.78
CA SER D 206 -54.14 38.53 17.29
C SER D 206 -54.59 37.70 18.52
N LEU D 207 -53.77 36.72 18.99
CA LEU D 207 -54.20 35.88 20.12
C LEU D 207 -53.49 36.18 21.44
N SER D 208 -54.24 36.07 22.55
CA SER D 208 -53.74 36.37 23.88
C SER D 208 -53.43 35.10 24.66
N VAL D 209 -52.32 34.47 24.33
CA VAL D 209 -51.93 33.22 24.96
C VAL D 209 -51.37 33.41 26.36
N ASN D 210 -51.38 32.32 27.13
CA ASN D 210 -50.82 32.20 28.47
C ASN D 210 -49.72 31.11 28.45
N GLY D 211 -49.12 30.83 29.60
CA GLY D 211 -48.03 29.86 29.68
C GLY D 211 -46.73 30.57 29.93
N TYR D 212 -46.72 31.41 30.95
CA TYR D 212 -45.58 32.23 31.31
C TYR D 212 -45.89 33.05 32.57
N GLY D 213 -44.86 33.53 33.24
CA GLY D 213 -44.98 34.39 34.43
C GLY D 213 -44.15 35.67 34.24
N VAL D 214 -44.54 36.80 34.88
CA VAL D 214 -43.82 38.08 34.70
C VAL D 214 -42.85 38.45 35.85
N GLU D 215 -41.63 38.94 35.53
CA GLU D 215 -40.66 39.34 36.57
C GLU D 215 -40.38 40.86 36.58
N LEU D 216 -40.72 41.51 37.71
CA LEU D 216 -40.48 42.94 37.96
C LEU D 216 -39.27 43.04 38.90
N VAL D 217 -38.11 42.63 38.39
CA VAL D 217 -36.82 42.55 39.09
C VAL D 217 -36.28 43.91 39.59
N LEU D 218 -35.88 43.97 40.88
CA LEU D 218 -35.34 45.21 41.44
C LEU D 218 -33.86 45.26 41.14
N LYS D 219 -33.46 45.91 40.02
CA LYS D 219 -32.05 46.00 39.67
C LYS D 219 -31.19 46.62 40.77
N ARG D 220 -31.78 47.50 41.58
CA ARG D 220 -31.09 48.06 42.74
C ARG D 220 -31.13 46.96 43.79
N THR D 221 -30.15 46.06 43.76
CA THR D 221 -30.08 44.93 44.70
C THR D 221 -28.87 45.01 45.67
N ASP D 222 -28.15 46.14 45.67
CA ASP D 222 -26.93 46.35 46.47
C ASP D 222 -27.15 46.60 47.97
N TYR D 223 -28.31 47.15 48.41
CA TYR D 223 -28.50 47.42 49.84
C TYR D 223 -29.07 46.21 50.57
N ILE D 224 -28.46 45.95 51.74
CA ILE D 224 -28.62 44.92 52.79
C ILE D 224 -27.56 45.35 53.83
N VAL D 225 -27.94 45.59 55.09
CA VAL D 225 -26.98 46.02 56.12
C VAL D 225 -26.37 44.81 56.86
N ILE D 259 -48.58 51.13 48.68
CA ILE D 259 -48.53 50.51 49.99
C ILE D 259 -47.13 50.70 50.61
N ALA D 260 -46.05 50.50 49.82
CA ALA D 260 -44.65 50.67 50.24
C ALA D 260 -43.90 51.18 49.01
N ASP D 261 -43.40 52.41 49.03
CA ASP D 261 -42.75 52.99 47.86
C ASP D 261 -41.32 52.53 47.63
N ILE D 262 -40.64 52.12 48.69
CA ILE D 262 -39.29 51.63 48.53
C ILE D 262 -39.14 50.34 49.27
N LYS D 263 -38.31 49.45 48.74
CA LYS D 263 -38.07 48.17 49.39
C LYS D 263 -37.28 48.43 50.67
N PRO D 264 -37.84 48.06 51.82
CA PRO D 264 -37.16 48.35 53.08
C PRO D 264 -35.98 47.41 53.34
N LEU D 265 -34.77 47.95 53.60
CA LEU D 265 -33.61 47.09 53.84
C LEU D 265 -33.10 47.14 55.26
N GLU D 266 -33.06 45.96 55.84
CA GLU D 266 -32.70 45.61 57.21
C GLU D 266 -31.20 45.34 57.40
N LYS D 267 -30.80 45.08 58.66
CA LYS D 267 -29.43 44.76 59.05
C LYS D 267 -29.07 43.26 58.75
N SER D 268 -28.68 42.48 59.77
CA SER D 268 -28.25 41.10 59.63
C SER D 268 -29.36 40.08 59.86
N GLU D 269 -30.62 40.46 59.59
CA GLU D 269 -31.70 39.51 59.80
C GLU D 269 -32.36 39.00 58.52
N LEU D 270 -31.57 38.29 57.74
CA LEU D 270 -32.01 37.61 56.53
C LEU D 270 -31.90 36.08 56.71
N ALA D 271 -31.07 35.59 57.67
CA ALA D 271 -30.92 34.16 58.00
C ALA D 271 -32.23 33.58 58.54
N ALA D 272 -32.90 34.30 59.47
CA ALA D 272 -34.18 33.83 60.01
C ALA D 272 -35.38 34.32 59.18
N LEU D 273 -35.16 35.30 58.26
CA LEU D 273 -36.17 35.91 57.38
C LEU D 273 -37.00 34.88 56.58
N GLY D 274 -36.38 34.04 55.77
CA GLY D 274 -37.12 33.02 55.03
C GLY D 274 -37.85 32.06 55.95
N MET D 275 -37.18 31.63 57.07
CA MET D 275 -37.71 30.67 58.06
C MET D 275 -38.98 31.20 58.72
N LYS D 276 -38.98 32.47 59.08
CA LYS D 276 -40.11 33.09 59.72
C LYS D 276 -41.25 33.26 58.74
N ALA D 277 -40.96 33.72 57.53
CA ALA D 277 -41.98 33.88 56.50
C ALA D 277 -42.66 32.54 56.22
N ALA D 278 -41.87 31.45 56.19
CA ALA D 278 -42.36 30.09 55.99
C ALA D 278 -43.34 29.74 57.10
N SER D 279 -42.98 30.07 58.35
CA SER D 279 -43.84 29.82 59.50
C SER D 279 -45.12 30.65 59.46
N PHE D 280 -45.10 31.81 58.77
CA PHE D 280 -46.31 32.62 58.68
C PHE D 280 -47.39 31.99 57.81
N VAL D 281 -46.99 31.15 56.85
CA VAL D 281 -47.95 30.44 56.01
C VAL D 281 -48.83 29.52 56.87
N MET D 282 -48.22 28.88 57.88
CA MET D 282 -48.93 27.99 58.81
C MET D 282 -49.85 28.80 59.73
N GLN D 283 -49.38 29.95 60.23
CA GLN D 283 -50.15 30.78 61.16
C GLN D 283 -51.25 31.66 60.49
N SER D 284 -51.35 31.62 59.15
CA SER D 284 -52.35 32.37 58.39
C SER D 284 -53.75 31.74 58.45
N GLU D 285 -53.80 30.40 58.28
CA GLU D 285 -54.98 29.51 58.25
C GLU D 285 -55.82 29.60 56.93
N LYS D 286 -55.21 30.18 55.90
CA LYS D 286 -55.60 30.22 54.49
C LYS D 286 -54.22 29.94 53.84
N PRO D 287 -53.68 28.69 53.99
CA PRO D 287 -52.27 28.46 53.65
C PRO D 287 -51.90 28.64 52.19
N PHE D 288 -52.68 28.08 51.26
CA PHE D 288 -52.37 28.21 49.85
C PHE D 288 -52.41 29.65 49.40
N GLU D 289 -53.41 30.38 49.88
CA GLU D 289 -53.58 31.76 49.55
C GLU D 289 -52.44 32.59 50.09
N ALA D 290 -52.15 32.46 51.38
CA ALA D 290 -51.09 33.24 52.00
C ALA D 290 -49.73 32.93 51.40
N LEU D 291 -49.44 31.65 51.14
CA LEU D 291 -48.19 31.23 50.55
C LEU D 291 -47.97 31.90 49.21
N LEU D 292 -49.05 31.96 48.42
CA LEU D 292 -49.10 32.60 47.11
C LEU D 292 -48.87 34.11 47.21
N LYS D 293 -49.62 34.81 48.08
CA LYS D 293 -49.50 36.26 48.22
C LYS D 293 -48.13 36.69 48.70
N LEU D 294 -47.58 35.93 49.65
CA LEU D 294 -46.25 36.20 50.16
C LEU D 294 -45.20 35.86 49.11
N THR D 295 -45.45 34.85 48.27
CA THR D 295 -44.57 34.45 47.17
C THR D 295 -44.41 35.62 46.22
N GLN D 296 -45.50 36.09 45.60
CA GLN D 296 -45.40 37.22 44.69
C GLN D 296 -44.95 38.49 45.39
N ASP D 297 -45.40 38.70 46.62
CA ASP D 297 -45.05 39.88 47.40
C ASP D 297 -44.00 39.55 48.49
N PHE D 298 -42.85 38.98 48.13
CA PHE D 298 -41.78 38.72 49.10
C PHE D 298 -41.01 40.04 49.36
N PRO D 299 -40.54 40.80 48.33
CA PRO D 299 -39.84 42.06 48.64
C PRO D 299 -40.74 43.14 49.23
N LYS D 300 -42.05 43.14 48.88
CA LYS D 300 -43.03 44.10 49.39
C LYS D 300 -43.15 43.90 50.92
N TYR D 301 -43.30 42.64 51.33
CA TYR D 301 -43.42 42.29 52.75
C TYR D 301 -42.13 41.68 53.25
N SER D 302 -41.00 42.27 52.87
CA SER D 302 -39.71 41.77 53.30
C SER D 302 -39.46 42.19 54.72
N ASN D 303 -39.59 43.49 55.01
CA ASN D 303 -39.30 43.99 56.36
C ASN D 303 -40.40 43.68 57.35
N SER D 304 -41.65 43.56 56.88
CA SER D 304 -42.76 43.26 57.78
C SER D 304 -42.62 41.91 58.52
N LEU D 305 -41.70 41.07 58.07
CA LEU D 305 -41.42 39.79 58.67
C LEU D 305 -40.79 39.92 60.08
N GLY D 306 -40.67 38.82 60.79
CA GLY D 306 -40.16 38.82 62.16
C GLY D 306 -41.13 39.42 63.15
N SER D 307 -42.38 39.49 62.75
CA SER D 307 -43.42 40.13 63.50
C SER D 307 -44.64 39.20 63.62
N GLN D 308 -45.50 39.51 64.60
CA GLN D 308 -46.69 38.76 65.04
C GLN D 308 -46.25 37.38 65.55
N ASN D 309 -45.25 37.36 66.49
CA ASN D 309 -44.61 36.17 67.10
C ASN D 309 -44.38 35.06 66.09
N VAL D 310 -44.06 35.46 64.85
CA VAL D 310 -43.82 34.50 63.79
C VAL D 310 -42.54 33.67 64.03
N SER D 311 -41.83 33.93 65.15
CA SER D 311 -40.61 33.20 65.55
C SER D 311 -40.84 31.68 65.53
N ALA D 312 -42.09 31.25 65.85
CA ALA D 312 -42.63 29.89 65.86
C ALA D 312 -41.62 28.75 65.57
N GLU D 313 -40.71 28.49 66.54
CA GLU D 313 -39.71 27.41 66.42
C GLU D 313 -40.29 26.04 66.71
N PHE D 314 -41.45 25.84 66.14
CA PHE D 314 -42.16 24.59 66.19
C PHE D 314 -41.55 23.77 65.10
N GLU D 315 -41.37 24.33 63.88
CA GLU D 315 -40.69 23.59 62.81
C GLU D 315 -39.18 23.45 63.04
N ALA D 316 -38.68 23.67 64.26
CA ALA D 316 -37.30 23.40 64.65
C ALA D 316 -37.16 21.88 64.83
N GLU D 317 -38.19 21.24 65.41
CA GLU D 317 -38.30 19.79 65.52
C GLU D 317 -38.68 19.24 64.13
N HIS D 318 -39.52 19.98 63.36
CA HIS D 318 -39.85 19.67 61.99
C HIS D 318 -38.68 19.85 61.01
N ARG D 319 -37.48 19.96 61.56
CA ARG D 319 -36.23 19.94 60.83
C ARG D 319 -35.75 18.49 60.68
N GLY D 320 -36.18 17.58 61.58
CA GLY D 320 -35.90 16.15 61.49
C GLY D 320 -36.47 15.49 60.25
N ASN D 321 -37.33 16.21 59.48
CA ASN D 321 -37.94 15.81 58.19
C ASN D 321 -36.93 16.11 57.07
N ARG D 322 -36.28 17.26 57.16
CA ARG D 322 -35.24 17.68 56.27
C ARG D 322 -33.96 16.84 56.60
N GLU D 323 -33.69 16.60 57.92
CA GLU D 323 -32.54 15.88 58.51
C GLU D 323 -32.32 14.44 58.08
N VAL D 324 -33.38 13.79 57.61
CA VAL D 324 -33.28 12.38 57.20
C VAL D 324 -33.42 12.18 55.67
N PHE D 325 -33.41 13.28 54.88
CA PHE D 325 -33.60 13.16 53.44
C PHE D 325 -32.99 14.29 52.59
N LEU D 326 -33.55 15.51 52.63
CA LEU D 326 -33.12 16.59 51.75
C LEU D 326 -32.54 17.79 52.45
N PRO D 327 -31.62 18.52 51.81
CA PRO D 327 -31.09 19.76 52.41
C PRO D 327 -32.17 20.84 52.63
N GLU D 328 -31.88 21.83 53.51
CA GLU D 328 -32.84 22.90 53.81
C GLU D 328 -32.77 24.01 52.77
N GLY D 329 -33.93 24.50 52.34
CA GLY D 329 -33.98 25.50 51.29
C GLY D 329 -33.76 24.82 49.96
N SER D 330 -34.66 23.90 49.62
CA SER D 330 -34.54 23.10 48.41
C SER D 330 -35.85 23.05 47.64
N ASN D 331 -35.75 23.06 46.30
CA ASN D 331 -36.93 23.01 45.41
C ASN D 331 -37.00 21.69 44.62
N VAL D 332 -37.78 20.70 45.11
CA VAL D 332 -37.97 19.42 44.42
C VAL D 332 -39.45 19.05 44.36
N LEU D 333 -39.97 18.71 43.16
CA LEU D 333 -41.38 18.34 43.04
C LEU D 333 -41.60 16.93 42.56
N TRP D 334 -42.53 16.24 43.22
CA TRP D 334 -42.89 14.88 42.87
C TRP D 334 -44.32 14.82 42.37
N LEU D 335 -44.58 13.92 41.43
CA LEU D 335 -45.89 13.72 40.87
C LEU D 335 -46.14 12.23 40.84
N ASN D 336 -47.08 11.75 41.66
CA ASN D 336 -47.36 10.31 41.77
C ASN D 336 -46.13 9.47 42.13
N GLY D 337 -45.14 10.11 42.75
CA GLY D 337 -43.90 9.46 43.13
C GLY D 337 -42.73 9.83 42.25
N LEU D 338 -42.98 10.29 41.00
CA LEU D 338 -41.94 10.62 40.02
C LEU D 338 -41.09 11.90 40.32
N HIS D 339 -39.78 11.88 39.95
CA HIS D 339 -38.81 12.97 40.15
C HIS D 339 -38.93 14.02 39.04
N LEU D 340 -39.67 15.10 39.31
CA LEU D 340 -39.82 16.15 38.32
C LEU D 340 -39.01 17.37 38.65
N ILE D 341 -38.11 17.71 37.74
CA ILE D 341 -37.24 18.88 37.83
C ILE D 341 -37.90 20.05 37.04
N ASP D 342 -37.24 21.21 36.89
CA ASP D 342 -37.85 22.33 36.17
C ASP D 342 -38.00 22.16 34.61
N ARG D 343 -37.37 21.12 33.97
CA ARG D 343 -37.48 20.87 32.50
C ARG D 343 -38.93 20.50 32.11
N GLN D 344 -39.52 19.51 32.81
CA GLN D 344 -40.88 19.05 32.61
C GLN D 344 -41.92 20.03 33.25
N ILE D 345 -41.46 20.97 34.11
CA ILE D 345 -42.23 21.97 34.83
C ILE D 345 -42.32 23.32 34.10
N GLN D 346 -43.50 23.56 33.61
CA GLN D 346 -43.99 24.71 32.88
C GLN D 346 -45.31 24.29 32.22
N PRO D 347 -46.21 25.25 32.01
CA PRO D 347 -47.55 24.97 31.49
C PRO D 347 -47.77 23.71 30.60
N PHE D 348 -47.93 23.87 29.28
CA PHE D 348 -48.23 22.86 28.25
C PHE D 348 -47.58 21.51 28.49
N GLY D 349 -46.34 21.51 28.95
CA GLY D 349 -45.59 20.29 29.23
C GLY D 349 -46.24 19.47 30.30
N LEU D 350 -46.51 20.09 31.44
CA LEU D 350 -47.19 19.44 32.54
C LEU D 350 -48.59 18.96 32.19
N VAL D 351 -49.24 19.64 31.25
CA VAL D 351 -50.58 19.30 30.82
C VAL D 351 -50.68 17.85 30.32
N ASP D 352 -49.74 17.46 29.45
CA ASP D 352 -49.73 16.13 28.88
C ASP D 352 -49.24 15.06 29.82
N LEU D 353 -48.27 15.39 30.67
CA LEU D 353 -47.77 14.42 31.66
C LEU D 353 -48.87 14.10 32.66
N LEU D 354 -49.72 15.11 33.00
CA LEU D 354 -50.85 14.91 33.91
C LEU D 354 -51.90 14.04 33.28
N THR D 355 -52.19 14.27 32.01
CA THR D 355 -53.13 13.44 31.29
C THR D 355 -52.53 12.01 31.09
N ARG D 356 -51.18 11.88 31.06
CA ARG D 356 -50.50 10.59 30.98
C ARG D 356 -50.79 9.79 32.25
N GLU D 357 -50.70 10.43 33.42
CA GLU D 357 -51.04 9.77 34.68
C GLU D 357 -52.55 9.62 34.87
N ARG D 358 -53.33 10.47 34.20
CA ARG D 358 -54.78 10.45 34.08
C ARG D 358 -55.18 9.07 33.48
N LYS D 359 -54.31 8.48 32.62
CA LYS D 359 -54.50 7.14 32.06
C LYS D 359 -53.95 6.14 33.08
N LEU D 360 -52.72 6.37 33.56
CA LEU D 360 -51.98 5.53 34.50
C LEU D 360 -52.79 5.07 35.71
N ILE D 361 -53.23 5.99 36.56
CA ILE D 361 -53.98 5.64 37.76
C ILE D 361 -55.33 4.96 37.41
N LYS D 362 -55.89 5.24 36.22
CA LYS D 362 -57.15 4.62 35.83
C LYS D 362 -56.99 3.11 35.61
N SER D 363 -55.82 2.68 35.06
CA SER D 363 -55.45 1.26 34.88
C SER D 363 -55.23 0.53 36.23
N VAL D 364 -55.55 1.21 37.35
CA VAL D 364 -55.41 0.75 38.72
C VAL D 364 -56.78 0.64 39.38
N LEU D 365 -57.69 1.59 39.11
CA LEU D 365 -59.04 1.52 39.70
C LEU D 365 -59.86 0.35 39.12
N ASP D 366 -59.55 -0.07 37.88
CA ASP D 366 -60.14 -1.26 37.25
C ASP D 366 -59.72 -2.54 38.04
N LEU D 367 -58.58 -2.47 38.75
CA LEU D 367 -57.98 -3.46 39.63
C LEU D 367 -58.49 -3.37 41.09
N GLY D 368 -59.16 -2.28 41.45
CA GLY D 368 -59.73 -2.11 42.78
C GLY D 368 -58.91 -1.33 43.79
N LEU D 369 -58.08 -0.40 43.31
CA LEU D 369 -57.28 0.42 44.21
C LEU D 369 -57.65 1.88 44.10
N THR D 370 -57.43 2.62 45.17
CA THR D 370 -57.71 4.05 45.19
C THR D 370 -56.50 4.83 44.63
N GLY D 371 -56.64 6.13 44.43
CA GLY D 371 -55.56 6.99 43.95
C GLY D 371 -54.40 7.06 44.92
N GLN D 372 -54.69 7.00 46.23
CA GLN D 372 -53.64 6.98 47.25
C GLN D 372 -52.99 5.59 47.24
N GLN D 373 -53.81 4.53 47.16
CA GLN D 373 -53.33 3.15 47.11
C GLN D 373 -52.48 2.86 45.85
N ALA D 374 -52.70 3.63 44.77
CA ALA D 374 -51.97 3.46 43.52
C ALA D 374 -50.54 4.03 43.64
N VAL D 375 -50.41 5.33 43.99
CA VAL D 375 -49.13 5.99 44.19
C VAL D 375 -48.31 5.28 45.27
N ASP D 376 -48.98 4.65 46.26
CA ASP D 376 -48.28 3.95 47.33
C ASP D 376 -47.88 2.50 46.93
N LEU D 377 -48.70 1.80 46.12
CA LEU D 377 -48.33 0.45 45.68
C LEU D 377 -47.15 0.55 44.74
N LEU D 378 -47.21 1.48 43.79
CA LEU D 378 -46.14 1.72 42.84
C LEU D 378 -44.94 2.25 43.59
N GLY D 379 -45.14 3.35 44.30
CA GLY D 379 -44.09 3.98 45.07
C GLY D 379 -43.87 3.21 46.36
N HIS D 380 -43.11 2.12 46.28
CA HIS D 380 -42.79 1.36 47.46
C HIS D 380 -41.32 1.03 47.45
N ALA D 381 -40.65 1.11 48.61
CA ALA D 381 -39.22 0.84 48.75
C ALA D 381 -38.80 -0.47 48.09
N GLU D 382 -39.70 -1.46 48.14
CA GLU D 382 -39.45 -2.74 47.52
C GLU D 382 -39.40 -2.61 46.01
N VAL D 383 -40.35 -1.89 45.42
CA VAL D 383 -40.36 -1.67 43.98
C VAL D 383 -39.12 -0.85 43.55
N ALA D 384 -38.67 0.08 44.40
CA ALA D 384 -37.50 0.91 44.16
C ALA D 384 -36.20 0.12 44.15
N HIS D 385 -35.94 -0.73 45.16
CA HIS D 385 -34.71 -1.53 45.17
C HIS D 385 -34.72 -2.64 44.10
N ALA D 386 -35.91 -3.00 43.58
CA ALA D 386 -36.00 -3.96 42.49
C ALA D 386 -35.79 -3.18 41.19
N LYS D 387 -34.68 -2.40 41.15
CA LYS D 387 -34.24 -1.53 40.06
C LYS D 387 -32.78 -1.07 40.31
N SER D 388 -32.46 -0.65 41.56
CA SER D 388 -31.11 -0.20 41.92
C SER D 388 -30.82 -0.42 43.40
N SER D 399 -30.77 7.45 50.54
CA SER D 399 -30.89 8.77 49.93
C SER D 399 -31.27 8.67 48.44
N ARG D 400 -30.36 8.16 47.55
CA ARG D 400 -30.53 7.94 46.09
C ARG D 400 -31.14 9.16 45.31
N ARG D 401 -30.40 10.28 45.33
CA ARG D 401 -30.68 11.64 44.82
C ARG D 401 -31.30 11.74 43.34
N ASN D 402 -30.87 12.77 42.57
CA ASN D 402 -31.27 13.20 41.22
C ASN D 402 -31.16 12.09 40.12
N THR D 403 -31.36 12.47 38.83
CA THR D 403 -31.33 11.60 37.66
C THR D 403 -29.97 11.84 36.86
N LEU D 404 -29.92 11.59 35.50
CA LEU D 404 -28.75 11.71 34.58
C LEU D 404 -27.95 10.39 34.55
N ILE D 405 -28.17 9.50 33.52
CA ILE D 405 -27.56 8.14 33.43
C ILE D 405 -26.30 8.00 32.56
N PHE D 406 -25.18 7.53 33.18
CA PHE D 406 -23.90 7.24 32.52
C PHE D 406 -23.18 5.97 33.06
N PRO D 407 -23.07 5.64 34.38
CA PRO D 407 -22.41 4.38 34.77
C PRO D 407 -23.17 3.21 34.19
N GLU D 408 -24.50 3.21 34.35
CA GLU D 408 -25.32 2.16 33.77
C GLU D 408 -25.89 2.61 32.44
N ASP D 409 -25.46 1.93 31.38
CA ASP D 409 -25.93 2.18 30.01
C ASP D 409 -26.37 0.85 29.35
N LYS D 410 -27.33 0.94 28.40
CA LYS D 410 -27.93 -0.15 27.60
C LYS D 410 -28.90 -1.06 28.39
N ASN D 411 -30.15 -1.12 27.93
CA ASN D 411 -31.20 -1.96 28.51
C ASN D 411 -32.29 -2.34 27.50
N GLU D 412 -32.95 -3.53 27.67
CA GLU D 412 -33.99 -4.02 26.72
C GLU D 412 -35.04 -5.00 27.33
N LEU D 413 -36.37 -4.70 27.12
CA LEU D 413 -37.50 -5.48 27.66
C LEU D 413 -38.87 -5.17 26.95
N THR D 414 -39.84 -6.12 27.05
CA THR D 414 -41.21 -6.07 26.53
C THR D 414 -42.23 -6.74 27.49
N VAL D 415 -43.28 -5.99 27.91
CA VAL D 415 -44.33 -6.45 28.84
C VAL D 415 -45.73 -5.89 28.42
N LEU D 416 -46.85 -6.59 28.78
CA LEU D 416 -48.23 -6.13 28.49
C LEU D 416 -49.20 -6.29 29.69
N ASN D 417 -50.33 -5.53 29.73
CA ASN D 417 -51.30 -5.55 30.85
C ASN D 417 -52.23 -6.81 30.91
N VAL D 418 -52.31 -7.45 32.12
CA VAL D 418 -53.12 -8.64 32.40
C VAL D 418 -54.60 -8.28 32.41
N ASN D 419 -54.95 -7.21 33.15
CA ASN D 419 -56.34 -6.72 33.25
C ASN D 419 -56.96 -6.57 31.85
N LYS D 420 -56.32 -5.74 31.03
CA LYS D 420 -56.69 -5.42 29.67
C LYS D 420 -56.90 -6.66 28.79
N ILE D 421 -55.87 -7.49 28.63
CA ILE D 421 -55.91 -8.63 27.73
C ILE D 421 -57.01 -9.66 28.08
N TYR D 422 -57.31 -9.85 29.37
CA TYR D 422 -58.34 -10.81 29.75
C TYR D 422 -59.77 -10.24 29.68
N ILE D 423 -59.93 -8.95 29.31
CA ILE D 423 -61.23 -8.29 29.18
C ILE D 423 -61.76 -8.34 27.73
N GLU D 424 -60.94 -7.88 26.76
CA GLU D 424 -61.30 -7.79 25.34
C GLU D 424 -61.44 -9.18 24.72
N ASN D 425 -60.53 -10.07 25.10
CA ASN D 425 -60.46 -11.41 24.54
C ASN D 425 -61.14 -12.38 25.49
N HIS D 426 -62.35 -12.04 25.92
CA HIS D 426 -63.11 -12.88 26.83
C HIS D 426 -63.40 -14.26 26.22
N ASP D 427 -64.01 -14.30 25.03
CA ASP D 427 -64.33 -15.60 24.41
C ASP D 427 -63.10 -16.44 24.06
N LEU D 428 -61.91 -15.88 24.25
CA LEU D 428 -60.67 -16.59 24.03
C LEU D 428 -60.16 -17.08 25.39
N MET D 429 -59.93 -16.17 26.36
CA MET D 429 -59.34 -16.48 27.68
C MET D 429 -60.22 -17.33 28.63
N SER D 430 -61.55 -17.30 28.48
CA SER D 430 -62.42 -18.16 29.31
C SER D 430 -62.79 -19.48 28.59
N LYS D 431 -62.38 -19.65 27.30
CA LYS D 431 -62.57 -20.86 26.51
C LYS D 431 -61.24 -21.57 26.17
N VAL D 432 -60.07 -21.05 26.63
CA VAL D 432 -58.78 -21.73 26.38
C VAL D 432 -58.55 -22.78 27.45
N PRO D 433 -57.71 -23.80 27.18
CA PRO D 433 -57.43 -24.81 28.22
C PRO D 433 -56.71 -24.16 29.40
N VAL D 434 -57.40 -24.05 30.52
CA VAL D 434 -56.86 -23.39 31.70
C VAL D 434 -56.63 -24.39 32.83
N ILE D 435 -55.36 -24.59 33.21
CA ILE D 435 -55.04 -25.46 34.33
C ILE D 435 -54.77 -24.51 35.47
N GLU D 436 -55.77 -24.33 36.33
CA GLU D 436 -55.63 -23.42 37.45
C GLU D 436 -54.64 -23.94 38.49
N ALA D 437 -53.99 -23.02 39.20
CA ALA D 437 -53.06 -23.35 40.28
C ALA D 437 -53.88 -23.91 41.42
N SER D 438 -53.46 -25.07 41.97
CA SER D 438 -54.20 -25.68 43.08
C SER D 438 -54.31 -24.73 44.25
N LYS D 439 -55.51 -24.56 44.75
CA LYS D 439 -55.83 -23.65 45.83
C LYS D 439 -54.97 -23.84 47.08
N GLU D 440 -54.30 -25.00 47.22
CA GLU D 440 -53.42 -25.29 48.35
C GLU D 440 -52.08 -24.51 48.30
N SER D 441 -51.72 -23.93 47.15
CA SER D 441 -50.47 -23.19 47.01
C SER D 441 -50.51 -21.83 47.69
N THR D 442 -49.36 -21.36 48.18
CA THR D 442 -49.28 -20.09 48.90
C THR D 442 -49.36 -18.85 47.99
N ARG D 443 -49.73 -17.70 48.59
CA ARG D 443 -49.84 -16.42 47.89
C ARG D 443 -48.52 -16.03 47.25
N ASP D 444 -47.42 -16.29 47.95
CA ASP D 444 -46.06 -15.99 47.52
C ASP D 444 -45.56 -16.87 46.33
N ASP D 445 -46.32 -17.89 45.96
CA ASP D 445 -45.99 -18.78 44.84
C ASP D 445 -46.72 -18.41 43.55
N TRP D 446 -47.91 -17.80 43.68
CA TRP D 446 -48.81 -17.47 42.58
C TRP D 446 -48.16 -16.72 41.39
N ALA D 447 -48.51 -17.17 40.18
CA ALA D 447 -48.05 -16.65 38.89
C ALA D 447 -49.06 -17.09 37.77
N ALA D 448 -49.52 -16.20 36.85
CA ALA D 448 -50.50 -16.59 35.83
C ALA D 448 -49.91 -16.67 34.43
N LEU D 449 -49.11 -17.72 34.21
CA LEU D 449 -48.45 -18.04 32.96
C LEU D 449 -49.48 -18.22 31.87
N THR D 450 -49.23 -17.60 30.72
CA THR D 450 -50.09 -17.64 29.54
C THR D 450 -49.18 -18.05 28.37
N VAL D 451 -49.45 -19.18 27.70
CA VAL D 451 -48.60 -19.69 26.61
C VAL D 451 -49.29 -19.60 25.25
N VAL D 452 -48.65 -18.97 24.28
CA VAL D 452 -49.19 -18.85 22.94
C VAL D 452 -48.42 -19.82 22.07
N ALA D 453 -49.11 -20.74 21.36
CA ALA D 453 -48.39 -21.73 20.52
C ALA D 453 -49.16 -22.30 19.32
N ASP D 454 -48.45 -22.57 18.22
CA ASP D 454 -49.05 -23.17 17.02
C ASP D 454 -49.09 -24.68 17.25
N LEU D 455 -50.24 -25.23 17.61
CA LEU D 455 -50.38 -26.66 17.84
C LEU D 455 -50.39 -27.53 16.59
N ASP D 456 -50.14 -26.95 15.43
CA ASP D 456 -50.07 -27.70 14.18
C ASP D 456 -48.62 -28.18 13.91
N ASP D 457 -47.61 -27.35 14.28
CA ASP D 457 -46.18 -27.67 14.10
C ASP D 457 -45.61 -28.33 15.37
N ILE D 458 -44.59 -29.18 15.19
CA ILE D 458 -43.93 -29.89 16.28
C ILE D 458 -43.32 -28.93 17.31
N GLU D 459 -42.65 -27.85 16.85
CA GLU D 459 -42.04 -26.86 17.75
C GLU D 459 -43.10 -26.18 18.64
N GLY D 460 -44.28 -25.94 18.08
CA GLY D 460 -45.38 -25.33 18.80
C GLY D 460 -45.97 -26.24 19.87
N GLN D 461 -46.24 -27.50 19.50
CA GLN D 461 -46.79 -28.45 20.46
C GLN D 461 -45.75 -28.91 21.48
N GLU D 462 -44.45 -28.82 21.14
CA GLU D 462 -43.34 -29.18 22.02
C GLU D 462 -43.25 -28.20 23.18
N LEU D 463 -43.42 -26.89 22.92
CA LEU D 463 -43.36 -25.89 23.98
C LEU D 463 -44.54 -26.04 24.96
N VAL D 464 -45.72 -26.42 24.45
CA VAL D 464 -46.89 -26.65 25.28
C VAL D 464 -46.63 -27.81 26.23
N TYR D 465 -46.00 -28.88 25.72
CA TYR D 465 -45.64 -30.06 26.51
C TYR D 465 -44.66 -29.67 27.61
N TYR D 466 -43.65 -28.86 27.27
CA TYR D 466 -42.67 -28.41 28.25
C TYR D 466 -43.35 -27.53 29.31
N ALA D 467 -44.36 -26.74 28.93
CA ALA D 467 -45.11 -25.92 29.86
C ALA D 467 -45.93 -26.79 30.81
N LEU D 468 -46.53 -27.86 30.27
CA LEU D 468 -47.33 -28.82 31.03
C LEU D 468 -46.48 -29.50 32.10
N ARG D 469 -45.29 -29.99 31.73
CA ARG D 469 -44.39 -30.62 32.70
C ARG D 469 -43.90 -29.63 33.76
N PHE D 470 -43.75 -28.37 33.40
CA PHE D 470 -43.36 -27.33 34.33
C PHE D 470 -44.48 -27.05 35.32
N ARG D 471 -45.73 -27.09 34.86
CA ARG D 471 -46.87 -26.88 35.73
C ARG D 471 -46.96 -27.99 36.76
N LYS D 472 -46.62 -29.24 36.40
CA LYS D 472 -46.66 -30.38 37.32
C LYS D 472 -45.82 -30.11 38.59
N SER D 473 -44.63 -29.49 38.41
CA SER D 473 -43.67 -29.18 39.47
C SER D 473 -43.98 -27.92 40.27
N ASN D 474 -44.48 -26.86 39.60
CA ASN D 474 -44.80 -25.62 40.28
C ASN D 474 -46.31 -25.48 40.51
N ASP D 475 -46.73 -25.74 41.75
CA ASP D 475 -48.11 -25.78 42.21
C ASP D 475 -48.84 -24.46 42.07
N GLY D 476 -48.15 -23.38 42.37
CA GLY D 476 -48.76 -22.05 42.33
C GLY D 476 -48.77 -21.37 40.98
N VAL D 477 -48.91 -22.12 39.90
CA VAL D 477 -48.95 -21.54 38.57
C VAL D 477 -50.26 -21.79 37.85
N ARG D 478 -50.88 -20.73 37.33
CA ARG D 478 -52.10 -20.85 36.56
C ARG D 478 -51.68 -20.85 35.11
N LEU D 479 -51.78 -22.02 34.47
CA LEU D 479 -51.35 -22.14 33.10
C LEU D 479 -52.48 -22.05 32.07
N ASP D 480 -52.37 -21.09 31.15
CA ASP D 480 -53.32 -20.86 30.04
C ASP D 480 -52.65 -21.23 28.72
N ILE D 481 -53.40 -21.79 27.77
CA ILE D 481 -52.81 -22.13 26.47
C ILE D 481 -53.68 -21.63 25.34
N VAL D 482 -53.11 -20.72 24.57
CA VAL D 482 -53.80 -20.12 23.45
C VAL D 482 -53.21 -20.66 22.16
N HIS D 483 -54.05 -21.31 21.35
CA HIS D 483 -53.61 -21.88 20.07
C HIS D 483 -53.52 -20.76 19.03
N ASN D 484 -52.35 -20.59 18.41
CA ASN D 484 -52.11 -19.57 17.38
C ASN D 484 -51.58 -20.25 16.12
N PRO D 485 -52.47 -20.74 15.25
CA PRO D 485 -52.02 -21.44 14.05
C PRO D 485 -51.68 -20.52 12.89
N LYS D 486 -50.91 -21.03 11.92
CA LYS D 486 -50.58 -20.25 10.74
C LYS D 486 -51.35 -20.67 9.48
N ASP D 487 -52.26 -21.67 9.58
CA ASP D 487 -53.06 -22.10 8.43
C ASP D 487 -54.53 -21.82 8.69
N THR D 488 -55.16 -21.06 7.79
CA THR D 488 -56.57 -20.66 7.91
C THR D 488 -57.56 -21.82 7.66
N SER D 489 -57.09 -22.95 7.14
CA SER D 489 -57.95 -24.10 6.90
C SER D 489 -58.29 -24.76 8.24
N ARG D 490 -57.29 -24.94 9.11
CA ARG D 490 -57.52 -25.52 10.44
C ARG D 490 -57.96 -24.40 11.34
N SER D 491 -59.25 -24.36 11.69
CA SER D 491 -59.74 -23.30 12.57
C SER D 491 -59.14 -23.47 13.96
N PRO D 492 -58.68 -22.38 14.57
CA PRO D 492 -58.03 -22.51 15.88
C PRO D 492 -58.97 -22.98 16.97
N SER D 493 -60.25 -22.67 16.86
CA SER D 493 -61.24 -23.04 17.85
C SER D 493 -61.40 -24.52 18.00
N VAL D 494 -61.25 -25.28 16.90
CA VAL D 494 -61.44 -26.73 16.97
C VAL D 494 -60.28 -27.40 17.73
N LEU D 495 -59.00 -27.08 17.40
CA LEU D 495 -57.85 -27.68 18.07
C LEU D 495 -57.83 -27.33 19.56
N ALA D 496 -58.29 -26.12 19.92
CA ALA D 496 -58.36 -25.66 21.29
C ALA D 496 -59.46 -26.42 22.03
N GLN D 497 -60.62 -26.61 21.39
CA GLN D 497 -61.70 -27.36 22.02
C GLN D 497 -61.41 -28.89 22.06
N ARG D 498 -60.46 -29.38 21.24
CA ARG D 498 -60.02 -30.78 21.27
C ARG D 498 -59.33 -31.04 22.60
N LEU D 499 -58.48 -30.10 23.04
CA LEU D 499 -57.77 -30.24 24.29
C LEU D 499 -58.51 -29.60 25.48
N LYS D 500 -59.50 -28.74 25.24
CA LYS D 500 -60.32 -28.19 26.32
C LYS D 500 -61.24 -29.28 26.92
N SER D 501 -61.55 -30.33 26.15
CA SER D 501 -62.28 -31.50 26.61
C SER D 501 -61.35 -32.27 27.58
N ARG D 502 -60.05 -32.36 27.22
CA ARG D 502 -59.00 -33.03 28.01
C ARG D 502 -58.32 -32.03 28.99
N GLU D 503 -58.96 -30.90 29.31
CA GLU D 503 -58.43 -29.87 30.23
C GLU D 503 -58.29 -30.44 31.63
N ASP D 504 -59.30 -31.21 32.06
CA ASP D 504 -59.30 -31.86 33.37
C ASP D 504 -58.15 -32.86 33.44
N LYS D 505 -57.99 -33.66 32.39
CA LYS D 505 -56.96 -34.67 32.27
C LYS D 505 -55.62 -34.13 31.75
N LEU D 506 -55.46 -32.80 31.70
CA LEU D 506 -54.20 -32.20 31.26
C LEU D 506 -53.11 -32.54 32.27
N LEU D 507 -51.85 -32.36 31.85
CA LEU D 507 -50.58 -32.63 32.57
C LEU D 507 -50.39 -34.15 32.90
N ASP D 508 -51.41 -34.98 32.71
CA ASP D 508 -51.28 -36.42 32.95
C ASP D 508 -50.58 -37.11 31.76
N PHE D 509 -49.71 -36.38 31.05
CA PHE D 509 -49.02 -36.87 29.88
C PHE D 509 -47.63 -37.30 30.25
N THR D 510 -47.35 -38.59 30.08
CA THR D 510 -46.03 -39.15 30.38
C THR D 510 -45.15 -38.96 29.13
N ARG D 511 -45.60 -39.45 27.97
CA ARG D 511 -44.86 -39.28 26.72
C ARG D 511 -45.44 -38.16 25.88
N PHE D 512 -44.64 -37.57 24.99
CA PHE D 512 -45.08 -36.47 24.15
C PHE D 512 -46.26 -36.87 23.28
N LEU D 513 -46.22 -38.08 22.70
CA LEU D 513 -47.26 -38.60 21.83
C LEU D 513 -48.67 -38.48 22.40
N ASP D 514 -48.78 -38.51 23.74
CA ASP D 514 -50.06 -38.38 24.40
C ASP D 514 -50.77 -37.06 24.08
N LEU D 515 -50.01 -35.97 23.89
CA LEU D 515 -50.61 -34.68 23.54
C LEU D 515 -50.96 -34.64 22.06
N GLU D 516 -50.09 -35.18 21.20
CA GLU D 516 -50.33 -35.19 19.77
C GLU D 516 -51.52 -36.05 19.39
N THR D 517 -51.71 -37.19 20.06
CA THR D 517 -52.86 -38.05 19.79
C THR D 517 -54.14 -37.41 20.31
N ALA D 518 -54.07 -36.71 21.46
CA ALA D 518 -55.24 -36.03 22.04
C ALA D 518 -55.75 -34.86 21.19
N LEU D 519 -54.88 -34.30 20.34
CA LEU D 519 -55.26 -33.21 19.45
C LEU D 519 -56.14 -33.71 18.28
N GLU D 520 -56.00 -35.00 17.89
CA GLU D 520 -56.78 -35.58 16.80
C GLU D 520 -58.07 -36.29 17.25
N THR D 521 -58.26 -36.46 18.56
CA THR D 521 -59.44 -37.13 19.08
C THR D 521 -60.62 -36.19 19.32
N GLY D 522 -61.76 -36.55 18.76
CA GLY D 522 -62.98 -35.76 18.86
C GLY D 522 -63.21 -34.92 17.62
N GLU D 523 -64.45 -34.43 17.42
CA GLU D 523 -64.76 -33.58 16.28
C GLU D 523 -65.57 -32.39 16.75
N PHE D 524 -65.09 -31.20 16.40
CA PHE D 524 -65.74 -29.98 16.81
C PHE D 524 -66.07 -29.06 15.64
N GLU D 525 -66.96 -28.12 15.92
CA GLU D 525 -67.39 -27.10 15.00
C GLU D 525 -66.53 -25.85 15.21
N PRO D 526 -66.19 -25.13 14.13
CA PRO D 526 -65.36 -23.91 14.29
C PRO D 526 -66.13 -22.79 14.96
N ASP D 527 -65.93 -22.59 16.29
CA ASP D 527 -66.59 -21.52 17.05
C ASP D 527 -66.07 -20.19 16.53
N VAL D 528 -66.90 -19.52 15.73
CA VAL D 528 -66.56 -18.24 15.10
C VAL D 528 -66.25 -17.17 16.13
N ALA D 529 -66.97 -17.18 17.26
CA ALA D 529 -66.78 -16.24 18.36
C ALA D 529 -65.37 -16.34 18.92
N TYR D 530 -64.86 -17.57 19.04
CA TYR D 530 -63.53 -17.85 19.55
C TYR D 530 -62.44 -17.28 18.61
N ASP D 531 -62.57 -17.56 17.30
CA ASP D 531 -61.62 -17.10 16.30
C ASP D 531 -61.50 -15.57 16.29
N ALA D 532 -62.63 -14.87 16.44
CA ALA D 532 -62.66 -13.41 16.45
C ALA D 532 -61.87 -12.82 17.63
N SER D 533 -62.12 -13.32 18.86
CA SER D 533 -61.40 -12.84 20.03
C SER D 533 -59.90 -13.21 19.98
N LEU D 534 -59.54 -14.29 19.28
CA LEU D 534 -58.16 -14.70 19.16
C LEU D 534 -57.41 -13.68 18.31
N ALA D 535 -57.98 -13.32 17.16
CA ALA D 535 -57.37 -12.35 16.25
C ALA D 535 -57.11 -11.01 16.93
N ASN D 536 -58.04 -10.61 17.80
CA ASN D 536 -57.95 -9.37 18.54
C ASN D 536 -56.78 -9.45 19.53
N PHE D 537 -56.62 -10.58 20.20
CA PHE D 537 -55.55 -10.77 21.16
C PHE D 537 -54.19 -10.63 20.53
N LEU D 538 -53.97 -11.36 19.44
CA LEU D 538 -52.69 -11.34 18.76
C LEU D 538 -52.33 -9.96 18.26
N ALA D 539 -53.33 -9.19 17.84
CA ALA D 539 -53.11 -7.82 17.38
C ALA D 539 -52.80 -6.90 18.57
N SER D 540 -53.54 -7.04 19.68
CA SER D 540 -53.34 -6.22 20.88
C SER D 540 -51.95 -6.46 21.46
N SER D 541 -51.52 -7.73 21.47
CA SER D 541 -50.26 -8.19 22.03
C SER D 541 -49.09 -8.24 21.05
N ASN D 542 -49.33 -7.90 19.78
CA ASN D 542 -48.32 -7.91 18.73
C ASN D 542 -47.63 -9.25 18.57
N MET D 543 -48.43 -10.28 18.32
CA MET D 543 -47.94 -11.63 18.15
C MET D 543 -48.30 -12.15 16.79
N LYS D 544 -47.31 -12.65 16.08
CA LYS D 544 -47.52 -13.19 14.75
C LYS D 544 -48.20 -14.56 14.82
N ALA D 545 -48.87 -14.93 13.74
CA ALA D 545 -49.54 -16.22 13.66
C ALA D 545 -48.50 -17.33 13.52
N GLY D 546 -48.78 -18.46 14.12
CA GLY D 546 -47.87 -19.60 14.09
C GLY D 546 -46.61 -19.44 14.91
N ASP D 547 -46.55 -18.41 15.76
CA ASP D 547 -45.36 -18.15 16.56
C ASP D 547 -45.56 -18.50 18.02
N ASN D 548 -44.50 -19.07 18.58
CA ASN D 548 -44.44 -19.58 19.95
C ASN D 548 -44.09 -18.47 20.96
N PHE D 549 -44.92 -18.27 21.99
CA PHE D 549 -44.68 -17.24 22.99
C PHE D 549 -44.93 -17.74 24.40
N VAL D 550 -44.19 -17.19 25.36
CA VAL D 550 -44.30 -17.49 26.78
C VAL D 550 -44.46 -16.18 27.60
N ILE D 551 -45.63 -15.98 28.25
CA ILE D 551 -45.94 -14.74 28.99
C ILE D 551 -46.32 -15.00 30.46
N LEU D 552 -45.39 -14.77 31.40
CA LEU D 552 -45.73 -14.94 32.82
C LEU D 552 -45.91 -13.59 33.43
N ASN D 553 -47.05 -13.37 34.07
CA ASN D 553 -47.41 -12.11 34.71
C ASN D 553 -47.32 -10.91 33.77
N GLY D 554 -47.72 -11.13 32.54
CA GLY D 554 -47.73 -10.07 31.56
C GLY D 554 -46.43 -9.89 30.82
N ARG D 555 -45.30 -10.38 31.38
CA ARG D 555 -44.03 -10.23 30.68
C ARG D 555 -43.97 -11.07 29.45
N VAL D 556 -44.16 -10.42 28.32
CA VAL D 556 -44.14 -11.03 27.01
C VAL D 556 -42.74 -11.51 26.69
N LEU D 557 -42.61 -12.79 26.38
CA LEU D 557 -41.33 -13.35 26.00
C LEU D 557 -41.44 -14.25 24.76
N GLY D 558 -40.70 -13.87 23.74
CA GLY D 558 -40.71 -14.62 22.49
C GLY D 558 -40.53 -13.73 21.28
N PRO D 559 -40.68 -14.27 20.05
CA PRO D 559 -41.04 -15.67 19.69
C PRO D 559 -39.95 -16.74 19.91
N ILE D 560 -40.38 -18.03 19.92
CA ILE D 560 -39.51 -19.21 20.09
C ILE D 560 -39.12 -19.82 18.72
N THR D 561 -37.81 -19.75 18.37
CA THR D 561 -37.22 -20.23 17.09
C THR D 561 -37.43 -21.73 16.89
N SER D 562 -37.05 -22.50 17.88
CA SER D 562 -37.17 -23.93 17.95
C SER D 562 -37.39 -24.25 19.44
N ALA D 563 -38.25 -25.24 19.76
CA ALA D 563 -38.60 -25.60 21.14
C ALA D 563 -37.43 -26.14 22.02
N ASP D 564 -36.21 -26.25 21.44
CA ASP D 564 -34.97 -26.67 22.13
C ASP D 564 -34.43 -25.49 23.03
N ASP D 565 -34.73 -24.25 22.65
CA ASP D 565 -34.37 -23.03 23.36
C ASP D 565 -35.17 -22.95 24.66
N PHE D 566 -36.47 -23.32 24.63
CA PHE D 566 -37.31 -23.27 25.82
C PHE D 566 -37.84 -24.63 26.27
N LYS D 567 -37.20 -25.20 27.27
CA LYS D 567 -37.57 -26.48 27.87
C LYS D 567 -38.14 -26.27 29.29
N LYS D 568 -38.57 -27.35 29.95
CA LYS D 568 -39.13 -27.37 31.31
C LYS D 568 -38.27 -26.57 32.32
N GLU D 569 -36.96 -26.78 32.30
CA GLU D 569 -36.01 -26.13 33.19
C GLU D 569 -35.84 -24.64 32.92
N ASP D 570 -36.02 -24.24 31.67
CA ASP D 570 -35.95 -22.83 31.29
C ASP D 570 -37.17 -22.04 31.78
N PHE D 571 -38.32 -22.71 31.94
CA PHE D 571 -39.55 -22.09 32.46
C PHE D 571 -39.37 -21.78 33.94
N GLU D 572 -38.75 -22.71 34.71
CA GLU D 572 -38.49 -22.55 36.13
C GLU D 572 -37.68 -21.28 36.40
N VAL D 573 -36.67 -21.03 35.56
CA VAL D 573 -35.82 -19.85 35.66
C VAL D 573 -36.59 -18.57 35.36
N PHE D 574 -37.44 -18.60 34.32
CA PHE D 574 -38.25 -17.45 33.96
C PHE D 574 -39.18 -17.05 35.11
N LEU D 575 -39.71 -18.03 35.85
CA LEU D 575 -40.55 -17.75 37.01
C LEU D 575 -39.69 -17.16 38.10
N GLN D 576 -38.54 -17.73 38.36
CA GLN D 576 -37.63 -17.29 39.40
C GLN D 576 -37.24 -15.83 39.25
N ALA D 577 -36.80 -15.43 38.06
CA ALA D 577 -36.34 -14.07 37.82
C ALA D 577 -37.46 -13.05 37.88
N GLU D 578 -38.61 -13.38 37.24
CA GLU D 578 -39.78 -12.51 37.22
C GLU D 578 -40.31 -12.32 38.66
N ARG D 579 -40.28 -13.40 39.46
CA ARG D 579 -40.73 -13.43 40.85
C ARG D 579 -39.91 -12.43 41.71
N ARG D 580 -38.57 -12.47 41.56
CA ARG D 580 -37.63 -11.63 42.30
C ARG D 580 -37.82 -10.14 42.07
N THR D 581 -38.20 -9.80 40.85
CA THR D 581 -38.31 -8.41 40.42
C THR D 581 -39.73 -7.78 40.53
N ARG D 582 -40.78 -8.39 39.90
CA ARG D 582 -42.11 -7.76 39.90
C ARG D 582 -43.21 -8.53 40.65
N ILE D 583 -42.90 -9.64 41.33
CA ILE D 583 -43.91 -10.35 42.09
C ILE D 583 -43.70 -10.07 43.57
N LEU D 584 -42.51 -10.36 44.10
CA LEU D 584 -42.23 -10.20 45.53
C LEU D 584 -42.29 -8.77 46.03
N PRO D 585 -41.64 -7.78 45.37
CA PRO D 585 -41.74 -6.40 45.88
C PRO D 585 -43.17 -5.90 46.03
N VAL D 586 -44.07 -6.38 45.17
CA VAL D 586 -45.46 -6.01 45.22
C VAL D 586 -46.17 -6.70 46.38
N TYR D 587 -45.86 -7.96 46.66
CA TYR D 587 -46.49 -8.66 47.79
C TYR D 587 -46.06 -8.04 49.08
N LYS D 588 -44.76 -7.70 49.20
CA LYS D 588 -44.22 -7.07 50.39
C LYS D 588 -44.77 -5.64 50.55
N ALA D 589 -45.03 -4.95 49.44
CA ALA D 589 -45.62 -3.61 49.50
C ALA D 589 -47.11 -3.72 49.89
N LEU D 590 -47.85 -4.68 49.28
CA LEU D 590 -49.27 -4.95 49.51
C LEU D 590 -49.49 -5.26 50.96
N GLU D 591 -48.67 -6.14 51.53
CA GLU D 591 -48.82 -6.53 52.91
C GLU D 591 -48.47 -5.40 53.86
N ASP D 592 -47.49 -4.56 53.51
CA ASP D 592 -47.10 -3.44 54.34
C ASP D 592 -48.19 -2.36 54.34
N LEU D 593 -48.83 -2.16 53.19
CA LEU D 593 -49.90 -1.19 53.05
C LEU D 593 -51.30 -1.72 53.41
N GLY D 594 -51.37 -2.96 53.88
CA GLY D 594 -52.61 -3.59 54.27
C GLY D 594 -53.54 -3.86 53.12
N LEU D 595 -52.98 -4.04 51.93
CA LEU D 595 -53.78 -4.31 50.74
C LEU D 595 -53.59 -5.71 50.20
N ASP D 596 -53.04 -6.63 51.02
CA ASP D 596 -52.87 -8.01 50.63
C ASP D 596 -54.20 -8.77 50.42
N ASP D 597 -55.35 -8.06 50.54
CA ASP D 597 -56.72 -8.58 50.34
C ASP D 597 -57.12 -8.48 48.86
N LYS D 598 -56.54 -7.54 48.13
CA LYS D 598 -56.83 -7.36 46.72
C LYS D 598 -56.22 -8.48 45.88
N VAL D 599 -55.13 -9.13 46.34
CA VAL D 599 -54.47 -10.24 45.64
C VAL D 599 -54.96 -11.62 46.13
N SER D 600 -56.01 -12.15 45.49
CA SER D 600 -56.59 -13.45 45.86
C SER D 600 -56.80 -14.35 44.62
N GLY D 601 -55.71 -14.90 44.13
CA GLY D 601 -55.73 -15.74 42.95
C GLY D 601 -54.48 -15.50 42.15
N PRO D 602 -54.04 -16.53 41.42
CA PRO D 602 -52.83 -16.36 40.61
C PRO D 602 -52.95 -15.22 39.60
N LEU D 603 -54.12 -15.12 38.97
CA LEU D 603 -54.38 -14.11 37.97
C LEU D 603 -54.61 -12.75 38.58
N SER D 604 -55.33 -12.68 39.69
CA SER D 604 -55.60 -11.41 40.34
C SER D 604 -54.33 -10.70 40.79
N ALA D 605 -53.32 -11.46 41.20
CA ALA D 605 -52.03 -10.87 41.54
C ALA D 605 -51.39 -10.32 40.27
N ALA D 606 -51.51 -11.04 39.14
CA ALA D 606 -50.97 -10.71 37.82
C ALA D 606 -51.40 -9.38 37.24
N LYS D 607 -52.72 -9.05 37.20
CA LYS D 607 -53.14 -7.75 36.63
C LYS D 607 -52.45 -6.58 37.29
N LEU D 608 -52.15 -6.73 38.57
CA LEU D 608 -51.45 -5.74 39.32
C LEU D 608 -49.99 -5.70 38.81
N THR D 609 -49.21 -6.83 38.97
CA THR D 609 -47.77 -6.99 38.66
C THR D 609 -47.31 -6.47 37.29
N SER D 610 -48.21 -6.40 36.32
CA SER D 610 -47.85 -5.91 35.00
C SER D 610 -47.88 -4.39 34.94
N VAL D 611 -48.83 -3.76 35.62
CA VAL D 611 -48.91 -2.30 35.63
C VAL D 611 -47.83 -1.70 36.58
N THR D 612 -47.24 -2.48 37.52
CA THR D 612 -46.17 -1.95 38.38
C THR D 612 -44.87 -1.79 37.63
N ALA D 613 -44.58 -2.74 36.75
CA ALA D 613 -43.41 -2.69 35.91
C ALA D 613 -43.62 -1.56 34.85
N LEU D 614 -44.84 -1.50 34.25
CA LEU D 614 -45.22 -0.58 33.18
C LEU D 614 -45.31 0.92 33.54
N SER D 615 -45.48 1.29 34.82
CA SER D 615 -45.59 2.70 35.21
C SER D 615 -44.33 3.52 34.89
N THR D 616 -43.17 2.94 35.21
CA THR D 616 -41.92 3.57 34.90
C THR D 616 -41.42 3.18 33.51
N ILE D 617 -42.32 2.69 32.60
CA ILE D 617 -41.99 2.41 31.21
C ILE D 617 -41.82 3.81 30.63
N SER D 618 -40.55 4.16 30.33
CA SER D 618 -40.11 5.47 29.83
C SER D 618 -40.74 5.91 28.49
N ASP D 619 -41.72 5.15 28.01
CA ASP D 619 -42.35 5.37 26.71
C ASP D 619 -43.93 5.54 26.86
N LEU D 620 -44.66 5.87 25.77
CA LEU D 620 -44.19 5.93 24.38
C LEU D 620 -44.26 7.28 23.62
N PRO D 621 -43.16 8.06 23.38
CA PRO D 621 -41.73 7.90 23.75
C PRO D 621 -41.30 8.92 24.87
N GLN D 622 -39.99 9.19 25.16
CA GLN D 622 -38.67 8.65 24.73
C GLN D 622 -37.78 8.39 26.00
N GLY D 623 -38.01 9.23 27.03
CA GLY D 623 -37.48 9.20 28.38
C GLY D 623 -38.59 9.74 29.27
N ILE D 624 -38.95 9.01 30.37
CA ILE D 624 -40.08 9.27 31.31
C ILE D 624 -39.96 10.61 32.11
N PHE D 625 -40.79 11.63 31.77
CA PHE D 625 -41.69 11.69 30.61
C PHE D 625 -41.35 12.93 29.68
N ASP D 626 -40.12 13.48 29.85
CA ASP D 626 -39.43 14.56 29.14
C ASP D 626 -37.94 14.42 29.57
N ASN D 627 -37.21 13.47 28.94
CA ASN D 627 -35.82 13.03 29.16
C ASN D 627 -35.41 13.15 30.66
N ALA D 628 -35.55 11.99 31.37
CA ALA D 628 -35.25 11.69 32.78
C ALA D 628 -35.77 10.26 33.12
N PRO D 629 -34.97 9.16 33.08
CA PRO D 629 -35.53 7.84 33.45
C PRO D 629 -35.65 7.70 34.96
N THR D 630 -36.68 8.38 35.47
CA THR D 630 -37.05 8.65 36.85
C THR D 630 -37.67 7.42 37.63
N VAL D 631 -37.20 7.25 38.89
CA VAL D 631 -37.61 6.22 39.87
C VAL D 631 -38.84 6.68 40.62
N ARG D 632 -39.88 5.86 40.65
CA ARG D 632 -41.10 6.20 41.36
C ARG D 632 -40.79 6.08 42.85
N THR D 633 -40.44 7.20 43.52
CA THR D 633 -40.02 7.26 44.92
C THR D 633 -41.19 7.24 45.93
N THR D 634 -40.89 6.94 47.18
CA THR D 634 -41.87 6.90 48.26
C THR D 634 -41.34 7.53 49.54
N LEU D 635 -40.11 8.09 49.56
CA LEU D 635 -39.52 8.62 50.77
C LEU D 635 -40.12 9.92 51.28
N PHE D 636 -41.04 10.55 50.51
CA PHE D 636 -41.72 11.75 50.99
C PHE D 636 -42.55 11.46 52.27
N LYS D 637 -42.93 10.15 52.50
CA LYS D 637 -43.75 9.60 53.62
C LYS D 637 -43.04 9.50 55.03
N GLN D 638 -41.70 9.58 55.08
CA GLN D 638 -40.99 9.55 56.37
C GLN D 638 -41.15 10.87 57.13
N TRP D 639 -41.21 11.98 56.37
CA TRP D 639 -41.38 13.35 56.82
C TRP D 639 -42.70 13.50 57.61
N ASN D 640 -42.67 14.11 58.79
CA ASN D 640 -43.90 14.35 59.55
C ASN D 640 -44.56 15.61 58.98
N SER D 641 -45.90 15.62 58.81
CA SER D 641 -46.59 16.77 58.21
C SER D 641 -47.31 17.69 59.22
N THR D 642 -46.78 17.78 60.44
CA THR D 642 -47.33 18.60 61.50
C THR D 642 -47.20 20.11 61.22
N TYR D 643 -45.96 20.63 61.06
CA TYR D 643 -45.75 22.06 60.84
C TYR D 643 -45.42 22.44 59.40
N THR D 644 -44.30 21.95 58.84
CA THR D 644 -43.85 22.32 57.50
C THR D 644 -44.80 21.89 56.36
N SER D 645 -45.78 21.00 56.62
CA SER D 645 -46.70 20.57 55.56
C SER D 645 -48.16 20.92 55.78
N PHE D 646 -48.89 21.02 54.66
CA PHE D 646 -50.33 21.26 54.61
C PHE D 646 -50.87 20.61 53.36
N GLU D 647 -52.11 20.14 53.38
CA GLU D 647 -52.69 19.49 52.20
C GLU D 647 -53.95 20.16 51.69
N VAL D 648 -54.17 20.06 50.38
CA VAL D 648 -55.32 20.59 49.69
C VAL D 648 -55.73 19.60 48.60
N GLY D 649 -56.96 19.13 48.66
CA GLY D 649 -57.47 18.14 47.73
C GLY D 649 -57.86 16.87 48.45
N ASP D 650 -58.83 16.14 47.90
CA ASP D 650 -59.32 14.92 48.53
C ASP D 650 -58.38 13.73 48.28
N ALA D 651 -57.86 13.12 49.34
CA ALA D 651 -56.93 11.99 49.24
C ALA D 651 -57.54 10.69 48.71
N SER D 652 -58.86 10.64 48.55
CA SER D 652 -59.53 9.46 48.02
C SER D 652 -59.80 9.58 46.51
N THR D 653 -60.35 10.70 46.04
CA THR D 653 -60.58 10.87 44.59
C THR D 653 -59.31 11.33 43.85
N ALA D 654 -58.10 11.18 44.49
CA ALA D 654 -56.77 11.63 44.08
C ALA D 654 -56.07 10.83 42.96
N THR D 655 -56.43 11.08 41.70
CA THR D 655 -55.77 10.48 40.54
C THR D 655 -54.31 10.97 40.49
N ILE D 656 -54.12 12.27 40.72
CA ILE D 656 -52.82 12.95 40.73
C ILE D 656 -52.32 13.11 42.15
N PHE D 657 -51.00 13.19 42.33
CA PHE D 657 -50.42 13.33 43.63
C PHE D 657 -49.25 14.26 43.65
N PHE D 658 -49.52 15.53 43.83
CA PHE D 658 -48.50 16.54 43.89
C PHE D 658 -48.01 16.66 45.29
N VAL D 659 -46.73 16.39 45.50
CA VAL D 659 -46.12 16.52 46.81
C VAL D 659 -44.98 17.54 46.61
N ALA D 660 -45.31 18.84 46.69
CA ALA D 660 -44.39 19.95 46.43
C ALA D 660 -43.49 20.42 47.58
N VAL D 661 -42.17 20.25 47.40
CA VAL D 661 -41.21 20.71 48.40
C VAL D 661 -40.64 22.05 47.96
N ILE D 662 -41.10 23.15 48.57
CA ILE D 662 -40.67 24.49 48.18
C ILE D 662 -40.24 25.35 49.36
N ASN D 663 -39.00 25.84 49.35
CA ASN D 663 -38.56 26.78 50.37
C ASN D 663 -39.10 28.14 49.91
N PRO D 664 -39.71 28.90 50.81
CA PRO D 664 -40.30 30.20 50.39
C PRO D 664 -39.30 31.26 49.94
N ALA D 665 -38.14 31.29 50.57
CA ALA D 665 -37.10 32.26 50.24
C ALA D 665 -36.27 31.84 49.00
N SER D 666 -36.94 31.64 47.84
CA SER D 666 -36.25 31.21 46.63
C SER D 666 -36.82 31.87 45.42
N GLU D 667 -35.92 32.32 44.52
CA GLU D 667 -36.24 33.00 43.26
C GLU D 667 -37.15 32.20 42.33
N ILE D 668 -37.17 30.89 42.49
CA ILE D 668 -37.93 30.02 41.62
C ILE D 668 -39.14 29.41 42.30
N GLY D 669 -39.04 29.15 43.60
CA GLY D 669 -40.17 28.62 44.35
C GLY D 669 -41.43 29.46 44.27
N GLN D 670 -41.28 30.72 43.83
CA GLN D 670 -42.35 31.67 43.60
C GLN D 670 -43.16 31.25 42.38
N ARG D 671 -42.47 30.91 41.23
CA ARG D 671 -43.14 30.39 40.02
C ARG D 671 -43.95 29.15 40.42
N TRP D 672 -43.33 28.28 41.22
CA TRP D 672 -43.86 27.04 41.71
C TRP D 672 -45.19 27.22 42.45
N VAL D 673 -45.25 28.06 43.49
CA VAL D 673 -46.50 28.26 44.24
C VAL D 673 -47.70 28.71 43.37
N ALA D 674 -47.54 29.82 42.63
CA ALA D 674 -48.60 30.39 41.79
C ALA D 674 -49.23 29.41 40.82
N VAL D 675 -48.41 28.56 40.22
CA VAL D 675 -48.86 27.56 39.25
C VAL D 675 -49.63 26.45 39.96
N LEU D 676 -49.11 25.99 41.09
CA LEU D 676 -49.72 24.95 41.89
C LEU D 676 -51.15 25.22 42.23
N LYS D 677 -51.52 26.49 42.44
CA LYS D 677 -52.91 26.81 42.74
C LYS D 677 -53.80 26.47 41.56
N VAL D 678 -53.33 26.80 40.35
CA VAL D 678 -54.01 26.51 39.08
C VAL D 678 -54.06 24.99 38.79
N LEU D 679 -53.09 24.24 39.31
CA LEU D 679 -53.06 22.80 39.14
C LEU D 679 -54.05 22.11 40.07
N SER D 680 -54.21 22.63 41.29
CA SER D 680 -55.13 22.06 42.29
C SER D 680 -56.61 22.17 41.89
N GLU D 681 -56.94 23.14 41.02
CA GLU D 681 -58.30 23.39 40.56
C GLU D 681 -58.81 22.35 39.53
N LEU D 682 -58.17 21.19 39.47
CA LEU D 682 -58.59 20.11 38.61
C LEU D 682 -59.11 19.00 39.50
N GLU D 683 -60.26 18.40 39.15
CA GLU D 683 -60.83 17.36 40.02
C GLU D 683 -60.06 16.06 39.92
N GLY D 684 -59.69 15.56 41.08
CA GLY D 684 -58.85 14.39 41.25
C GLY D 684 -57.41 14.80 41.47
N VAL D 685 -57.16 16.04 41.96
CA VAL D 685 -55.79 16.53 42.19
C VAL D 685 -55.52 16.76 43.69
N HIS D 686 -54.52 16.02 44.19
CA HIS D 686 -54.09 16.07 45.58
C HIS D 686 -52.80 16.86 45.67
N LEU D 687 -52.71 17.78 46.63
CA LEU D 687 -51.51 18.60 46.77
C LEU D 687 -51.08 18.80 48.21
N ARG D 688 -49.93 18.23 48.58
CA ARG D 688 -49.35 18.40 49.92
C ARG D 688 -48.15 19.29 49.73
N VAL D 689 -48.19 20.51 50.27
CA VAL D 689 -47.08 21.43 50.12
C VAL D 689 -46.19 21.47 51.34
N PHE D 690 -44.95 21.05 51.16
CA PHE D 690 -43.93 21.07 52.21
C PHE D 690 -43.12 22.33 51.98
N LEU D 691 -42.98 23.14 53.02
CA LEU D 691 -42.23 24.39 52.92
C LEU D 691 -41.02 24.34 53.86
N ASN D 692 -40.02 23.51 53.50
CA ASN D 692 -38.84 23.37 54.35
C ASN D 692 -37.89 24.56 54.09
N PRO D 693 -37.70 25.39 55.13
CA PRO D 693 -36.94 26.64 54.95
C PRO D 693 -35.45 26.52 55.13
N THR D 694 -34.71 27.51 54.62
CA THR D 694 -33.25 27.51 54.72
C THR D 694 -32.73 28.48 55.78
N VAL D 695 -31.62 28.12 56.45
CA VAL D 695 -31.00 28.99 57.46
C VAL D 695 -29.95 29.92 56.80
N MET D 696 -29.31 29.48 55.71
CA MET D 696 -28.26 30.26 55.03
C MET D 696 -28.81 31.21 53.99
N ILE D 697 -29.01 32.47 54.37
CA ILE D 697 -29.48 33.50 53.45
C ILE D 697 -28.55 34.70 53.61
N GLU D 698 -27.48 34.77 52.78
CA GLU D 698 -26.44 35.81 52.84
C GLU D 698 -26.86 37.12 52.16
N GLU D 699 -27.47 37.01 50.99
CA GLU D 699 -27.93 38.16 50.23
C GLU D 699 -29.47 38.28 50.40
N LEU D 700 -30.12 39.24 49.73
CA LEU D 700 -31.57 39.39 49.82
C LEU D 700 -32.18 38.15 49.15
N PRO D 701 -33.04 37.41 49.87
CA PRO D 701 -33.55 36.16 49.33
C PRO D 701 -34.23 36.27 47.97
N VAL D 702 -35.05 37.32 47.77
CA VAL D 702 -35.76 37.48 46.52
C VAL D 702 -35.38 38.72 45.74
N LYS D 703 -34.58 38.53 44.69
CA LYS D 703 -34.14 39.59 43.79
C LYS D 703 -35.25 40.00 42.81
N ARG D 704 -36.39 39.28 42.77
CA ARG D 704 -37.44 39.59 41.80
C ARG D 704 -38.88 39.66 42.42
N PHE D 705 -39.93 39.65 41.57
CA PHE D 705 -41.38 39.72 41.88
C PHE D 705 -42.11 38.72 40.93
N TYR D 706 -43.23 38.06 41.36
CA TYR D 706 -43.87 37.06 40.48
C TYR D 706 -45.42 36.89 40.51
N ARG D 707 -46.11 37.29 39.41
CA ARG D 707 -47.57 37.13 39.20
C ARG D 707 -47.85 36.34 37.89
N TYR D 708 -47.93 34.99 38.00
CA TYR D 708 -48.12 34.04 36.90
C TYR D 708 -49.41 34.20 36.10
N VAL D 709 -49.28 34.11 34.77
CA VAL D 709 -50.39 34.21 33.83
C VAL D 709 -50.90 32.81 33.49
N LEU D 710 -51.98 32.37 34.16
CA LEU D 710 -52.63 31.09 33.92
C LEU D 710 -53.84 30.82 34.78
N SER D 711 -54.82 30.22 34.16
CA SER D 711 -56.06 29.85 34.81
C SER D 711 -56.56 28.54 34.25
N SER D 712 -57.44 27.89 35.00
CA SER D 712 -58.04 26.64 34.58
C SER D 712 -59.34 26.83 33.76
N SER D 713 -60.42 27.42 34.35
CA SER D 713 -61.65 27.66 33.59
C SER D 713 -61.43 28.71 32.55
N PRO D 714 -61.95 28.47 31.34
CA PRO D 714 -61.77 29.44 30.28
C PRO D 714 -62.29 30.82 30.63
N SER D 715 -61.47 31.81 30.28
CA SER D 715 -61.71 33.22 30.50
C SER D 715 -62.63 33.76 29.40
N PHE D 716 -63.83 34.21 29.78
CA PHE D 716 -64.80 34.72 28.81
C PHE D 716 -65.47 36.00 29.22
N ASP D 717 -65.10 37.08 28.54
CA ASP D 717 -65.61 38.44 28.57
C ASP D 717 -67.15 38.44 28.69
N GLU D 718 -67.73 39.50 29.30
CA GLU D 718 -69.19 39.66 29.52
C GLU D 718 -70.01 39.44 28.27
N SER D 719 -69.45 39.77 27.10
CA SER D 719 -70.14 39.54 25.83
C SER D 719 -70.12 38.07 25.36
N GLY D 720 -69.67 37.17 26.20
CA GLY D 720 -69.62 35.75 25.88
C GLY D 720 -68.25 35.31 25.44
N LYS D 721 -67.70 35.98 24.44
CA LYS D 721 -66.41 35.68 23.84
C LYS D 721 -65.25 35.75 24.83
N VAL D 722 -64.10 35.24 24.44
CA VAL D 722 -62.88 35.14 25.23
C VAL D 722 -62.37 36.47 25.77
N LYS D 723 -61.90 36.44 27.01
CA LYS D 723 -61.22 37.56 27.64
C LYS D 723 -59.73 37.20 27.70
N ALA D 724 -58.86 38.18 27.43
CA ALA D 724 -57.42 38.00 27.46
C ALA D 724 -56.86 37.75 28.88
N LEU D 725 -55.72 37.06 28.96
CA LEU D 725 -55.06 36.74 30.23
C LEU D 725 -53.90 37.70 30.46
N SER D 726 -53.97 38.50 31.54
CA SER D 726 -52.98 39.54 31.84
C SER D 726 -52.32 39.40 33.23
N ALA D 727 -51.08 39.91 33.43
CA ALA D 727 -50.40 39.81 34.73
C ALA D 727 -50.22 41.18 35.40
N ARG D 728 -51.25 41.64 36.10
CA ARG D 728 -51.22 42.93 36.77
C ARG D 728 -50.71 42.80 38.20
N PHE D 729 -49.67 43.57 38.54
CA PHE D 729 -49.06 43.57 39.86
C PHE D 729 -49.61 44.77 40.62
N THR D 730 -50.36 44.56 41.71
CA THR D 730 -50.96 45.65 42.48
C THR D 730 -50.14 46.03 43.74
N GLY D 731 -50.30 47.28 44.19
CA GLY D 731 -49.55 47.81 45.33
C GLY D 731 -48.07 47.81 45.04
N VAL D 732 -47.69 48.35 43.89
CA VAL D 732 -46.30 48.33 43.45
C VAL D 732 -45.57 49.65 43.78
N PRO D 733 -44.36 49.55 44.37
CA PRO D 733 -43.60 50.75 44.73
C PRO D 733 -43.38 51.81 43.64
N ARG D 734 -43.06 53.03 44.09
CA ARG D 734 -42.81 54.16 43.20
C ARG D 734 -41.31 54.51 43.12
N GLU D 735 -40.50 54.13 44.13
CA GLU D 735 -39.07 54.48 44.16
C GLU D 735 -38.10 53.40 43.68
N THR D 736 -38.28 52.13 44.07
CA THR D 736 -37.30 51.11 43.68
C THR D 736 -37.31 50.86 42.17
N LEU D 737 -36.12 50.77 41.58
CA LEU D 737 -35.95 50.55 40.15
C LEU D 737 -36.45 49.17 39.78
N LEU D 738 -37.14 49.06 38.66
CA LEU D 738 -37.75 47.82 38.21
C LEU D 738 -37.34 47.46 36.76
N VAL D 739 -37.33 46.14 36.41
CA VAL D 739 -37.01 45.62 35.06
C VAL D 739 -38.00 44.49 34.72
N VAL D 740 -38.47 44.43 33.47
CA VAL D 740 -39.45 43.42 33.07
C VAL D 740 -38.90 42.30 32.20
N GLY D 741 -39.38 41.09 32.48
CA GLY D 741 -39.05 39.88 31.75
C GLY D 741 -40.12 38.80 31.92
N MET D 742 -39.85 37.55 31.46
CA MET D 742 -40.76 36.38 31.55
C MET D 742 -40.00 35.02 31.60
N ASP D 743 -40.65 33.92 32.09
CA ASP D 743 -40.08 32.56 32.04
C ASP D 743 -40.83 31.80 30.96
N VAL D 744 -40.84 32.39 29.76
CA VAL D 744 -41.49 31.87 28.58
C VAL D 744 -40.80 30.56 28.17
N PRO D 745 -41.57 29.58 27.69
CA PRO D 745 -40.98 28.29 27.35
C PRO D 745 -39.79 28.34 26.40
N PRO D 746 -38.83 27.41 26.56
CA PRO D 746 -37.60 27.44 25.75
C PRO D 746 -37.76 27.41 24.22
N ALA D 747 -38.88 26.88 23.74
CA ALA D 747 -39.17 26.89 22.32
C ALA D 747 -40.13 28.07 22.05
N TRP D 748 -39.85 29.25 22.65
CA TRP D 748 -40.65 30.48 22.52
C TRP D 748 -39.77 31.73 22.33
N LEU D 749 -39.92 32.43 21.19
CA LEU D 749 -39.13 33.63 20.92
C LEU D 749 -40.00 34.81 21.21
N VAL D 750 -39.63 35.59 22.22
CA VAL D 750 -40.45 36.73 22.64
C VAL D 750 -39.68 38.03 22.73
N THR D 751 -40.23 39.10 22.12
CA THR D 751 -39.72 40.47 22.17
C THR D 751 -40.87 41.47 22.46
N SER D 752 -40.52 42.67 22.95
CA SER D 752 -41.51 43.69 23.28
C SER D 752 -42.14 44.28 22.05
N LYS D 753 -43.46 44.35 22.03
CA LYS D 753 -44.25 44.89 20.93
C LYS D 753 -44.53 46.40 21.10
N VAL D 754 -45.43 46.81 22.01
CA VAL D 754 -45.72 48.24 22.25
C VAL D 754 -45.62 48.57 23.76
N ALA D 755 -44.70 49.48 24.14
CA ALA D 755 -44.47 49.88 25.54
C ALA D 755 -43.96 51.33 25.66
N VAL D 756 -44.74 52.20 26.34
CA VAL D 756 -44.44 53.61 26.56
C VAL D 756 -43.19 53.76 27.42
N ASP D 757 -43.17 53.02 28.50
CA ASP D 757 -42.09 53.04 29.46
C ASP D 757 -41.02 52.04 29.04
N ASP D 758 -39.73 52.38 29.22
CA ASP D 758 -38.64 51.47 28.84
C ASP D 758 -38.69 50.24 29.73
N LEU D 759 -38.76 49.05 29.14
CA LEU D 759 -38.82 47.78 29.88
C LEU D 759 -37.64 47.53 30.81
N ASP D 760 -36.45 47.95 30.38
CA ASP D 760 -35.21 47.72 31.12
C ASP D 760 -34.87 48.81 32.15
N ASN D 761 -35.62 49.91 32.17
CA ASN D 761 -35.41 50.98 33.12
C ASN D 761 -36.84 51.38 33.57
N LEU D 762 -37.22 51.19 34.87
CA LEU D 762 -38.59 51.52 35.34
C LEU D 762 -38.73 52.03 36.80
N ARG D 763 -39.57 53.04 37.01
CA ARG D 763 -39.86 53.57 38.34
C ARG D 763 -41.21 54.26 38.25
N ILE D 764 -42.18 53.88 39.10
CA ILE D 764 -43.56 54.38 39.04
C ILE D 764 -43.69 55.91 39.36
N LYS D 765 -42.84 56.47 40.22
CA LYS D 765 -42.89 57.90 40.54
C LYS D 765 -42.41 58.78 39.39
N ASP D 766 -41.52 58.25 38.53
CA ASP D 766 -41.03 58.98 37.36
C ASP D 766 -42.07 59.01 36.26
N ILE D 767 -42.80 57.88 36.12
CA ILE D 767 -43.91 57.69 35.21
C ILE D 767 -45.11 58.55 35.66
N LYS D 768 -45.27 58.75 36.98
CA LYS D 768 -46.28 59.61 37.55
C LYS D 768 -45.95 61.08 37.17
N ALA D 769 -44.66 61.44 37.17
CA ALA D 769 -44.19 62.79 36.80
C ALA D 769 -44.02 63.02 35.28
N LYS D 770 -44.41 62.05 34.44
CA LYS D 770 -44.30 62.15 32.98
C LYS D 770 -45.68 61.99 32.34
N ARG D 771 -46.43 60.96 32.75
CA ARG D 771 -47.77 60.70 32.22
C ARG D 771 -48.87 61.21 33.14
N GLY D 772 -48.60 61.26 34.43
CA GLY D 772 -49.60 61.65 35.41
C GLY D 772 -50.28 60.46 36.06
N THR D 773 -50.03 59.24 35.57
CA THR D 773 -50.64 58.05 36.14
C THR D 773 -49.61 57.06 36.63
N GLU D 774 -49.97 56.26 37.63
CA GLU D 774 -49.09 55.23 38.15
C GLU D 774 -49.50 53.87 37.57
N HIS D 775 -49.87 53.85 36.28
CA HIS D 775 -50.32 52.66 35.58
C HIS D 775 -49.43 52.28 34.43
N VAL D 776 -48.60 51.28 34.64
CA VAL D 776 -47.69 50.80 33.60
C VAL D 776 -48.43 49.79 32.75
N GLU D 777 -48.40 49.94 31.42
CA GLU D 777 -49.03 48.99 30.51
C GLU D 777 -48.14 48.70 29.29
N ALA D 778 -47.79 47.42 29.10
CA ALA D 778 -46.92 46.99 28.00
C ALA D 778 -47.42 45.72 27.31
N ILE D 779 -47.03 45.54 26.04
CA ILE D 779 -47.44 44.40 25.25
C ILE D 779 -46.24 43.64 24.71
N TYR D 780 -46.17 42.37 25.04
CA TYR D 780 -45.13 41.47 24.58
C TYR D 780 -45.72 40.55 23.49
N GLU D 781 -44.87 39.83 22.74
CA GLU D 781 -45.37 38.98 21.67
C GLU D 781 -44.46 37.79 21.32
N LEU D 782 -45.05 36.60 21.13
CA LEU D 782 -44.37 35.37 20.71
C LEU D 782 -44.09 35.57 19.22
N GLU D 783 -42.94 36.20 18.85
CA GLU D 783 -42.66 36.50 17.44
C GLU D 783 -42.40 35.26 16.60
N HIS D 784 -41.98 34.15 17.23
CA HIS D 784 -41.71 32.88 16.56
C HIS D 784 -41.74 31.71 17.54
N ILE D 785 -42.08 30.52 17.03
CA ILE D 785 -42.16 29.28 17.81
C ILE D 785 -41.04 28.36 17.29
N LEU D 786 -39.89 28.35 18.01
CA LEU D 786 -38.65 27.63 17.69
C LEU D 786 -38.80 26.13 17.37
N ILE D 787 -38.02 25.67 16.40
CA ILE D 787 -38.01 24.27 16.02
C ILE D 787 -36.65 23.71 16.47
N GLU D 788 -36.50 23.49 17.79
CA GLU D 788 -35.28 23.00 18.45
C GLU D 788 -35.01 21.54 18.12
N GLY D 789 -33.77 21.12 18.27
CA GLY D 789 -33.42 19.74 17.99
C GLY D 789 -32.02 19.34 18.35
N HIS D 790 -31.74 18.02 18.27
CA HIS D 790 -30.44 17.40 18.58
C HIS D 790 -29.95 16.54 17.39
N SER D 791 -28.86 17.01 16.78
CA SER D 791 -28.28 16.43 15.58
C SER D 791 -27.55 15.14 15.84
N ARG D 792 -27.36 14.35 14.80
CA ARG D 792 -26.59 13.11 14.90
C ARG D 792 -26.09 12.66 13.52
N GLU D 793 -25.06 11.83 13.52
CA GLU D 793 -24.48 11.30 12.30
C GLU D 793 -24.83 9.81 12.20
N ILE D 794 -25.16 9.32 10.99
CA ILE D 794 -25.47 7.92 10.78
C ILE D 794 -24.30 7.26 10.04
N PRO D 795 -23.80 6.12 10.54
CA PRO D 795 -24.31 5.34 11.67
C PRO D 795 -23.66 5.64 13.02
N GLY D 796 -22.39 5.99 12.99
CA GLY D 796 -21.64 6.33 14.20
C GLY D 796 -22.11 7.67 14.70
N ALA D 797 -23.07 7.65 15.63
CA ALA D 797 -23.69 8.83 16.21
C ALA D 797 -22.72 9.82 16.80
N HIS D 798 -22.50 10.90 16.08
CA HIS D 798 -21.55 11.94 16.47
C HIS D 798 -22.22 13.33 16.33
N ALA D 799 -21.40 14.40 16.22
CA ALA D 799 -21.90 15.74 16.00
C ALA D 799 -21.53 16.19 14.56
N PRO D 800 -22.50 16.28 13.62
CA PRO D 800 -22.16 16.76 12.28
C PRO D 800 -22.17 18.29 12.35
N ARG D 801 -21.19 18.86 13.05
CA ARG D 801 -21.09 20.31 13.20
C ARG D 801 -20.61 20.95 11.90
N GLY D 802 -20.92 22.22 11.72
CA GLY D 802 -20.55 22.95 10.52
C GLY D 802 -21.48 22.71 9.33
N VAL D 803 -22.31 21.64 9.40
CA VAL D 803 -23.25 21.29 8.33
C VAL D 803 -24.41 22.30 8.32
N GLN D 804 -24.25 23.36 7.51
CA GLN D 804 -25.20 24.46 7.32
C GLN D 804 -26.52 23.90 6.74
N LEU D 805 -27.71 24.31 7.25
CA LEU D 805 -28.98 23.79 6.68
C LEU D 805 -30.09 24.84 6.55
N VAL D 806 -30.94 24.66 5.52
CA VAL D 806 -32.02 25.56 5.09
C VAL D 806 -33.44 25.05 5.42
N LEU D 807 -34.33 25.95 5.89
CA LEU D 807 -35.74 25.66 6.14
C LEU D 807 -36.52 26.32 5.01
N GLU D 808 -37.42 25.58 4.36
CA GLU D 808 -38.20 26.10 3.24
C GLU D 808 -39.70 25.75 3.32
N THR D 809 -40.51 26.37 2.47
CA THR D 809 -41.96 26.15 2.34
C THR D 809 -42.29 26.17 0.85
N GLU D 810 -43.46 25.67 0.46
CA GLU D 810 -43.85 25.71 -0.95
C GLU D 810 -44.19 27.14 -1.42
N ASN D 811 -43.92 28.17 -0.56
CA ASN D 811 -44.11 29.59 -0.81
C ASN D 811 -42.75 30.21 -1.21
N ASN D 812 -41.69 29.92 -0.43
CA ASN D 812 -40.32 30.39 -0.73
C ASN D 812 -39.28 29.42 -0.17
N PRO D 813 -38.34 28.96 -1.01
CA PRO D 813 -37.38 27.93 -0.56
C PRO D 813 -36.15 28.43 0.20
N HIS D 814 -36.09 29.73 0.49
CA HIS D 814 -35.00 30.28 1.27
C HIS D 814 -35.62 31.00 2.44
N PHE D 815 -36.34 30.23 3.24
CA PHE D 815 -37.00 30.75 4.41
C PHE D 815 -35.92 31.09 5.45
N ALA D 816 -35.02 30.14 5.81
CA ALA D 816 -33.93 30.40 6.79
C ALA D 816 -32.72 29.47 6.65
N ASP D 817 -31.51 29.87 7.14
CA ASP D 817 -30.30 29.03 7.10
C ASP D 817 -29.25 29.37 8.20
N THR D 818 -28.91 28.36 9.03
CA THR D 818 -27.97 28.48 10.16
C THR D 818 -27.26 27.11 10.44
N ILE D 819 -26.02 27.15 10.98
CA ILE D 819 -25.19 25.95 11.22
C ILE D 819 -25.54 25.16 12.53
N ILE D 820 -24.91 23.98 12.73
CA ILE D 820 -25.07 23.07 13.85
C ILE D 820 -23.96 23.28 14.88
N MET D 821 -24.28 23.12 16.16
CA MET D 821 -23.30 23.30 17.22
C MET D 821 -22.59 22.01 17.62
N ALA D 822 -21.33 22.13 18.07
CA ALA D 822 -20.50 21.01 18.51
C ALA D 822 -21.01 20.33 19.80
N ASN D 823 -21.79 21.07 20.63
CA ASN D 823 -22.34 20.46 21.83
C ASN D 823 -23.68 19.82 21.55
N LEU D 824 -23.59 18.59 21.06
CA LEU D 824 -24.68 17.66 20.77
C LEU D 824 -25.70 18.17 19.72
N GLY D 825 -25.21 19.03 18.83
CA GLY D 825 -25.99 19.51 17.71
C GLY D 825 -27.17 20.36 18.05
N TYR D 826 -26.92 21.61 18.47
CA TYR D 826 -28.02 22.50 18.76
C TYR D 826 -28.36 23.37 17.57
N PHE D 827 -29.65 23.60 17.36
CA PHE D 827 -30.15 24.46 16.31
C PHE D 827 -31.56 24.90 16.66
N GLN D 828 -31.92 26.12 16.28
CA GLN D 828 -33.28 26.60 16.51
C GLN D 828 -33.73 27.50 15.38
N PHE D 829 -34.83 27.11 14.74
CA PHE D 829 -35.34 27.87 13.62
C PHE D 829 -36.61 28.62 13.97
N LYS D 830 -36.51 29.96 13.91
CA LYS D 830 -37.57 30.91 14.22
C LYS D 830 -38.73 30.78 13.22
N ALA D 831 -39.81 30.05 13.57
CA ALA D 831 -40.94 29.87 12.65
C ALA D 831 -42.30 29.65 13.33
N ASN D 832 -43.39 29.99 12.63
CA ASN D 832 -44.76 29.84 13.12
C ASN D 832 -45.41 28.54 12.61
N PRO D 833 -46.62 28.14 13.05
CA PRO D 833 -47.21 26.88 12.52
C PRO D 833 -47.44 26.90 11.01
N GLY D 834 -47.55 25.71 10.40
CA GLY D 834 -47.78 25.57 8.97
C GLY D 834 -47.09 24.38 8.36
N VAL D 835 -46.79 24.39 7.05
CA VAL D 835 -46.08 23.28 6.42
C VAL D 835 -44.65 23.73 6.05
N TYR D 836 -43.65 22.87 6.32
CA TYR D 836 -42.24 23.18 6.07
C TYR D 836 -41.45 22.00 5.48
N ASN D 837 -40.14 22.21 5.21
CA ASN D 837 -39.18 21.22 4.71
C ASN D 837 -37.76 21.66 5.07
N ILE D 838 -36.87 20.69 5.33
CA ILE D 838 -35.50 21.01 5.67
C ILE D 838 -34.53 20.41 4.66
N ARG D 839 -33.82 21.26 3.93
CA ARG D 839 -32.84 20.83 2.93
C ARG D 839 -31.44 21.27 3.33
N LEU D 840 -30.42 20.56 2.85
CA LEU D 840 -29.04 20.92 3.13
C LEU D 840 -28.72 22.22 2.41
N LYS D 841 -28.00 23.14 3.08
CA LYS D 841 -27.64 24.42 2.46
C LYS D 841 -26.74 24.19 1.27
N GLU D 842 -27.01 24.96 0.24
CA GLU D 842 -26.31 25.02 -1.04
C GLU D 842 -24.77 25.08 -0.81
N GLY D 843 -24.07 23.98 -1.11
CA GLY D 843 -22.62 23.96 -0.95
C GLY D 843 -22.02 22.74 -0.33
N ARG D 844 -21.01 22.97 0.54
CA ARG D 844 -20.22 21.94 1.22
C ARG D 844 -21.04 21.00 2.09
N SER D 845 -22.15 21.52 2.63
CA SER D 845 -23.06 20.78 3.49
C SER D 845 -23.76 19.65 2.71
N SER D 846 -24.15 19.94 1.46
CA SER D 846 -24.78 18.96 0.59
C SER D 846 -23.75 18.04 -0.06
N GLU D 847 -22.50 18.52 -0.25
CA GLU D 847 -21.42 17.76 -0.86
C GLU D 847 -21.05 16.48 -0.09
N ILE D 848 -20.68 16.58 1.18
CA ILE D 848 -20.26 15.41 1.94
C ILE D 848 -21.41 14.73 2.65
N PHE D 849 -22.43 15.49 3.08
CA PHE D 849 -23.55 14.89 3.78
C PHE D 849 -24.85 14.88 3.04
N THR D 850 -25.66 13.86 3.28
CA THR D 850 -27.00 13.75 2.74
C THR D 850 -27.91 13.52 3.93
N LEU D 851 -28.84 14.45 4.15
CA LEU D 851 -29.76 14.36 5.27
C LEU D 851 -30.78 13.25 5.01
N GLU D 852 -30.66 12.15 5.74
CA GLU D 852 -31.52 11.00 5.55
C GLU D 852 -32.94 11.31 6.05
N SER D 853 -33.04 11.88 7.26
CA SER D 853 -34.32 12.20 7.87
C SER D 853 -34.24 13.25 8.97
N VAL D 854 -35.39 13.85 9.26
CA VAL D 854 -35.59 14.77 10.35
C VAL D 854 -36.45 13.97 11.29
N GLY D 855 -35.90 13.61 12.45
CA GLY D 855 -36.59 12.77 13.43
C GLY D 855 -37.76 13.45 14.10
N ALA D 856 -38.79 13.77 13.33
CA ALA D 856 -40.01 14.44 13.76
C ALA D 856 -40.87 13.56 14.69
N LYS D 857 -40.69 12.23 14.64
CA LYS D 857 -41.49 11.27 15.42
C LYS D 857 -40.82 10.77 16.70
N GLY D 858 -39.53 10.93 16.79
CA GLY D 858 -38.76 10.46 17.93
C GLY D 858 -37.31 10.21 17.52
N TRP D 859 -36.51 9.68 18.46
CA TRP D 859 -35.10 9.41 18.15
C TRP D 859 -34.97 8.39 17.01
N GLY D 860 -35.71 7.29 17.12
CA GLY D 860 -35.78 6.23 16.13
C GLY D 860 -34.47 5.65 15.63
N PRO D 861 -34.33 5.34 14.32
CA PRO D 861 -35.29 5.52 13.22
C PRO D 861 -36.65 4.84 13.42
N ILE D 862 -37.69 5.54 13.03
CA ILE D 862 -39.07 5.11 13.12
C ILE D 862 -39.60 4.94 11.71
N PRO D 863 -40.25 3.80 11.42
CA PRO D 863 -40.80 3.60 10.07
C PRO D 863 -41.83 4.66 9.70
N GLY D 864 -41.40 5.58 8.85
CA GLY D 864 -42.23 6.70 8.42
C GLY D 864 -41.70 8.06 8.84
N ASP D 865 -40.54 8.11 9.52
CA ASP D 865 -39.96 9.39 9.93
C ASP D 865 -38.83 9.88 9.01
N ASP D 866 -38.47 9.10 7.96
CA ASP D 866 -37.43 9.49 6.99
C ASP D 866 -37.84 10.70 6.10
N ASN D 867 -38.92 11.39 6.50
CA ASN D 867 -39.49 12.54 5.85
C ASN D 867 -38.66 13.74 6.26
N THR D 868 -38.05 14.43 5.29
CA THR D 868 -37.30 15.65 5.58
C THR D 868 -38.27 16.84 5.84
N GLU D 869 -39.53 16.53 6.26
CA GLU D 869 -40.64 17.44 6.50
C GLU D 869 -40.90 17.72 7.97
N VAL D 870 -41.09 19.01 8.29
CA VAL D 870 -41.43 19.46 9.62
C VAL D 870 -42.68 20.32 9.55
N VAL D 871 -43.60 20.08 10.46
CA VAL D 871 -44.86 20.80 10.59
C VAL D 871 -44.99 21.08 12.10
N LEU D 872 -45.17 22.34 12.51
CA LEU D 872 -45.31 22.64 13.93
C LEU D 872 -46.76 22.94 14.29
N MET D 873 -47.30 22.18 15.25
CA MET D 873 -48.68 22.30 15.68
C MET D 873 -48.84 22.13 17.20
N ASP D 874 -47.86 22.63 17.95
CA ASP D 874 -47.84 22.67 19.40
C ASP D 874 -47.04 23.92 19.84
N PHE D 875 -47.24 24.38 21.09
CA PHE D 875 -46.52 25.56 21.56
C PHE D 875 -45.03 25.28 21.90
N GLN D 876 -44.57 24.01 22.02
CA GLN D 876 -43.13 23.75 22.21
C GLN D 876 -42.42 23.46 20.88
N GLY D 877 -42.96 23.98 19.78
CA GLY D 877 -42.48 23.77 18.43
C GLY D 877 -42.61 22.31 18.05
N THR D 878 -41.58 21.79 17.44
CA THR D 878 -41.52 20.38 17.10
C THR D 878 -40.07 19.99 17.29
N THR D 879 -39.79 19.13 18.28
CA THR D 879 -38.42 18.72 18.59
C THR D 879 -37.95 17.70 17.57
N LEU D 880 -36.74 17.95 17.04
CA LEU D 880 -36.14 17.17 15.95
C LEU D 880 -34.95 16.34 16.33
N TYR D 881 -34.96 15.07 15.94
CA TYR D 881 -33.80 14.23 16.14
C TYR D 881 -33.33 13.83 14.77
N PRO D 882 -32.83 14.80 13.98
CA PRO D 882 -32.47 14.49 12.61
C PRO D 882 -31.21 13.66 12.53
N ARG D 883 -31.17 12.76 11.55
CA ARG D 883 -30.07 11.82 11.32
C ARG D 883 -29.49 12.04 9.93
N LEU D 884 -28.16 12.28 9.82
CA LEU D 884 -27.53 12.51 8.53
C LEU D 884 -26.43 11.53 8.29
N ARG D 885 -26.49 10.79 7.18
CA ARG D 885 -25.42 9.86 6.84
C ARG D 885 -24.49 10.45 5.82
N ARG D 886 -23.21 10.10 5.93
CA ARG D 886 -22.22 10.60 4.97
C ARG D 886 -22.33 9.81 3.67
N LYS D 887 -21.96 10.46 2.56
CA LYS D 887 -21.98 9.80 1.27
C LYS D 887 -20.80 8.86 1.20
N PRO D 888 -21.04 7.58 0.82
CA PRO D 888 -19.98 6.57 0.89
C PRO D 888 -18.59 6.95 0.39
N GLY D 889 -17.58 6.37 1.03
CA GLY D 889 -16.17 6.52 0.72
C GLY D 889 -15.53 7.86 1.04
N MET D 890 -16.31 8.78 1.59
CA MET D 890 -15.80 10.11 1.92
C MET D 890 -15.46 10.24 3.39
N GLU D 891 -14.60 11.20 3.67
CA GLU D 891 -14.05 11.46 4.98
C GLU D 891 -13.65 12.95 5.06
N GLU D 892 -14.37 13.87 4.37
CA GLU D 892 -14.01 15.29 4.34
C GLU D 892 -14.97 16.13 5.19
N GLU D 893 -14.45 17.10 5.95
CA GLU D 893 -15.31 17.98 6.74
C GLU D 893 -15.45 19.33 6.04
N ASP D 894 -16.50 20.08 6.39
CA ASP D 894 -16.72 21.41 5.82
C ASP D 894 -15.55 22.33 6.15
N VAL D 895 -14.99 22.19 7.37
CA VAL D 895 -13.83 22.92 7.89
C VAL D 895 -12.70 22.93 6.87
N LEU D 896 -12.53 21.83 6.11
CA LEU D 896 -11.49 21.79 5.10
C LEU D 896 -12.04 21.44 3.71
N HIS D 943 -23.79 41.89 -0.18
CA HIS D 943 -24.83 42.37 0.72
C HIS D 943 -24.78 43.91 0.78
N ALA D 944 -23.84 44.47 1.53
CA ALA D 944 -23.67 45.91 1.66
C ALA D 944 -22.20 46.20 2.00
N GLU D 945 -21.75 47.43 1.71
CA GLU D 945 -20.37 47.84 1.93
C GLU D 945 -19.90 47.63 3.39
N ILE D 946 -20.61 48.22 4.36
CA ILE D 946 -20.25 48.11 5.77
C ILE D 946 -21.37 47.36 6.51
N ASN D 947 -21.00 46.44 7.42
CA ASN D 947 -22.00 45.71 8.21
C ASN D 947 -21.68 45.87 9.70
N ILE D 948 -22.42 46.74 10.38
CA ILE D 948 -22.23 47.05 11.79
C ILE D 948 -23.36 46.51 12.65
N PHE D 949 -23.03 45.94 13.81
CA PHE D 949 -24.02 45.45 14.73
C PHE D 949 -23.80 46.06 16.14
N SER D 950 -24.91 46.29 16.88
CA SER D 950 -24.87 46.90 18.22
C SER D 950 -26.12 46.56 19.06
N VAL D 951 -26.05 46.81 20.37
CA VAL D 951 -27.17 46.54 21.25
C VAL D 951 -27.17 47.52 22.42
N ALA D 952 -28.35 47.74 23.02
CA ALA D 952 -28.50 48.64 24.15
C ALA D 952 -29.57 48.10 25.10
N SER D 953 -29.36 48.20 26.43
CA SER D 953 -30.36 47.71 27.38
C SER D 953 -30.80 48.81 28.34
N GLY D 954 -30.95 50.02 27.82
CA GLY D 954 -31.37 51.20 28.57
C GLY D 954 -31.65 52.39 27.68
N HIS D 955 -32.34 53.43 28.20
CA HIS D 955 -32.68 54.56 27.36
C HIS D 955 -31.52 55.54 27.11
N LEU D 956 -30.56 55.72 28.04
CA LEU D 956 -29.40 56.58 27.77
C LEU D 956 -28.57 55.91 26.66
N TYR D 957 -28.34 54.60 26.82
CA TYR D 957 -27.65 53.76 25.86
C TYR D 957 -28.39 53.83 24.49
N GLU D 958 -29.74 53.91 24.50
CA GLU D 958 -30.58 54.02 23.29
C GLU D 958 -30.57 55.44 22.64
N ARG D 959 -30.31 56.49 23.43
CA ARG D 959 -30.16 57.85 22.91
C ARG D 959 -28.75 57.97 22.28
N MET D 960 -27.73 57.40 22.93
CA MET D 960 -26.37 57.40 22.42
C MET D 960 -26.20 56.43 21.23
N LEU D 961 -27.10 55.42 21.08
CA LEU D 961 -27.15 54.47 19.97
C LEU D 961 -27.68 55.19 18.72
N ASN D 962 -28.64 56.12 18.89
CA ASN D 962 -29.14 56.96 17.80
C ASN D 962 -27.97 57.83 17.27
N ILE D 963 -27.09 58.30 18.17
CA ILE D 963 -25.90 59.08 17.89
C ILE D 963 -24.87 58.24 17.14
N MET D 964 -24.65 57.00 17.58
CA MET D 964 -23.70 56.06 16.96
C MET D 964 -24.01 55.86 15.48
N MET D 965 -25.29 55.61 15.14
CA MET D 965 -25.72 55.38 13.76
C MET D 965 -25.46 56.62 12.92
N ALA D 966 -25.81 57.80 13.44
CA ALA D 966 -25.65 59.08 12.75
C ALA D 966 -24.19 59.45 12.49
N SER D 967 -23.28 59.12 13.43
CA SER D 967 -21.86 59.45 13.29
C SER D 967 -21.19 58.64 12.16
N VAL D 968 -21.61 57.37 11.99
CA VAL D 968 -21.07 56.52 10.93
C VAL D 968 -21.45 57.09 9.56
N MET D 969 -22.76 57.37 9.35
CA MET D 969 -23.31 57.89 8.09
C MET D 969 -22.74 59.24 7.67
N HIS D 970 -22.50 60.16 8.63
CA HIS D 970 -21.91 61.47 8.32
C HIS D 970 -20.49 61.32 7.77
N HIS D 971 -19.75 60.30 8.26
CA HIS D 971 -18.37 60.10 7.84
C HIS D 971 -18.18 58.92 6.89
N THR D 972 -19.24 58.53 6.18
CA THR D 972 -19.16 57.44 5.22
C THR D 972 -19.98 57.70 3.96
N ASN D 973 -19.37 57.47 2.81
CA ASN D 973 -20.04 57.59 1.52
C ASN D 973 -20.26 56.14 0.99
N HIS D 974 -20.71 55.24 1.88
CA HIS D 974 -20.89 53.83 1.54
C HIS D 974 -22.24 53.27 2.01
N THR D 975 -22.62 52.06 1.55
CA THR D 975 -23.87 51.44 1.98
C THR D 975 -23.66 50.71 3.30
N VAL D 976 -24.11 51.31 4.39
CA VAL D 976 -23.98 50.75 5.74
C VAL D 976 -25.27 50.05 6.14
N LYS D 977 -25.15 48.86 6.77
CA LYS D 977 -26.31 48.09 7.23
C LYS D 977 -26.23 47.83 8.74
N PHE D 978 -27.30 48.15 9.48
CA PHE D 978 -27.29 47.95 10.93
C PHE D 978 -28.02 46.65 11.34
N TRP D 979 -27.39 45.86 12.21
CA TRP D 979 -27.97 44.59 12.68
C TRP D 979 -28.08 44.67 14.23
N PHE D 980 -29.23 44.32 14.82
CA PHE D 980 -29.39 44.41 16.29
C PHE D 980 -30.07 43.17 16.90
N ILE D 981 -30.05 43.06 18.23
CA ILE D 981 -30.75 41.99 18.92
C ILE D 981 -32.10 42.58 19.39
N GLU D 982 -33.20 42.10 18.80
CA GLU D 982 -34.57 42.62 18.97
C GLU D 982 -35.12 42.77 20.40
N GLN D 983 -34.99 41.73 21.24
CA GLN D 983 -35.54 41.60 22.60
C GLN D 983 -35.19 42.70 23.66
N PHE D 984 -33.89 42.98 23.90
CA PHE D 984 -33.45 43.93 24.94
C PHE D 984 -33.82 45.43 24.62
N LEU D 985 -34.04 45.80 23.34
CA LEU D 985 -34.44 47.17 22.97
C LEU D 985 -35.89 47.51 23.45
N SER D 986 -36.26 48.80 23.43
CA SER D 986 -37.58 49.24 23.88
C SER D 986 -38.44 49.78 22.73
N PRO D 987 -39.77 49.61 22.77
CA PRO D 987 -40.63 50.06 21.65
C PRO D 987 -40.81 51.56 21.47
N SER D 988 -40.05 52.35 22.18
CA SER D 988 -40.05 53.80 21.99
C SER D 988 -39.03 54.11 20.88
N PHE D 989 -37.86 53.42 20.93
CA PHE D 989 -36.77 53.46 19.95
C PHE D 989 -36.99 52.38 18.86
N LYS D 990 -37.76 51.30 19.18
CA LYS D 990 -38.15 50.20 18.29
C LYS D 990 -39.02 50.72 17.14
N ASP D 991 -39.89 51.69 17.43
CA ASP D 991 -40.75 52.30 16.43
C ASP D 991 -40.29 53.71 16.09
N PHE D 992 -38.95 53.89 16.05
CA PHE D 992 -38.24 55.09 15.67
C PHE D 992 -37.10 54.76 14.66
N ILE D 993 -36.49 53.54 14.76
CA ILE D 993 -35.41 53.11 13.86
C ILE D 993 -35.78 53.14 12.33
N PRO D 994 -37.04 52.92 11.83
CA PRO D 994 -37.31 53.07 10.37
C PRO D 994 -37.20 54.52 9.86
N HIS D 995 -37.46 55.50 10.74
CA HIS D 995 -37.36 56.93 10.44
C HIS D 995 -35.88 57.36 10.36
N MET D 996 -35.00 56.70 11.11
CA MET D 996 -33.55 56.92 11.07
C MET D 996 -33.02 56.40 9.72
N ALA D 997 -33.51 55.21 9.28
CA ALA D 997 -33.14 54.52 8.06
C ALA D 997 -33.40 55.36 6.82
N ALA D 998 -34.52 56.07 6.80
CA ALA D 998 -34.89 56.90 5.67
C ALA D 998 -34.08 58.21 5.66
N GLU D 999 -33.85 58.79 6.82
CA GLU D 999 -33.15 60.07 6.93
C GLU D 999 -31.64 59.96 6.82
N TYR D 1000 -31.06 58.85 7.22
CA TYR D 1000 -29.61 58.67 7.14
C TYR D 1000 -29.16 57.77 5.97
N GLY D 1001 -30.11 57.19 5.24
CA GLY D 1001 -29.85 56.38 4.06
C GLY D 1001 -29.22 55.03 4.30
N PHE D 1002 -29.68 54.31 5.32
CA PHE D 1002 -29.16 52.97 5.61
C PHE D 1002 -30.28 51.94 5.67
N LYS D 1003 -29.92 50.66 5.52
CA LYS D 1003 -30.87 49.56 5.66
C LYS D 1003 -30.56 48.81 6.95
N TYR D 1004 -31.53 48.05 7.47
CA TYR D 1004 -31.29 47.31 8.70
C TYR D 1004 -32.20 46.11 8.82
N GLU D 1005 -31.58 44.99 9.23
CA GLU D 1005 -32.22 43.69 9.42
C GLU D 1005 -32.04 43.31 10.90
N MET D 1006 -33.09 42.81 11.57
CA MET D 1006 -32.99 42.46 12.99
C MET D 1006 -32.90 40.95 13.25
N VAL D 1007 -31.68 40.41 13.28
CA VAL D 1007 -31.42 38.99 13.50
C VAL D 1007 -31.63 38.60 14.97
N THR D 1008 -32.15 37.38 15.22
CA THR D 1008 -32.42 36.94 16.58
C THR D 1008 -32.16 35.40 16.76
N TYR D 1009 -31.53 34.99 17.89
CA TYR D 1009 -31.23 33.58 18.25
C TYR D 1009 -31.28 33.47 19.77
N LYS D 1010 -32.31 32.84 20.31
CA LYS D 1010 -32.46 32.70 21.75
C LYS D 1010 -31.50 31.69 22.33
N TRP D 1011 -31.27 31.83 23.65
CA TRP D 1011 -30.36 31.02 24.46
C TRP D 1011 -30.79 29.55 24.56
N PRO D 1012 -29.85 28.62 24.29
CA PRO D 1012 -30.19 27.20 24.35
C PRO D 1012 -30.36 26.67 25.76
N HIS D 1013 -31.27 25.70 25.93
CA HIS D 1013 -31.54 25.10 27.23
C HIS D 1013 -30.29 24.51 27.86
N TRP D 1014 -29.37 23.98 27.03
CA TRP D 1014 -28.13 23.39 27.49
C TRP D 1014 -27.22 24.41 28.10
N LEU D 1015 -27.01 25.51 27.38
CA LEU D 1015 -26.11 26.57 27.79
C LEU D 1015 -26.46 27.12 29.14
N ARG D 1016 -25.44 27.30 29.97
CA ARG D 1016 -25.64 27.87 31.29
C ARG D 1016 -26.06 29.33 31.11
N GLN D 1017 -27.28 29.65 31.49
CA GLN D 1017 -27.81 31.00 31.34
C GLN D 1017 -27.24 31.96 32.42
N GLN D 1018 -27.51 33.26 32.27
CA GLN D 1018 -27.07 34.25 33.23
C GLN D 1018 -28.30 34.95 33.80
N LYS D 1019 -28.40 35.11 35.13
CA LYS D 1019 -29.58 35.69 35.79
C LYS D 1019 -29.81 37.19 35.51
N GLU D 1020 -28.73 37.98 35.55
CA GLU D 1020 -28.81 39.42 35.33
C GLU D 1020 -28.93 39.75 33.85
N LYS D 1021 -29.90 40.62 33.48
CA LYS D 1021 -30.14 41.03 32.08
C LYS D 1021 -28.84 41.56 31.39
N GLN D 1022 -27.87 42.06 32.18
CA GLN D 1022 -26.55 42.55 31.76
C GLN D 1022 -25.63 41.40 31.30
N ARG D 1023 -25.48 40.35 32.15
CA ARG D 1023 -24.66 39.18 31.82
C ARG D 1023 -25.16 38.47 30.55
N GLU D 1024 -26.48 38.55 30.26
CA GLU D 1024 -27.05 37.99 29.02
C GLU D 1024 -26.85 38.93 27.83
N ILE D 1025 -26.69 40.24 28.05
CA ILE D 1025 -26.35 41.18 26.97
C ILE D 1025 -24.94 40.83 26.52
N TRP D 1026 -24.00 40.63 27.49
CA TRP D 1026 -22.60 40.28 27.24
C TRP D 1026 -22.44 39.01 26.43
N GLY D 1027 -23.27 38.01 26.72
CA GLY D 1027 -23.27 36.73 26.04
C GLY D 1027 -23.68 36.82 24.58
N TYR D 1028 -24.66 37.72 24.29
CA TYR D 1028 -25.19 38.01 22.93
C TYR D 1028 -24.11 38.70 22.01
N LYS D 1029 -23.04 39.29 22.60
CA LYS D 1029 -21.97 39.96 21.84
C LYS D 1029 -20.87 39.01 21.43
N ILE D 1030 -20.61 37.97 22.22
CA ILE D 1030 -19.51 37.06 21.94
C ILE D 1030 -19.92 35.60 21.59
N LEU D 1031 -20.90 35.00 22.27
CA LEU D 1031 -21.28 33.60 22.03
C LEU D 1031 -22.04 33.28 20.72
N PHE D 1032 -23.06 34.08 20.33
CA PHE D 1032 -23.92 33.75 19.19
C PHE D 1032 -23.43 34.11 17.78
N LEU D 1033 -22.40 34.92 17.64
CA LEU D 1033 -21.89 35.44 16.36
C LEU D 1033 -21.97 34.53 15.13
N ASP D 1034 -21.63 33.24 15.25
CA ASP D 1034 -21.66 32.32 14.10
C ASP D 1034 -23.05 31.98 13.55
N VAL D 1035 -24.03 31.81 14.44
CA VAL D 1035 -25.38 31.40 14.02
C VAL D 1035 -26.39 32.54 13.88
N LEU D 1036 -26.18 33.65 14.62
CA LEU D 1036 -27.05 34.83 14.66
C LEU D 1036 -27.33 35.43 13.27
N PHE D 1037 -26.31 35.51 12.43
CA PHE D 1037 -26.42 36.10 11.10
C PHE D 1037 -26.53 35.00 10.02
N PRO D 1038 -27.31 35.24 8.95
CA PRO D 1038 -27.42 34.21 7.90
C PRO D 1038 -26.09 33.92 7.18
N LEU D 1039 -25.98 32.75 6.50
CA LEU D 1039 -24.77 32.30 5.75
C LEU D 1039 -24.44 33.09 4.48
N SER D 1040 -25.09 34.23 4.32
CA SER D 1040 -24.90 35.18 3.25
C SER D 1040 -23.99 36.31 3.72
N LEU D 1041 -24.13 36.75 4.99
CA LEU D 1041 -23.34 37.83 5.54
C LEU D 1041 -21.88 37.47 5.73
N ASP D 1042 -21.02 38.23 5.06
CA ASP D 1042 -19.59 38.02 5.08
C ASP D 1042 -18.92 38.44 6.38
N LYS D 1043 -19.18 39.65 6.89
CA LYS D 1043 -18.48 40.15 8.07
C LYS D 1043 -19.30 41.16 8.84
N VAL D 1044 -19.10 41.22 10.16
CA VAL D 1044 -19.79 42.18 11.03
C VAL D 1044 -18.77 42.99 11.84
N ILE D 1045 -19.15 44.19 12.29
CA ILE D 1045 -18.30 45.04 13.10
C ILE D 1045 -19.14 45.54 14.26
N PHE D 1046 -18.67 45.35 15.50
CA PHE D 1046 -19.41 45.83 16.67
C PHE D 1046 -18.93 47.18 17.14
N VAL D 1047 -19.87 48.09 17.38
CA VAL D 1047 -19.58 49.40 17.91
C VAL D 1047 -20.44 49.52 19.15
N ASP D 1048 -19.82 49.61 20.35
CA ASP D 1048 -20.54 49.70 21.64
C ASP D 1048 -21.34 50.97 21.78
N ALA D 1049 -22.62 50.93 21.28
CA ALA D 1049 -23.71 51.93 21.22
C ALA D 1049 -23.34 53.42 21.61
N ASP D 1050 -22.96 53.72 22.89
CA ASP D 1050 -22.54 55.07 23.31
C ASP D 1050 -21.14 55.31 22.74
N GLN D 1051 -21.06 55.75 21.48
CA GLN D 1051 -19.79 55.96 20.79
C GLN D 1051 -19.92 57.06 19.77
N ILE D 1052 -18.80 57.67 19.42
CA ILE D 1052 -18.74 58.70 18.41
C ILE D 1052 -17.66 58.30 17.42
N VAL D 1053 -18.05 57.94 16.19
CA VAL D 1053 -17.09 57.54 15.16
C VAL D 1053 -16.80 58.72 14.23
N ARG D 1054 -15.53 59.10 14.09
CA ARG D 1054 -15.13 60.21 13.24
C ARG D 1054 -14.41 59.77 11.94
N THR D 1055 -14.15 58.46 11.76
CA THR D 1055 -13.49 57.99 10.54
C THR D 1055 -14.43 57.13 9.69
N ASP D 1056 -14.17 57.04 8.38
CA ASP D 1056 -14.95 56.21 7.48
C ASP D 1056 -14.70 54.76 7.87
N MET D 1057 -15.76 54.02 8.22
CA MET D 1057 -15.61 52.66 8.72
C MET D 1057 -15.34 51.59 7.67
N TYR D 1058 -15.27 51.96 6.38
CA TYR D 1058 -14.99 50.99 5.32
C TYR D 1058 -13.56 50.43 5.39
N ASP D 1059 -12.62 51.24 5.91
CA ASP D 1059 -11.21 50.87 6.08
C ASP D 1059 -11.06 49.62 6.96
N LEU D 1060 -11.89 49.53 8.00
CA LEU D 1060 -11.86 48.39 8.90
C LEU D 1060 -12.41 47.12 8.24
N VAL D 1061 -13.33 47.26 7.28
CA VAL D 1061 -13.92 46.15 6.53
C VAL D 1061 -12.84 45.42 5.73
N GLU D 1062 -12.01 46.17 5.01
CA GLU D 1062 -10.95 45.56 4.21
C GLU D 1062 -9.62 45.44 4.93
N HIS D 1063 -9.59 45.61 6.26
CA HIS D 1063 -8.37 45.44 7.03
C HIS D 1063 -8.09 43.94 7.13
N PRO D 1064 -6.86 43.52 6.77
CA PRO D 1064 -6.54 42.10 6.83
C PRO D 1064 -6.36 41.63 8.26
N LEU D 1065 -7.00 40.53 8.59
CA LEU D 1065 -6.92 39.98 9.92
C LEU D 1065 -5.79 38.98 10.11
N ASP D 1066 -5.28 38.38 9.01
CA ASP D 1066 -4.18 37.43 9.00
C ASP D 1066 -4.47 36.16 9.81
N GLY D 1067 -5.27 35.26 9.26
CA GLY D 1067 -5.60 33.99 9.88
C GLY D 1067 -6.40 34.07 11.16
N ALA D 1068 -6.94 35.26 11.46
CA ALA D 1068 -7.73 35.45 12.67
C ALA D 1068 -9.20 35.66 12.35
N PRO D 1069 -10.08 34.94 13.06
CA PRO D 1069 -11.52 35.13 12.83
C PRO D 1069 -12.07 36.45 13.37
N TYR D 1070 -11.36 37.11 14.29
CA TYR D 1070 -11.80 38.39 14.82
C TYR D 1070 -10.63 39.32 15.21
N GLY D 1071 -10.82 40.62 14.98
CA GLY D 1071 -9.82 41.64 15.27
C GLY D 1071 -10.28 42.65 16.28
N PHE D 1072 -9.41 43.01 17.23
CA PHE D 1072 -9.76 43.92 18.32
C PHE D 1072 -8.85 45.12 18.48
N ALA D 1073 -9.31 46.14 19.23
CA ALA D 1073 -8.51 47.32 19.56
C ALA D 1073 -7.95 47.12 20.97
N PRO D 1074 -6.65 47.39 21.20
CA PRO D 1074 -6.06 47.10 22.51
C PRO D 1074 -6.19 48.21 23.53
N MET D 1075 -5.81 47.91 24.79
CA MET D 1075 -5.82 48.87 25.88
C MET D 1075 -4.68 49.86 25.69
N CYS D 1076 -4.95 51.14 25.94
CA CYS D 1076 -3.94 52.18 25.83
C CYS D 1076 -3.00 52.12 27.03
N ASP D 1077 -1.68 51.98 26.82
CA ASP D 1077 -0.75 52.12 27.95
C ASP D 1077 -0.07 53.51 27.93
N SER D 1078 -0.69 54.48 27.22
CA SER D 1078 -0.23 55.84 26.99
C SER D 1078 -0.22 56.69 28.24
N ARG D 1079 -1.38 56.87 28.90
CA ARG D 1079 -1.47 57.66 30.12
C ARG D 1079 -0.66 56.98 31.20
N VAL D 1080 0.30 57.69 31.77
CA VAL D 1080 1.19 57.11 32.77
C VAL D 1080 0.61 57.14 34.19
N GLU D 1081 -0.01 58.26 34.58
CA GLU D 1081 -0.59 58.47 35.91
C GLU D 1081 -1.60 57.39 36.36
N MET D 1082 -2.15 56.60 35.44
CA MET D 1082 -3.09 55.54 35.80
C MET D 1082 -2.49 54.14 35.63
N GLU D 1083 -1.15 54.00 35.77
CA GLU D 1083 -0.49 52.70 35.62
C GLU D 1083 -0.86 51.72 36.75
N GLY D 1084 -1.20 52.24 37.93
CA GLY D 1084 -1.66 51.41 39.05
C GLY D 1084 -2.94 50.66 38.71
N TYR D 1085 -3.75 51.24 37.82
CA TYR D 1085 -5.00 50.66 37.34
C TYR D 1085 -4.79 49.59 36.25
N ARG D 1086 -3.59 49.47 35.68
CA ARG D 1086 -3.32 48.50 34.64
C ARG D 1086 -3.10 47.12 35.22
N PHE D 1087 -4.18 46.43 35.55
CA PHE D 1087 -4.15 45.09 36.15
C PHE D 1087 -3.72 44.00 35.17
N TRP D 1088 -3.96 44.21 33.87
CA TRP D 1088 -3.67 43.22 32.85
C TRP D 1088 -2.19 42.91 32.65
N LYS D 1089 -1.31 43.77 33.17
CA LYS D 1089 0.12 43.54 33.11
C LYS D 1089 0.60 43.12 34.52
N THR D 1090 -0.23 42.36 35.26
CA THR D 1090 0.09 41.96 36.63
C THR D 1090 -0.31 40.52 36.93
N GLY D 1091 0.50 39.88 37.77
CA GLY D 1091 0.35 38.53 38.27
C GLY D 1091 -0.32 37.52 37.36
N TYR D 1092 -1.63 37.34 37.56
CA TYR D 1092 -2.37 36.39 36.77
C TYR D 1092 -2.39 36.76 35.26
N TRP D 1093 -2.93 37.94 34.91
CA TRP D 1093 -3.03 38.33 33.50
C TRP D 1093 -1.68 38.50 32.81
N ALA D 1094 -0.59 38.63 33.57
CA ALA D 1094 0.74 38.78 32.99
C ALA D 1094 1.35 37.40 32.70
N ASN D 1095 1.18 36.44 33.62
CA ASN D 1095 1.72 35.11 33.43
C ASN D 1095 0.98 34.33 32.38
N TYR D 1096 -0.35 34.49 32.34
CA TYR D 1096 -1.16 33.82 31.34
C TYR D 1096 -0.89 34.44 29.97
N LEU D 1097 -1.09 35.78 29.82
CA LEU D 1097 -0.81 36.45 28.55
C LEU D 1097 0.69 36.66 28.52
N LYS D 1098 1.42 35.66 28.03
CA LYS D 1098 2.88 35.68 27.96
C LYS D 1098 3.43 36.95 27.28
N GLY D 1099 2.82 37.32 26.17
CA GLY D 1099 3.18 38.54 25.44
C GLY D 1099 2.01 39.20 24.73
N LYS D 1100 0.83 38.56 24.78
CA LYS D 1100 -0.39 39.01 24.14
C LYS D 1100 -0.98 40.24 24.82
N PRO D 1101 -1.57 41.18 24.03
CA PRO D 1101 -2.12 42.40 24.64
C PRO D 1101 -3.58 42.31 25.12
N TYR D 1102 -3.94 43.08 26.17
CA TYR D 1102 -5.30 43.08 26.70
C TYR D 1102 -6.18 43.86 25.75
N HIS D 1103 -6.98 43.15 24.98
CA HIS D 1103 -7.88 43.75 24.01
C HIS D 1103 -9.19 44.25 24.65
N ILE D 1104 -9.93 45.13 23.96
CA ILE D 1104 -11.13 45.73 24.52
C ILE D 1104 -12.43 45.39 23.76
N SER D 1105 -13.39 44.80 24.51
CA SER D 1105 -14.73 44.44 24.04
C SER D 1105 -15.61 45.68 24.08
N ALA D 1106 -15.48 46.47 23.01
CA ALA D 1106 -16.18 47.72 22.74
C ALA D 1106 -16.19 47.97 21.23
N LEU D 1107 -15.09 47.64 20.56
CA LEU D 1107 -14.99 47.77 19.13
C LEU D 1107 -14.24 46.59 18.63
N TYR D 1108 -14.79 45.91 17.61
CA TYR D 1108 -14.15 44.74 17.01
C TYR D 1108 -14.73 44.32 15.65
N VAL D 1109 -13.96 43.54 14.87
CA VAL D 1109 -14.31 43.04 13.55
C VAL D 1109 -14.42 41.52 13.59
N VAL D 1110 -15.49 40.94 13.05
CA VAL D 1110 -15.63 39.49 12.99
C VAL D 1110 -15.72 39.02 11.56
N ASP D 1111 -14.70 38.29 11.13
CA ASP D 1111 -14.63 37.67 9.84
C ASP D 1111 -15.58 36.47 9.93
N LEU D 1112 -16.81 36.62 9.40
CA LEU D 1112 -17.80 35.55 9.50
C LEU D 1112 -17.54 34.34 8.64
N GLN D 1113 -16.78 34.47 7.56
CA GLN D 1113 -16.48 33.33 6.71
C GLN D 1113 -15.12 32.75 7.09
N ARG D 1114 -14.94 32.53 8.39
CA ARG D 1114 -13.73 32.05 9.03
C ARG D 1114 -14.01 31.55 10.46
N PHE D 1115 -15.06 32.08 11.10
CA PHE D 1115 -15.52 31.71 12.42
C PHE D 1115 -16.31 30.38 12.30
N ARG D 1116 -17.11 30.21 11.22
CA ARG D 1116 -17.83 28.94 10.97
C ARG D 1116 -16.91 27.93 10.28
N GLU D 1117 -15.84 28.42 9.62
CA GLU D 1117 -14.84 27.63 8.91
C GLU D 1117 -13.80 27.01 9.87
N LEU D 1118 -13.05 27.84 10.64
CA LEU D 1118 -12.05 27.29 11.58
C LEU D 1118 -12.73 26.74 12.84
N ALA D 1119 -13.84 27.39 13.27
CA ALA D 1119 -14.72 27.11 14.42
C ALA D 1119 -14.22 27.68 15.77
N ALA D 1120 -14.19 29.01 15.88
CA ALA D 1120 -13.82 29.63 17.13
C ALA D 1120 -15.00 29.54 18.11
N GLY D 1121 -16.22 29.70 17.60
CA GLY D 1121 -17.46 29.61 18.37
C GLY D 1121 -17.73 28.25 18.99
N ASP D 1122 -17.37 27.17 18.27
CA ASP D 1122 -17.53 25.81 18.81
C ASP D 1122 -16.36 25.47 19.75
N ARG D 1123 -15.96 26.46 20.57
CA ARG D 1123 -14.92 26.45 21.58
C ARG D 1123 -15.12 27.65 22.53
N LEU D 1124 -15.60 28.81 22.01
CA LEU D 1124 -15.86 30.01 22.83
C LEU D 1124 -17.05 29.76 23.77
N ARG D 1125 -18.07 29.05 23.30
CA ARG D 1125 -19.21 28.71 24.13
C ARG D 1125 -18.86 27.57 25.09
N GLN D 1126 -18.09 26.52 24.62
CA GLN D 1126 -17.74 25.38 25.49
C GLN D 1126 -16.66 25.77 26.55
N GLN D 1127 -15.85 26.80 26.29
CA GLN D 1127 -14.92 27.30 27.31
C GLN D 1127 -15.71 28.07 28.35
N TYR D 1128 -16.70 28.89 27.91
CA TYR D 1128 -17.62 29.60 28.79
C TYR D 1128 -18.34 28.61 29.73
N HIS D 1129 -18.72 27.46 29.20
CA HIS D 1129 -19.43 26.40 29.92
C HIS D 1129 -18.83 26.07 31.30
N ALA D 1130 -17.65 25.44 31.38
CA ALA D 1130 -17.02 25.07 32.65
C ALA D 1130 -16.58 26.28 33.48
N LEU D 1131 -16.21 27.37 32.81
CA LEU D 1131 -15.79 28.59 33.48
C LEU D 1131 -16.97 29.23 34.19
N SER D 1132 -18.17 29.15 33.60
CA SER D 1132 -19.41 29.71 34.13
C SER D 1132 -19.83 29.12 35.47
N ALA D 1133 -19.17 28.04 35.93
CA ALA D 1133 -19.43 27.43 37.24
C ALA D 1133 -19.17 28.48 38.34
N ASP D 1134 -18.10 29.26 38.19
CA ASP D 1134 -17.81 30.36 39.10
C ASP D 1134 -18.00 31.62 38.29
N PRO D 1135 -19.06 32.40 38.58
CA PRO D 1135 -19.28 33.64 37.81
C PRO D 1135 -18.20 34.72 38.03
N ASN D 1136 -17.40 34.56 39.09
CA ASN D 1136 -16.30 35.45 39.51
C ASN D 1136 -15.12 35.41 38.52
N SER D 1137 -14.91 34.27 37.88
CA SER D 1137 -13.87 34.13 36.89
C SER D 1137 -14.23 34.96 35.66
N LEU D 1138 -15.49 34.86 35.21
CA LEU D 1138 -15.97 35.66 34.10
C LEU D 1138 -16.31 37.01 34.68
N ALA D 1139 -15.31 37.89 34.79
CA ALA D 1139 -15.53 39.23 35.33
C ALA D 1139 -16.41 40.01 34.32
N ASN D 1140 -16.01 39.96 33.05
CA ASN D 1140 -16.70 40.55 31.91
C ASN D 1140 -16.55 39.44 30.89
N LEU D 1141 -17.59 38.64 30.65
CA LEU D 1141 -17.48 37.53 29.71
C LEU D 1141 -17.36 37.97 28.23
N ASP D 1142 -17.70 39.21 27.91
CA ASP D 1142 -17.54 39.73 26.55
C ASP D 1142 -16.08 40.09 26.28
N GLN D 1143 -15.35 40.55 27.32
CA GLN D 1143 -13.96 41.03 27.28
C GLN D 1143 -12.94 39.94 27.65
N ASP D 1144 -13.09 39.28 28.81
CA ASP D 1144 -12.18 38.25 29.31
C ASP D 1144 -12.14 36.98 28.47
N LEU D 1145 -13.26 36.61 27.82
CA LEU D 1145 -13.28 35.40 27.00
C LEU D 1145 -12.35 35.52 25.79
N PRO D 1146 -12.48 36.52 24.88
CA PRO D 1146 -11.51 36.62 23.78
C PRO D 1146 -10.07 36.77 24.25
N ASN D 1147 -9.84 37.43 25.41
CA ASN D 1147 -8.49 37.61 25.98
C ASN D 1147 -7.87 36.31 26.47
N HIS D 1148 -8.64 35.48 27.19
CA HIS D 1148 -8.15 34.18 27.63
C HIS D 1148 -8.05 33.19 26.45
N MET D 1149 -8.88 33.38 25.40
CA MET D 1149 -8.87 32.52 24.23
C MET D 1149 -7.98 32.99 23.09
N GLN D 1150 -7.16 34.04 23.28
CA GLN D 1150 -6.25 34.45 22.20
C GLN D 1150 -5.01 33.52 22.07
N PHE D 1151 -4.84 32.58 23.01
CA PHE D 1151 -3.80 31.58 23.02
C PHE D 1151 -4.15 30.47 22.00
N THR D 1152 -5.45 30.15 21.83
CA THR D 1152 -5.91 29.10 20.91
C THR D 1152 -6.58 29.69 19.66
N ILE D 1153 -7.42 30.72 19.85
CA ILE D 1153 -8.11 31.42 18.78
C ILE D 1153 -7.37 32.72 18.54
N PRO D 1154 -6.80 32.91 17.34
CA PRO D 1154 -6.00 34.13 17.09
C PRO D 1154 -6.71 35.48 17.23
N ILE D 1155 -5.97 36.50 17.73
CA ILE D 1155 -6.47 37.87 17.86
C ILE D 1155 -5.64 38.82 17.02
N ALA D 1156 -6.28 39.42 16.02
CA ALA D 1156 -5.65 40.42 15.19
C ALA D 1156 -5.73 41.72 15.98
N THR D 1157 -4.63 42.46 16.03
CA THR D 1157 -4.61 43.72 16.75
C THR D 1157 -4.82 44.90 15.78
N LEU D 1158 -5.73 45.82 16.12
CA LEU D 1158 -6.06 46.99 15.31
C LEU D 1158 -5.33 48.23 15.84
N PRO D 1159 -5.01 49.20 14.97
CA PRO D 1159 -4.27 50.40 15.42
C PRO D 1159 -4.90 51.17 16.58
N GLN D 1160 -4.05 51.77 17.45
CA GLN D 1160 -4.46 52.56 18.61
C GLN D 1160 -5.29 53.79 18.22
N GLU D 1161 -5.15 54.28 16.97
CA GLU D 1161 -5.93 55.39 16.43
C GLU D 1161 -7.42 55.05 16.46
N TRP D 1162 -7.75 53.78 16.20
CA TRP D 1162 -9.12 53.31 16.18
C TRP D 1162 -9.84 53.43 17.52
N LEU D 1163 -9.16 53.19 18.66
CA LEU D 1163 -9.84 53.26 19.95
C LEU D 1163 -9.24 54.25 20.91
N TRP D 1164 -10.09 55.10 21.48
CA TRP D 1164 -9.66 56.12 22.41
C TRP D 1164 -10.56 56.16 23.63
N CYS D 1165 -9.94 56.45 24.77
CA CYS D 1165 -10.62 56.57 26.06
C CYS D 1165 -10.02 57.76 26.83
N GLU D 1166 -10.85 58.45 27.61
CA GLU D 1166 -10.39 59.59 28.39
C GLU D 1166 -9.76 59.23 29.74
N THR D 1167 -9.08 58.09 29.83
CA THR D 1167 -8.43 57.66 31.06
C THR D 1167 -7.09 56.98 30.79
N TRP D 1168 -7.00 56.21 29.69
CA TRP D 1168 -5.77 55.48 29.38
C TRP D 1168 -5.02 56.01 28.14
N CYS D 1169 -5.68 56.80 27.26
CA CYS D 1169 -5.00 57.38 26.09
C CYS D 1169 -4.83 58.90 26.32
N SER D 1170 -3.68 59.47 25.96
CA SER D 1170 -3.47 60.91 26.15
C SER D 1170 -4.37 61.74 25.22
N ASP D 1171 -4.66 62.98 25.61
CA ASP D 1171 -5.51 63.87 24.81
C ASP D 1171 -5.01 64.13 23.39
N GLU D 1172 -3.72 63.92 23.15
CA GLU D 1172 -3.15 64.06 21.82
C GLU D 1172 -3.64 62.98 20.87
N THR D 1173 -3.95 61.79 21.39
CA THR D 1173 -4.44 60.68 20.58
C THR D 1173 -5.75 61.07 19.91
N LEU D 1174 -6.60 61.84 20.61
CA LEU D 1174 -7.91 62.33 20.14
C LEU D 1174 -7.83 63.12 18.83
N LYS D 1175 -6.68 63.70 18.52
CA LYS D 1175 -6.51 64.43 17.27
C LYS D 1175 -6.62 63.46 16.10
N ASP D 1176 -5.92 62.31 16.22
CA ASP D 1176 -5.93 61.27 15.20
C ASP D 1176 -6.88 60.16 15.68
N ALA D 1177 -8.08 60.55 16.16
CA ALA D 1177 -9.03 59.58 16.66
C ALA D 1177 -9.89 58.99 15.57
N ARG D 1178 -10.26 57.72 15.72
CA ARG D 1178 -11.14 57.02 14.81
C ARG D 1178 -12.45 56.75 15.54
N THR D 1179 -12.39 56.17 16.77
CA THR D 1179 -13.56 55.92 17.63
C THR D 1179 -13.22 56.16 19.13
N ILE D 1180 -14.18 56.68 19.91
CA ILE D 1180 -14.01 56.92 21.34
C ILE D 1180 -15.11 56.17 22.06
N ASP D 1181 -14.77 55.29 23.02
CA ASP D 1181 -15.81 54.56 23.74
C ASP D 1181 -16.53 55.35 24.82
N LEU D 1182 -15.98 56.53 25.20
CA LEU D 1182 -16.53 57.37 26.29
C LEU D 1182 -16.55 56.55 27.59
N CYS D 1183 -15.44 55.84 27.84
CA CYS D 1183 -15.19 54.92 28.94
C CYS D 1183 -15.93 55.24 30.24
N ASN D 1184 -16.27 54.20 30.97
CA ASN D 1184 -16.99 54.30 32.23
C ASN D 1184 -15.96 54.38 33.39
N ASN D 1185 -16.06 55.40 34.28
CA ASN D 1185 -15.19 55.61 35.45
C ASN D 1185 -13.69 55.95 35.06
N PRO D 1186 -12.60 55.84 35.90
CA PRO D 1186 -12.55 55.32 37.27
C PRO D 1186 -12.92 56.37 38.29
N MET D 1187 -12.15 57.45 38.37
CA MET D 1187 -12.47 58.56 39.24
C MET D 1187 -13.58 59.41 38.61
N THR D 1188 -13.86 59.28 37.29
CA THR D 1188 -14.92 60.02 36.62
C THR D 1188 -16.28 59.41 36.96
N LYS D 1189 -16.76 59.69 38.18
CA LYS D 1189 -18.06 59.22 38.67
C LYS D 1189 -19.23 59.85 37.87
N GLU D 1190 -18.98 61.00 37.21
CA GLU D 1190 -19.95 61.73 36.40
C GLU D 1190 -20.55 60.84 35.32
N PRO D 1191 -21.85 60.99 35.04
CA PRO D 1191 -22.48 60.16 34.03
C PRO D 1191 -22.11 60.54 32.58
N LYS D 1192 -22.50 59.68 31.62
CA LYS D 1192 -22.21 59.81 30.19
C LYS D 1192 -22.79 61.04 29.50
N LEU D 1193 -23.91 61.61 30.00
CA LEU D 1193 -24.49 62.82 29.40
C LEU D 1193 -23.52 63.98 29.50
N ASP D 1194 -22.81 64.09 30.62
CA ASP D 1194 -21.83 65.16 30.85
C ASP D 1194 -20.56 64.88 30.08
N ARG D 1195 -20.09 63.63 30.11
CA ARG D 1195 -18.87 63.22 29.43
C ARG D 1195 -18.99 63.34 27.93
N ALA D 1196 -20.19 63.17 27.37
CA ALA D 1196 -20.40 63.27 25.92
C ALA D 1196 -20.23 64.69 25.40
N ARG D 1197 -20.83 65.68 26.07
CA ARG D 1197 -20.70 67.07 25.65
C ARG D 1197 -19.28 67.62 25.92
N ARG D 1198 -18.56 67.03 26.88
CA ARG D 1198 -17.19 67.39 27.27
C ARG D 1198 -16.13 66.78 26.33
N GLN D 1199 -16.09 65.45 26.17
CA GLN D 1199 -15.11 64.77 25.32
C GLN D 1199 -15.34 65.05 23.84
N VAL D 1200 -16.58 64.83 23.37
CA VAL D 1200 -16.90 65.04 21.96
C VAL D 1200 -17.80 66.25 21.76
N PRO D 1201 -17.32 67.25 21.02
CA PRO D 1201 -18.14 68.45 20.80
C PRO D 1201 -19.29 68.24 19.82
N GLU D 1202 -19.11 67.32 18.85
CA GLU D 1202 -20.14 67.02 17.86
C GLU D 1202 -21.25 66.10 18.39
N TRP D 1203 -21.17 65.65 19.65
CA TRP D 1203 -22.19 64.80 20.26
C TRP D 1203 -23.52 65.54 20.36
N THR D 1204 -23.48 66.84 20.71
CA THR D 1204 -24.66 67.68 20.81
C THR D 1204 -25.32 67.79 19.44
N LYS D 1205 -24.50 68.01 18.40
CA LYS D 1205 -24.92 68.13 17.01
C LYS D 1205 -25.76 66.92 16.57
N TYR D 1206 -25.31 65.72 16.90
CA TYR D 1206 -26.03 64.51 16.54
C TYR D 1206 -27.33 64.39 17.31
N ASP D 1207 -27.30 64.69 18.61
CA ASP D 1207 -28.47 64.62 19.49
C ASP D 1207 -29.59 65.53 18.99
N GLU D 1208 -29.24 66.75 18.60
CA GLU D 1208 -30.21 67.71 18.14
C GLU D 1208 -30.84 67.31 16.81
N GLU D 1209 -30.06 66.67 15.93
CA GLU D 1209 -30.55 66.17 14.65
C GLU D 1209 -31.68 65.16 14.89
N ILE D 1210 -31.49 64.28 15.87
CA ILE D 1210 -32.48 63.27 16.21
C ILE D 1210 -33.70 63.93 16.83
N ALA D 1211 -33.49 64.85 17.79
CA ALA D 1211 -34.55 65.55 18.52
C ALA D 1211 -35.59 66.19 17.61
N GLU D 1212 -35.13 66.89 16.56
CA GLU D 1212 -36.02 67.53 15.63
C GLU D 1212 -36.71 66.51 14.75
N LEU D 1213 -35.96 65.50 14.30
CA LEU D 1213 -36.44 64.44 13.44
C LEU D 1213 -37.69 63.76 13.97
N ALA D 1214 -37.70 63.45 15.26
CA ALA D 1214 -38.86 62.81 15.88
C ALA D 1214 -40.07 63.72 15.83
N ARG D 1215 -39.88 65.01 16.13
CA ARG D 1215 -40.99 65.95 16.08
C ARG D 1215 -41.46 66.25 14.66
N ARG D 1216 -40.58 66.10 13.66
CA ARG D 1216 -40.88 66.24 12.25
C ARG D 1216 -41.90 65.16 11.86
N VAL D 1217 -41.65 63.93 12.31
CA VAL D 1217 -42.48 62.78 12.04
C VAL D 1217 -43.81 62.90 12.81
N ARG D 1218 -43.73 63.36 14.07
CA ARG D 1218 -44.80 63.52 15.07
C ARG D 1218 -46.18 63.77 14.49
N GLU D 1219 -46.32 64.71 13.54
CA GLU D 1219 -47.61 64.95 12.92
C GLU D 1219 -47.54 64.71 11.42
C1 NAG E . -5.25 15.28 -26.46
C2 NAG E . -4.61 16.29 -27.42
C3 NAG E . -4.66 17.61 -26.66
C4 NAG E . -6.11 18.02 -26.38
C5 NAG E . -6.90 16.89 -25.72
C6 NAG E . -8.39 17.06 -25.84
C7 NAG E . -2.92 15.26 -28.86
C8 NAG E . -1.48 14.91 -29.02
N2 NAG E . -3.24 15.93 -27.76
O3 NAG E . -4.01 18.62 -27.42
O4 NAG E . -6.15 19.14 -25.50
O5 NAG E . -6.62 15.63 -26.36
O6 NAG E . -8.77 17.32 -27.18
O7 NAG E . -3.77 14.92 -29.69
C1 NAG E . -6.57 20.38 -26.02
C2 NAG E . -7.93 20.74 -25.44
C3 NAG E . -8.29 21.75 -26.52
C4 NAG E . -7.57 23.06 -26.21
C5 NAG E . -6.07 22.83 -25.97
C6 NAG E . -5.53 23.72 -24.88
C7 NAG E . -9.72 19.63 -24.21
C8 NAG E . -10.96 18.80 -24.33
N2 NAG E . -8.97 19.73 -25.31
O3 NAG E . -9.69 21.92 -26.64
O4 NAG E . -7.76 24.09 -27.20
O5 NAG E . -5.74 21.46 -25.56
O6 NAG E . -6.21 23.50 -23.65
O7 NAG E . -9.42 20.21 -23.18
C1 BMA E . -9.09 24.58 -27.51
C2 BMA E . -9.81 25.12 -26.27
C3 BMA E . -11.25 25.42 -26.67
C4 BMA E . -11.28 26.44 -27.81
C5 BMA E . -10.47 25.88 -29.00
C6 BMA E . -10.36 26.82 -30.17
O2 BMA E . -9.17 26.27 -25.75
O3 BMA E . -12.08 25.70 -25.54
O4 BMA E . -12.62 26.70 -28.23
O5 BMA E . -9.13 25.57 -28.56
O6 BMA E . -9.79 26.15 -31.30
C1 MAN E . -12.92 24.62 -24.95
C2 MAN E . -12.27 24.09 -23.64
C3 MAN E . -12.49 22.59 -23.41
C4 MAN E . -13.82 22.10 -23.99
C5 MAN E . -13.93 22.38 -25.49
C6 MAN E . -15.37 22.50 -26.01
O2 MAN E . -12.66 24.87 -22.50
O3 MAN E . -12.38 22.22 -22.02
O4 MAN E . -13.98 20.69 -23.74
O5 MAN E . -13.20 23.57 -25.91
O6 MAN E . -15.49 22.29 -27.42
C1 MAN E . -10.07 26.70 -32.57
C2 MAN E . -10.36 25.54 -33.56
C3 MAN E . -10.04 25.88 -35.03
C4 MAN E . -10.00 27.38 -35.31
C5 MAN E . -9.01 28.08 -34.38
C6 MAN E . -9.24 29.58 -34.24
O2 MAN E . -11.67 25.03 -33.38
O3 MAN E . -10.93 25.23 -35.94
O4 MAN E . -9.65 27.62 -36.69
O5 MAN E . -8.98 27.52 -33.04
O6 MAN E . -8.87 30.28 -35.42
C1 NAG F . 5.17 -14.99 27.32
C2 NAG F . 4.82 -14.92 28.80
C3 NAG F . 5.53 -13.67 29.29
C4 NAG F . 7.04 -13.86 29.20
C5 NAG F . 7.46 -14.29 27.79
C6 NAG F . 8.83 -14.90 27.76
C7 NAG F . 2.60 -15.89 29.22
C8 NAG F . 1.13 -15.61 29.34
N2 NAG F . 3.38 -14.82 29.00
O3 NAG F . 5.17 -13.40 30.64
O4 NAG F . 7.74 -12.67 29.55
O5 NAG F . 6.57 -15.31 27.29
O6 NAG F . 8.93 -15.95 28.71
O7 NAG F . 3.05 -17.03 29.31
C1 NAG F . 8.28 -12.61 30.85
C2 NAG F . 9.61 -11.84 30.84
C3 NAG F . 10.14 -11.88 32.26
C4 NAG F . 9.14 -11.26 33.24
C5 NAG F . 7.80 -11.98 33.14
C6 NAG F . 6.69 -11.33 33.94
C7 NAG F . 11.15 -13.55 29.86
C8 NAG F . 12.35 -13.74 29.00
N2 NAG F . 10.62 -12.31 29.89
O3 NAG F . 11.42 -11.26 32.35
O4 NAG F . 9.65 -11.42 34.57
O5 NAG F . 7.36 -11.99 31.76
O6 NAG F . 6.79 -11.65 35.32
O7 NAG F . 10.67 -14.46 30.51
C1 BMA F . 9.94 -10.27 35.36
C2 BMA F . 11.03 -10.65 36.37
C3 BMA F . 11.35 -9.44 37.24
C4 BMA F . 11.70 -8.22 36.41
C5 BMA F . 10.60 -7.93 35.38
C6 BMA F . 10.95 -6.82 34.41
O2 BMA F . 12.20 -11.11 35.71
O3 BMA F . 12.39 -9.75 38.16
O4 BMA F . 11.87 -7.07 37.23
O5 BMA F . 10.36 -9.13 34.59
O6 BMA F . 11.16 -5.58 35.07
C1 NAG G . 61.84 -5.34 -24.89
C2 NAG G . 61.76 -4.44 -26.13
C3 NAG G . 61.87 -5.43 -27.28
C4 NAG G . 63.27 -6.07 -27.26
C5 NAG G . 63.57 -6.71 -25.90
C6 NAG G . 65.03 -6.98 -25.70
C7 NAG G . 60.36 -2.46 -25.74
C8 NAG G . 58.97 -1.90 -25.81
N2 NAG G . 60.49 -3.71 -26.19
O3 NAG G . 61.63 -4.77 -28.51
O4 NAG G . 63.37 -7.08 -28.25
O5 NAG G . 63.18 -5.84 -24.84
O6 NAG G . 65.80 -5.80 -25.92
O7 NAG G . 61.31 -1.82 -25.29
C1 NAG G . 63.94 -6.70 -29.46
C2 NAG G . 64.76 -7.86 -30.02
C3 NAG G . 65.41 -7.31 -31.28
C4 NAG G . 64.34 -6.95 -32.30
C5 NAG G . 63.31 -6.00 -31.70
C6 NAG G . 62.04 -5.88 -32.52
C7 NAG G . 66.77 -7.81 -28.51
C8 NAG G . 67.76 -8.69 -27.83
N2 NAG G . 65.74 -8.45 -29.12
O3 NAG G . 66.33 -8.25 -31.82
O4 NAG G . 64.92 -6.28 -33.41
O5 NAG G . 62.90 -6.44 -30.40
O6 NAG G . 62.24 -5.22 -33.75
O7 NAG G . 66.85 -6.58 -28.51
C1 BMA G . 65.43 -6.99 -34.52
C2 BMA G . 64.31 -7.79 -35.21
C3 BMA G . 64.82 -8.38 -36.52
C4 BMA G . 65.42 -7.28 -37.40
C5 BMA G . 66.55 -6.58 -36.65
C6 BMA G . 67.14 -5.41 -37.42
O2 BMA G . 63.17 -6.96 -35.44
O3 BMA G . 63.76 -9.06 -37.19
O4 BMA G . 65.92 -7.81 -38.63
O5 BMA G . 66.03 -6.04 -35.41
O6 BMA G . 68.35 -4.92 -36.82
C1 MAN G . 68.76 -3.60 -37.11
C2 MAN G . 67.83 -2.61 -36.37
C3 MAN G . 67.67 -1.27 -37.11
C4 MAN G . 68.93 -0.88 -37.90
C5 MAN G . 69.36 -1.97 -38.88
C6 MAN G . 70.86 -2.09 -39.04
O2 MAN G . 68.26 -2.46 -35.02
O3 MAN G . 67.25 -0.22 -36.25
O4 MAN G . 68.72 0.34 -38.59
O5 MAN G . 68.85 -3.28 -38.52
O6 MAN G . 71.50 -0.87 -39.43
C1 NAG H . -61.61 7.77 22.37
C2 NAG H . -61.48 7.15 23.77
C3 NAG H . -62.28 5.86 23.63
C4 NAG H . -63.76 6.16 23.39
C5 NAG H . -63.94 7.10 22.20
C6 NAG H . -65.30 7.75 22.16
C7 NAG H . -59.36 7.73 24.84
C8 NAG H . -57.93 7.34 25.05
N2 NAG H . -60.10 6.88 24.12
O3 NAG H . -62.12 5.05 24.79
O4 NAG H . -64.49 4.97 23.16
O5 NAG H . -62.98 8.17 22.23
O6 NAG H . -65.57 8.43 23.38
O7 NAG H . -59.82 8.78 25.29
C1 NAG H . -65.23 4.47 24.22
C2 NAG H . -66.49 3.82 23.68
C3 NAG H . -67.27 3.29 24.89
C4 NAG H . -66.40 2.35 25.71
C5 NAG H . -65.14 3.09 26.16
C6 NAG H . -64.17 2.24 26.95
C7 NAG H . -67.89 5.86 23.24
C8 NAG H . -68.93 6.43 22.32
N2 NAG H . -67.35 4.68 22.86
O3 NAG H . -68.44 2.62 24.43
O4 NAG H . -67.15 1.87 26.82
O5 NAG H . -64.45 3.56 25.00
O6 NAG H . -64.58 2.12 28.31
O7 NAG H . -67.54 6.45 24.26
C1 BMA H . -67.32 0.47 26.97
C2 BMA H . -68.64 0.19 27.67
C3 BMA H . -68.81 -1.31 27.88
C4 BMA H . -68.57 -2.10 26.58
C5 BMA H . -67.25 -1.69 25.93
C6 BMA H . -67.01 -2.34 24.58
O2 BMA H . -69.73 0.72 26.92
O3 BMA H . -70.09 -1.60 28.43
O4 BMA H . -68.50 -3.50 26.87
O5 BMA H . -67.25 -0.26 25.73
O6 BMA H . -66.78 -3.73 24.72
C1 NAG I . 16.39 21.45 -66.91
C2 NAG I . 17.46 20.36 -66.90
C3 NAG I . 18.81 21.00 -66.56
C4 NAG I . 19.11 22.18 -67.49
C5 NAG I . 18.00 23.21 -67.36
C6 NAG I . 18.19 24.41 -68.25
C7 NAG I . 16.93 18.04 -66.20
C8 NAG I . 16.70 17.14 -65.03
N2 NAG I . 17.12 19.34 -65.92
O3 NAG I . 19.83 20.01 -66.64
O4 NAG I . 20.37 22.76 -67.17
O5 NAG I . 16.76 22.59 -67.71
O6 NAG I . 18.27 24.05 -69.62
O7 NAG I . 16.94 17.62 -67.35
C1 NAG J . 3.52 8.02 -85.39
C2 NAG J . 4.31 9.31 -85.54
C3 NAG J . 5.19 9.21 -86.79
C4 NAG J . 6.07 7.97 -86.72
C5 NAG J . 5.19 6.72 -86.59
C6 NAG J . 5.99 5.45 -86.40
C7 NAG J . 3.77 11.70 -85.24
C8 NAG J . 2.71 12.75 -85.39
N2 NAG J . 3.43 10.46 -85.63
O3 NAG J . 6.01 10.36 -86.89
O4 NAG J . 6.87 7.87 -87.89
O5 NAG J . 4.36 6.85 -85.44
O6 NAG J . 6.77 5.51 -85.20
O7 NAG J . 4.89 11.95 -84.81
C1 NAG K . -1.17 -57.01 -36.24
C2 NAG K . -0.22 -57.90 -37.02
C3 NAG K . -0.91 -59.22 -37.37
C4 NAG K . -1.51 -59.88 -36.12
C5 NAG K . -2.50 -58.91 -35.47
C6 NAG K . -3.09 -59.45 -34.18
C7 NAG K . 1.39 -57.44 -38.84
C8 NAG K . 1.63 -56.66 -40.10
N2 NAG K . 0.22 -57.21 -38.23
O3 NAG K . 0.03 -60.13 -37.96
O4 NAG K . -2.18 -61.08 -36.50
O5 NAG K . -1.80 -57.70 -35.14
O6 NAG K . -2.09 -59.66 -33.20
O7 NAG K . 2.22 -58.23 -38.41
CA CA L . 7.10 -38.42 -53.80
C1 NAG M . -21.18 -33.40 61.53
C2 NAG M . -22.53 -33.18 60.85
C3 NAG M . -23.43 -32.42 61.83
C4 NAG M . -23.53 -33.16 63.17
C5 NAG M . -22.14 -33.38 63.75
C6 NAG M . -22.14 -34.20 65.02
C7 NAG M . -22.73 -32.99 58.41
C8 NAG M . -22.58 -32.10 57.21
N2 NAG M . -22.40 -32.46 59.60
O3 NAG M . -24.73 -32.30 61.25
O4 NAG M . -24.27 -32.37 64.10
O5 NAG M . -21.32 -34.08 62.80
O6 NAG M . -22.67 -35.51 64.82
O7 NAG M . -23.16 -34.14 58.31
C1 NAG N . -20.14 -57.42 60.34
C2 NAG N . -20.91 -56.50 61.28
C3 NAG N . -22.13 -57.21 61.86
C4 NAG N . -22.96 -57.85 60.76
C5 NAG N . -22.09 -58.86 60.00
C6 NAG N . -22.82 -59.50 58.83
C7 NAG N . -20.18 -54.98 63.10
C8 NAG N . -19.20 -54.78 64.21
N2 NAG N . -20.01 -56.09 62.35
O3 NAG N . -22.94 -56.27 62.57
O4 NAG N . -24.10 -58.50 61.30
O5 NAG N . -20.97 -58.16 59.44
O6 NAG N . -23.30 -58.53 57.90
O7 NAG N . -21.10 -54.20 62.88
C1 NAG O . -29.51 -59.33 -20.04
C2 NAG O . -30.97 -59.29 -20.52
C3 NAG O . -31.24 -60.66 -21.16
C4 NAG O . -30.31 -60.90 -22.33
C5 NAG O . -28.85 -60.76 -21.90
C6 NAG O . -27.90 -60.74 -23.09
C7 NAG O . -33.07 -58.30 -19.68
C8 NAG O . -33.88 -57.99 -18.46
N2 NAG O . -31.94 -58.99 -19.47
O3 NAG O . -32.59 -60.74 -21.60
O4 NAG O . -30.52 -62.21 -22.86
O5 NAG O . -28.65 -59.54 -21.17
O6 NAG O . -28.16 -59.65 -23.97
O7 NAG O . -33.42 -57.91 -20.80
CA CA P . -33.38 -58.02 6.08
C1 NAG Q . 56.03 39.18 -40.09
C2 NAG Q . 54.71 39.54 -39.38
C3 NAG Q . 53.72 40.03 -40.43
C4 NAG Q . 54.30 41.12 -41.32
C5 NAG Q . 55.56 40.58 -42.00
C6 NAG Q . 56.25 41.58 -42.91
C7 NAG Q . 53.98 38.31 -37.36
C8 NAG Q . 53.40 37.04 -36.84
N2 NAG Q . 54.21 38.37 -38.68
O3 NAG Q . 52.54 40.50 -39.77
O4 NAG Q . 53.37 41.53 -42.31
O5 NAG Q . 56.51 40.19 -41.00
O6 NAG Q . 56.73 42.70 -42.17
O7 NAG Q . 54.21 39.28 -36.62
C1 NAG R . 43.50 17.37 41.66
C2 NAG R . 43.23 18.70 42.36
C3 NAG R . 43.95 18.65 43.72
C4 NAG R . 43.44 17.46 44.54
C5 NAG R . 43.67 16.16 43.78
C6 NAG R . 43.06 14.95 44.45
C7 NAG R . 43.27 21.05 41.62
C8 NAG R . 43.93 22.06 40.71
N2 NAG R . 43.76 19.80 41.56
O3 NAG R . 43.75 19.86 44.44
O4 NAG R . 44.12 17.41 45.79
O5 NAG R . 43.08 16.26 42.48
O6 NAG R . 41.64 15.06 44.54
O7 NAG R . 42.35 21.36 42.37
C1 NAG S . 70.31 53.54 -26.48
C2 NAG S . 69.99 53.69 -27.94
C3 NAG S . 70.13 55.18 -28.35
C4 NAG S . 69.28 56.05 -27.42
C5 NAG S . 69.69 55.84 -25.97
C6 NAG S . 68.83 56.60 -25.00
C7 NAG S . 70.54 52.39 -29.97
C8 NAG S . 71.57 51.54 -30.64
N2 NAG S . 70.87 52.87 -28.76
O3 NAG S . 69.70 55.35 -29.69
O4 NAG S . 69.49 57.42 -27.77
O5 NAG S . 69.54 54.44 -25.65
O6 NAG S . 67.48 56.19 -25.07
O7 NAG S . 69.46 52.63 -30.49
CA CA T . 45.30 33.59 20.07
C1 NAG U . -41.99 12.36 65.06
C2 NAG U . -40.53 12.45 64.63
C3 NAG U . -39.73 11.31 65.27
C4 NAG U . -39.96 11.24 66.78
C5 NAG U . -41.45 11.12 67.07
C6 NAG U . -41.77 11.13 68.55
C7 NAG U . -39.95 13.24 62.36
C8 NAG U . -39.86 12.86 60.92
N2 NAG U . -40.47 12.32 63.18
O3 NAG U . -38.34 11.49 64.99
O4 NAG U . -39.30 10.10 67.33
O5 NAG U . -42.13 12.25 66.49
O6 NAG U . -41.36 12.33 69.19
O7 NAG U . -39.56 14.33 62.77
C1 NAG V . -18.76 61.96 -0.67
C2 NAG V . -17.63 62.82 -0.10
C3 NAG V . -17.79 64.25 -0.64
C4 NAG V . -17.84 64.26 -2.17
C5 NAG V . -18.96 63.35 -2.67
C6 NAG V . -18.97 63.20 -4.18
C7 NAG V . -16.57 62.98 2.12
C8 NAG V . -16.79 62.92 3.60
N2 NAG V . -17.65 62.82 1.35
O3 NAG V . -16.71 65.07 -0.20
O4 NAG V . -18.05 65.58 -2.64
O5 NAG V . -18.80 62.03 -2.11
O6 NAG V . -17.78 62.61 -4.66
O7 NAG V . -15.46 63.18 1.63
C1 NAG W . -44.78 35.98 72.01
C2 NAG W . -45.17 34.92 73.05
C3 NAG W . -44.73 35.47 74.40
C4 NAG W . -43.23 35.75 74.41
C5 NAG W . -42.85 36.72 73.28
C6 NAG W . -41.35 36.84 73.10
C7 NAG W . -47.07 33.41 73.38
C8 NAG W . -48.55 33.24 73.29
N2 NAG W . -46.58 34.60 73.04
O3 NAG W . -45.06 34.55 75.44
O4 NAG W . -42.87 36.34 75.65
O5 NAG W . -43.37 36.23 72.03
O6 NAG W . -40.78 35.60 72.73
O7 NAG W . -46.34 32.48 73.75
CA CA X . -19.42 52.55 24.81
#